data_8GJH
#
_entry.id   8GJH
#
_cell.length_a   90.826
_cell.length_b   129.439
_cell.length_c   140.188
_cell.angle_alpha   62.990
_cell.angle_beta   71.660
_cell.angle_gamma   77.760
#
_symmetry.space_group_name_H-M   'P 1'
#
loop_
_entity.id
_entity.type
_entity.pdbx_description
1 polymer 'Bifunctional polymyxin resistance protein ArnA'
2 non-polymer "URIDINE-5'-DIPHOSPHATE-GLUCURONIC ACID"
#
_entity_poly.entity_id   1
_entity_poly.type   'polypeptide(L)'
_entity_poly.pdbx_seq_one_letter_code
;MKAVIFAYHDMGCQGVQAVLDAGYEIAAIFTHADNPAENTFFGSVSRQAAELGIPVYAPDNVNHPIWVDRIAELAPDIIF
SFYYRNLLSEEILHLAPAGAFNLHGSLLPAYRGRAPLNWVLVNGESETGVTLHRMVKRADAGEIVASQRVAIAQDDVALT
LHHKLCQAARQLLNSILPTMKCGDIPSVPQRESDSTYYGRRRPEDGLIDWHKPVSTVHNLVRAVAAPWPGAFSYNGSQKF
TIWSSRMCPDAQGALPGSVISVSPLRVACADGALEIITGQAGDDITVQGSQLAQTLGLVAGARLNRPPATSGKRRIRVLI
LGVNGFIGNHLTERLLNEENYEVYGMDIGSNAISRFLLHPRFHFVEGDISIHSEWIEYHVKKCDVVLPLVAIATPIEYTR
NPLRVFELDFEENLRIIRYCVKYRKRVVFPSTSEVYGMCTDASFDEDKSNLIVGPVNKPRWIYSVSKQLLDRVIWAYGEK
EGLRFTLFRPFNWMGPRLDSLNAARIGSSRAITQLILNLVEGTPIKLIDGGQQKRCFTDIRDGIEALFRIIVNDGDRCDG
KIINIGNPDNEASIQELATLLLDSFDKHPLRCHFPPFAGFQVVESRSYYGKGYQDVAHRKPSIDNARRCLGWEPSIAMRD
TVEETLDFFLRSVDIAERAS
;
_entity_poly.pdbx_strand_id   A,B,C,D,E,F
#
# COMPACT_ATOMS: atom_id res chain seq x y z
N MET A 1 39.67 50.66 -40.31
CA MET A 1 38.52 50.59 -41.21
C MET A 1 37.52 49.51 -40.78
N LYS A 2 37.76 48.27 -41.23
CA LYS A 2 37.00 47.10 -40.81
C LYS A 2 36.97 47.02 -39.30
N ALA A 3 35.81 47.34 -38.72
CA ALA A 3 35.66 47.43 -37.28
C ALA A 3 34.54 46.54 -36.78
N VAL A 4 34.81 45.89 -35.66
CA VAL A 4 33.85 45.11 -34.90
C VAL A 4 33.52 45.86 -33.63
N ILE A 5 32.24 45.89 -33.28
CA ILE A 5 31.73 46.68 -32.17
C ILE A 5 31.00 45.77 -31.19
N PHE A 6 31.44 45.80 -29.93
CA PHE A 6 30.76 45.13 -28.82
C PHE A 6 29.93 46.18 -28.10
N ALA A 7 28.65 46.25 -28.45
CA ALA A 7 27.79 47.34 -28.01
C ALA A 7 26.51 46.78 -27.39
N TYR A 8 25.91 47.56 -26.49
CA TYR A 8 24.66 47.16 -25.86
C TYR A 8 24.03 48.39 -25.20
N HIS A 9 22.71 48.53 -25.37
CA HIS A 9 21.90 49.57 -24.74
C HIS A 9 22.22 50.97 -25.29
N ASP A 10 22.00 51.98 -24.45
CA ASP A 10 22.07 53.38 -24.91
C ASP A 10 23.47 53.72 -25.42
N MET A 11 24.50 53.46 -24.60
CA MET A 11 25.87 53.77 -25.00
C MET A 11 26.21 53.10 -26.33
N GLY A 12 25.82 51.83 -26.49
CA GLY A 12 26.08 51.15 -27.74
C GLY A 12 25.37 51.80 -28.92
N CYS A 13 24.13 52.23 -28.71
CA CYS A 13 23.39 52.90 -29.77
C CYS A 13 24.10 54.16 -30.23
N GLN A 14 24.57 54.97 -29.28
CA GLN A 14 25.31 56.18 -29.62
C GLN A 14 26.65 55.84 -30.26
N GLY A 15 27.37 54.90 -29.66
CA GLY A 15 28.72 54.59 -30.15
C GLY A 15 28.72 53.98 -31.53
N VAL A 16 27.69 53.20 -31.87
CA VAL A 16 27.65 52.58 -33.20
C VAL A 16 27.50 53.63 -34.29
N GLN A 17 26.62 54.61 -34.09
CA GLN A 17 26.50 55.69 -35.05
C GLN A 17 27.66 56.68 -34.96
N ALA A 18 28.37 56.71 -33.83
CA ALA A 18 29.58 57.53 -33.75
C ALA A 18 30.70 56.93 -34.59
N VAL A 19 30.86 55.61 -34.55
CA VAL A 19 31.83 54.94 -35.40
C VAL A 19 31.38 55.00 -36.86
N LEU A 20 30.08 54.85 -37.10
CA LEU A 20 29.56 54.90 -38.47
C LEU A 20 29.76 56.27 -39.09
N ASP A 21 29.57 57.34 -38.32
CA ASP A 21 29.73 58.69 -38.83
C ASP A 21 31.19 59.03 -39.04
N ALA A 22 32.09 58.49 -38.23
CA ALA A 22 33.51 58.67 -38.44
C ALA A 22 34.01 58.02 -39.74
N GLY A 23 33.16 57.38 -40.54
CA GLY A 23 33.56 56.81 -41.82
C GLY A 23 33.88 55.33 -41.78
N TYR A 24 33.97 54.74 -40.58
CA TYR A 24 34.42 53.37 -40.45
C TYR A 24 33.51 52.41 -41.20
N GLU A 25 34.07 51.29 -41.60
CA GLU A 25 33.28 50.19 -42.14
C GLU A 25 33.02 49.18 -41.03
N ILE A 26 31.74 48.97 -40.74
CA ILE A 26 31.31 48.05 -39.69
C ILE A 26 30.82 46.78 -40.37
N ALA A 27 31.48 45.66 -40.05
CA ALA A 27 31.10 44.36 -40.59
C ALA A 27 30.63 43.41 -39.51
N ALA A 28 30.47 43.89 -38.27
CA ALA A 28 30.01 43.05 -37.17
C ALA A 28 29.71 43.88 -35.94
N ILE A 29 28.49 43.77 -35.42
CA ILE A 29 28.11 44.33 -34.12
C ILE A 29 27.62 43.19 -33.25
N PHE A 30 28.26 43.01 -32.10
CA PHE A 30 27.89 41.97 -31.16
C PHE A 30 27.18 42.60 -29.96
N THR A 31 26.05 42.02 -29.58
CA THR A 31 25.22 42.56 -28.52
C THR A 31 24.58 41.40 -27.76
N HIS A 32 23.57 41.71 -26.95
CA HIS A 32 22.84 40.72 -26.16
C HIS A 32 21.37 40.71 -26.56
N ALA A 33 20.62 39.84 -25.89
CA ALA A 33 19.18 39.76 -26.10
C ALA A 33 18.46 40.88 -25.34
N ASP A 34 17.16 40.99 -25.58
CA ASP A 34 16.36 42.05 -24.97
C ASP A 34 15.51 41.51 -23.82
N GLY A 43 15.97 52.06 -26.05
CA GLY A 43 16.65 51.85 -27.32
C GLY A 43 17.52 50.61 -27.31
N SER A 44 17.59 49.93 -28.46
CA SER A 44 18.29 48.66 -28.58
C SER A 44 19.31 48.73 -29.70
N VAL A 45 20.40 47.97 -29.53
CA VAL A 45 21.42 47.87 -30.57
C VAL A 45 20.99 46.89 -31.65
N SER A 46 20.19 45.88 -31.29
CA SER A 46 19.77 44.87 -32.26
C SER A 46 18.94 45.48 -33.38
N ARG A 47 17.92 46.26 -33.03
CA ARG A 47 17.05 46.86 -34.04
C ARG A 47 17.81 47.89 -34.87
N GLN A 48 18.73 48.61 -34.25
CA GLN A 48 19.53 49.59 -34.98
C GLN A 48 20.33 48.93 -36.09
N ALA A 49 21.15 47.94 -35.73
CA ALA A 49 22.00 47.28 -36.73
C ALA A 49 21.17 46.57 -37.78
N ALA A 50 19.96 46.12 -37.42
CA ALA A 50 19.08 45.50 -38.40
C ALA A 50 18.69 46.50 -39.49
N GLU A 51 18.30 47.71 -39.08
CA GLU A 51 17.87 48.73 -40.03
C GLU A 51 19.03 49.44 -40.71
N LEU A 52 20.27 49.20 -40.27
CA LEU A 52 21.44 49.78 -40.91
C LEU A 52 22.12 48.83 -41.87
N GLY A 53 21.53 47.67 -42.14
CA GLY A 53 22.17 46.68 -43.00
C GLY A 53 23.44 46.09 -42.45
N ILE A 54 23.78 46.33 -41.19
CA ILE A 54 24.97 45.76 -40.57
C ILE A 54 24.64 44.37 -40.04
N PRO A 55 25.50 43.37 -40.24
CA PRO A 55 25.28 42.06 -39.61
C PRO A 55 25.48 42.17 -38.10
N VAL A 56 24.46 41.79 -37.34
CA VAL A 56 24.48 41.88 -35.89
C VAL A 56 24.28 40.48 -35.31
N TYR A 57 25.11 40.12 -34.34
CA TYR A 57 25.06 38.81 -33.70
C TYR A 57 24.97 38.99 -32.20
N ALA A 58 24.47 37.96 -31.53
CA ALA A 58 24.33 37.97 -30.07
C ALA A 58 24.62 36.58 -29.53
N PRO A 59 25.89 36.21 -29.42
CA PRO A 59 26.23 34.92 -28.84
C PRO A 59 26.15 34.95 -27.32
N ASP A 60 26.02 33.75 -26.75
CA ASP A 60 25.93 33.62 -25.30
C ASP A 60 27.28 33.91 -24.65
N ASN A 61 28.33 33.23 -25.10
CA ASN A 61 29.71 33.50 -24.67
C ASN A 61 30.53 33.70 -25.94
N VAL A 62 30.85 34.96 -26.25
CA VAL A 62 31.63 35.25 -27.44
C VAL A 62 32.97 34.53 -27.37
N ASN A 63 33.59 34.49 -26.19
CA ASN A 63 34.77 33.68 -25.95
C ASN A 63 34.46 32.22 -26.23
N HIS A 64 34.47 31.84 -27.51
CA HIS A 64 34.10 30.50 -27.94
C HIS A 64 34.77 30.24 -29.29
N PRO A 65 35.42 29.09 -29.45
CA PRO A 65 36.06 28.77 -30.74
C PRO A 65 35.18 29.00 -31.96
N ILE A 66 33.86 28.87 -31.83
CA ILE A 66 32.98 29.14 -32.96
C ILE A 66 32.93 30.62 -33.27
N TRP A 67 33.12 31.48 -32.28
CA TRP A 67 33.09 32.93 -32.50
C TRP A 67 34.48 33.55 -32.52
N VAL A 68 35.35 33.16 -31.58
CA VAL A 68 36.72 33.66 -31.59
C VAL A 68 37.39 33.31 -32.91
N ASP A 69 37.46 32.02 -33.24
CA ASP A 69 38.07 31.61 -34.50
C ASP A 69 37.14 31.90 -35.72
N ARG A 70 36.10 32.72 -35.53
CA ARG A 70 35.34 33.24 -36.66
C ARG A 70 35.11 34.74 -36.54
N ILE A 71 35.70 35.41 -35.56
CA ILE A 71 35.77 36.86 -35.57
C ILE A 71 36.98 37.35 -36.36
N ALA A 72 38.17 36.81 -36.04
CA ALA A 72 39.35 37.15 -36.80
C ALA A 72 39.23 36.68 -38.25
N GLU A 73 38.43 35.64 -38.50
CA GLU A 73 38.20 35.20 -39.86
C GLU A 73 37.48 36.27 -40.67
N LEU A 74 36.72 37.14 -40.00
CA LEU A 74 36.14 38.31 -40.66
C LEU A 74 37.14 39.43 -40.86
N ALA A 75 38.35 39.31 -40.30
CA ALA A 75 39.44 40.27 -40.42
C ALA A 75 39.04 41.64 -39.86
N PRO A 76 39.04 41.82 -38.54
CA PRO A 76 38.78 43.13 -37.96
C PRO A 76 40.06 43.95 -37.77
N ASP A 77 39.94 45.25 -37.99
CA ASP A 77 41.07 46.15 -37.78
C ASP A 77 41.03 46.75 -36.38
N ILE A 78 39.86 47.26 -35.97
CA ILE A 78 39.68 47.79 -34.63
C ILE A 78 38.46 47.15 -34.00
N ILE A 79 38.42 47.26 -32.66
CA ILE A 79 37.35 46.74 -31.84
C ILE A 79 36.97 47.80 -30.83
N PHE A 80 35.67 48.06 -30.73
CA PHE A 80 35.09 49.09 -29.89
C PHE A 80 34.06 48.46 -28.99
N SER A 81 34.35 48.45 -27.69
CA SER A 81 33.46 47.88 -26.66
C SER A 81 32.64 49.00 -26.05
N PHE A 82 31.37 49.08 -26.44
CA PHE A 82 30.43 50.11 -25.98
C PHE A 82 29.42 49.47 -25.05
N TYR A 83 29.71 49.56 -23.76
CA TYR A 83 28.84 49.03 -22.68
C TYR A 83 28.37 47.60 -22.95
N TYR A 84 29.35 46.74 -23.22
CA TYR A 84 29.09 45.33 -23.47
C TYR A 84 29.14 44.62 -22.12
N ARG A 85 28.06 43.92 -21.79
CA ARG A 85 27.96 43.37 -20.43
C ARG A 85 28.98 42.27 -20.20
N ASN A 86 29.25 41.46 -21.21
CA ASN A 86 30.15 40.33 -21.07
C ASN A 86 31.58 40.77 -21.24
N LEU A 87 32.48 40.03 -20.59
CA LEU A 87 33.90 40.35 -20.59
C LEU A 87 34.62 39.61 -21.71
N LEU A 88 35.59 40.29 -22.32
CA LEU A 88 36.32 39.76 -23.45
C LEU A 88 37.57 39.01 -22.99
N SER A 89 37.85 37.88 -23.64
CA SER A 89 39.03 37.09 -23.34
C SER A 89 40.21 37.59 -24.17
N GLU A 90 41.38 37.58 -23.54
CA GLU A 90 42.62 38.06 -24.17
C GLU A 90 42.82 37.48 -25.57
N GLU A 91 42.37 36.24 -25.79
CA GLU A 91 42.51 35.62 -27.10
C GLU A 91 41.66 36.34 -28.14
N ILE A 92 40.58 36.99 -27.72
CA ILE A 92 39.73 37.72 -28.66
C ILE A 92 40.18 39.17 -28.85
N LEU A 93 40.94 39.73 -27.90
CA LEU A 93 41.47 41.07 -28.10
C LEU A 93 42.62 41.07 -29.10
N HIS A 94 43.39 39.97 -29.17
CA HIS A 94 44.53 39.84 -30.06
C HIS A 94 44.12 39.53 -31.51
N LEU A 95 42.85 39.73 -31.87
CA LEU A 95 42.40 39.47 -33.23
C LEU A 95 42.44 40.70 -34.12
N ALA A 96 42.42 41.90 -33.54
CA ALA A 96 42.49 43.14 -34.29
C ALA A 96 43.86 43.77 -34.11
N PRO A 97 44.53 44.18 -35.20
CA PRO A 97 45.87 44.77 -35.05
C PRO A 97 45.85 46.09 -34.28
N ALA A 98 44.97 47.02 -34.65
CA ALA A 98 44.94 48.32 -33.98
C ALA A 98 44.64 48.17 -32.49
N GLY A 99 43.84 47.18 -32.12
CA GLY A 99 43.52 46.90 -30.75
C GLY A 99 42.04 47.06 -30.47
N ALA A 100 41.69 46.94 -29.19
CA ALA A 100 40.31 47.06 -28.75
C ALA A 100 40.19 48.16 -27.71
N PHE A 101 39.12 48.93 -27.80
CA PHE A 101 38.88 50.07 -26.92
C PHE A 101 37.48 49.99 -26.34
N ASN A 102 37.40 50.04 -25.02
CA ASN A 102 36.12 50.11 -24.31
C ASN A 102 35.88 51.53 -23.83
N LEU A 103 34.72 52.07 -24.20
CA LEU A 103 34.27 53.34 -23.65
C LEU A 103 33.61 53.06 -22.30
N HIS A 104 34.23 53.50 -21.22
CA HIS A 104 33.73 53.22 -19.89
C HIS A 104 33.00 54.44 -19.35
N GLY A 105 32.02 54.18 -18.47
CA GLY A 105 31.14 55.21 -17.95
C GLY A 105 31.75 56.24 -17.02
N SER A 106 32.50 55.79 -16.02
CA SER A 106 33.07 56.71 -15.04
C SER A 106 34.29 57.43 -15.60
N LEU A 107 34.71 58.48 -14.89
CA LEU A 107 35.90 59.24 -15.25
C LEU A 107 37.11 58.49 -14.71
N LEU A 108 37.54 57.48 -15.48
CA LEU A 108 38.61 56.57 -15.12
C LEU A 108 39.85 57.31 -14.65
N PRO A 109 40.65 56.70 -13.77
CA PRO A 109 40.51 55.35 -13.19
C PRO A 109 39.63 55.28 -11.94
N ALA A 110 38.72 56.22 -11.72
CA ALA A 110 37.83 56.16 -10.56
C ALA A 110 36.53 55.45 -10.92
N TYR A 111 35.96 54.76 -9.92
CA TYR A 111 34.72 53.99 -10.10
C TYR A 111 34.87 52.98 -11.24
N ARG A 112 36.05 52.38 -11.34
CA ARG A 112 36.34 51.46 -12.45
C ARG A 112 35.58 50.13 -12.36
N GLY A 113 34.63 49.97 -11.45
CA GLY A 113 33.87 48.73 -11.37
C GLY A 113 32.79 48.63 -12.43
N ARG A 114 31.60 48.23 -12.04
CA ARG A 114 30.48 48.08 -12.95
C ARG A 114 29.31 48.93 -12.49
N ALA A 115 28.47 49.33 -13.45
CA ALA A 115 27.38 50.26 -13.21
C ALA A 115 27.82 51.48 -12.40
N PRO A 116 28.84 52.22 -12.88
CA PRO A 116 29.27 53.41 -12.13
C PRO A 116 28.34 54.60 -12.29
N LEU A 117 27.48 54.58 -13.32
CA LEU A 117 26.51 55.65 -13.52
C LEU A 117 25.64 55.84 -12.29
N ASN A 118 25.44 54.79 -11.49
CA ASN A 118 24.75 54.92 -10.22
C ASN A 118 25.71 55.33 -9.10
N TRP A 119 26.89 54.68 -9.05
CA TRP A 119 27.82 54.91 -7.96
C TRP A 119 28.19 56.38 -7.81
N VAL A 120 28.32 57.09 -8.94
CA VAL A 120 28.68 58.50 -8.89
C VAL A 120 27.64 59.29 -8.10
N LEU A 121 26.37 59.01 -8.32
CA LEU A 121 25.32 59.68 -7.57
C LEU A 121 25.27 59.18 -6.13
N VAL A 122 25.53 57.88 -5.93
CA VAL A 122 25.52 57.31 -4.58
C VAL A 122 26.45 58.08 -3.67
N ASN A 123 27.70 58.26 -4.10
CA ASN A 123 28.69 58.96 -3.27
C ASN A 123 28.42 60.46 -3.22
N GLY A 124 27.79 61.01 -4.25
CA GLY A 124 27.60 62.44 -4.32
C GLY A 124 28.75 63.18 -4.97
N GLU A 125 29.40 62.56 -5.96
CA GLU A 125 30.51 63.19 -6.65
C GLU A 125 30.06 64.47 -7.36
N SER A 126 31.02 65.37 -7.58
CA SER A 126 30.69 66.64 -8.22
C SER A 126 30.63 66.50 -9.74
N GLU A 127 31.37 65.56 -10.33
CA GLU A 127 31.36 65.40 -11.77
C GLU A 127 31.78 63.98 -12.12
N THR A 128 31.46 63.58 -13.35
CA THR A 128 31.88 62.29 -13.93
C THR A 128 31.59 62.34 -15.42
N GLY A 129 32.42 61.64 -16.19
CA GLY A 129 32.28 61.66 -17.62
C GLY A 129 32.76 60.38 -18.27
N VAL A 130 32.51 60.28 -19.58
CA VAL A 130 32.93 59.11 -20.33
C VAL A 130 34.45 59.10 -20.46
N THR A 131 35.01 57.88 -20.58
CA THR A 131 36.45 57.70 -20.69
C THR A 131 36.72 56.53 -21.63
N LEU A 132 37.16 56.85 -22.85
CA LEU A 132 37.59 55.81 -23.79
C LEU A 132 38.99 55.36 -23.41
N HIS A 133 39.20 54.05 -23.35
CA HIS A 133 40.49 53.51 -22.94
C HIS A 133 40.72 52.18 -23.63
N ARG A 134 41.93 51.66 -23.46
CA ARG A 134 42.33 50.40 -24.10
C ARG A 134 41.81 49.22 -23.31
N MET A 135 41.17 48.28 -24.00
CA MET A 135 40.77 47.02 -23.36
C MET A 135 42.00 46.15 -23.13
N VAL A 136 42.50 46.15 -21.90
CA VAL A 136 43.49 45.18 -21.47
C VAL A 136 42.79 44.21 -20.53
N LYS A 137 43.54 43.20 -20.11
CA LYS A 137 42.90 42.14 -19.34
C LYS A 137 42.65 42.53 -17.90
N ARG A 138 43.26 43.60 -17.40
CA ARG A 138 42.76 44.15 -16.14
C ARG A 138 41.41 44.82 -16.39
N ALA A 139 40.55 44.78 -15.38
CA ALA A 139 39.17 45.25 -15.53
C ALA A 139 39.14 46.77 -15.68
N ASP A 140 38.82 47.23 -16.90
CA ASP A 140 38.66 48.66 -17.18
C ASP A 140 39.87 49.47 -16.71
N ALA A 141 41.06 48.93 -16.92
CA ALA A 141 42.29 49.55 -16.44
C ALA A 141 43.32 49.64 -17.56
N GLY A 142 42.88 50.03 -18.75
CA GLY A 142 43.80 50.20 -19.85
C GLY A 142 44.47 51.55 -19.85
N GLU A 143 44.54 52.20 -21.02
CA GLU A 143 45.17 53.50 -21.15
C GLU A 143 44.17 54.48 -21.73
N ILE A 144 43.93 55.58 -21.02
CA ILE A 144 42.95 56.56 -21.44
C ILE A 144 43.34 57.17 -22.77
N VAL A 145 42.34 57.40 -23.63
CA VAL A 145 42.56 58.00 -24.94
C VAL A 145 41.80 59.31 -25.02
N ALA A 146 40.66 59.38 -24.31
CA ALA A 146 39.83 60.58 -24.34
C ALA A 146 38.89 60.56 -23.15
N SER A 147 38.56 61.75 -22.66
CA SER A 147 37.62 61.89 -21.55
C SER A 147 36.97 63.26 -21.64
N GLN A 148 35.71 63.31 -22.04
CA GLN A 148 34.91 64.53 -22.04
C GLN A 148 33.95 64.43 -20.86
N ARG A 149 34.45 64.83 -19.69
CA ARG A 149 33.71 64.65 -18.45
C ARG A 149 32.44 65.50 -18.44
N VAL A 150 31.58 65.22 -17.45
CA VAL A 150 30.31 65.91 -17.27
C VAL A 150 30.16 66.28 -15.81
N ALA A 151 29.66 67.49 -15.56
CA ALA A 151 29.46 67.98 -14.20
C ALA A 151 28.12 67.51 -13.65
N ILE A 152 28.09 67.21 -12.36
CA ILE A 152 26.89 66.77 -11.66
C ILE A 152 26.39 67.92 -10.81
N ALA A 153 25.25 68.50 -11.20
CA ALA A 153 24.63 69.55 -10.42
C ALA A 153 23.94 68.96 -9.20
N GLN A 154 23.50 69.83 -8.29
CA GLN A 154 22.77 69.39 -7.12
C GLN A 154 21.37 68.91 -7.44
N ASP A 155 20.93 69.03 -8.70
CA ASP A 155 19.63 68.54 -9.12
C ASP A 155 19.70 67.31 -10.01
N ASP A 156 20.90 66.92 -10.45
CA ASP A 156 21.04 65.76 -11.33
C ASP A 156 20.53 64.50 -10.65
N VAL A 157 19.91 63.63 -11.43
CA VAL A 157 19.39 62.35 -10.94
C VAL A 157 20.03 61.23 -11.76
N ALA A 158 19.65 59.99 -11.47
CA ALA A 158 20.24 58.85 -12.17
C ALA A 158 19.95 58.90 -13.66
N LEU A 159 18.68 59.04 -14.04
CA LEU A 159 18.32 59.04 -15.45
C LEU A 159 18.89 60.26 -16.17
N THR A 160 18.84 61.42 -15.52
CA THR A 160 19.33 62.65 -16.16
C THR A 160 20.82 62.56 -16.47
N LEU A 161 21.61 62.09 -15.51
CA LEU A 161 23.04 61.92 -15.77
C LEU A 161 23.29 60.80 -16.78
N HIS A 162 22.38 59.83 -16.88
CA HIS A 162 22.51 58.79 -17.89
C HIS A 162 22.47 59.40 -19.29
N HIS A 163 21.40 60.12 -19.61
CA HIS A 163 21.33 60.78 -20.91
C HIS A 163 22.41 61.83 -21.07
N LYS A 164 22.81 62.47 -19.97
CA LYS A 164 23.90 63.45 -20.06
C LYS A 164 25.23 62.76 -20.33
N LEU A 165 25.46 61.61 -19.69
CA LEU A 165 26.65 60.82 -20.01
C LEU A 165 26.55 60.24 -21.41
N CYS A 166 25.35 59.83 -21.83
CA CYS A 166 25.15 59.39 -23.21
C CYS A 166 25.57 60.48 -24.20
N GLN A 167 25.19 61.72 -23.93
CA GLN A 167 25.59 62.83 -24.79
C GLN A 167 27.10 63.05 -24.74
N ALA A 168 27.70 62.87 -23.57
CA ALA A 168 29.15 63.02 -23.45
C ALA A 168 29.88 62.00 -24.31
N ALA A 169 29.41 60.76 -24.31
CA ALA A 169 30.02 59.73 -25.15
C ALA A 169 29.89 60.06 -26.62
N ARG A 170 28.68 60.46 -27.04
CA ARG A 170 28.47 60.82 -28.44
C ARG A 170 29.32 62.01 -28.85
N GLN A 171 29.63 62.91 -27.91
CA GLN A 171 30.44 64.08 -28.21
C GLN A 171 31.92 63.73 -28.27
N LEU A 172 32.40 62.95 -27.31
CA LEU A 172 33.80 62.53 -27.32
C LEU A 172 34.11 61.68 -28.54
N LEU A 173 33.19 60.78 -28.89
CA LEU A 173 33.43 59.84 -29.99
C LEU A 173 33.36 60.48 -31.36
N ASN A 174 33.02 61.77 -31.46
CA ASN A 174 33.02 62.45 -32.75
C ASN A 174 34.31 63.22 -32.99
N SER A 175 35.27 63.16 -32.08
CA SER A 175 36.53 63.87 -32.23
C SER A 175 37.72 62.91 -32.25
N ILE A 176 37.91 62.13 -31.19
CA ILE A 176 39.06 61.22 -31.12
C ILE A 176 38.91 60.09 -32.13
N LEU A 177 37.67 59.72 -32.47
CA LEU A 177 37.46 58.60 -33.36
C LEU A 177 37.90 58.89 -34.80
N PRO A 178 37.53 60.01 -35.43
CA PRO A 178 38.05 60.28 -36.78
C PRO A 178 39.56 60.37 -36.84
N THR A 179 40.24 60.67 -35.73
CA THR A 179 41.69 60.68 -35.70
C THR A 179 42.28 59.30 -35.52
N MET A 180 41.52 58.36 -34.95
CA MET A 180 41.98 57.00 -34.76
C MET A 180 41.98 56.19 -36.06
N LYS A 181 41.41 56.73 -37.14
CA LYS A 181 41.40 56.04 -38.43
C LYS A 181 42.79 55.96 -39.05
N CYS A 182 43.76 56.72 -38.54
CA CYS A 182 45.13 56.66 -39.04
C CYS A 182 45.99 55.63 -38.33
N GLY A 183 45.61 55.23 -37.11
CA GLY A 183 46.34 54.19 -36.41
C GLY A 183 47.32 54.73 -35.37
N ASP A 184 46.91 55.76 -34.64
CA ASP A 184 47.73 56.35 -33.58
C ASP A 184 47.32 55.78 -32.24
N ILE A 185 48.30 55.69 -31.33
CA ILE A 185 48.03 55.18 -29.99
C ILE A 185 48.45 56.19 -28.92
N PRO A 186 47.87 57.40 -28.90
CA PRO A 186 48.24 58.36 -27.85
C PRO A 186 47.70 57.94 -26.49
N SER A 187 48.27 56.89 -25.93
CA SER A 187 47.78 56.29 -24.70
C SER A 187 48.48 56.88 -23.48
N VAL A 188 47.83 56.75 -22.33
CA VAL A 188 48.34 57.26 -21.06
C VAL A 188 48.01 56.26 -19.96
N PRO A 189 48.97 55.89 -19.10
CA PRO A 189 48.66 54.98 -17.99
C PRO A 189 47.74 55.62 -16.96
N GLN A 190 47.33 54.86 -15.96
CA GLN A 190 46.41 55.34 -14.93
C GLN A 190 47.09 55.28 -13.57
N ARG A 191 46.85 56.31 -12.77
CA ARG A 191 47.38 56.35 -11.41
C ARG A 191 46.87 55.15 -10.63
N GLU A 192 47.75 54.18 -10.40
CA GLU A 192 47.36 52.90 -9.80
C GLU A 192 47.04 53.04 -8.33
N SER A 193 46.80 54.26 -7.87
CA SER A 193 46.24 54.54 -6.55
C SER A 193 44.83 55.08 -6.61
N ASP A 194 44.46 55.73 -7.71
CA ASP A 194 43.16 56.38 -7.86
C ASP A 194 42.19 55.42 -8.57
N SER A 195 41.82 54.35 -7.87
CA SER A 195 40.99 53.33 -8.48
C SER A 195 40.02 52.75 -7.45
N THR A 196 38.78 52.51 -7.89
CA THR A 196 37.77 51.83 -7.09
C THR A 196 36.99 50.89 -7.98
N TYR A 197 37.14 49.59 -7.78
CA TYR A 197 36.46 48.58 -8.60
C TYR A 197 35.17 48.15 -7.88
N TYR A 198 34.19 49.03 -7.92
CA TYR A 198 32.92 48.81 -7.22
C TYR A 198 32.10 47.75 -7.93
N GLY A 199 31.78 46.68 -7.21
CA GLY A 199 31.07 45.55 -7.78
C GLY A 199 29.59 45.80 -7.97
N ARG A 200 28.91 44.76 -8.43
CA ARG A 200 27.49 44.86 -8.76
C ARG A 200 26.67 45.26 -7.53
N ARG A 201 25.58 45.97 -7.78
CA ARG A 201 24.63 46.36 -6.75
C ARG A 201 23.60 45.26 -6.55
N ARG A 202 23.53 44.70 -5.32
CA ARG A 202 22.54 43.70 -4.96
C ARG A 202 21.33 44.37 -4.32
N PRO A 203 20.08 43.86 -4.49
CA PRO A 203 18.92 44.59 -3.98
C PRO A 203 18.93 44.98 -2.51
N GLU A 204 19.83 44.43 -1.69
CA GLU A 204 19.90 44.86 -0.30
C GLU A 204 20.69 46.17 -0.22
N ASP A 205 20.60 46.98 -1.28
CA ASP A 205 21.30 48.26 -1.33
C ASP A 205 20.37 49.45 -1.34
N GLY A 206 19.17 49.30 -1.88
CA GLY A 206 18.18 50.35 -1.89
C GLY A 206 17.55 50.67 -0.55
N LEU A 207 18.08 50.15 0.55
CA LEU A 207 17.53 50.41 1.87
C LEU A 207 18.12 51.70 2.44
N ILE A 208 17.28 52.45 3.16
CA ILE A 208 17.66 53.76 3.68
C ILE A 208 18.10 53.62 5.13
N ASP A 209 19.26 54.19 5.45
CA ASP A 209 19.78 54.23 6.81
C ASP A 209 19.57 55.65 7.31
N TRP A 210 18.53 55.86 8.12
CA TRP A 210 18.14 57.19 8.54
C TRP A 210 19.07 57.81 9.58
N HIS A 211 20.15 57.12 9.99
CA HIS A 211 21.11 57.66 10.93
C HIS A 211 22.31 58.28 10.22
N LYS A 212 22.21 58.52 8.93
CA LYS A 212 23.24 59.15 8.13
C LYS A 212 22.81 60.56 7.72
N PRO A 213 23.75 61.41 7.25
CA PRO A 213 23.37 62.76 6.82
C PRO A 213 22.23 62.80 5.81
N VAL A 214 21.50 63.92 5.76
CA VAL A 214 20.45 64.07 4.76
C VAL A 214 21.05 64.00 3.37
N SER A 215 22.30 64.43 3.22
CA SER A 215 22.98 64.33 1.93
C SER A 215 23.07 62.88 1.47
N THR A 216 23.47 61.98 2.37
CA THR A 216 23.56 60.56 2.03
C THR A 216 22.20 60.03 1.56
N VAL A 217 21.14 60.39 2.29
CA VAL A 217 19.81 59.88 1.94
C VAL A 217 19.34 60.47 0.62
N HIS A 218 19.49 61.78 0.46
CA HIS A 218 19.14 62.42 -0.81
C HIS A 218 19.95 61.84 -1.97
N ASN A 219 21.22 61.54 -1.73
CA ASN A 219 22.06 61.01 -2.79
C ASN A 219 21.59 59.63 -3.25
N LEU A 220 21.22 58.77 -2.31
CA LEU A 220 20.81 57.41 -2.68
C LEU A 220 19.50 57.44 -3.46
N VAL A 221 18.52 58.22 -2.99
CA VAL A 221 17.22 58.28 -3.67
C VAL A 221 17.39 58.74 -5.11
N ARG A 222 18.28 59.71 -5.34
CA ARG A 222 18.54 60.16 -6.71
C ARG A 222 19.35 59.14 -7.48
N ALA A 223 20.23 58.39 -6.81
CA ALA A 223 21.10 57.46 -7.49
C ALA A 223 20.36 56.25 -8.07
N VAL A 224 19.18 55.93 -7.55
CA VAL A 224 18.48 54.73 -7.99
C VAL A 224 17.04 55.07 -8.34
N ALA A 225 16.74 56.36 -8.52
CA ALA A 225 15.42 56.75 -8.96
C ALA A 225 15.09 56.11 -10.32
N ALA A 226 13.80 56.15 -10.67
CA ALA A 226 13.24 55.48 -11.85
C ALA A 226 14.09 55.70 -13.09
N PRO A 227 14.19 54.70 -13.98
CA PRO A 227 13.55 53.37 -13.92
C PRO A 227 14.38 52.34 -13.17
N TRP A 228 15.19 52.78 -12.21
CA TRP A 228 16.01 51.92 -11.37
C TRP A 228 15.21 51.48 -10.14
N PRO A 229 15.65 50.42 -9.44
CA PRO A 229 14.84 49.87 -8.34
C PRO A 229 14.40 50.88 -7.29
N GLY A 230 15.17 51.93 -7.04
CA GLY A 230 14.72 52.97 -6.14
C GLY A 230 14.98 52.71 -4.67
N ALA A 231 15.31 53.78 -3.94
CA ALA A 231 15.54 53.66 -2.50
C ALA A 231 14.25 53.28 -1.79
N PHE A 232 14.39 52.63 -0.64
CA PHE A 232 13.24 52.21 0.14
C PHE A 232 13.64 52.01 1.59
N SER A 233 12.64 51.91 2.45
CA SER A 233 12.82 51.57 3.86
C SER A 233 11.56 50.86 4.32
N TYR A 234 11.45 50.66 5.63
CA TYR A 234 10.33 49.92 6.22
C TYR A 234 9.64 50.81 7.25
N ASN A 235 8.38 51.15 6.96
CA ASN A 235 7.53 51.88 7.90
C ASN A 235 7.02 50.87 8.93
N GLY A 236 7.88 50.54 9.88
CA GLY A 236 7.60 49.46 10.80
C GLY A 236 7.90 48.12 10.15
N SER A 237 7.00 47.69 9.25
CA SER A 237 7.20 46.46 8.51
C SER A 237 7.02 46.67 7.02
N GLN A 238 6.11 47.58 6.64
CA GLN A 238 5.74 47.78 5.25
C GLN A 238 6.92 48.34 4.46
N LYS A 239 7.25 47.68 3.36
CA LYS A 239 8.29 48.16 2.46
C LYS A 239 7.70 49.22 1.53
N PHE A 240 8.24 50.43 1.59
CA PHE A 240 7.80 51.54 0.74
C PHE A 240 9.03 52.18 0.12
N THR A 241 8.97 52.41 -1.19
CA THR A 241 10.07 53.03 -1.91
C THR A 241 9.85 54.53 -2.02
N ILE A 242 10.94 55.26 -2.17
CA ILE A 242 10.92 56.72 -2.32
C ILE A 242 11.49 57.04 -3.69
N TRP A 243 10.64 57.56 -4.58
CA TRP A 243 11.06 57.84 -5.95
C TRP A 243 11.66 59.23 -6.12
N SER A 244 11.23 60.20 -5.32
CA SER A 244 11.78 61.56 -5.40
C SER A 244 11.81 62.15 -4.00
N SER A 245 12.88 62.89 -3.70
CA SER A 245 13.09 63.43 -2.36
C SER A 245 13.83 64.76 -2.46
N ARG A 246 13.98 65.40 -1.31
CA ARG A 246 14.62 66.72 -1.22
C ARG A 246 15.37 66.83 0.09
N MET A 247 16.65 67.17 0.00
CA MET A 247 17.51 67.35 1.18
C MET A 247 17.10 68.61 1.92
N CYS A 248 16.34 68.44 3.01
CA CYS A 248 15.85 69.57 3.78
C CYS A 248 16.55 69.62 5.14
N PRO A 249 17.58 70.44 5.30
CA PRO A 249 18.33 70.46 6.57
C PRO A 249 17.56 71.05 7.74
N ASP A 250 16.38 71.63 7.52
CA ASP A 250 15.58 72.12 8.62
C ASP A 250 15.02 70.96 9.42
N ALA A 251 15.74 70.54 10.45
CA ALA A 251 15.28 69.47 11.32
C ALA A 251 14.35 70.01 12.39
N GLN A 252 13.76 69.10 13.15
CA GLN A 252 12.89 69.45 14.26
C GLN A 252 13.30 68.67 15.52
N GLY A 253 14.60 68.69 15.81
CA GLY A 253 15.15 68.07 17.00
C GLY A 253 14.52 66.74 17.39
N ALA A 254 14.41 65.83 16.42
CA ALA A 254 13.77 64.54 16.62
C ALA A 254 14.80 63.42 16.46
N LEU A 255 14.31 62.19 16.54
CA LEU A 255 15.23 61.06 16.48
C LEU A 255 15.40 60.60 15.03
N PRO A 256 16.62 60.28 14.63
CA PRO A 256 16.87 59.88 13.24
C PRO A 256 16.03 58.68 12.86
N GLY A 257 15.16 58.87 11.87
CA GLY A 257 14.21 57.86 11.45
C GLY A 257 12.78 58.16 11.84
N SER A 258 12.55 59.21 12.63
CA SER A 258 11.20 59.58 13.03
C SER A 258 10.55 60.42 11.95
N VAL A 259 9.23 60.29 11.85
CA VAL A 259 8.46 61.12 10.92
C VAL A 259 8.17 62.46 11.57
N ILE A 260 8.40 63.54 10.82
CA ILE A 260 8.29 64.88 11.36
C ILE A 260 7.04 65.61 10.85
N SER A 261 6.43 65.16 9.76
CA SER A 261 5.27 65.86 9.22
C SER A 261 4.50 64.91 8.33
N VAL A 262 3.17 65.08 8.30
CA VAL A 262 2.33 64.23 7.46
C VAL A 262 2.28 64.77 6.04
N SER A 263 2.13 66.07 5.88
CA SER A 263 2.13 66.70 4.56
C SER A 263 2.72 68.11 4.68
N PRO A 264 3.95 68.34 4.18
CA PRO A 264 4.82 67.41 3.44
C PRO A 264 5.34 66.27 4.29
N LEU A 265 5.86 65.20 3.68
CA LEU A 265 6.37 64.07 4.43
C LEU A 265 7.87 64.24 4.64
N ARG A 266 8.29 64.36 5.90
CA ARG A 266 9.68 64.60 6.24
C ARG A 266 10.11 63.65 7.35
N VAL A 267 11.17 62.90 7.10
CA VAL A 267 11.73 61.96 8.06
C VAL A 267 13.11 62.44 8.47
N ALA A 268 13.40 62.37 9.77
CA ALA A 268 14.64 62.94 10.29
C ALA A 268 15.85 62.12 9.88
N CYS A 269 16.94 62.83 9.58
CA CYS A 269 18.25 62.22 9.34
C CYS A 269 19.24 62.78 10.35
N ALA A 270 20.51 62.41 10.20
CA ALA A 270 21.53 62.79 11.18
C ALA A 270 21.68 64.30 11.29
N ASP A 271 21.50 65.03 10.19
CA ASP A 271 21.59 66.48 10.21
C ASP A 271 20.20 67.10 10.27
N GLY A 272 19.57 67.27 9.11
CA GLY A 272 18.22 67.81 9.03
C GLY A 272 17.16 66.75 8.89
N ALA A 273 16.58 66.63 7.69
CA ALA A 273 15.54 65.66 7.42
C ALA A 273 15.34 65.53 5.92
N LEU A 274 14.93 64.34 5.49
CA LEU A 274 14.59 64.11 4.10
C LEU A 274 13.10 64.34 3.89
N GLU A 275 12.76 65.06 2.82
CA GLU A 275 11.38 65.30 2.44
C GLU A 275 10.99 64.38 1.30
N ILE A 276 9.95 63.58 1.50
CA ILE A 276 9.51 62.60 0.52
C ILE A 276 8.46 63.25 -0.37
N ILE A 277 8.83 63.52 -1.62
CA ILE A 277 7.90 64.16 -2.55
C ILE A 277 6.98 63.12 -3.19
N THR A 278 7.54 62.05 -3.73
CA THR A 278 6.77 60.99 -4.33
C THR A 278 7.31 59.64 -3.89
N GLY A 279 6.56 58.60 -4.22
CA GLY A 279 6.92 57.25 -3.83
C GLY A 279 5.72 56.34 -3.99
N GLN A 280 5.92 55.08 -3.59
CA GLN A 280 4.84 54.10 -3.65
C GLN A 280 5.03 53.07 -2.56
N ALA A 281 3.91 52.52 -2.09
CA ALA A 281 3.92 51.51 -1.04
C ALA A 281 4.05 50.13 -1.68
N GLY A 282 5.29 49.81 -2.06
CA GLY A 282 5.57 48.53 -2.68
C GLY A 282 5.24 48.49 -4.16
N ASP A 283 4.36 47.57 -4.55
CA ASP A 283 4.01 47.37 -5.95
C ASP A 283 2.87 48.27 -6.41
N ASP A 284 2.15 48.91 -5.49
CA ASP A 284 1.07 49.79 -5.88
C ASP A 284 1.65 51.02 -6.58
N ILE A 285 0.80 51.72 -7.32
CA ILE A 285 1.22 52.82 -8.19
C ILE A 285 1.97 53.90 -7.41
N THR A 286 2.78 54.67 -8.16
CA THR A 286 3.49 55.79 -7.60
C THR A 286 2.51 56.90 -7.20
N VAL A 287 2.69 57.46 -6.01
CA VAL A 287 1.78 58.47 -5.48
C VAL A 287 2.60 59.64 -4.93
N GLN A 288 1.88 60.68 -4.53
CA GLN A 288 2.48 61.87 -3.93
C GLN A 288 2.86 61.57 -2.48
N GLY A 289 3.87 62.31 -1.98
CA GLY A 289 4.41 62.02 -0.66
C GLY A 289 3.36 62.03 0.44
N SER A 290 2.43 62.98 0.40
CA SER A 290 1.35 63.02 1.38
C SER A 290 0.45 61.81 1.25
N GLN A 291 0.08 61.47 0.01
CA GLN A 291 -0.72 60.27 -0.24
C GLN A 291 0.01 59.01 0.18
N LEU A 292 1.34 59.03 0.12
CA LEU A 292 2.13 57.89 0.60
C LEU A 292 1.98 57.72 2.10
N ALA A 293 2.14 58.81 2.86
CA ALA A 293 1.96 58.74 4.31
C ALA A 293 0.51 58.52 4.70
N GLN A 294 -0.43 58.73 3.76
CA GLN A 294 -1.84 58.44 4.02
C GLN A 294 -2.11 56.94 3.97
N THR A 295 -1.77 56.31 2.85
CA THR A 295 -1.96 54.87 2.73
C THR A 295 -1.17 54.12 3.78
N LEU A 296 0.04 54.60 4.08
CA LEU A 296 0.80 54.03 5.20
C LEU A 296 0.20 54.42 6.54
N GLY A 297 -0.56 55.52 6.58
CA GLY A 297 -1.27 55.95 7.77
C GLY A 297 -0.43 56.03 9.02
N LEU A 298 0.33 57.11 9.17
CA LEU A 298 1.25 57.21 10.29
C LEU A 298 1.49 58.66 10.66
N VAL A 299 1.65 58.91 11.96
CA VAL A 299 1.87 60.24 12.51
C VAL A 299 3.36 60.28 12.86
N ALA A 300 3.77 61.10 13.82
CA ALA A 300 5.16 61.19 14.24
C ALA A 300 5.57 59.89 14.93
N GLY A 301 5.88 58.89 14.11
CA GLY A 301 6.25 57.58 14.61
C GLY A 301 7.72 57.26 14.42
N ALA A 302 8.01 56.08 13.88
CA ALA A 302 9.37 55.64 13.66
C ALA A 302 9.44 54.74 12.44
N ARG A 303 10.66 54.42 12.04
CA ARG A 303 10.92 53.52 10.93
C ARG A 303 11.37 52.15 11.47
N LEU A 304 11.55 51.21 10.53
CA LEU A 304 11.99 49.83 10.81
C LEU A 304 11.45 49.24 12.11
N ARG A 314 13.86 31.75 18.67
CA ARG A 314 13.82 30.48 17.95
C ARG A 314 15.22 29.92 17.74
N ARG A 315 15.42 28.66 18.09
CA ARG A 315 16.67 27.98 17.85
C ARG A 315 16.63 27.26 16.49
N ILE A 316 17.78 26.71 16.11
CA ILE A 316 17.91 26.02 14.83
C ILE A 316 17.67 24.54 15.06
N ARG A 317 16.84 23.94 14.19
CA ARG A 317 16.48 22.53 14.29
C ARG A 317 17.35 21.74 13.31
N VAL A 318 18.27 20.95 13.85
CA VAL A 318 19.20 20.15 13.06
C VAL A 318 18.81 18.69 13.21
N LEU A 319 18.55 18.02 12.09
CA LEU A 319 18.27 16.59 12.09
C LEU A 319 19.53 15.86 11.63
N ILE A 320 19.95 14.86 12.40
CA ILE A 320 21.11 14.05 12.06
C ILE A 320 20.66 12.60 12.01
N LEU A 321 20.61 12.04 10.81
CA LEU A 321 20.33 10.62 10.61
C LEU A 321 21.63 9.84 10.72
N GLY A 322 21.77 9.04 11.77
CA GLY A 322 22.99 8.30 11.98
C GLY A 322 23.83 8.99 13.03
N VAL A 323 23.15 9.51 14.05
CA VAL A 323 23.80 10.31 15.08
C VAL A 323 24.87 9.50 15.79
N ASN A 324 24.64 8.20 15.97
CA ASN A 324 25.60 7.31 16.63
C ASN A 324 26.46 6.69 15.53
N GLY A 325 27.57 7.34 15.22
CA GLY A 325 28.44 6.85 14.19
C GLY A 325 29.66 7.71 14.01
N PHE A 326 30.33 7.52 12.88
CA PHE A 326 31.59 8.18 12.58
C PHE A 326 31.51 9.70 12.64
N ILE A 327 30.81 10.33 11.71
CA ILE A 327 30.71 11.79 11.70
C ILE A 327 29.73 12.26 12.76
N GLY A 328 28.56 11.62 12.83
CA GLY A 328 27.47 12.05 13.68
C GLY A 328 27.84 12.33 15.12
N ASN A 329 28.49 11.37 15.78
CA ASN A 329 28.95 11.53 17.15
C ASN A 329 29.64 12.87 17.38
N HIS A 330 30.66 13.16 16.59
CA HIS A 330 31.43 14.37 16.84
C HIS A 330 30.71 15.62 16.34
N LEU A 331 30.06 15.53 15.17
CA LEU A 331 29.28 16.66 14.67
C LEU A 331 28.22 17.08 15.68
N THR A 332 27.56 16.10 16.32
CA THR A 332 26.57 16.45 17.31
C THR A 332 27.21 17.18 18.48
N GLU A 333 28.42 16.76 18.86
CA GLU A 333 29.12 17.42 19.96
C GLU A 333 29.41 18.87 19.65
N ARG A 334 29.90 19.15 18.43
CA ARG A 334 30.21 20.53 18.05
C ARG A 334 28.93 21.35 17.92
N LEU A 335 27.93 20.82 17.20
CA LEU A 335 26.66 21.53 17.07
C LEU A 335 26.01 21.75 18.43
N LEU A 336 26.19 20.82 19.36
CA LEU A 336 25.61 20.96 20.68
C LEU A 336 26.25 22.11 21.46
N ASN A 337 27.58 22.19 21.43
CA ASN A 337 28.27 23.23 22.19
C ASN A 337 27.86 24.62 21.72
N GLU A 338 27.57 24.78 20.43
CA GLU A 338 27.06 26.04 19.94
C GLU A 338 25.69 26.32 20.55
N GLU A 339 25.46 27.58 20.92
CA GLU A 339 24.29 27.92 21.73
C GLU A 339 22.99 27.58 21.03
N ASN A 340 22.81 28.10 19.81
CA ASN A 340 21.51 28.04 19.14
C ASN A 340 21.45 26.88 18.15
N TYR A 341 21.63 25.67 18.65
CA TYR A 341 21.47 24.47 17.85
C TYR A 341 20.79 23.40 18.67
N GLU A 342 19.67 22.90 18.17
CA GLU A 342 18.89 21.84 18.80
C GLU A 342 18.98 20.64 17.88
N VAL A 343 19.83 19.67 18.21
CA VAL A 343 20.12 18.55 17.33
C VAL A 343 19.20 17.38 17.69
N TYR A 344 18.60 16.77 16.66
CA TYR A 344 17.75 15.59 16.80
C TYR A 344 18.46 14.44 16.11
N GLY A 345 18.89 13.46 16.88
CA GLY A 345 19.66 12.37 16.33
C GLY A 345 18.92 11.05 16.22
N MET A 346 18.89 10.48 15.02
CA MET A 346 18.17 9.24 14.75
C MET A 346 19.17 8.11 14.54
N ASP A 347 18.99 7.02 15.28
CA ASP A 347 19.82 5.84 15.13
C ASP A 347 19.11 4.64 15.76
N ILE A 348 19.66 3.46 15.50
CA ILE A 348 19.13 2.24 16.09
C ILE A 348 19.55 2.10 17.55
N GLY A 349 20.70 2.66 17.92
CA GLY A 349 21.16 2.61 19.30
C GLY A 349 22.13 3.74 19.56
N SER A 350 22.16 4.18 20.82
CA SER A 350 22.99 5.30 21.23
C SER A 350 24.31 4.85 21.86
N ASN A 351 24.81 3.68 21.48
CA ASN A 351 25.96 3.07 22.15
C ASN A 351 27.28 3.79 21.91
N ALA A 352 27.23 5.04 21.45
CA ALA A 352 28.44 5.86 21.40
C ALA A 352 28.14 7.35 21.53
N ILE A 353 26.89 7.76 21.69
CA ILE A 353 26.54 9.15 21.93
C ILE A 353 26.03 9.34 23.35
N SER A 354 26.29 8.38 24.23
CA SER A 354 25.81 8.43 25.61
C SER A 354 26.33 9.65 26.36
N ARG A 355 27.37 10.30 25.84
CA ARG A 355 27.95 11.45 26.55
C ARG A 355 26.97 12.62 26.60
N PHE A 356 26.22 12.86 25.53
CA PHE A 356 25.33 14.01 25.49
C PHE A 356 23.85 13.60 25.45
N LEU A 357 23.53 12.36 25.78
CA LEU A 357 22.13 11.94 25.85
C LEU A 357 21.35 12.85 26.79
N LEU A 358 21.98 13.29 27.87
CA LEU A 358 21.37 14.15 28.87
C LEU A 358 21.39 15.62 28.50
N HIS A 359 22.04 15.99 27.41
CA HIS A 359 22.17 17.41 27.08
C HIS A 359 20.82 17.99 26.72
N PRO A 360 20.45 19.15 27.26
CA PRO A 360 19.12 19.72 26.99
C PRO A 360 18.80 19.88 25.52
N ARG A 361 19.80 20.26 24.71
CA ARG A 361 19.54 20.56 23.30
C ARG A 361 19.54 19.33 22.41
N PHE A 362 19.90 18.16 22.94
CA PHE A 362 20.01 16.94 22.14
C PHE A 362 18.81 16.05 22.42
N HIS A 363 18.06 15.73 21.37
CA HIS A 363 16.96 14.76 21.44
C HIS A 363 17.34 13.53 20.62
N PHE A 364 17.52 12.41 21.31
CA PHE A 364 17.72 11.14 20.61
C PHE A 364 16.37 10.57 20.19
N VAL A 365 16.36 9.91 19.04
CA VAL A 365 15.15 9.28 18.52
C VAL A 365 15.51 7.95 17.90
N GLU A 366 14.73 6.91 18.23
CA GLU A 366 14.92 5.60 17.64
C GLU A 366 14.49 5.64 16.18
N GLY A 367 15.35 5.15 15.29
CA GLY A 367 15.01 5.13 13.88
C GLY A 367 15.98 4.35 13.02
N ASP A 368 15.43 3.63 12.05
CA ASP A 368 16.22 2.94 11.03
C ASP A 368 15.70 3.42 9.69
N ILE A 369 16.53 4.20 8.97
CA ILE A 369 16.11 4.78 7.71
C ILE A 369 15.77 3.73 6.66
N SER A 370 16.08 2.45 6.92
CA SER A 370 15.63 1.38 6.04
C SER A 370 14.20 0.94 6.37
N ILE A 371 13.79 1.07 7.63
CA ILE A 371 12.52 0.52 8.08
C ILE A 371 11.47 1.62 8.18
N HIS A 372 11.66 2.54 9.14
CA HIS A 372 10.70 3.61 9.36
C HIS A 372 10.42 4.38 8.07
N SER A 373 9.15 4.74 7.88
CA SER A 373 8.75 5.63 6.81
C SER A 373 8.05 6.88 7.32
N GLU A 374 7.22 6.73 8.35
CA GLU A 374 6.49 7.88 8.88
C GLU A 374 7.34 8.69 9.85
N TRP A 375 8.10 8.03 10.71
CA TRP A 375 8.82 8.76 11.75
C TRP A 375 9.90 9.65 11.16
N ILE A 376 10.56 9.20 10.09
CA ILE A 376 11.61 10.02 9.53
C ILE A 376 11.02 11.18 8.74
N GLU A 377 9.88 10.94 8.07
CA GLU A 377 9.19 12.03 7.38
C GLU A 377 8.72 13.10 8.35
N TYR A 378 8.10 12.67 9.45
CA TYR A 378 7.74 13.60 10.52
C TYR A 378 8.92 14.48 10.91
N HIS A 379 10.07 13.86 11.20
CA HIS A 379 11.19 14.61 11.75
C HIS A 379 11.79 15.56 10.72
N VAL A 380 11.78 15.19 9.44
CA VAL A 380 12.29 16.11 8.42
C VAL A 380 11.44 17.37 8.37
N LYS A 381 10.12 17.21 8.45
CA LYS A 381 9.21 18.35 8.54
C LYS A 381 9.49 19.18 9.79
N LYS A 382 9.71 18.50 10.92
CA LYS A 382 9.88 19.18 12.20
C LYS A 382 11.14 20.05 12.26
N CYS A 383 12.15 19.72 11.48
CA CYS A 383 13.47 20.36 11.59
C CYS A 383 13.70 21.34 10.44
N ASP A 384 14.91 21.91 10.44
CA ASP A 384 15.31 22.92 9.46
C ASP A 384 16.33 22.41 8.46
N VAL A 385 17.46 21.88 8.94
CA VAL A 385 18.49 21.31 8.08
C VAL A 385 18.62 19.83 8.41
N VAL A 386 18.81 19.01 7.36
CA VAL A 386 18.88 17.56 7.50
C VAL A 386 20.25 17.11 7.04
N LEU A 387 20.87 16.23 7.81
CA LEU A 387 22.18 15.65 7.48
C LEU A 387 22.04 14.13 7.49
N PRO A 388 21.62 13.52 6.37
CA PRO A 388 21.36 12.06 6.30
C PRO A 388 22.64 11.24 6.22
N LEU A 389 23.31 11.13 7.37
CA LEU A 389 24.63 10.52 7.44
C LEU A 389 24.59 9.00 7.57
N VAL A 390 23.44 8.37 7.29
CA VAL A 390 23.34 6.92 7.35
C VAL A 390 23.91 6.33 6.07
N ALA A 391 24.97 5.55 6.19
CA ALA A 391 25.60 4.93 5.04
C ALA A 391 26.52 3.81 5.51
N ILE A 392 26.58 2.74 4.73
CA ILE A 392 27.56 1.68 4.92
C ILE A 392 28.65 1.88 3.88
N ALA A 393 29.85 2.25 4.32
CA ALA A 393 30.92 2.71 3.44
C ALA A 393 32.23 2.01 3.78
N THR A 394 32.26 0.70 3.59
CA THR A 394 33.45 -0.08 3.79
C THR A 394 33.79 -0.85 2.52
N PRO A 395 35.02 -0.74 2.01
CA PRO A 395 35.35 -1.36 0.71
C PRO A 395 35.04 -2.86 0.64
N ILE A 396 35.13 -3.58 1.75
CA ILE A 396 34.83 -5.01 1.72
C ILE A 396 33.36 -5.24 1.44
N GLU A 397 32.49 -4.36 1.94
CA GLU A 397 31.05 -4.53 1.76
C GLU A 397 30.60 -4.29 0.32
N TYR A 398 31.40 -3.56 -0.47
CA TYR A 398 31.03 -3.35 -1.86
C TYR A 398 31.08 -4.65 -2.64
N THR A 399 32.11 -5.47 -2.41
CA THR A 399 32.23 -6.74 -3.10
C THR A 399 31.47 -7.85 -2.37
N ARG A 400 31.35 -7.74 -1.05
CA ARG A 400 30.67 -8.77 -0.26
C ARG A 400 29.16 -8.72 -0.47
N ASN A 401 28.53 -7.61 -0.08
CA ASN A 401 27.09 -7.41 -0.24
C ASN A 401 26.86 -6.10 -0.96
N PRO A 402 26.95 -6.09 -2.28
CA PRO A 402 26.69 -4.85 -3.03
C PRO A 402 25.22 -4.46 -3.02
N LEU A 403 24.32 -5.44 -3.03
CA LEU A 403 22.89 -5.13 -3.04
C LEU A 403 22.47 -4.42 -1.77
N ARG A 404 22.95 -4.89 -0.61
CA ARG A 404 22.68 -4.21 0.64
C ARG A 404 23.30 -2.81 0.66
N VAL A 405 24.48 -2.66 0.06
CA VAL A 405 25.12 -1.35 -0.03
C VAL A 405 24.27 -0.40 -0.89
N PHE A 406 23.84 -0.88 -2.06
CA PHE A 406 23.02 -0.06 -2.95
C PHE A 406 21.69 0.31 -2.31
N GLU A 407 21.07 -0.64 -1.59
CA GLU A 407 19.74 -0.40 -1.04
C GLU A 407 19.79 0.57 0.14
N LEU A 408 20.89 0.62 0.87
CA LEU A 408 21.02 1.55 2.00
C LEU A 408 21.62 2.88 1.56
N ASP A 409 22.76 2.85 0.86
CA ASP A 409 23.44 4.09 0.51
C ASP A 409 22.66 4.89 -0.53
N PHE A 410 21.90 4.23 -1.41
CA PHE A 410 21.20 4.94 -2.46
C PHE A 410 19.71 5.06 -2.21
N GLU A 411 18.98 3.94 -2.28
CA GLU A 411 17.52 3.97 -2.25
C GLU A 411 16.98 4.72 -1.05
N GLU A 412 17.35 4.26 0.16
CA GLU A 412 16.76 4.84 1.37
C GLU A 412 17.17 6.30 1.53
N ASN A 413 18.43 6.62 1.24
CA ASN A 413 18.87 8.01 1.35
C ASN A 413 18.12 8.91 0.36
N LEU A 414 17.81 8.39 -0.83
CA LEU A 414 17.04 9.18 -1.79
C LEU A 414 15.65 9.47 -1.27
N ARG A 415 15.01 8.48 -0.64
CA ARG A 415 13.74 8.71 0.02
C ARG A 415 13.83 9.86 1.01
N ILE A 416 14.96 9.97 1.70
CA ILE A 416 15.15 11.04 2.68
C ILE A 416 15.16 12.39 1.97
N ILE A 417 15.84 12.46 0.83
CA ILE A 417 15.98 13.72 0.13
C ILE A 417 14.67 14.12 -0.54
N ARG A 418 13.87 13.14 -0.99
CA ARG A 418 12.55 13.45 -1.49
C ARG A 418 11.65 13.99 -0.38
N TYR A 419 11.82 13.46 0.84
CA TYR A 419 11.19 14.07 2.00
C TYR A 419 11.59 15.53 2.15
N CYS A 420 12.85 15.84 1.84
CA CYS A 420 13.37 17.18 2.09
C CYS A 420 12.88 18.16 1.03
N VAL A 421 12.88 17.76 -0.25
CA VAL A 421 12.35 18.64 -1.28
C VAL A 421 10.85 18.86 -1.07
N LYS A 422 10.15 17.87 -0.54
CA LYS A 422 8.71 18.00 -0.34
C LYS A 422 8.40 19.06 0.71
N TYR A 423 9.08 19.00 1.85
CA TYR A 423 8.85 19.92 2.93
C TYR A 423 9.81 21.11 2.92
N ARG A 424 10.51 21.31 1.82
CA ARG A 424 11.36 22.49 1.59
C ARG A 424 12.35 22.69 2.73
N LYS A 425 13.29 21.75 2.81
CA LYS A 425 14.35 21.77 3.82
C LYS A 425 15.70 21.66 3.14
N ARG A 426 16.73 22.08 3.85
CA ARG A 426 18.09 22.05 3.32
C ARG A 426 18.79 20.76 3.72
N VAL A 427 19.36 20.08 2.73
CA VAL A 427 20.17 18.89 2.96
C VAL A 427 21.64 19.28 2.88
N VAL A 428 22.39 18.97 3.93
CA VAL A 428 23.84 18.97 3.85
C VAL A 428 24.22 17.52 3.57
N PHE A 429 24.18 17.14 2.30
CA PHE A 429 24.31 15.71 2.03
C PHE A 429 25.78 15.32 1.88
N PRO A 430 26.15 14.14 2.39
CA PRO A 430 27.52 13.66 2.23
C PRO A 430 27.75 12.91 0.93
N SER A 431 28.32 13.58 -0.06
CA SER A 431 28.92 12.86 -1.16
C SER A 431 30.26 12.29 -0.71
N THR A 432 30.78 11.32 -1.46
CA THR A 432 32.03 10.67 -1.09
C THR A 432 33.20 11.23 -1.90
N SER A 433 34.40 10.83 -1.50
CA SER A 433 35.56 11.10 -2.34
C SER A 433 35.69 10.10 -3.46
N GLU A 434 35.16 8.89 -3.25
CA GLU A 434 35.18 7.83 -4.26
C GLU A 434 34.37 8.18 -5.49
N VAL A 435 33.57 9.24 -5.45
CA VAL A 435 32.80 9.65 -6.62
C VAL A 435 33.74 9.99 -7.77
N TYR A 436 34.90 10.60 -7.46
CA TYR A 436 35.90 10.82 -8.50
C TYR A 436 36.42 9.50 -9.04
N GLY A 437 36.55 8.50 -8.17
CA GLY A 437 37.08 7.23 -8.61
C GLY A 437 38.57 7.32 -8.87
N MET A 438 39.01 6.73 -9.98
CA MET A 438 40.43 6.72 -10.35
C MET A 438 40.77 7.94 -11.23
N CYS A 439 40.55 9.12 -10.65
CA CYS A 439 40.68 10.36 -11.41
C CYS A 439 42.15 10.71 -11.63
N THR A 440 42.45 11.22 -12.83
CA THR A 440 43.83 11.53 -13.18
C THR A 440 44.29 12.87 -12.61
N ASP A 441 43.35 13.83 -12.49
CA ASP A 441 43.67 15.21 -12.10
C ASP A 441 44.58 15.24 -10.88
N ALA A 442 45.50 16.22 -10.87
CA ALA A 442 46.43 16.39 -9.76
C ALA A 442 45.68 16.49 -8.43
N SER A 443 44.85 17.52 -8.31
CA SER A 443 43.94 17.67 -7.17
C SER A 443 42.51 17.60 -7.70
N PHE A 444 41.68 16.77 -7.06
CA PHE A 444 40.33 16.51 -7.55
C PHE A 444 39.47 17.75 -7.37
N ASP A 445 39.06 18.36 -8.48
CA ASP A 445 38.16 19.50 -8.43
C ASP A 445 36.72 19.02 -8.47
N GLU A 446 35.91 19.52 -7.53
CA GLU A 446 34.50 19.16 -7.49
C GLU A 446 33.76 19.61 -8.74
N ASP A 447 34.25 20.67 -9.38
CA ASP A 447 33.54 21.30 -10.48
C ASP A 447 34.17 21.06 -11.85
N LYS A 448 35.32 20.38 -11.92
CA LYS A 448 35.96 20.16 -13.21
C LYS A 448 36.49 18.74 -13.36
N SER A 449 37.07 18.17 -12.31
CA SER A 449 37.69 16.85 -12.40
C SER A 449 36.67 15.82 -12.86
N ASN A 450 37.13 14.88 -13.69
CA ASN A 450 36.27 13.84 -14.23
C ASN A 450 35.98 12.78 -13.19
N LEU A 451 35.20 11.78 -13.57
CA LEU A 451 34.83 10.66 -12.70
C LEU A 451 35.06 9.36 -13.45
N ILE A 452 36.05 8.58 -13.02
CA ILE A 452 36.45 7.35 -13.68
C ILE A 452 36.18 6.18 -12.74
N VAL A 453 35.53 5.15 -13.25
CA VAL A 453 35.29 3.92 -12.51
C VAL A 453 35.63 2.74 -13.41
N GLY A 454 35.99 1.62 -12.79
CA GLY A 454 36.23 0.40 -13.53
C GLY A 454 34.95 -0.12 -14.14
N PRO A 455 35.05 -1.17 -14.95
CA PRO A 455 33.85 -1.69 -15.61
C PRO A 455 32.88 -2.33 -14.64
N VAL A 456 31.72 -2.73 -15.18
CA VAL A 456 30.67 -3.39 -14.41
C VAL A 456 31.17 -4.61 -13.65
N ASN A 457 32.15 -5.33 -14.19
CA ASN A 457 32.72 -6.46 -13.47
C ASN A 457 33.79 -5.98 -12.49
N LYS A 458 33.47 -4.92 -11.73
CA LYS A 458 34.35 -4.41 -10.69
C LYS A 458 33.48 -3.83 -9.58
N PRO A 459 32.77 -4.69 -8.82
CA PRO A 459 31.73 -4.20 -7.90
C PRO A 459 32.21 -3.25 -6.82
N ARG A 460 33.50 -2.91 -6.79
CA ARG A 460 33.97 -1.87 -5.88
C ARG A 460 33.28 -0.55 -6.16
N TRP A 461 32.88 -0.33 -7.41
CA TRP A 461 32.31 0.93 -7.85
C TRP A 461 30.79 1.01 -7.70
N ILE A 462 30.15 -0.06 -7.18
CA ILE A 462 28.73 0.03 -6.85
C ILE A 462 28.50 1.16 -5.86
N TYR A 463 29.49 1.46 -5.03
CA TYR A 463 29.39 2.56 -4.08
C TYR A 463 29.58 3.89 -4.76
N SER A 464 30.68 4.05 -5.51
CA SER A 464 31.00 5.30 -6.17
C SER A 464 29.84 5.77 -7.04
N VAL A 465 29.39 4.89 -7.95
CA VAL A 465 28.29 5.24 -8.85
C VAL A 465 27.03 5.54 -8.05
N SER A 466 26.82 4.82 -6.95
CA SER A 466 25.62 5.04 -6.13
C SER A 466 25.65 6.42 -5.49
N LYS A 467 26.73 6.73 -4.78
CA LYS A 467 26.86 8.05 -4.18
C LYS A 467 26.86 9.15 -5.24
N GLN A 468 27.23 8.80 -6.48
CA GLN A 468 27.26 9.79 -7.55
C GLN A 468 25.89 10.00 -8.18
N LEU A 469 25.19 8.92 -8.51
CA LEU A 469 23.86 9.07 -9.09
C LEU A 469 22.95 9.83 -8.13
N LEU A 470 23.00 9.48 -6.85
CA LEU A 470 22.24 10.21 -5.85
C LEU A 470 22.67 11.67 -5.83
N ASP A 471 23.98 11.93 -5.92
CA ASP A 471 24.49 13.29 -6.06
C ASP A 471 23.79 14.02 -7.20
N ARG A 472 23.73 13.37 -8.36
CA ARG A 472 23.14 14.00 -9.54
C ARG A 472 21.66 14.25 -9.38
N VAL A 473 20.97 13.38 -8.63
CA VAL A 473 19.53 13.55 -8.44
C VAL A 473 19.25 14.77 -7.55
N ILE A 474 20.02 14.94 -6.48
CA ILE A 474 19.94 16.16 -5.69
C ILE A 474 20.12 17.37 -6.58
N TRP A 475 21.15 17.32 -7.43
CA TRP A 475 21.44 18.38 -8.38
C TRP A 475 20.22 18.70 -9.24
N ALA A 476 19.57 17.67 -9.77
CA ALA A 476 18.39 17.88 -10.60
C ALA A 476 17.27 18.52 -9.80
N TYR A 477 17.01 18.00 -8.60
CA TYR A 477 15.97 18.57 -7.75
C TYR A 477 16.26 20.03 -7.42
N GLY A 478 17.51 20.31 -7.03
CA GLY A 478 17.88 21.67 -6.68
C GLY A 478 17.74 22.67 -7.80
N GLU A 479 17.74 22.20 -9.05
CA GLU A 479 17.61 23.08 -10.21
C GLU A 479 16.21 23.01 -10.82
N LYS A 480 15.78 21.82 -11.22
CA LYS A 480 14.48 21.68 -11.88
C LYS A 480 13.31 21.82 -10.92
N GLU A 481 13.54 21.84 -9.62
CA GLU A 481 12.42 21.99 -8.69
C GLU A 481 12.80 22.70 -7.40
N GLY A 482 14.03 23.18 -7.27
CA GLY A 482 14.34 24.17 -6.23
C GLY A 482 14.65 23.64 -4.86
N LEU A 483 15.42 22.56 -4.76
CA LEU A 483 15.87 22.06 -3.47
C LEU A 483 17.10 22.83 -3.00
N ARG A 484 17.03 23.41 -1.80
CA ARG A 484 18.18 24.05 -1.20
C ARG A 484 19.08 22.97 -0.61
N PHE A 485 20.32 22.88 -1.09
CA PHE A 485 21.20 21.80 -0.67
C PHE A 485 22.63 22.28 -0.60
N THR A 486 23.50 21.41 -0.12
CA THR A 486 24.96 21.60 -0.18
C THR A 486 25.60 20.23 -0.02
N LEU A 487 26.52 19.89 -0.91
CA LEU A 487 27.20 18.61 -0.88
C LEU A 487 28.61 18.75 -0.34
N PHE A 488 29.05 17.77 0.42
CA PHE A 488 30.41 17.74 0.95
C PHE A 488 30.99 16.35 0.79
N ARG A 489 32.27 16.28 0.46
CA ARG A 489 32.95 15.02 0.14
C ARG A 489 34.13 14.83 1.08
N PRO A 490 33.95 14.11 2.19
CA PRO A 490 35.07 13.83 3.08
C PRO A 490 36.18 13.05 2.37
N PHE A 491 37.42 13.39 2.69
CA PHE A 491 38.60 12.77 2.09
C PHE A 491 39.38 12.03 3.18
N ASN A 492 39.04 10.76 3.38
CA ASN A 492 39.72 9.88 4.32
C ASN A 492 39.84 10.52 5.71
N TRP A 493 38.68 10.90 6.25
CA TRP A 493 38.63 11.38 7.62
C TRP A 493 38.93 10.25 8.59
N MET A 494 39.57 10.59 9.70
CA MET A 494 39.79 9.61 10.75
C MET A 494 40.03 10.32 12.07
N GLY A 495 39.91 9.55 13.14
CA GLY A 495 40.05 10.05 14.50
C GLY A 495 39.41 9.09 15.48
N PRO A 496 39.18 9.54 16.71
CA PRO A 496 38.45 8.71 17.67
C PRO A 496 37.03 8.45 17.20
N ARG A 497 36.49 7.30 17.60
CA ARG A 497 35.19 6.83 17.14
C ARG A 497 35.14 6.76 15.61
N LEU A 498 35.87 5.78 15.07
CA LEU A 498 35.84 5.49 13.64
C LEU A 498 35.70 3.97 13.55
N ASP A 499 34.50 3.49 13.23
CA ASP A 499 34.14 2.08 13.29
C ASP A 499 34.36 1.52 14.69
N SER A 500 34.38 0.19 14.81
CA SER A 500 34.57 -0.49 16.08
C SER A 500 35.53 -1.64 15.89
N LEU A 501 36.37 -1.88 16.90
CA LEU A 501 37.30 -3.00 16.84
C LEU A 501 36.55 -4.33 16.76
N ASN A 502 35.39 -4.44 17.42
CA ASN A 502 34.63 -5.67 17.31
C ASN A 502 34.03 -5.86 15.92
N ALA A 503 33.71 -4.76 15.23
CA ALA A 503 33.26 -4.81 13.85
C ALA A 503 34.39 -4.76 12.84
N ALA A 504 35.62 -4.46 13.28
CA ALA A 504 36.77 -4.51 12.40
C ALA A 504 37.26 -5.92 12.15
N ARG A 505 36.93 -6.86 13.04
CA ARG A 505 37.39 -8.24 12.90
C ARG A 505 36.79 -8.94 11.70
N ILE A 506 35.69 -8.42 11.15
CA ILE A 506 35.15 -8.94 9.88
C ILE A 506 35.86 -8.34 8.67
N GLY A 507 36.55 -7.21 8.84
CA GLY A 507 37.02 -6.41 7.74
C GLY A 507 36.17 -5.19 7.47
N SER A 508 34.99 -5.12 8.09
CA SER A 508 34.06 -4.01 7.91
C SER A 508 34.55 -2.81 8.72
N SER A 509 35.63 -2.20 8.21
CA SER A 509 36.32 -1.14 8.93
C SER A 509 37.31 -0.46 7.98
N ARG A 510 37.51 0.84 8.17
CA ARG A 510 38.43 1.60 7.35
C ARG A 510 39.88 1.23 7.68
N ALA A 511 40.82 1.93 7.03
CA ALA A 511 42.22 1.53 7.07
C ALA A 511 42.83 1.69 8.45
N ILE A 512 42.70 2.89 9.03
CA ILE A 512 43.44 3.22 10.24
C ILE A 512 43.08 2.27 11.38
N THR A 513 41.79 2.11 11.66
CA THR A 513 41.37 1.29 12.79
C THR A 513 41.51 -0.21 12.53
N GLN A 514 41.59 -0.66 11.28
CA GLN A 514 41.91 -2.06 11.02
C GLN A 514 43.35 -2.38 11.39
N LEU A 515 44.28 -1.50 11.02
CA LEU A 515 45.68 -1.70 11.39
C LEU A 515 45.84 -1.60 12.91
N ILE A 516 45.06 -0.72 13.54
CA ILE A 516 45.10 -0.60 15.00
C ILE A 516 44.73 -1.92 15.65
N LEU A 517 43.71 -2.60 15.12
CA LEU A 517 43.37 -3.92 15.62
C LEU A 517 44.47 -4.93 15.30
N ASN A 518 45.06 -4.84 14.10
CA ASN A 518 46.20 -5.70 13.77
C ASN A 518 47.28 -5.61 14.84
N LEU A 519 47.51 -4.40 15.35
CA LEU A 519 48.48 -4.21 16.42
C LEU A 519 47.97 -4.78 17.74
N VAL A 520 46.68 -4.63 18.01
CA VAL A 520 46.13 -4.97 19.32
C VAL A 520 46.13 -6.49 19.52
N GLU A 521 45.61 -7.24 18.55
CA GLU A 521 45.61 -8.70 18.66
C GLU A 521 46.82 -9.34 17.99
N GLY A 522 47.83 -8.54 17.62
CA GLY A 522 49.05 -9.10 17.08
C GLY A 522 48.89 -9.81 15.74
N THR A 523 48.09 -9.24 14.86
CA THR A 523 47.87 -9.74 13.51
C THR A 523 48.79 -9.02 12.53
N PRO A 524 49.28 -9.70 11.50
CA PRO A 524 50.07 -9.00 10.47
C PRO A 524 49.27 -7.88 9.82
N ILE A 525 49.93 -6.73 9.67
CA ILE A 525 49.34 -5.59 8.99
C ILE A 525 49.43 -5.84 7.49
N LYS A 526 48.30 -6.18 6.87
CA LYS A 526 48.29 -6.54 5.46
C LYS A 526 48.29 -5.29 4.59
N LEU A 527 49.11 -5.31 3.55
CA LEU A 527 49.24 -4.21 2.60
C LEU A 527 48.73 -4.73 1.25
N ILE A 528 47.41 -4.65 1.04
CA ILE A 528 46.78 -5.24 -0.13
C ILE A 528 47.31 -4.58 -1.39
N ASP A 529 47.70 -5.42 -2.36
CA ASP A 529 48.16 -4.96 -3.68
C ASP A 529 49.32 -3.98 -3.55
N GLY A 530 50.29 -4.35 -2.72
CA GLY A 530 51.50 -3.55 -2.58
C GLY A 530 51.52 -2.65 -1.37
N GLY A 531 50.39 -2.05 -1.05
CA GLY A 531 50.35 -1.07 0.02
C GLY A 531 51.13 0.19 -0.28
N GLN A 532 51.28 0.54 -1.56
CA GLN A 532 52.13 1.64 -1.97
C GLN A 532 51.35 2.87 -2.43
N GLN A 533 50.02 2.79 -2.46
CA GLN A 533 49.19 3.87 -2.96
C GLN A 533 48.97 4.94 -1.90
N LYS A 534 48.72 6.17 -2.36
CA LYS A 534 48.70 7.34 -1.51
C LYS A 534 47.31 7.96 -1.48
N ARG A 535 46.92 8.45 -0.29
CA ARG A 535 45.70 9.23 -0.11
C ARG A 535 46.00 10.42 0.79
N CYS A 536 45.17 11.45 0.67
CA CYS A 536 45.20 12.57 1.59
C CYS A 536 44.32 12.24 2.78
N PHE A 537 44.90 12.29 3.98
CA PHE A 537 44.21 11.90 5.20
C PHE A 537 43.86 13.15 5.99
N THR A 538 42.58 13.31 6.30
CA THR A 538 42.05 14.49 6.97
C THR A 538 41.77 14.16 8.43
N ASP A 539 42.12 15.08 9.31
CA ASP A 539 41.77 14.90 10.71
C ASP A 539 40.27 15.08 10.91
N ILE A 540 39.75 14.45 11.97
CA ILE A 540 38.32 14.55 12.26
C ILE A 540 37.95 15.97 12.67
N ARG A 541 38.87 16.69 13.31
CA ARG A 541 38.55 18.03 13.81
C ARG A 541 38.37 19.02 12.66
N ASP A 542 39.24 18.95 11.65
CA ASP A 542 39.13 19.87 10.53
C ASP A 542 37.89 19.57 9.69
N GLY A 543 37.59 18.28 9.49
CA GLY A 543 36.41 17.93 8.71
C GLY A 543 35.12 18.42 9.36
N ILE A 544 35.11 18.44 10.69
CA ILE A 544 33.91 18.86 11.42
C ILE A 544 33.80 20.37 11.45
N GLU A 545 34.94 21.05 11.62
CA GLU A 545 34.95 22.50 11.53
C GLU A 545 34.44 22.95 10.17
N ALA A 546 34.94 22.34 9.09
CA ALA A 546 34.46 22.67 7.75
C ALA A 546 32.99 22.26 7.58
N LEU A 547 32.61 21.11 8.13
CA LEU A 547 31.21 20.69 8.06
C LEU A 547 30.32 21.66 8.82
N PHE A 548 30.74 22.08 10.02
CA PHE A 548 30.02 23.12 10.74
C PHE A 548 29.91 24.39 9.90
N ARG A 549 31.00 24.76 9.23
CA ARG A 549 30.97 25.93 8.35
C ARG A 549 29.91 25.77 7.27
N ILE A 550 29.74 24.56 6.76
CA ILE A 550 28.68 24.29 5.79
C ILE A 550 27.31 24.46 6.43
N ILE A 551 27.18 24.04 7.69
CA ILE A 551 25.88 24.08 8.36
C ILE A 551 25.47 25.52 8.65
N VAL A 552 26.42 26.35 9.07
CA VAL A 552 26.14 27.77 9.27
C VAL A 552 25.66 28.39 7.96
N ASN A 553 26.36 28.09 6.87
CA ASN A 553 26.05 28.66 5.55
C ASN A 553 25.89 30.18 5.64
N ASP A 554 26.92 30.83 6.20
CA ASP A 554 26.88 32.28 6.38
C ASP A 554 26.80 32.97 5.02
N GLY A 555 25.82 33.86 4.88
CA GLY A 555 25.66 34.59 3.63
C GLY A 555 25.38 33.73 2.42
N ASP A 556 24.71 32.59 2.62
CA ASP A 556 24.31 31.69 1.53
C ASP A 556 25.48 31.30 0.63
N ARG A 557 26.71 31.33 1.15
CA ARG A 557 27.87 31.04 0.33
C ARG A 557 27.93 29.57 -0.11
N CYS A 558 27.13 28.70 0.51
CA CYS A 558 27.23 27.27 0.26
C CYS A 558 26.09 26.72 -0.59
N ASP A 559 25.02 27.49 -0.80
CA ASP A 559 23.86 26.98 -1.53
C ASP A 559 24.24 26.52 -2.92
N GLY A 560 23.71 25.36 -3.32
CA GLY A 560 23.98 24.77 -4.61
C GLY A 560 25.39 24.30 -4.82
N LYS A 561 26.33 24.66 -3.94
CA LYS A 561 27.73 24.35 -4.14
C LYS A 561 28.03 22.92 -3.71
N ILE A 562 29.15 22.40 -4.21
CA ILE A 562 29.65 21.10 -3.83
C ILE A 562 31.01 21.31 -3.19
N ILE A 563 31.01 21.37 -1.86
CA ILE A 563 32.22 21.62 -1.10
C ILE A 563 32.99 20.32 -0.93
N ASN A 564 34.29 20.46 -0.68
CA ASN A 564 35.19 19.31 -0.62
C ASN A 564 36.08 19.48 0.60
N ILE A 565 35.95 18.58 1.56
CA ILE A 565 36.66 18.70 2.83
C ILE A 565 37.76 17.64 2.87
N GLY A 566 38.99 18.09 3.04
CA GLY A 566 40.14 17.21 3.11
C GLY A 566 41.38 18.03 3.42
N ASN A 567 42.48 17.31 3.66
CA ASN A 567 43.77 17.93 3.97
C ASN A 567 44.77 17.47 2.92
N PRO A 568 44.97 18.25 1.84
CA PRO A 568 45.98 17.87 0.83
C PRO A 568 47.40 17.95 1.34
N ASP A 569 47.64 18.65 2.45
CA ASP A 569 48.95 18.71 3.09
C ASP A 569 49.33 17.41 3.79
N ASN A 570 48.67 16.29 3.50
CA ASN A 570 48.85 15.04 4.23
C ASN A 570 48.84 13.83 3.32
N GLU A 571 49.22 13.98 2.06
CA GLU A 571 49.24 12.84 1.16
C GLU A 571 50.33 11.89 1.56
N ALA A 572 49.94 10.68 1.97
CA ALA A 572 50.89 9.65 2.38
C ALA A 572 50.36 8.30 1.94
N SER A 573 51.24 7.30 1.99
CA SER A 573 50.90 5.94 1.59
C SER A 573 50.49 5.13 2.82
N ILE A 574 49.79 4.01 2.56
CA ILE A 574 49.29 3.21 3.66
C ILE A 574 50.43 2.50 4.38
N GLN A 575 51.53 2.19 3.68
CA GLN A 575 52.71 1.72 4.38
C GLN A 575 53.34 2.84 5.19
N GLU A 576 53.39 4.05 4.63
CA GLU A 576 53.81 5.22 5.41
C GLU A 576 52.91 5.42 6.61
N LEU A 577 51.61 5.21 6.43
CA LEU A 577 50.66 5.37 7.53
C LEU A 577 50.82 4.25 8.56
N ALA A 578 50.96 3.01 8.09
CA ALA A 578 51.20 1.90 9.01
C ALA A 578 52.50 2.07 9.77
N THR A 579 53.51 2.67 9.13
CA THR A 579 54.76 2.94 9.82
C THR A 579 54.57 3.96 10.94
N LEU A 580 53.78 5.01 10.68
CA LEU A 580 53.54 6.02 11.71
C LEU A 580 52.78 5.42 12.90
N LEU A 581 51.85 4.50 12.62
CA LEU A 581 51.12 3.82 13.69
C LEU A 581 52.05 3.08 14.63
N LEU A 582 52.88 2.18 14.08
CA LEU A 582 53.76 1.33 14.89
C LEU A 582 54.65 2.14 15.81
N ASP A 583 55.23 3.24 15.32
CA ASP A 583 56.07 4.07 16.16
C ASP A 583 55.26 4.69 17.30
N SER A 584 54.11 5.29 16.97
CA SER A 584 53.22 5.80 17.99
C SER A 584 52.75 4.69 18.93
N PHE A 585 52.56 3.48 18.39
CA PHE A 585 52.22 2.34 19.23
C PHE A 585 53.34 2.04 20.22
N ASP A 586 54.57 1.93 19.73
CA ASP A 586 55.70 1.60 20.60
C ASP A 586 55.88 2.65 21.71
N LYS A 587 55.73 3.92 21.36
CA LYS A 587 55.88 5.01 22.32
C LYS A 587 54.61 5.27 23.14
N HIS A 588 53.69 4.32 23.19
CA HIS A 588 52.49 4.63 23.95
C HIS A 588 52.52 3.93 25.31
N PRO A 589 52.03 4.58 26.36
CA PRO A 589 52.12 3.99 27.72
C PRO A 589 51.43 2.65 27.89
N LEU A 590 50.93 2.05 26.81
CA LEU A 590 50.31 0.74 26.89
C LEU A 590 50.87 -0.26 25.89
N ARG A 591 51.94 0.09 25.17
CA ARG A 591 52.55 -0.84 24.23
C ARG A 591 52.90 -2.16 24.89
N CYS A 592 53.25 -2.12 26.17
CA CYS A 592 53.64 -3.34 26.89
C CYS A 592 52.46 -4.29 27.03
N HIS A 593 51.25 -3.75 27.24
CA HIS A 593 50.10 -4.58 27.53
C HIS A 593 49.70 -5.47 26.36
N PHE A 594 50.09 -5.12 25.15
CA PHE A 594 49.70 -5.84 23.95
C PHE A 594 50.86 -6.68 23.42
N PRO A 595 50.58 -7.68 22.58
CA PRO A 595 51.65 -8.58 22.12
C PRO A 595 52.68 -7.83 21.29
N PRO A 596 53.84 -8.45 21.03
CA PRO A 596 54.79 -7.84 20.10
C PRO A 596 54.23 -7.81 18.69
N PHE A 597 54.64 -6.79 17.94
CA PHE A 597 54.13 -6.60 16.59
C PHE A 597 54.42 -7.84 15.74
N ALA A 598 53.43 -8.25 14.95
CA ALA A 598 53.59 -9.43 14.10
C ALA A 598 54.46 -9.13 12.89
N GLY A 599 54.09 -8.13 12.10
CA GLY A 599 54.82 -7.80 10.90
C GLY A 599 53.87 -7.31 9.83
N PHE A 600 54.40 -7.10 8.63
CA PHE A 600 53.62 -6.74 7.46
C PHE A 600 53.38 -7.98 6.61
N GLN A 601 52.36 -7.90 5.74
CA GLN A 601 52.00 -9.03 4.90
C GLN A 601 51.28 -8.59 3.64
N VAL A 602 52.04 -8.19 2.63
CA VAL A 602 51.44 -7.79 1.36
C VAL A 602 50.81 -9.00 0.68
N VAL A 603 49.52 -8.88 0.34
CA VAL A 603 48.75 -9.98 -0.22
C VAL A 603 47.88 -9.45 -1.34
N GLU A 604 47.45 -10.36 -2.22
CA GLU A 604 46.60 -9.97 -3.34
C GLU A 604 45.23 -9.53 -2.85
N SER A 605 44.65 -8.57 -3.56
CA SER A 605 43.34 -8.05 -3.17
C SER A 605 42.27 -9.12 -3.21
N ARG A 606 42.42 -10.11 -4.09
CA ARG A 606 41.42 -11.18 -4.23
C ARG A 606 41.21 -11.94 -2.93
N SER A 607 42.11 -11.77 -1.95
CA SER A 607 41.99 -12.45 -0.66
C SER A 607 41.21 -11.61 0.35
N TYR A 608 41.63 -10.36 0.55
CA TYR A 608 41.00 -9.51 1.55
C TYR A 608 39.61 -9.06 1.09
N TYR A 609 39.52 -8.53 -0.13
CA TYR A 609 38.28 -7.99 -0.65
C TYR A 609 37.49 -8.96 -1.50
N GLY A 610 38.13 -9.97 -2.08
CA GLY A 610 37.44 -10.94 -2.91
C GLY A 610 37.50 -10.58 -4.38
N LYS A 611 36.83 -11.40 -5.18
CA LYS A 611 36.83 -11.23 -6.63
C LYS A 611 36.13 -9.93 -7.01
N GLY A 612 36.74 -9.19 -7.93
CA GLY A 612 36.14 -7.98 -8.46
C GLY A 612 36.47 -6.70 -7.72
N TYR A 613 37.64 -6.60 -7.12
CA TYR A 613 38.04 -5.38 -6.43
C TYR A 613 38.87 -4.48 -7.33
N GLN A 614 38.89 -3.20 -7.00
CA GLN A 614 39.73 -2.22 -7.67
C GLN A 614 39.96 -1.06 -6.69
N ASP A 615 40.98 -0.26 -6.97
CA ASP A 615 41.42 0.73 -6.00
C ASP A 615 41.74 2.03 -6.72
N VAL A 616 41.66 3.12 -5.97
CA VAL A 616 42.20 4.41 -6.39
C VAL A 616 43.64 4.51 -5.91
N ALA A 617 44.56 4.84 -6.83
CA ALA A 617 45.97 4.87 -6.46
C ALA A 617 46.33 6.14 -5.69
N HIS A 618 45.97 7.30 -6.24
CA HIS A 618 46.27 8.58 -5.63
C HIS A 618 44.97 9.32 -5.33
N ARG A 619 45.04 10.25 -4.38
CA ARG A 619 43.85 11.00 -3.97
C ARG A 619 44.28 12.28 -3.30
N LYS A 620 43.96 13.43 -3.93
CA LYS A 620 44.24 14.75 -3.36
C LYS A 620 43.03 15.63 -3.61
N PRO A 621 42.49 16.29 -2.57
CA PRO A 621 41.30 17.12 -2.76
C PRO A 621 41.60 18.58 -3.06
N SER A 622 40.94 19.13 -4.07
CA SER A 622 40.95 20.57 -4.29
C SER A 622 40.06 21.21 -3.23
N ILE A 623 40.67 21.69 -2.15
CA ILE A 623 39.93 22.32 -1.07
C ILE A 623 39.65 23.78 -1.41
N ASP A 624 39.62 24.09 -2.72
CA ASP A 624 39.43 25.46 -3.17
C ASP A 624 38.04 25.97 -2.81
N ASN A 625 37.01 25.18 -3.10
CA ASN A 625 35.65 25.58 -2.76
C ASN A 625 35.49 25.76 -1.25
N ALA A 626 36.14 24.90 -0.46
CA ALA A 626 36.09 25.05 0.99
C ALA A 626 36.71 26.36 1.43
N ARG A 627 37.84 26.74 0.82
CA ARG A 627 38.45 28.04 1.10
C ARG A 627 37.52 29.16 0.73
N ARG A 628 37.04 29.15 -0.52
CA ARG A 628 36.27 30.27 -1.06
C ARG A 628 34.95 30.47 -0.32
N CYS A 629 34.29 29.38 0.08
CA CYS A 629 32.95 29.47 0.64
C CYS A 629 32.92 29.50 2.16
N LEU A 630 33.88 28.85 2.83
CA LEU A 630 33.88 28.78 4.28
C LEU A 630 34.95 29.64 4.94
N GLY A 631 35.98 30.05 4.21
CA GLY A 631 37.13 30.63 4.86
C GLY A 631 37.78 29.60 5.76
N TRP A 632 37.91 28.38 5.22
CA TRP A 632 38.41 27.24 5.99
C TRP A 632 39.58 26.61 5.27
N GLU A 633 40.63 26.28 6.02
CA GLU A 633 41.75 25.49 5.55
C GLU A 633 42.17 24.56 6.69
N PRO A 634 42.58 23.34 6.37
CA PRO A 634 42.94 22.38 7.42
C PRO A 634 44.12 22.84 8.25
N SER A 635 44.24 22.25 9.44
CA SER A 635 45.29 22.64 10.38
C SER A 635 45.97 21.41 10.98
N ILE A 636 45.18 20.51 11.54
CA ILE A 636 45.73 19.35 12.24
C ILE A 636 46.44 18.45 11.25
N ALA A 637 47.67 18.04 11.59
CA ALA A 637 48.51 17.27 10.69
C ALA A 637 48.27 15.77 10.87
N MET A 638 48.79 14.99 9.92
CA MET A 638 48.67 13.53 9.96
C MET A 638 49.12 12.97 11.29
N ARG A 639 50.26 13.45 11.81
CA ARG A 639 50.84 12.91 13.03
C ARG A 639 49.85 12.97 14.20
N ASP A 640 49.28 14.16 14.42
CA ASP A 640 48.38 14.36 15.54
C ASP A 640 47.19 13.40 15.49
N THR A 641 46.67 13.14 14.29
CA THR A 641 45.50 12.28 14.16
C THR A 641 45.82 10.84 14.50
N VAL A 642 46.87 10.29 13.88
CA VAL A 642 47.20 8.88 14.05
C VAL A 642 47.46 8.57 15.51
N GLU A 643 48.11 9.48 16.23
CA GLU A 643 48.41 9.25 17.63
C GLU A 643 47.15 9.33 18.48
N GLU A 644 46.25 10.27 18.18
CA GLU A 644 45.01 10.39 18.94
C GLU A 644 44.06 9.24 18.63
N THR A 645 44.00 8.82 17.35
CA THR A 645 43.15 7.69 16.99
C THR A 645 43.58 6.42 17.72
N LEU A 646 44.88 6.15 17.72
CA LEU A 646 45.40 5.00 18.45
C LEU A 646 45.17 5.14 19.95
N ASP A 647 45.52 6.30 20.51
CA ASP A 647 45.34 6.55 21.94
C ASP A 647 43.92 6.20 22.39
N PHE A 648 42.92 6.67 21.65
CA PHE A 648 41.53 6.41 22.04
C PHE A 648 41.22 4.91 22.01
N PHE A 649 41.52 4.25 20.88
CA PHE A 649 41.10 2.85 20.74
C PHE A 649 41.87 1.94 21.67
N LEU A 650 43.10 2.30 22.02
CA LEU A 650 43.91 1.46 22.90
C LEU A 650 43.36 1.47 24.32
N ARG A 651 43.22 2.68 24.90
CA ARG A 651 42.87 2.79 26.31
C ARG A 651 41.47 2.25 26.60
N SER A 652 40.58 2.26 25.60
CA SER A 652 39.24 1.72 25.78
C SER A 652 39.22 0.21 25.55
N VAL A 653 40.17 -0.49 26.17
CA VAL A 653 40.28 -1.94 26.08
C VAL A 653 40.61 -2.45 27.48
N ASP A 654 39.69 -3.20 28.10
CA ASP A 654 39.90 -3.69 29.45
C ASP A 654 40.98 -4.77 29.44
N ILE A 655 41.88 -4.70 30.43
CA ILE A 655 43.05 -5.56 30.50
C ILE A 655 42.79 -6.78 31.39
N ALA A 656 41.72 -7.51 31.10
CA ALA A 656 41.40 -8.73 31.84
C ALA A 656 42.29 -9.89 31.38
N MET B 1 -74.22 13.04 14.24
CA MET B 1 -73.01 13.85 14.29
C MET B 1 -71.82 13.12 13.66
N LYS B 2 -70.86 13.89 13.16
CA LYS B 2 -69.65 13.34 12.56
C LYS B 2 -68.49 13.43 13.55
N ALA B 3 -67.83 12.30 13.79
CA ALA B 3 -66.78 12.21 14.79
C ALA B 3 -65.50 11.68 14.18
N VAL B 4 -64.39 12.33 14.51
CA VAL B 4 -63.05 11.87 14.15
C VAL B 4 -62.39 11.38 15.43
N ILE B 5 -61.95 10.12 15.44
CA ILE B 5 -61.46 9.49 16.66
C ILE B 5 -59.98 9.17 16.49
N PHE B 6 -59.16 9.66 17.43
CA PHE B 6 -57.75 9.30 17.52
C PHE B 6 -57.64 8.29 18.66
N ALA B 7 -57.58 7.01 18.32
CA ALA B 7 -57.69 5.93 19.28
C ALA B 7 -56.55 4.95 19.12
N TYR B 8 -56.12 4.37 20.23
CA TYR B 8 -55.02 3.40 20.21
C TYR B 8 -55.09 2.54 21.47
N HIS B 9 -54.72 1.25 21.31
CA HIS B 9 -54.62 0.29 22.41
C HIS B 9 -55.98 -0.06 22.99
N ASP B 10 -55.99 -0.51 24.25
CA ASP B 10 -57.23 -0.94 24.89
C ASP B 10 -58.21 0.21 25.06
N MET B 11 -57.72 1.37 25.49
CA MET B 11 -58.59 2.52 25.72
C MET B 11 -59.29 2.92 24.44
N GLY B 12 -58.54 3.07 23.35
CA GLY B 12 -59.16 3.39 22.08
C GLY B 12 -60.07 2.29 21.58
N CYS B 13 -59.71 1.03 21.86
CA CYS B 13 -60.55 -0.09 21.48
C CYS B 13 -61.93 0.03 22.10
N GLN B 14 -62.00 0.36 23.39
CA GLN B 14 -63.28 0.49 24.06
C GLN B 14 -63.97 1.80 23.70
N GLY B 15 -63.21 2.89 23.61
CA GLY B 15 -63.80 4.19 23.35
C GLY B 15 -64.46 4.30 22.00
N VAL B 16 -63.94 3.60 21.00
CA VAL B 16 -64.54 3.62 19.68
C VAL B 16 -65.92 3.00 19.71
N GLN B 17 -66.07 1.87 20.41
CA GLN B 17 -67.39 1.27 20.57
C GLN B 17 -68.29 2.14 21.45
N ALA B 18 -67.69 2.91 22.35
CA ALA B 18 -68.50 3.80 23.18
C ALA B 18 -69.06 4.97 22.37
N VAL B 19 -68.27 5.51 21.45
CA VAL B 19 -68.76 6.57 20.58
C VAL B 19 -69.75 6.00 19.57
N LEU B 20 -69.47 4.81 19.04
CA LEU B 20 -70.38 4.18 18.10
C LEU B 20 -71.71 3.84 18.76
N ASP B 21 -71.68 3.45 20.03
CA ASP B 21 -72.92 3.16 20.75
C ASP B 21 -73.70 4.44 21.04
N ALA B 22 -73.00 5.55 21.27
CA ALA B 22 -73.66 6.81 21.59
C ALA B 22 -74.40 7.41 20.40
N GLY B 23 -74.46 6.71 19.26
CA GLY B 23 -75.24 7.15 18.13
C GLY B 23 -74.46 7.91 17.06
N TYR B 24 -73.22 8.32 17.36
CA TYR B 24 -72.42 9.10 16.42
C TYR B 24 -72.24 8.39 15.08
N GLU B 25 -71.98 9.17 14.03
CA GLU B 25 -71.53 8.62 12.76
C GLU B 25 -70.02 8.72 12.70
N ILE B 26 -69.35 7.58 12.56
CA ILE B 26 -67.89 7.53 12.49
C ILE B 26 -67.48 7.52 11.03
N ALA B 27 -66.67 8.50 10.64
CA ALA B 27 -66.16 8.60 9.28
C ALA B 27 -64.65 8.63 9.21
N ALA B 28 -63.95 8.55 10.36
CA ALA B 28 -62.50 8.57 10.38
C ALA B 28 -61.96 8.16 11.76
N ILE B 29 -61.21 7.07 11.80
CA ILE B 29 -60.50 6.64 13.01
C ILE B 29 -59.01 6.60 12.68
N PHE B 30 -58.21 7.36 13.40
CA PHE B 30 -56.78 7.42 13.19
C PHE B 30 -56.07 6.76 14.36
N THR B 31 -55.01 6.01 14.06
CA THR B 31 -54.29 5.25 15.08
C THR B 31 -52.83 5.15 14.67
N HIS B 32 -52.14 4.16 15.21
CA HIS B 32 -50.75 3.86 14.86
C HIS B 32 -50.64 2.40 14.46
N ALA B 33 -49.46 2.03 13.98
CA ALA B 33 -49.20 0.66 13.59
C ALA B 33 -49.06 -0.22 14.84
N ASP B 34 -48.88 -1.52 14.61
CA ASP B 34 -48.81 -2.48 15.70
C ASP B 34 -47.40 -3.03 15.88
N GLY B 43 -55.75 -6.53 22.34
CA GLY B 43 -56.81 -5.86 21.60
C GLY B 43 -56.30 -4.68 20.80
N SER B 44 -56.79 -4.56 19.56
CA SER B 44 -56.30 -3.56 18.63
C SER B 44 -57.42 -2.65 18.17
N VAL B 45 -57.06 -1.41 17.83
CA VAL B 45 -58.00 -0.47 17.24
C VAL B 45 -58.06 -0.66 15.73
N SER B 46 -56.95 -1.06 15.11
CA SER B 46 -56.93 -1.21 13.66
C SER B 46 -57.84 -2.34 13.20
N ARG B 47 -57.69 -3.52 13.80
CA ARG B 47 -58.56 -4.65 13.43
C ARG B 47 -60.00 -4.39 13.86
N GLN B 48 -60.20 -3.62 14.93
CA GLN B 48 -61.55 -3.29 15.36
C GLN B 48 -62.28 -2.48 14.29
N ALA B 49 -61.72 -1.32 13.94
CA ALA B 49 -62.34 -0.49 12.90
C ALA B 49 -62.42 -1.23 11.58
N ALA B 50 -61.47 -2.12 11.31
CA ALA B 50 -61.49 -2.88 10.06
C ALA B 50 -62.72 -3.78 9.98
N GLU B 51 -62.99 -4.54 11.04
CA GLU B 51 -64.12 -5.44 11.07
C GLU B 51 -65.45 -4.73 11.31
N LEU B 52 -65.44 -3.41 11.51
CA LEU B 52 -66.66 -2.63 11.59
C LEU B 52 -66.97 -1.91 10.28
N GLY B 53 -66.25 -2.22 9.20
CA GLY B 53 -66.43 -1.50 7.96
C GLY B 53 -66.09 -0.02 8.01
N ILE B 54 -65.41 0.44 9.05
CA ILE B 54 -65.04 1.84 9.21
C ILE B 54 -63.77 2.11 8.40
N PRO B 55 -63.61 3.31 7.82
CA PRO B 55 -62.29 3.70 7.31
C PRO B 55 -61.37 4.06 8.46
N VAL B 56 -60.17 3.47 8.47
CA VAL B 56 -59.19 3.68 9.54
C VAL B 56 -57.84 3.96 8.92
N TYR B 57 -57.20 5.05 9.34
CA TYR B 57 -55.91 5.48 8.83
C TYR B 57 -54.89 5.46 9.96
N ALA B 58 -53.61 5.34 9.61
CA ALA B 58 -52.52 5.37 10.57
C ALA B 58 -51.38 6.19 10.01
N PRO B 59 -51.45 7.51 10.13
CA PRO B 59 -50.38 8.36 9.63
C PRO B 59 -49.23 8.47 10.60
N ASP B 60 -48.07 8.83 10.05
CA ASP B 60 -46.89 9.09 10.89
C ASP B 60 -47.13 10.29 11.78
N ASN B 61 -47.43 11.44 11.18
CA ASN B 61 -47.81 12.64 11.91
C ASN B 61 -49.10 13.17 11.31
N VAL B 62 -50.15 13.25 12.14
CA VAL B 62 -51.45 13.65 11.62
C VAL B 62 -51.44 15.12 11.24
N ASN B 63 -50.56 15.90 11.87
CA ASN B 63 -50.39 17.32 11.56
C ASN B 63 -49.55 17.42 10.30
N HIS B 64 -50.21 17.38 9.14
CA HIS B 64 -49.54 17.32 7.85
C HIS B 64 -50.53 17.84 6.82
N PRO B 65 -50.08 18.72 5.92
CA PRO B 65 -50.98 19.25 4.88
C PRO B 65 -51.80 18.20 4.15
N ILE B 66 -51.24 17.00 3.94
CA ILE B 66 -52.03 15.93 3.34
C ILE B 66 -53.10 15.41 4.29
N TRP B 67 -52.91 15.56 5.60
CA TRP B 67 -53.87 15.09 6.59
C TRP B 67 -54.71 16.21 7.18
N VAL B 68 -54.09 17.32 7.56
CA VAL B 68 -54.84 18.44 8.12
C VAL B 68 -55.89 18.93 7.12
N ASP B 69 -55.44 19.30 5.92
CA ASP B 69 -56.36 19.70 4.86
C ASP B 69 -57.15 18.54 4.27
N ARG B 70 -57.13 17.34 4.87
CA ARG B 70 -58.03 16.27 4.48
C ARG B 70 -58.74 15.64 5.67
N ILE B 71 -58.57 16.19 6.87
CA ILE B 71 -59.45 15.86 7.99
C ILE B 71 -60.65 16.80 8.03
N ALA B 72 -60.40 18.10 7.94
CA ALA B 72 -61.50 19.06 7.85
C ALA B 72 -62.30 18.89 6.57
N GLU B 73 -61.70 18.28 5.53
CA GLU B 73 -62.43 17.99 4.30
C GLU B 73 -63.52 16.95 4.53
N LEU B 74 -63.42 16.16 5.59
CA LEU B 74 -64.46 15.20 5.95
C LEU B 74 -65.62 15.85 6.68
N ALA B 75 -65.50 17.13 7.06
CA ALA B 75 -66.48 17.88 7.82
C ALA B 75 -66.70 17.25 9.19
N PRO B 76 -65.75 17.39 10.12
CA PRO B 76 -65.94 16.80 11.45
C PRO B 76 -66.77 17.71 12.34
N ASP B 77 -67.53 17.08 13.24
CA ASP B 77 -68.28 17.80 14.26
C ASP B 77 -67.60 17.74 15.62
N ILE B 78 -67.22 16.55 16.08
CA ILE B 78 -66.45 16.39 17.30
C ILE B 78 -65.25 15.53 16.96
N ILE B 79 -64.16 15.74 17.71
CA ILE B 79 -62.98 14.88 17.65
C ILE B 79 -62.72 14.33 19.05
N PHE B 80 -62.53 13.02 19.13
CA PHE B 80 -62.28 12.35 20.41
C PHE B 80 -60.91 11.69 20.39
N SER B 81 -60.15 11.88 21.47
CA SER B 81 -58.80 11.33 21.60
C SER B 81 -58.81 10.29 22.72
N PHE B 82 -58.74 9.03 22.35
CA PHE B 82 -58.76 7.90 23.29
C PHE B 82 -57.35 7.30 23.34
N TYR B 83 -56.53 7.79 24.27
CA TYR B 83 -55.14 7.34 24.42
C TYR B 83 -54.39 7.41 23.09
N TYR B 84 -54.16 8.63 22.65
CA TYR B 84 -53.36 8.87 21.45
C TYR B 84 -51.94 9.19 21.87
N ARG B 85 -50.97 8.61 21.16
CA ARG B 85 -49.58 8.75 21.54
C ARG B 85 -48.99 10.06 21.02
N ASN B 86 -49.27 10.40 19.76
CA ASN B 86 -48.81 11.66 19.21
C ASN B 86 -49.63 12.82 19.76
N LEU B 87 -49.04 14.01 19.74
CA LEU B 87 -49.72 15.21 20.18
C LEU B 87 -50.35 15.90 18.98
N LEU B 88 -51.52 16.51 19.21
CA LEU B 88 -52.29 17.15 18.16
C LEU B 88 -51.99 18.64 18.12
N SER B 89 -51.81 19.17 16.90
CA SER B 89 -51.52 20.58 16.72
C SER B 89 -52.81 21.39 16.69
N GLU B 90 -52.77 22.57 17.31
CA GLU B 90 -53.96 23.41 17.47
C GLU B 90 -54.71 23.61 16.16
N GLU B 91 -53.99 23.66 15.03
CA GLU B 91 -54.64 23.80 13.75
C GLU B 91 -55.52 22.60 13.43
N ILE B 92 -55.22 21.44 13.99
CA ILE B 92 -56.03 20.25 13.78
C ILE B 92 -57.15 20.14 14.82
N LEU B 93 -57.01 20.78 15.98
CA LEU B 93 -58.08 20.75 16.97
C LEU B 93 -59.26 21.59 16.52
N HIS B 94 -59.00 22.78 15.98
CA HIS B 94 -60.02 23.72 15.56
C HIS B 94 -60.70 23.32 14.25
N LEU B 95 -60.64 22.04 13.86
CA LEU B 95 -61.30 21.57 12.66
C LEU B 95 -62.73 21.11 12.91
N ALA B 96 -63.06 20.76 14.14
CA ALA B 96 -64.41 20.36 14.52
C ALA B 96 -65.07 21.44 15.34
N PRO B 97 -66.30 21.87 14.99
CA PRO B 97 -66.96 22.97 15.71
C PRO B 97 -67.14 22.68 17.19
N ALA B 98 -67.75 21.55 17.53
CA ALA B 98 -67.99 21.25 18.94
C ALA B 98 -66.68 21.08 19.70
N GLY B 99 -65.63 20.65 19.02
CA GLY B 99 -64.30 20.63 19.59
C GLY B 99 -63.74 19.22 19.70
N ALA B 100 -62.61 19.13 20.41
CA ALA B 100 -61.91 17.87 20.59
C ALA B 100 -61.70 17.61 22.08
N PHE B 101 -61.89 16.35 22.48
CA PHE B 101 -61.82 15.94 23.88
C PHE B 101 -60.93 14.71 24.02
N ASN B 102 -59.91 14.81 24.85
CA ASN B 102 -59.00 13.71 25.12
C ASN B 102 -59.37 13.08 26.47
N LEU B 103 -59.51 11.76 26.48
CA LEU B 103 -59.73 11.01 27.70
C LEU B 103 -58.37 10.64 28.30
N HIS B 104 -58.03 11.25 29.42
CA HIS B 104 -56.74 11.02 30.06
C HIS B 104 -56.90 10.03 31.21
N GLY B 105 -55.83 9.27 31.47
CA GLY B 105 -55.93 8.16 32.40
C GLY B 105 -56.07 8.60 33.85
N SER B 106 -55.25 9.55 34.27
CA SER B 106 -55.24 9.96 35.66
C SER B 106 -56.49 10.78 35.99
N LEU B 107 -56.74 10.94 37.28
CA LEU B 107 -57.86 11.73 37.77
C LEU B 107 -57.44 13.20 37.77
N LEU B 108 -57.57 13.82 36.59
CA LEU B 108 -57.12 15.19 36.33
C LEU B 108 -57.66 16.16 37.37
N PRO B 109 -56.94 17.25 37.66
CA PRO B 109 -55.67 17.67 37.05
C PRO B 109 -54.44 17.06 37.72
N ALA B 110 -54.54 15.83 38.24
CA ALA B 110 -53.40 15.14 38.81
C ALA B 110 -52.79 14.19 37.78
N TYR B 111 -51.48 14.00 37.87
CA TYR B 111 -50.72 13.12 36.98
C TYR B 111 -51.06 13.38 35.52
N ARG B 112 -51.10 14.66 35.15
CA ARG B 112 -51.42 15.06 33.79
C ARG B 112 -50.32 14.72 32.79
N GLY B 113 -49.34 13.92 33.20
CA GLY B 113 -48.24 13.53 32.35
C GLY B 113 -48.58 12.47 31.34
N ARG B 114 -47.64 11.54 31.12
CA ARG B 114 -47.84 10.41 30.23
C ARG B 114 -47.58 9.13 30.99
N ALA B 115 -48.27 8.07 30.59
CA ALA B 115 -48.24 6.77 31.26
C ALA B 115 -48.43 6.94 32.77
N PRO B 116 -49.59 7.42 33.23
CA PRO B 116 -49.77 7.64 34.66
C PRO B 116 -50.27 6.39 35.38
N LEU B 117 -50.82 5.44 34.61
CA LEU B 117 -51.32 4.20 35.18
C LEU B 117 -50.23 3.45 35.93
N ASN B 118 -48.96 3.68 35.60
CA ASN B 118 -47.87 3.12 36.38
C ASN B 118 -47.56 3.99 37.60
N TRP B 119 -47.51 5.31 37.40
CA TRP B 119 -47.05 6.21 38.46
C TRP B 119 -47.95 6.16 39.69
N VAL B 120 -49.26 5.96 39.49
CA VAL B 120 -50.16 5.88 40.63
C VAL B 120 -49.77 4.73 41.54
N LEU B 121 -49.41 3.57 40.97
CA LEU B 121 -48.94 2.46 41.77
C LEU B 121 -47.60 2.78 42.42
N VAL B 122 -46.72 3.46 41.69
CA VAL B 122 -45.37 3.77 42.20
C VAL B 122 -45.48 4.52 43.52
N ASN B 123 -46.19 5.65 43.52
CA ASN B 123 -46.29 6.49 44.70
C ASN B 123 -47.20 5.89 45.77
N GLY B 124 -48.14 5.02 45.39
CA GLY B 124 -49.02 4.40 46.35
C GLY B 124 -50.37 5.09 46.48
N GLU B 125 -50.91 5.53 45.35
CA GLU B 125 -52.15 6.28 45.35
C GLU B 125 -53.31 5.41 45.84
N SER B 126 -54.33 6.08 46.39
CA SER B 126 -55.52 5.40 46.89
C SER B 126 -56.61 5.29 45.83
N GLU B 127 -56.74 6.29 44.96
CA GLU B 127 -57.78 6.28 43.93
C GLU B 127 -57.30 7.04 42.71
N THR B 128 -57.87 6.70 41.56
CA THR B 128 -57.63 7.38 40.30
C THR B 128 -58.67 6.90 39.30
N GLY B 129 -59.04 7.78 38.38
CA GLY B 129 -60.06 7.43 37.42
C GLY B 129 -59.92 8.22 36.14
N VAL B 130 -60.75 7.86 35.16
CA VAL B 130 -60.75 8.54 33.88
C VAL B 130 -61.19 9.98 34.05
N THR B 131 -60.66 10.86 33.20
CA THR B 131 -61.06 12.26 33.18
C THR B 131 -61.04 12.74 31.74
N LEU B 132 -62.21 12.88 31.15
CA LEU B 132 -62.33 13.47 29.81
C LEU B 132 -62.30 14.98 29.93
N HIS B 133 -61.49 15.62 29.08
CA HIS B 133 -61.34 17.06 29.15
C HIS B 133 -61.12 17.61 27.75
N ARG B 134 -61.18 18.93 27.64
CA ARG B 134 -61.06 19.64 26.36
C ARG B 134 -59.59 19.86 26.05
N MET B 135 -59.14 19.35 24.90
CA MET B 135 -57.73 19.50 24.54
C MET B 135 -57.40 20.96 24.24
N VAL B 136 -56.51 21.52 25.06
CA VAL B 136 -55.99 22.87 24.83
C VAL B 136 -54.52 22.73 24.45
N LYS B 137 -53.84 23.85 24.20
CA LYS B 137 -52.43 23.78 23.89
C LYS B 137 -51.61 23.34 25.09
N ARG B 138 -52.09 23.58 26.31
CA ARG B 138 -51.43 23.06 27.49
C ARG B 138 -51.53 21.54 27.50
N ALA B 139 -50.52 20.89 28.06
CA ALA B 139 -50.44 19.43 28.06
C ALA B 139 -51.50 18.87 28.99
N ASP B 140 -52.60 18.38 28.41
CA ASP B 140 -53.68 17.72 29.15
C ASP B 140 -54.18 18.57 30.32
N ALA B 141 -54.48 19.83 30.03
CA ALA B 141 -54.89 20.79 31.05
C ALA B 141 -56.15 21.54 30.65
N GLY B 142 -57.09 20.84 30.03
CA GLY B 142 -58.29 21.49 29.57
C GLY B 142 -59.34 21.67 30.65
N GLU B 143 -60.58 21.28 30.36
CA GLU B 143 -61.69 21.47 31.28
C GLU B 143 -62.43 20.16 31.46
N ILE B 144 -62.60 19.74 32.72
CA ILE B 144 -63.18 18.43 33.02
C ILE B 144 -64.62 18.37 32.55
N VAL B 145 -65.00 17.21 32.01
CA VAL B 145 -66.35 17.01 31.49
C VAL B 145 -66.96 15.82 32.20
N ALA B 146 -66.12 14.87 32.60
CA ALA B 146 -66.63 13.69 33.30
C ALA B 146 -65.48 12.98 34.00
N SER B 147 -65.80 12.28 35.09
CA SER B 147 -64.76 11.65 35.91
C SER B 147 -65.38 10.50 36.71
N GLN B 148 -65.32 9.29 36.14
CA GLN B 148 -65.65 8.07 36.87
C GLN B 148 -64.40 7.57 37.58
N ARG B 149 -64.22 8.00 38.82
CA ARG B 149 -63.05 7.63 39.60
C ARG B 149 -63.10 6.15 39.99
N VAL B 150 -61.92 5.57 40.18
CA VAL B 150 -61.76 4.17 40.54
C VAL B 150 -60.80 4.09 41.73
N ALA B 151 -61.06 3.13 42.62
CA ALA B 151 -60.26 2.94 43.82
C ALA B 151 -59.19 1.88 43.57
N ILE B 152 -58.00 2.12 44.13
CA ILE B 152 -56.87 1.20 44.01
C ILE B 152 -56.84 0.33 45.27
N ALA B 153 -57.05 -0.97 45.08
CA ALA B 153 -57.05 -1.89 46.22
C ALA B 153 -55.62 -2.13 46.70
N GLN B 154 -55.52 -2.83 47.83
CA GLN B 154 -54.21 -3.14 48.40
C GLN B 154 -53.47 -4.19 47.59
N ASP B 155 -54.17 -4.96 46.76
CA ASP B 155 -53.57 -6.01 45.96
C ASP B 155 -53.44 -5.66 44.49
N ASP B 156 -54.04 -4.56 44.04
CA ASP B 156 -54.10 -4.25 42.63
C ASP B 156 -52.71 -4.13 42.01
N VAL B 157 -52.57 -4.63 40.80
CA VAL B 157 -51.31 -4.54 40.06
C VAL B 157 -51.57 -3.83 38.74
N ALA B 158 -50.57 -3.85 37.84
CA ALA B 158 -50.64 -3.06 36.62
C ALA B 158 -51.78 -3.53 35.72
N LEU B 159 -51.76 -4.80 35.32
CA LEU B 159 -52.79 -5.31 34.41
C LEU B 159 -54.18 -5.21 35.03
N THR B 160 -54.30 -5.53 36.32
CA THR B 160 -55.60 -5.48 36.97
C THR B 160 -56.16 -4.05 36.99
N LEU B 161 -55.34 -3.09 37.42
CA LEU B 161 -55.81 -1.70 37.44
C LEU B 161 -56.01 -1.17 36.03
N HIS B 162 -55.30 -1.71 35.05
CA HIS B 162 -55.54 -1.33 33.66
C HIS B 162 -56.96 -1.70 33.25
N HIS B 163 -57.30 -3.00 33.35
CA HIS B 163 -58.65 -3.43 33.01
C HIS B 163 -59.70 -2.77 33.88
N LYS B 164 -59.35 -2.44 35.12
CA LYS B 164 -60.31 -1.77 36.00
C LYS B 164 -60.56 -0.35 35.55
N LEU B 165 -59.50 0.41 35.25
CA LEU B 165 -59.67 1.76 34.71
C LEU B 165 -60.23 1.71 33.29
N CYS B 166 -59.91 0.65 32.54
CA CYS B 166 -60.50 0.50 31.21
C CYS B 166 -62.01 0.33 31.29
N GLN B 167 -62.49 -0.47 32.26
CA GLN B 167 -63.92 -0.58 32.48
C GLN B 167 -64.51 0.77 32.90
N ALA B 168 -63.75 1.57 33.64
CA ALA B 168 -64.23 2.89 34.05
C ALA B 168 -64.50 3.78 32.85
N ALA B 169 -63.58 3.80 31.88
CA ALA B 169 -63.78 4.61 30.68
C ALA B 169 -64.95 4.09 29.86
N ARG B 170 -64.97 2.77 29.61
CA ARG B 170 -66.06 2.16 28.85
C ARG B 170 -67.42 2.42 29.51
N GLN B 171 -67.42 2.62 30.82
CA GLN B 171 -68.64 2.89 31.57
C GLN B 171 -69.00 4.38 31.58
N LEU B 172 -67.99 5.26 31.61
CA LEU B 172 -68.25 6.69 31.63
C LEU B 172 -68.74 7.18 30.28
N LEU B 173 -68.20 6.62 29.20
CA LEU B 173 -68.58 7.03 27.85
C LEU B 173 -69.93 6.50 27.42
N ASN B 174 -70.65 5.80 28.30
CA ASN B 174 -72.03 5.40 28.05
C ASN B 174 -73.03 6.37 28.63
N SER B 175 -72.59 7.47 29.23
CA SER B 175 -73.49 8.42 29.87
C SER B 175 -73.27 9.83 29.35
N ILE B 176 -72.07 10.38 29.61
CA ILE B 176 -71.78 11.75 29.20
C ILE B 176 -71.71 11.88 27.68
N LEU B 177 -71.39 10.80 26.98
CA LEU B 177 -71.22 10.83 25.53
C LEU B 177 -72.55 10.99 24.77
N PRO B 178 -73.61 10.27 25.13
CA PRO B 178 -74.92 10.56 24.50
C PRO B 178 -75.44 11.96 24.80
N THR B 179 -74.99 12.57 25.90
CA THR B 179 -75.42 13.92 26.21
C THR B 179 -74.64 14.97 25.43
N MET B 180 -73.38 14.70 25.12
CA MET B 180 -72.54 15.63 24.38
C MET B 180 -72.95 15.78 22.92
N LYS B 181 -73.89 14.95 22.45
CA LYS B 181 -74.32 14.98 21.06
C LYS B 181 -75.15 16.23 20.73
N CYS B 182 -75.62 16.96 21.74
CA CYS B 182 -76.52 18.09 21.52
C CYS B 182 -75.81 19.45 21.53
N GLY B 183 -74.54 19.51 21.98
CA GLY B 183 -73.80 20.74 21.93
C GLY B 183 -73.76 21.49 23.25
N ASP B 184 -73.48 20.76 24.33
CA ASP B 184 -73.38 21.34 25.66
C ASP B 184 -71.94 21.25 26.16
N ILE B 185 -71.56 22.20 27.02
CA ILE B 185 -70.20 22.27 27.53
C ILE B 185 -70.17 22.33 29.05
N PRO B 186 -70.72 21.32 29.76
CA PRO B 186 -70.67 21.38 31.23
C PRO B 186 -69.26 21.17 31.76
N SER B 187 -68.37 22.12 31.48
CA SER B 187 -66.95 21.97 31.75
C SER B 187 -66.51 22.84 32.92
N VAL B 188 -65.33 22.52 33.45
CA VAL B 188 -64.77 23.20 34.62
C VAL B 188 -63.25 23.32 34.43
N PRO B 189 -62.67 24.51 34.59
CA PRO B 189 -61.21 24.64 34.46
C PRO B 189 -60.47 23.89 35.57
N GLN B 190 -59.14 23.91 35.53
CA GLN B 190 -58.32 23.19 36.49
C GLN B 190 -57.46 24.16 37.28
N ARG B 191 -57.39 23.93 38.59
CA ARG B 191 -56.52 24.73 39.45
C ARG B 191 -55.06 24.47 39.06
N GLU B 192 -54.43 25.44 38.39
CA GLU B 192 -53.12 25.26 37.80
C GLU B 192 -51.99 25.21 38.83
N SER B 193 -52.32 25.03 40.12
CA SER B 193 -51.37 24.59 41.12
C SER B 193 -51.53 23.12 41.48
N ASP B 194 -52.74 22.58 41.31
CA ASP B 194 -53.02 21.16 41.57
C ASP B 194 -52.73 20.36 40.30
N SER B 195 -51.45 20.32 39.93
CA SER B 195 -51.05 19.65 38.71
C SER B 195 -49.74 18.91 38.90
N THR B 196 -49.61 17.79 38.19
CA THR B 196 -48.40 16.97 38.17
C THR B 196 -48.26 16.37 36.80
N TYR B 197 -47.15 16.63 36.11
CA TYR B 197 -46.95 16.13 34.75
C TYR B 197 -45.79 15.14 34.79
N TYR B 198 -46.03 13.96 35.37
CA TYR B 198 -45.01 12.93 35.43
C TYR B 198 -44.73 12.39 34.04
N GLY B 199 -43.46 12.46 33.62
CA GLY B 199 -43.08 12.10 32.28
C GLY B 199 -42.87 10.61 32.09
N ARG B 200 -42.41 10.27 30.89
CA ARG B 200 -42.26 8.86 30.49
C ARG B 200 -41.30 8.14 31.43
N ARG B 201 -41.55 6.85 31.62
CA ARG B 201 -40.65 5.98 32.37
C ARG B 201 -39.60 5.39 31.44
N ARG B 202 -38.31 5.54 31.83
CA ARG B 202 -37.18 4.94 31.15
C ARG B 202 -36.83 3.61 31.85
N PRO B 203 -36.27 2.62 31.13
CA PRO B 203 -35.94 1.35 31.80
C PRO B 203 -35.03 1.47 33.01
N GLU B 204 -34.24 2.55 33.14
CA GLU B 204 -33.39 2.72 34.31
C GLU B 204 -34.21 3.29 35.46
N ASP B 205 -35.52 3.07 35.43
CA ASP B 205 -36.42 3.51 36.50
C ASP B 205 -37.09 2.38 37.24
N GLY B 206 -37.27 1.21 36.62
CA GLY B 206 -37.82 0.06 37.30
C GLY B 206 -36.80 -0.63 38.19
N LEU B 207 -35.75 0.09 38.56
CA LEU B 207 -34.70 -0.42 39.42
C LEU B 207 -35.11 -0.25 40.88
N ILE B 208 -34.79 -1.25 41.68
CA ILE B 208 -35.22 -1.31 43.08
C ILE B 208 -34.22 -0.58 43.96
N ASP B 209 -34.72 0.20 44.90
CA ASP B 209 -33.91 0.82 45.95
C ASP B 209 -34.36 0.22 47.28
N TRP B 210 -33.55 -0.68 47.83
CA TRP B 210 -33.92 -1.42 49.02
C TRP B 210 -33.84 -0.61 50.31
N HIS B 211 -33.28 0.60 50.27
CA HIS B 211 -33.16 1.43 51.47
C HIS B 211 -34.40 2.26 51.74
N LYS B 212 -35.52 1.94 51.11
CA LYS B 212 -36.79 2.61 51.27
C LYS B 212 -37.78 1.66 51.95
N PRO B 213 -38.96 2.16 52.35
CA PRO B 213 -39.97 1.27 52.93
C PRO B 213 -40.32 0.12 51.99
N VAL B 214 -40.65 -1.03 52.60
CA VAL B 214 -41.14 -2.16 51.82
C VAL B 214 -42.41 -1.79 51.06
N SER B 215 -43.22 -0.89 51.63
CA SER B 215 -44.38 -0.38 50.91
C SER B 215 -43.95 0.25 49.58
N THR B 216 -42.87 1.04 49.60
CA THR B 216 -42.39 1.66 48.38
C THR B 216 -41.95 0.61 47.36
N VAL B 217 -41.17 -0.37 47.80
CA VAL B 217 -40.67 -1.40 46.89
C VAL B 217 -41.82 -2.23 46.34
N HIS B 218 -42.75 -2.63 47.21
CA HIS B 218 -43.93 -3.38 46.75
C HIS B 218 -44.75 -2.55 45.76
N ASN B 219 -44.90 -1.25 46.03
CA ASN B 219 -45.60 -0.37 45.10
C ASN B 219 -44.92 -0.36 43.74
N LEU B 220 -43.58 -0.33 43.73
CA LEU B 220 -42.86 -0.36 42.46
C LEU B 220 -43.09 -1.68 41.75
N VAL B 221 -42.93 -2.80 42.45
CA VAL B 221 -43.09 -4.12 41.85
C VAL B 221 -44.48 -4.25 41.23
N ARG B 222 -45.51 -3.76 41.92
CA ARG B 222 -46.85 -3.81 41.36
C ARG B 222 -46.99 -2.88 40.17
N ALA B 223 -46.30 -1.74 40.18
CA ALA B 223 -46.42 -0.76 39.11
C ALA B 223 -45.90 -1.28 37.78
N VAL B 224 -45.04 -2.30 37.80
CA VAL B 224 -44.43 -2.79 36.57
C VAL B 224 -44.59 -4.31 36.48
N ALA B 225 -45.52 -4.85 37.27
CA ALA B 225 -45.86 -6.26 37.12
C ALA B 225 -46.31 -6.55 35.69
N ALA B 226 -46.11 -7.79 35.27
CA ALA B 226 -46.32 -8.24 33.89
C ALA B 226 -47.60 -7.71 33.29
N PRO B 227 -47.62 -7.39 32.00
CA PRO B 227 -46.53 -7.50 31.02
C PRO B 227 -45.64 -6.26 30.94
N TRP B 228 -45.32 -5.63 32.06
CA TRP B 228 -44.43 -4.49 32.10
C TRP B 228 -43.01 -4.93 32.46
N PRO B 229 -42.01 -4.07 32.27
CA PRO B 229 -40.61 -4.48 32.52
C PRO B 229 -40.36 -5.13 33.87
N GLY B 230 -41.14 -4.81 34.90
CA GLY B 230 -40.94 -5.42 36.19
C GLY B 230 -39.79 -4.83 36.98
N ALA B 231 -39.94 -4.76 38.30
CA ALA B 231 -38.87 -4.27 39.15
C ALA B 231 -37.68 -5.22 39.07
N PHE B 232 -36.49 -4.70 39.36
CA PHE B 232 -35.29 -5.52 39.24
C PHE B 232 -34.18 -4.93 40.10
N SER B 233 -33.23 -5.81 40.43
CA SER B 233 -31.97 -5.41 41.07
C SER B 233 -30.90 -6.40 40.61
N TYR B 234 -29.75 -6.39 41.28
CA TYR B 234 -28.60 -7.16 40.84
C TYR B 234 -27.99 -7.89 42.03
N ASN B 235 -27.96 -9.22 41.96
CA ASN B 235 -27.11 -10.01 42.84
C ASN B 235 -25.74 -10.09 42.20
N GLY B 236 -24.74 -9.51 42.85
CA GLY B 236 -23.42 -9.40 42.25
C GLY B 236 -23.48 -8.63 40.95
N SER B 237 -23.61 -9.36 39.84
CA SER B 237 -23.74 -8.75 38.51
C SER B 237 -24.84 -9.40 37.69
N GLN B 238 -25.81 -10.05 38.34
CA GLN B 238 -26.88 -10.77 37.66
C GLN B 238 -28.18 -9.99 37.82
N LYS B 239 -28.61 -9.34 36.73
CA LYS B 239 -29.89 -8.63 36.73
C LYS B 239 -31.03 -9.63 36.81
N PHE B 240 -31.82 -9.56 37.89
CA PHE B 240 -32.99 -10.41 38.05
C PHE B 240 -34.18 -9.54 38.39
N THR B 241 -35.34 -9.89 37.83
CA THR B 241 -36.57 -9.14 38.04
C THR B 241 -37.43 -9.81 39.11
N ILE B 242 -38.39 -9.04 39.61
CA ILE B 242 -39.32 -9.49 40.63
C ILE B 242 -40.73 -9.18 40.12
N TRP B 243 -41.47 -10.21 39.72
CA TRP B 243 -42.78 -10.02 39.10
C TRP B 243 -43.86 -9.74 40.14
N SER B 244 -43.76 -10.35 41.32
CA SER B 244 -44.79 -10.21 42.34
C SER B 244 -44.14 -10.33 43.70
N SER B 245 -44.64 -9.57 44.67
CA SER B 245 -44.05 -9.53 46.00
C SER B 245 -45.15 -9.36 47.05
N ARG B 246 -44.74 -9.40 48.32
CA ARG B 246 -45.64 -9.24 49.45
C ARG B 246 -44.97 -8.37 50.49
N MET B 247 -45.65 -7.30 50.90
CA MET B 247 -45.13 -6.40 51.91
C MET B 247 -45.13 -7.10 53.26
N CYS B 248 -43.95 -7.56 53.69
CA CYS B 248 -43.84 -8.27 54.96
C CYS B 248 -43.22 -7.35 56.00
N PRO B 249 -44.01 -6.82 56.95
CA PRO B 249 -43.45 -5.85 57.92
C PRO B 249 -42.40 -6.44 58.84
N ASP B 250 -42.18 -7.75 58.82
CA ASP B 250 -41.16 -8.37 59.65
C ASP B 250 -39.78 -7.79 59.33
N ALA B 251 -39.28 -6.90 60.20
CA ALA B 251 -37.96 -6.31 59.97
C ALA B 251 -36.87 -7.36 59.99
N GLN B 252 -36.97 -8.33 60.89
CA GLN B 252 -35.99 -9.41 61.07
C GLN B 252 -34.57 -8.83 60.99
N GLY B 253 -34.25 -8.02 62.00
CA GLY B 253 -33.00 -7.29 62.14
C GLY B 253 -31.94 -7.53 61.08
N ALA B 254 -32.10 -6.90 59.92
CA ALA B 254 -31.18 -7.09 58.82
C ALA B 254 -30.99 -5.77 58.08
N LEU B 255 -29.80 -5.60 57.53
CA LEU B 255 -29.43 -4.37 56.84
C LEU B 255 -30.10 -4.32 55.46
N PRO B 256 -30.57 -3.14 55.03
CA PRO B 256 -31.23 -3.03 53.72
C PRO B 256 -30.44 -3.67 52.60
N GLY B 257 -31.08 -4.62 51.90
CA GLY B 257 -30.46 -5.39 50.85
C GLY B 257 -30.09 -6.80 51.25
N SER B 258 -30.04 -7.09 52.55
CA SER B 258 -29.64 -8.40 53.03
C SER B 258 -30.75 -9.42 52.80
N VAL B 259 -30.36 -10.62 52.40
CA VAL B 259 -31.30 -11.72 52.26
C VAL B 259 -31.56 -12.31 53.64
N ILE B 260 -32.83 -12.55 53.94
CA ILE B 260 -33.23 -13.11 55.23
C ILE B 260 -33.48 -14.60 55.12
N SER B 261 -34.43 -14.99 54.28
CA SER B 261 -34.74 -16.40 54.05
C SER B 261 -34.72 -16.65 52.55
N VAL B 262 -34.49 -17.91 52.19
CA VAL B 262 -34.50 -18.33 50.79
C VAL B 262 -35.77 -19.04 50.39
N SER B 263 -36.65 -19.34 51.35
CA SER B 263 -37.92 -20.01 51.12
C SER B 263 -38.77 -19.86 52.37
N PRO B 264 -39.52 -18.75 52.50
CA PRO B 264 -39.78 -17.70 51.52
C PRO B 264 -38.63 -16.72 51.30
N LEU B 265 -38.38 -16.36 50.04
CA LEU B 265 -37.38 -15.35 49.73
C LEU B 265 -37.77 -14.01 50.34
N ARG B 266 -36.93 -13.50 51.24
CA ARG B 266 -37.21 -12.25 51.92
C ARG B 266 -35.96 -11.39 51.95
N VAL B 267 -36.08 -10.15 51.45
CA VAL B 267 -34.99 -9.19 51.42
C VAL B 267 -35.36 -8.04 52.35
N ALA B 268 -34.41 -7.63 53.18
CA ALA B 268 -34.65 -6.58 54.16
C ALA B 268 -34.60 -5.21 53.51
N CYS B 269 -35.51 -4.33 53.92
CA CYS B 269 -35.52 -2.93 53.50
C CYS B 269 -35.35 -2.04 54.72
N ALA B 270 -35.53 -0.73 54.52
CA ALA B 270 -35.37 0.21 55.62
C ALA B 270 -36.30 -0.12 56.77
N ASP B 271 -37.50 -0.62 56.47
CA ASP B 271 -38.43 -1.07 57.50
C ASP B 271 -39.11 -2.33 57.00
N GLY B 272 -38.97 -3.42 57.75
CA GLY B 272 -39.59 -4.67 57.37
C GLY B 272 -38.76 -5.51 56.41
N ALA B 273 -39.43 -6.14 55.45
CA ALA B 273 -38.79 -6.98 54.45
C ALA B 273 -39.75 -7.21 53.30
N LEU B 274 -39.20 -7.34 52.09
CA LEU B 274 -40.00 -7.68 50.93
C LEU B 274 -39.88 -9.17 50.64
N GLU B 275 -41.03 -9.79 50.37
CA GLU B 275 -41.08 -11.23 50.10
C GLU B 275 -41.31 -11.43 48.60
N ILE B 276 -40.31 -11.99 47.92
CA ILE B 276 -40.34 -12.15 46.47
C ILE B 276 -41.07 -13.45 46.14
N ILE B 277 -42.22 -13.32 45.47
CA ILE B 277 -43.01 -14.49 45.12
C ILE B 277 -42.48 -15.13 43.84
N THR B 278 -42.32 -14.34 42.78
CA THR B 278 -41.83 -14.85 41.49
C THR B 278 -40.78 -13.90 40.95
N GLY B 279 -40.24 -14.24 39.79
CA GLY B 279 -39.19 -13.47 39.18
C GLY B 279 -38.36 -14.34 38.26
N GLN B 280 -37.40 -13.70 37.60
CA GLN B 280 -36.51 -14.37 36.66
C GLN B 280 -35.08 -13.96 36.92
N ALA B 281 -34.17 -14.94 36.90
CA ALA B 281 -32.74 -14.66 36.99
C ALA B 281 -32.21 -14.54 35.56
N GLY B 282 -32.19 -13.30 35.06
CA GLY B 282 -31.83 -13.07 33.68
C GLY B 282 -33.04 -13.18 32.78
N ASP B 283 -32.83 -13.59 31.53
CA ASP B 283 -33.93 -13.78 30.58
C ASP B 283 -34.47 -15.20 30.59
N ASP B 284 -34.01 -16.05 31.51
CA ASP B 284 -34.59 -17.37 31.67
C ASP B 284 -36.01 -17.21 32.22
N ILE B 285 -36.78 -18.31 32.17
CA ILE B 285 -38.21 -18.30 32.47
C ILE B 285 -38.51 -17.72 33.84
N THR B 286 -39.75 -17.26 34.03
CA THR B 286 -40.20 -16.82 35.34
C THR B 286 -40.37 -18.02 36.25
N VAL B 287 -39.86 -17.91 37.48
CA VAL B 287 -39.78 -19.05 38.40
C VAL B 287 -40.33 -18.65 39.76
N GLN B 288 -40.48 -19.66 40.62
CA GLN B 288 -40.94 -19.47 41.98
C GLN B 288 -39.85 -18.80 42.82
N GLY B 289 -40.27 -18.09 43.87
CA GLY B 289 -39.33 -17.34 44.69
C GLY B 289 -38.20 -18.17 45.24
N SER B 290 -38.50 -19.39 45.69
CA SER B 290 -37.45 -20.29 46.15
C SER B 290 -36.56 -20.72 44.99
N GLN B 291 -37.17 -21.18 43.90
CA GLN B 291 -36.41 -21.51 42.69
C GLN B 291 -35.68 -20.29 42.15
N LEU B 292 -36.22 -19.09 42.39
CA LEU B 292 -35.55 -17.86 41.99
C LEU B 292 -34.25 -17.67 42.77
N ALA B 293 -34.29 -17.88 44.08
CA ALA B 293 -33.08 -17.81 44.91
C ALA B 293 -32.17 -19.01 44.71
N GLN B 294 -32.61 -20.03 43.97
CA GLN B 294 -31.75 -21.18 43.68
C GLN B 294 -30.87 -20.91 42.47
N THR B 295 -31.47 -20.53 41.35
CA THR B 295 -30.68 -20.21 40.16
C THR B 295 -29.77 -19.00 40.40
N LEU B 296 -30.14 -18.13 41.33
CA LEU B 296 -29.26 -17.05 41.73
C LEU B 296 -28.21 -17.50 42.74
N GLY B 297 -28.40 -18.65 43.36
CA GLY B 297 -27.47 -19.14 44.36
C GLY B 297 -27.40 -18.23 45.58
N LEU B 298 -28.55 -17.77 46.04
CA LEU B 298 -28.60 -16.84 47.17
C LEU B 298 -28.53 -17.61 48.48
N VAL B 299 -27.98 -16.97 49.51
CA VAL B 299 -27.88 -17.60 50.83
C VAL B 299 -28.35 -16.61 51.89
N ALA B 300 -27.58 -15.54 52.11
CA ALA B 300 -27.88 -14.57 53.16
C ALA B 300 -27.00 -13.34 53.03
N GLY B 301 -26.71 -12.94 51.79
CA GLY B 301 -25.90 -11.77 51.53
C GLY B 301 -26.74 -10.56 51.17
N ALA B 302 -26.06 -9.49 50.81
CA ALA B 302 -26.73 -8.24 50.45
C ALA B 302 -27.04 -8.22 48.97
N ARG B 303 -27.64 -7.11 48.52
CA ARG B 303 -27.90 -6.95 47.09
C ARG B 303 -26.75 -6.23 46.40
N LEU B 304 -27.06 -5.17 45.64
CA LEU B 304 -26.08 -4.42 44.86
C LEU B 304 -24.77 -4.19 45.59
N ARG B 314 -10.74 3.21 37.21
CA ARG B 314 -10.10 3.63 35.97
C ARG B 314 -10.63 5.00 35.53
N ARG B 315 -9.72 5.90 35.18
CA ARG B 315 -10.09 7.24 34.74
C ARG B 315 -10.27 7.29 33.23
N ILE B 316 -10.79 8.42 32.76
CA ILE B 316 -11.20 8.58 31.37
C ILE B 316 -10.03 9.08 30.54
N ARG B 317 -9.85 8.49 29.36
CA ARG B 317 -8.76 8.83 28.45
C ARG B 317 -9.31 9.73 27.35
N VAL B 318 -8.84 10.98 27.33
CA VAL B 318 -9.25 11.96 26.34
C VAL B 318 -8.09 12.20 25.40
N LEU B 319 -8.31 11.94 24.12
CA LEU B 319 -7.27 12.08 23.12
C LEU B 319 -7.49 13.43 22.46
N ILE B 320 -6.46 14.29 22.48
CA ILE B 320 -6.57 15.64 21.92
C ILE B 320 -5.55 15.77 20.80
N LEU B 321 -6.03 15.81 19.55
CA LEU B 321 -5.20 16.03 18.36
C LEU B 321 -5.01 17.51 18.13
N GLY B 322 -3.82 18.02 18.48
CA GLY B 322 -3.59 19.45 18.43
C GLY B 322 -3.62 20.07 19.81
N VAL B 323 -3.02 19.37 20.78
CA VAL B 323 -3.02 19.83 22.16
C VAL B 323 -2.41 21.24 22.27
N ASN B 324 -1.40 21.51 21.45
CA ASN B 324 -0.76 22.83 21.43
C ASN B 324 -1.49 23.67 20.39
N GLY B 325 -2.56 24.31 20.83
CA GLY B 325 -3.35 25.12 19.91
C GLY B 325 -4.39 25.92 20.64
N PHE B 326 -5.20 26.61 19.83
CA PHE B 326 -6.27 27.49 20.29
C PHE B 326 -7.14 26.85 21.36
N ILE B 327 -7.93 25.83 20.99
CA ILE B 327 -8.74 25.12 21.99
C ILE B 327 -7.86 24.21 22.83
N GLY B 328 -7.04 23.39 22.16
CA GLY B 328 -6.26 22.34 22.81
C GLY B 328 -5.54 22.74 24.08
N ASN B 329 -4.92 23.92 24.08
CA ASN B 329 -4.22 24.40 25.26
C ASN B 329 -5.19 24.57 26.43
N HIS B 330 -6.26 25.34 26.22
CA HIS B 330 -7.19 25.63 27.31
C HIS B 330 -8.03 24.41 27.67
N LEU B 331 -8.27 23.52 26.70
CA LEU B 331 -9.02 22.30 27.01
C LEU B 331 -8.19 21.35 27.87
N THR B 332 -6.89 21.23 27.57
CA THR B 332 -6.05 20.36 28.38
C THR B 332 -5.96 20.86 29.81
N GLU B 333 -5.96 22.19 29.98
CA GLU B 333 -5.93 22.77 31.32
C GLU B 333 -7.19 22.43 32.11
N ARG B 334 -8.35 22.56 31.47
CA ARG B 334 -9.61 22.30 32.17
C ARG B 334 -9.78 20.83 32.50
N LEU B 335 -9.54 19.94 31.53
CA LEU B 335 -9.60 18.51 31.78
C LEU B 335 -8.59 18.08 32.84
N LEU B 336 -7.48 18.81 32.95
CA LEU B 336 -6.42 18.40 33.87
C LEU B 336 -6.77 18.77 35.30
N ASN B 337 -7.39 19.93 35.52
CA ASN B 337 -7.75 20.35 36.87
C ASN B 337 -8.72 19.38 37.52
N GLU B 338 -9.67 18.86 36.74
CA GLU B 338 -10.51 17.78 37.25
C GLU B 338 -9.65 16.54 37.51
N GLU B 339 -9.86 15.91 38.66
CA GLU B 339 -8.93 14.89 39.14
C GLU B 339 -8.84 13.71 38.18
N ASN B 340 -9.98 13.21 37.71
CA ASN B 340 -10.06 11.89 37.07
C ASN B 340 -9.99 11.97 35.55
N TYR B 341 -8.95 12.62 35.00
CA TYR B 341 -8.81 12.68 33.56
C TYR B 341 -7.37 12.47 33.14
N GLU B 342 -7.18 11.50 32.23
CA GLU B 342 -5.89 11.24 31.59
C GLU B 342 -5.98 11.77 30.17
N VAL B 343 -5.31 12.88 29.91
CA VAL B 343 -5.37 13.54 28.62
C VAL B 343 -4.11 13.22 27.83
N TYR B 344 -4.28 12.74 26.61
CA TYR B 344 -3.20 12.44 25.69
C TYR B 344 -3.26 13.44 24.54
N GLY B 345 -2.24 14.28 24.43
CA GLY B 345 -2.26 15.33 23.42
C GLY B 345 -1.17 15.19 22.38
N MET B 346 -1.54 15.15 21.10
CA MET B 346 -0.60 14.92 20.02
C MET B 346 -0.40 16.22 19.25
N ASP B 347 0.84 16.56 18.95
CA ASP B 347 1.12 17.77 18.19
C ASP B 347 2.56 17.73 17.69
N ILE B 348 2.85 18.61 16.74
CA ILE B 348 4.21 18.75 16.21
C ILE B 348 5.13 19.48 17.17
N GLY B 349 4.59 20.34 18.02
CA GLY B 349 5.41 21.06 18.98
C GLY B 349 4.63 21.36 20.24
N SER B 350 5.36 21.56 21.34
CA SER B 350 4.77 21.90 22.62
C SER B 350 5.07 23.33 23.03
N ASN B 351 5.28 24.22 22.05
CA ASN B 351 5.78 25.57 22.31
C ASN B 351 4.80 26.45 23.06
N ALA B 352 3.64 25.90 23.44
CA ALA B 352 2.70 26.64 24.26
C ALA B 352 2.00 25.80 25.31
N ILE B 353 2.32 24.51 25.43
CA ILE B 353 1.71 23.69 26.46
C ILE B 353 2.80 23.34 27.47
N SER B 354 3.78 24.25 27.61
CA SER B 354 4.92 24.01 28.48
C SER B 354 4.54 23.87 29.94
N ARG B 355 3.37 24.39 30.34
CA ARG B 355 3.03 24.44 31.76
C ARG B 355 2.61 23.08 32.32
N PHE B 356 2.04 22.19 31.49
CA PHE B 356 1.62 20.89 31.98
C PHE B 356 2.35 19.73 31.32
N LEU B 357 3.47 19.97 30.64
CA LEU B 357 4.23 18.89 30.04
C LEU B 357 4.61 17.85 31.09
N LEU B 358 5.10 18.31 32.24
CA LEU B 358 5.51 17.46 33.34
C LEU B 358 4.34 17.00 34.22
N HIS B 359 3.12 17.39 33.88
CA HIS B 359 1.98 17.06 34.73
C HIS B 359 1.67 15.58 34.59
N PRO B 360 1.57 14.83 35.70
CA PRO B 360 1.41 13.37 35.58
C PRO B 360 0.15 12.93 34.85
N ARG B 361 -0.94 13.68 34.98
CA ARG B 361 -2.21 13.33 34.35
C ARG B 361 -2.28 13.76 32.89
N PHE B 362 -1.18 14.22 32.32
CA PHE B 362 -1.10 14.61 30.92
C PHE B 362 0.14 13.99 30.30
N HIS B 363 -0.02 13.36 29.14
CA HIS B 363 1.11 12.85 28.37
C HIS B 363 1.10 13.47 27.00
N PHE B 364 2.16 14.22 26.68
CA PHE B 364 2.34 14.70 25.32
C PHE B 364 2.85 13.57 24.43
N VAL B 365 2.52 13.65 23.16
CA VAL B 365 2.93 12.61 22.21
C VAL B 365 3.17 13.30 20.86
N GLU B 366 4.28 12.94 20.21
CA GLU B 366 4.67 13.61 18.99
C GLU B 366 3.91 13.04 17.80
N GLY B 367 3.39 13.92 16.95
CA GLY B 367 2.67 13.47 15.77
C GLY B 367 2.06 14.56 14.92
N ASP B 368 1.91 14.26 13.63
CA ASP B 368 1.23 15.11 12.67
C ASP B 368 0.22 14.24 11.93
N ILE B 369 -1.04 14.65 11.91
CA ILE B 369 -2.06 13.84 11.28
C ILE B 369 -1.90 13.80 9.76
N SER B 370 -1.06 14.67 9.20
CA SER B 370 -0.78 14.62 7.77
C SER B 370 0.20 13.49 7.44
N ILE B 371 1.04 13.10 8.39
CA ILE B 371 2.04 12.08 8.12
C ILE B 371 1.64 10.76 8.79
N HIS B 372 1.54 10.78 10.11
CA HIS B 372 1.23 9.56 10.85
C HIS B 372 -0.16 9.05 10.50
N SER B 373 -0.23 7.76 10.18
CA SER B 373 -1.49 7.06 9.99
C SER B 373 -1.58 5.81 10.86
N GLU B 374 -0.53 5.47 11.61
CA GLU B 374 -0.51 4.33 12.52
C GLU B 374 -0.64 4.78 13.97
N TRP B 375 0.26 5.69 14.38
CA TRP B 375 0.26 6.18 15.76
C TRP B 375 -1.09 6.78 16.11
N ILE B 376 -1.73 7.44 15.15
CA ILE B 376 -3.05 8.01 15.38
C ILE B 376 -4.02 6.92 15.76
N GLU B 377 -4.08 5.86 14.94
CA GLU B 377 -5.00 4.75 15.15
C GLU B 377 -4.72 4.06 16.48
N TYR B 378 -3.44 3.83 16.80
CA TYR B 378 -3.08 3.24 18.08
C TYR B 378 -3.63 4.06 19.24
N HIS B 379 -3.40 5.38 19.21
CA HIS B 379 -3.83 6.22 20.32
C HIS B 379 -5.34 6.30 20.41
N VAL B 380 -6.03 6.30 19.27
CA VAL B 380 -7.49 6.31 19.27
C VAL B 380 -8.02 5.07 19.98
N LYS B 381 -7.33 3.94 19.81
CA LYS B 381 -7.67 2.74 20.57
C LYS B 381 -7.43 2.95 22.05
N LYS B 382 -6.29 3.55 22.40
CA LYS B 382 -5.89 3.68 23.79
C LYS B 382 -6.80 4.60 24.59
N CYS B 383 -7.57 5.46 23.94
CA CYS B 383 -8.33 6.51 24.60
C CYS B 383 -9.83 6.20 24.59
N ASP B 384 -10.59 7.13 25.15
CA ASP B 384 -12.04 6.99 25.33
C ASP B 384 -12.83 8.00 24.51
N VAL B 385 -12.37 9.24 24.41
CA VAL B 385 -12.98 10.26 23.57
C VAL B 385 -11.90 10.92 22.74
N VAL B 386 -12.25 11.31 21.52
CA VAL B 386 -11.30 11.86 20.55
C VAL B 386 -11.75 13.25 20.15
N LEU B 387 -10.82 14.20 20.16
CA LEU B 387 -11.09 15.59 19.82
C LEU B 387 -10.07 16.04 18.78
N PRO B 388 -10.35 15.81 17.49
CA PRO B 388 -9.42 16.20 16.40
C PRO B 388 -9.40 17.71 16.17
N LEU B 389 -8.73 18.42 17.08
CA LEU B 389 -8.70 19.88 17.05
C LEU B 389 -7.73 20.44 16.02
N VAL B 390 -7.06 19.60 15.24
CA VAL B 390 -6.20 20.09 14.18
C VAL B 390 -7.06 20.48 12.99
N ALA B 391 -6.84 21.71 12.49
CA ALA B 391 -7.62 22.29 11.40
C ALA B 391 -7.10 23.69 11.12
N ILE B 392 -6.90 24.03 9.85
CA ILE B 392 -6.46 25.36 9.47
C ILE B 392 -7.70 26.21 9.18
N ALA B 393 -7.90 27.26 9.98
CA ALA B 393 -9.19 27.94 10.02
C ALA B 393 -8.99 29.46 10.00
N THR B 394 -8.33 29.95 8.96
CA THR B 394 -8.12 31.37 8.77
C THR B 394 -8.69 31.79 7.42
N PRO B 395 -9.53 32.82 7.38
CA PRO B 395 -10.21 33.19 6.12
C PRO B 395 -9.30 33.37 4.93
N ILE B 396 -8.06 33.81 5.15
CA ILE B 396 -7.15 34.08 4.04
C ILE B 396 -6.68 32.77 3.41
N GLU B 397 -6.40 31.75 4.23
CA GLU B 397 -5.91 30.49 3.71
C GLU B 397 -6.93 29.76 2.84
N TYR B 398 -8.21 30.09 2.99
CA TYR B 398 -9.22 29.44 2.16
C TYR B 398 -9.04 29.79 0.69
N THR B 399 -8.77 31.07 0.40
CA THR B 399 -8.47 31.46 -0.97
C THR B 399 -7.01 31.23 -1.33
N ARG B 400 -6.11 31.40 -0.36
CA ARG B 400 -4.68 31.21 -0.63
C ARG B 400 -4.37 29.76 -0.97
N ASN B 401 -4.65 28.85 -0.05
CA ASN B 401 -4.34 27.43 -0.22
C ASN B 401 -5.62 26.61 -0.04
N PRO B 402 -6.54 26.68 -1.00
CA PRO B 402 -7.79 25.92 -0.86
C PRO B 402 -7.58 24.41 -0.82
N LEU B 403 -6.65 23.91 -1.63
CA LEU B 403 -6.37 22.47 -1.62
C LEU B 403 -5.76 22.05 -0.29
N ARG B 404 -4.83 22.85 0.24
CA ARG B 404 -4.26 22.57 1.55
C ARG B 404 -5.33 22.58 2.64
N VAL B 405 -6.25 23.54 2.59
CA VAL B 405 -7.31 23.61 3.58
C VAL B 405 -8.20 22.37 3.51
N PHE B 406 -8.56 21.96 2.29
CA PHE B 406 -9.46 20.82 2.13
C PHE B 406 -8.78 19.52 2.55
N GLU B 407 -7.51 19.34 2.18
CA GLU B 407 -6.81 18.09 2.48
C GLU B 407 -6.59 17.93 3.98
N LEU B 408 -6.28 19.03 4.69
CA LEU B 408 -6.01 18.94 6.11
C LEU B 408 -7.29 18.93 6.93
N ASP B 409 -8.18 19.89 6.68
CA ASP B 409 -9.38 20.02 7.49
C ASP B 409 -10.44 18.96 7.19
N PHE B 410 -10.42 18.35 6.01
CA PHE B 410 -11.40 17.34 5.64
C PHE B 410 -10.77 15.95 5.58
N GLU B 411 -9.96 15.68 4.55
CA GLU B 411 -9.45 14.33 4.28
C GLU B 411 -8.83 13.71 5.52
N GLU B 412 -7.81 14.35 6.08
CA GLU B 412 -7.03 13.74 7.15
C GLU B 412 -7.89 13.60 8.42
N ASN B 413 -8.63 14.65 8.80
CA ASN B 413 -9.49 14.54 9.97
C ASN B 413 -10.58 13.49 9.80
N LEU B 414 -11.07 13.31 8.57
CA LEU B 414 -12.03 12.23 8.31
C LEU B 414 -11.42 10.87 8.58
N ARG B 415 -10.14 10.69 8.24
CA ARG B 415 -9.47 9.42 8.53
C ARG B 415 -9.41 9.17 10.02
N ILE B 416 -9.23 10.23 10.82
CA ILE B 416 -9.29 10.10 12.27
C ILE B 416 -10.66 9.60 12.71
N ILE B 417 -11.72 10.07 12.05
CA ILE B 417 -13.06 9.71 12.46
C ILE B 417 -13.36 8.26 12.10
N ARG B 418 -12.88 7.80 10.95
CA ARG B 418 -13.05 6.38 10.62
C ARG B 418 -12.31 5.50 11.62
N TYR B 419 -11.16 5.96 12.12
CA TYR B 419 -10.52 5.28 13.24
C TYR B 419 -11.51 5.09 14.39
N CYS B 420 -12.24 6.15 14.72
CA CYS B 420 -13.13 6.11 15.88
C CYS B 420 -14.30 5.16 15.65
N VAL B 421 -14.95 5.26 14.50
CA VAL B 421 -16.08 4.38 14.22
C VAL B 421 -15.64 2.93 14.21
N LYS B 422 -14.39 2.66 13.82
CA LYS B 422 -13.92 1.28 13.76
C LYS B 422 -13.62 0.74 15.15
N TYR B 423 -13.10 1.58 16.04
CA TYR B 423 -12.70 1.16 17.37
C TYR B 423 -13.74 1.50 18.43
N ARG B 424 -14.90 2.02 18.01
CA ARG B 424 -16.02 2.32 18.90
C ARG B 424 -15.59 3.29 20.01
N LYS B 425 -15.21 4.49 19.57
CA LYS B 425 -14.89 5.59 20.46
C LYS B 425 -15.89 6.72 20.23
N ARG B 426 -15.83 7.72 21.11
CA ARG B 426 -16.69 8.89 21.00
C ARG B 426 -15.91 10.04 20.40
N VAL B 427 -16.53 10.75 19.46
CA VAL B 427 -15.90 11.87 18.77
C VAL B 427 -16.60 13.14 19.25
N VAL B 428 -15.89 13.96 20.01
CA VAL B 428 -16.33 15.34 20.27
C VAL B 428 -15.73 16.17 19.13
N PHE B 429 -16.44 16.16 17.97
CA PHE B 429 -15.81 16.78 16.82
C PHE B 429 -16.10 18.28 16.77
N PRO B 430 -15.12 19.08 16.32
CA PRO B 430 -15.35 20.52 16.19
C PRO B 430 -15.87 20.95 14.83
N SER B 431 -17.19 21.08 14.71
CA SER B 431 -17.75 21.79 13.57
C SER B 431 -17.48 23.28 13.76
N THR B 432 -18.01 24.11 12.86
CA THR B 432 -17.73 25.54 12.94
C THR B 432 -19.01 26.34 12.73
N SER B 433 -18.95 27.62 13.05
CA SER B 433 -20.08 28.49 12.79
C SER B 433 -20.22 28.74 11.29
N GLU B 434 -19.10 28.77 10.57
CA GLU B 434 -19.13 29.01 9.14
C GLU B 434 -19.89 27.92 8.39
N VAL B 435 -20.27 26.83 9.06
CA VAL B 435 -21.11 25.82 8.43
C VAL B 435 -22.45 26.41 8.00
N TYR B 436 -22.96 27.39 8.76
CA TYR B 436 -24.18 28.07 8.36
C TYR B 436 -23.93 29.00 7.19
N GLY B 437 -22.73 29.59 7.13
CA GLY B 437 -22.43 30.50 6.04
C GLY B 437 -23.23 31.78 6.17
N MET B 438 -23.71 32.27 5.04
CA MET B 438 -24.52 33.50 5.01
C MET B 438 -25.98 33.17 5.31
N CYS B 439 -26.21 32.70 6.52
CA CYS B 439 -27.55 32.30 6.95
C CYS B 439 -28.38 33.52 7.33
N THR B 440 -29.65 33.51 6.91
CA THR B 440 -30.52 34.66 7.15
C THR B 440 -31.14 34.65 8.54
N ASP B 441 -31.31 33.45 9.12
CA ASP B 441 -32.09 33.30 10.35
C ASP B 441 -31.61 34.26 11.43
N ALA B 442 -32.56 34.69 12.27
CA ALA B 442 -32.25 35.60 13.36
C ALA B 442 -31.10 35.07 14.21
N SER B 443 -31.27 33.87 14.74
CA SER B 443 -30.22 33.15 15.45
C SER B 443 -29.99 31.82 14.75
N PHE B 444 -28.72 31.49 14.53
CA PHE B 444 -28.38 30.29 13.76
C PHE B 444 -28.68 29.05 14.58
N ASP B 445 -29.66 28.27 14.15
CA ASP B 445 -30.11 27.08 14.86
C ASP B 445 -29.48 25.84 14.24
N GLU B 446 -28.84 25.02 15.08
CA GLU B 446 -28.14 23.84 14.58
C GLU B 446 -29.08 22.88 13.86
N ASP B 447 -30.31 22.75 14.35
CA ASP B 447 -31.24 21.75 13.87
C ASP B 447 -32.28 22.32 12.93
N LYS B 448 -32.30 23.63 12.70
CA LYS B 448 -33.28 24.19 11.77
C LYS B 448 -32.69 25.15 10.76
N SER B 449 -31.69 25.95 11.14
CA SER B 449 -31.17 26.98 10.25
C SER B 449 -30.60 26.35 8.98
N ASN B 450 -30.95 26.95 7.84
CA ASN B 450 -30.40 26.51 6.55
C ASN B 450 -28.94 26.94 6.43
N LEU B 451 -28.31 26.51 5.34
CA LEU B 451 -26.87 26.73 5.13
C LEU B 451 -26.69 27.33 3.75
N ILE B 452 -26.27 28.59 3.70
CA ILE B 452 -26.14 29.34 2.45
C ILE B 452 -24.66 29.63 2.21
N VAL B 453 -24.20 29.39 0.98
CA VAL B 453 -22.83 29.70 0.57
C VAL B 453 -22.85 30.26 -0.85
N GLY B 454 -21.81 30.99 -1.20
CA GLY B 454 -21.68 31.55 -2.52
C GLY B 454 -21.35 30.49 -3.54
N PRO B 455 -21.31 30.90 -4.82
CA PRO B 455 -21.01 29.95 -5.90
C PRO B 455 -19.60 29.39 -5.83
N VAL B 456 -19.28 28.47 -6.75
CA VAL B 456 -17.96 27.84 -6.75
C VAL B 456 -16.86 28.88 -6.94
N ASN B 457 -17.14 29.92 -7.74
CA ASN B 457 -16.19 31.00 -7.90
C ASN B 457 -16.21 31.94 -6.70
N LYS B 458 -16.19 31.37 -5.50
CA LYS B 458 -16.06 32.11 -4.25
C LYS B 458 -15.37 31.22 -3.23
N PRO B 459 -14.07 30.92 -3.45
CA PRO B 459 -13.43 29.83 -2.68
C PRO B 459 -13.33 30.06 -1.19
N ARG B 460 -13.87 31.16 -0.66
CA ARG B 460 -13.86 31.34 0.79
C ARG B 460 -14.64 30.23 1.49
N TRP B 461 -15.60 29.64 0.80
CA TRP B 461 -16.44 28.61 1.38
C TRP B 461 -15.86 27.21 1.24
N ILE B 462 -14.66 27.06 0.65
CA ILE B 462 -14.00 25.76 0.64
C ILE B 462 -13.80 25.25 2.05
N TYR B 463 -13.73 26.15 3.03
CA TYR B 463 -13.67 25.76 4.43
C TYR B 463 -15.04 25.33 4.93
N SER B 464 -16.05 26.19 4.75
CA SER B 464 -17.38 25.93 5.25
C SER B 464 -17.95 24.63 4.69
N VAL B 465 -17.95 24.51 3.36
CA VAL B 465 -18.45 23.29 2.72
C VAL B 465 -17.69 22.07 3.22
N SER B 466 -16.39 22.22 3.49
CA SER B 466 -15.58 21.10 3.94
C SER B 466 -16.05 20.60 5.29
N LYS B 467 -16.07 21.48 6.30
CA LYS B 467 -16.48 21.09 7.63
C LYS B 467 -17.90 20.54 7.64
N GLN B 468 -18.74 20.97 6.71
CA GLN B 468 -20.12 20.52 6.68
C GLN B 468 -20.24 19.09 6.16
N LEU B 469 -19.63 18.82 5.00
CA LEU B 469 -19.65 17.47 4.48
C LEU B 469 -19.07 16.50 5.50
N LEU B 470 -17.99 16.90 6.17
CA LEU B 470 -17.44 16.10 7.24
C LEU B 470 -18.48 15.89 8.34
N ASP B 471 -19.18 16.96 8.71
CA ASP B 471 -20.30 16.85 9.65
C ASP B 471 -21.27 15.76 9.21
N ARG B 472 -21.65 15.80 7.92
CA ARG B 472 -22.69 14.90 7.43
C ARG B 472 -22.21 13.45 7.43
N VAL B 473 -20.93 13.23 7.16
CA VAL B 473 -20.41 11.87 7.17
C VAL B 473 -20.40 11.34 8.60
N ILE B 474 -20.03 12.18 9.57
CA ILE B 474 -20.17 11.80 10.98
C ILE B 474 -21.61 11.41 11.26
N TRP B 475 -22.55 12.24 10.84
CA TRP B 475 -23.97 11.93 10.99
C TRP B 475 -24.30 10.56 10.42
N ALA B 476 -23.82 10.28 9.21
CA ALA B 476 -24.13 9.02 8.55
C ALA B 476 -23.58 7.84 9.34
N TYR B 477 -22.32 7.93 9.76
CA TYR B 477 -21.72 6.86 10.55
C TYR B 477 -22.50 6.63 11.85
N GLY B 478 -22.65 7.69 12.65
CA GLY B 478 -23.37 7.60 13.90
C GLY B 478 -24.80 7.13 13.78
N GLU B 479 -25.36 7.13 12.58
CA GLU B 479 -26.74 6.73 12.35
C GLU B 479 -26.86 5.38 11.65
N LYS B 480 -26.01 5.11 10.66
CA LYS B 480 -26.05 3.82 9.96
C LYS B 480 -25.05 2.81 10.51
N GLU B 481 -24.14 3.23 11.41
CA GLU B 481 -23.12 2.32 11.91
C GLU B 481 -22.85 2.44 13.40
N GLY B 482 -23.50 3.37 14.10
CA GLY B 482 -23.36 3.43 15.55
C GLY B 482 -22.11 4.13 16.05
N LEU B 483 -21.71 5.22 15.40
CA LEU B 483 -20.64 6.06 15.92
C LEU B 483 -21.18 6.95 17.03
N ARG B 484 -20.50 6.93 18.17
CA ARG B 484 -20.84 7.86 19.25
C ARG B 484 -20.16 9.19 18.95
N PHE B 485 -20.95 10.25 18.83
CA PHE B 485 -20.40 11.54 18.44
C PHE B 485 -21.19 12.68 19.06
N THR B 486 -20.58 13.86 19.07
CA THR B 486 -21.25 15.10 19.41
C THR B 486 -20.52 16.22 18.69
N LEU B 487 -21.27 17.04 17.97
CA LEU B 487 -20.70 18.14 17.20
C LEU B 487 -20.90 19.45 17.95
N PHE B 488 -19.84 20.24 18.07
CA PHE B 488 -19.93 21.56 18.67
C PHE B 488 -19.39 22.59 17.69
N ARG B 489 -20.11 23.71 17.56
CA ARG B 489 -19.84 24.74 16.57
C ARG B 489 -19.47 26.04 17.28
N PRO B 490 -18.19 26.25 17.60
CA PRO B 490 -17.78 27.48 18.27
C PRO B 490 -18.16 28.72 17.45
N PHE B 491 -18.41 29.81 18.17
CA PHE B 491 -18.79 31.09 17.58
C PHE B 491 -17.76 32.14 18.00
N ASN B 492 -16.72 32.29 17.19
CA ASN B 492 -15.69 33.32 17.36
C ASN B 492 -15.16 33.36 18.79
N TRP B 493 -14.68 32.20 19.25
CA TRP B 493 -13.97 32.15 20.52
C TRP B 493 -12.69 32.97 20.43
N MET B 494 -12.35 33.64 21.52
CA MET B 494 -11.08 34.37 21.55
C MET B 494 -10.65 34.55 22.99
N GLY B 495 -9.34 34.71 23.16
CA GLY B 495 -8.71 34.84 24.45
C GLY B 495 -7.21 34.71 24.31
N PRO B 496 -6.52 34.40 25.42
CA PRO B 496 -5.08 34.17 25.32
C PRO B 496 -4.77 32.93 24.48
N ARG B 497 -3.60 32.95 23.86
CA ARG B 497 -3.15 31.89 22.95
C ARG B 497 -4.15 31.69 21.81
N LEU B 498 -4.22 32.70 20.94
CA LEU B 498 -5.02 32.64 19.72
C LEU B 498 -4.09 33.08 18.59
N ASP B 499 -3.53 32.11 17.87
CA ASP B 499 -2.46 32.34 16.90
C ASP B 499 -1.26 32.99 17.58
N SER B 500 -0.27 33.38 16.80
CA SER B 500 0.89 34.09 17.32
C SER B 500 1.11 35.35 16.50
N LEU B 501 1.56 36.41 17.18
CA LEU B 501 1.81 37.67 16.50
C LEU B 501 2.85 37.51 15.40
N ASN B 502 3.81 36.61 15.58
CA ASN B 502 4.82 36.41 14.54
C ASN B 502 4.26 35.62 13.36
N ALA B 503 3.25 34.78 13.59
CA ALA B 503 2.53 34.16 12.50
C ALA B 503 1.29 34.94 12.09
N ALA B 504 0.93 35.96 12.86
CA ALA B 504 -0.14 36.86 12.45
C ALA B 504 0.31 37.89 11.42
N ARG B 505 1.62 38.14 11.34
CA ARG B 505 2.16 39.04 10.32
C ARG B 505 1.93 38.52 8.91
N ILE B 506 1.58 37.25 8.76
CA ILE B 506 1.34 36.67 7.44
C ILE B 506 -0.09 36.91 6.96
N GLY B 507 -1.02 37.17 7.87
CA GLY B 507 -2.43 37.11 7.59
C GLY B 507 -3.10 35.86 8.13
N SER B 508 -2.33 34.82 8.40
CA SER B 508 -2.84 33.58 8.98
C SER B 508 -3.13 33.80 10.47
N SER B 509 -4.22 34.53 10.71
CA SER B 509 -4.61 34.92 12.05
C SER B 509 -6.08 35.28 12.07
N ARG B 510 -6.73 35.02 13.20
CA ARG B 510 -8.13 35.41 13.36
C ARG B 510 -8.23 36.92 13.53
N ALA B 511 -9.46 37.42 13.63
CA ALA B 511 -9.69 38.85 13.52
C ALA B 511 -9.06 39.63 14.66
N ILE B 512 -9.24 39.15 15.90
CA ILE B 512 -8.86 39.94 17.07
C ILE B 512 -7.35 40.16 17.12
N THR B 513 -6.58 39.07 17.10
CA THR B 513 -5.13 39.20 17.25
C THR B 513 -4.46 39.83 16.03
N GLN B 514 -5.16 39.93 14.88
CA GLN B 514 -4.63 40.72 13.78
C GLN B 514 -4.66 42.20 14.11
N LEU B 515 -5.78 42.69 14.65
CA LEU B 515 -5.87 44.09 15.02
C LEU B 515 -4.94 44.43 16.17
N ILE B 516 -4.75 43.47 17.10
CA ILE B 516 -3.79 43.68 18.18
C ILE B 516 -2.38 43.83 17.62
N LEU B 517 -2.06 43.06 16.58
CA LEU B 517 -0.77 43.20 15.92
C LEU B 517 -0.63 44.59 15.30
N ASN B 518 -1.67 45.07 14.62
CA ASN B 518 -1.65 46.41 14.04
C ASN B 518 -1.37 47.47 15.10
N LEU B 519 -1.81 47.25 16.33
CA LEU B 519 -1.51 48.17 17.41
C LEU B 519 -0.08 48.02 17.91
N VAL B 520 0.46 46.81 17.87
CA VAL B 520 1.80 46.59 18.41
C VAL B 520 2.86 47.18 17.49
N GLU B 521 2.80 46.86 16.20
CA GLU B 521 3.78 47.35 15.25
C GLU B 521 3.40 48.70 14.62
N GLY B 522 2.28 49.29 15.03
CA GLY B 522 1.89 50.58 14.50
C GLY B 522 1.50 50.60 13.03
N THR B 523 0.79 49.56 12.57
CA THR B 523 0.20 49.39 11.25
C THR B 523 -1.27 49.81 11.30
N PRO B 524 -1.79 50.41 10.22
CA PRO B 524 -3.21 50.77 10.21
C PRO B 524 -4.11 49.56 10.42
N ILE B 525 -5.10 49.72 11.30
CA ILE B 525 -6.11 48.69 11.54
C ILE B 525 -7.07 48.71 10.35
N LYS B 526 -6.92 47.74 9.46
CA LYS B 526 -7.78 47.67 8.28
C LYS B 526 -9.14 47.10 8.65
N LEU B 527 -10.19 47.74 8.14
CA LEU B 527 -11.56 47.31 8.36
C LEU B 527 -12.10 46.84 7.01
N ILE B 528 -12.07 45.53 6.79
CA ILE B 528 -12.29 44.97 5.46
C ILE B 528 -13.72 45.24 5.00
N ASP B 529 -13.85 45.77 3.78
CA ASP B 529 -15.14 46.01 3.13
C ASP B 529 -16.11 46.77 4.04
N GLY B 530 -15.63 47.91 4.56
CA GLY B 530 -16.41 48.77 5.42
C GLY B 530 -16.23 48.51 6.91
N GLY B 531 -15.96 47.26 7.29
CA GLY B 531 -15.81 46.94 8.70
C GLY B 531 -17.08 47.06 9.51
N GLN B 532 -18.24 46.85 8.88
CA GLN B 532 -19.52 47.08 9.53
C GLN B 532 -20.29 45.78 9.76
N GLN B 533 -19.68 44.63 9.47
CA GLN B 533 -20.32 43.35 9.74
C GLN B 533 -20.21 43.01 11.21
N LYS B 534 -21.22 42.30 11.71
CA LYS B 534 -21.39 42.04 13.13
C LYS B 534 -21.31 40.55 13.42
N ARG B 535 -20.62 40.19 14.49
CA ARG B 535 -20.51 38.80 14.93
C ARG B 535 -20.62 38.73 16.45
N CYS B 536 -21.00 37.55 16.94
CA CYS B 536 -21.02 37.29 18.37
C CYS B 536 -19.66 36.75 18.79
N PHE B 537 -19.08 37.37 19.82
CA PHE B 537 -17.75 37.04 20.29
C PHE B 537 -17.86 36.36 21.66
N THR B 538 -17.37 35.13 21.75
CA THR B 538 -17.48 34.34 22.96
C THR B 538 -16.13 34.27 23.66
N ASP B 539 -16.14 34.37 24.98
CA ASP B 539 -14.92 34.28 25.75
C ASP B 539 -14.42 32.85 25.81
N ILE B 540 -13.11 32.69 26.03
CA ILE B 540 -12.50 31.37 26.04
C ILE B 540 -13.00 30.56 27.23
N ARG B 541 -13.18 31.20 28.39
CA ARG B 541 -13.60 30.47 29.58
C ARG B 541 -15.01 29.89 29.40
N ASP B 542 -15.91 30.68 28.80
CA ASP B 542 -17.26 30.19 28.56
C ASP B 542 -17.25 29.02 27.58
N GLY B 543 -16.49 29.14 26.49
CA GLY B 543 -16.45 28.07 25.51
C GLY B 543 -15.79 26.81 26.04
N ILE B 544 -14.76 26.96 26.86
CA ILE B 544 -14.09 25.78 27.40
C ILE B 544 -14.95 25.10 28.45
N GLU B 545 -15.78 25.86 29.16
CA GLU B 545 -16.71 25.26 30.11
C GLU B 545 -17.76 24.44 29.37
N ALA B 546 -18.32 25.01 28.29
CA ALA B 546 -19.35 24.30 27.54
C ALA B 546 -18.81 23.03 26.90
N LEU B 547 -17.56 23.09 26.41
CA LEU B 547 -16.96 21.90 25.82
C LEU B 547 -16.74 20.82 26.86
N PHE B 548 -16.28 21.21 28.06
CA PHE B 548 -16.12 20.24 29.13
C PHE B 548 -17.45 19.64 29.54
N ARG B 549 -18.50 20.47 29.58
CA ARG B 549 -19.84 19.97 29.90
C ARG B 549 -20.28 18.93 28.88
N ILE B 550 -19.94 19.14 27.61
CA ILE B 550 -20.23 18.14 26.58
C ILE B 550 -19.40 16.88 26.80
N ILE B 551 -18.12 17.06 27.16
CA ILE B 551 -17.23 15.91 27.33
C ILE B 551 -17.68 15.04 28.49
N VAL B 552 -18.03 15.66 29.62
CA VAL B 552 -18.59 14.91 30.74
C VAL B 552 -19.82 14.13 30.30
N ASN B 553 -20.62 14.72 29.40
CA ASN B 553 -21.79 14.07 28.81
C ASN B 553 -22.70 13.50 29.91
N ASP B 554 -23.17 14.39 30.77
CA ASP B 554 -24.01 13.99 31.88
C ASP B 554 -25.32 13.40 31.37
N GLY B 555 -25.48 12.09 31.51
CA GLY B 555 -26.73 11.45 31.15
C GLY B 555 -27.00 11.42 29.66
N ASP B 556 -25.97 11.19 28.85
CA ASP B 556 -26.10 11.03 27.40
C ASP B 556 -26.84 12.20 26.74
N ARG B 557 -26.88 13.36 27.39
CA ARG B 557 -27.58 14.52 26.84
C ARG B 557 -26.92 15.04 25.57
N CYS B 558 -25.71 14.59 25.25
CA CYS B 558 -24.97 15.11 24.09
C CYS B 558 -24.91 14.14 22.92
N ASP B 559 -25.14 12.84 23.16
CA ASP B 559 -24.98 11.85 22.11
C ASP B 559 -25.90 12.15 20.93
N GLY B 560 -25.34 12.10 19.73
CA GLY B 560 -26.10 12.37 18.52
C GLY B 560 -26.52 13.80 18.33
N LYS B 561 -26.26 14.68 19.29
CA LYS B 561 -26.69 16.06 19.23
C LYS B 561 -25.64 16.96 18.58
N ILE B 562 -26.13 17.98 17.88
CA ILE B 562 -25.27 19.02 17.31
C ILE B 562 -25.45 20.23 18.21
N ILE B 563 -24.58 20.35 19.20
CA ILE B 563 -24.67 21.43 20.18
C ILE B 563 -24.03 22.67 19.58
N ASN B 564 -24.18 23.81 20.24
CA ASN B 564 -23.74 25.09 19.68
C ASN B 564 -23.18 25.92 20.82
N ILE B 565 -21.88 26.20 20.79
CA ILE B 565 -21.23 27.00 21.82
C ILE B 565 -21.02 28.41 21.29
N GLY B 566 -21.47 29.41 22.05
CA GLY B 566 -21.38 30.79 21.62
C GLY B 566 -22.00 31.71 22.65
N ASN B 567 -21.67 33.00 22.52
CA ASN B 567 -22.12 34.03 23.45
C ASN B 567 -22.94 35.06 22.68
N PRO B 568 -24.27 34.93 22.67
CA PRO B 568 -25.10 35.92 21.96
C PRO B 568 -25.13 37.28 22.65
N ASP B 569 -24.68 37.38 23.90
CA ASP B 569 -24.64 38.65 24.63
C ASP B 569 -23.52 39.57 24.16
N ASN B 570 -22.82 39.24 23.07
CA ASN B 570 -21.64 40.00 22.66
C ASN B 570 -21.64 40.28 21.17
N GLU B 571 -22.80 40.53 20.57
CA GLU B 571 -22.81 40.89 19.16
C GLU B 571 -22.27 42.30 18.98
N ALA B 572 -21.16 42.41 18.25
CA ALA B 572 -20.55 43.69 17.95
C ALA B 572 -20.00 43.65 16.53
N SER B 573 -19.58 44.81 16.04
CA SER B 573 -18.94 44.92 14.75
C SER B 573 -17.44 45.01 14.92
N ILE B 574 -16.72 44.69 13.84
CA ILE B 574 -15.26 44.75 13.91
C ILE B 574 -14.80 46.19 14.12
N GLN B 575 -15.60 47.17 13.68
CA GLN B 575 -15.36 48.54 14.10
C GLN B 575 -15.67 48.72 15.58
N GLU B 576 -16.80 48.19 16.05
CA GLU B 576 -17.09 48.19 17.48
C GLU B 576 -16.05 47.41 18.25
N LEU B 577 -15.57 46.30 17.67
CA LEU B 577 -14.53 45.51 18.32
C LEU B 577 -13.23 46.29 18.46
N ALA B 578 -12.77 46.90 17.37
CA ALA B 578 -11.54 47.68 17.42
C ALA B 578 -11.69 48.91 18.32
N THR B 579 -12.91 49.45 18.42
CA THR B 579 -13.14 50.57 19.33
C THR B 579 -12.93 50.15 20.78
N LEU B 580 -13.60 49.07 21.20
CA LEU B 580 -13.38 48.54 22.55
C LEU B 580 -11.92 48.11 22.73
N LEU B 581 -11.29 47.63 21.66
CA LEU B 581 -9.89 47.22 21.74
C LEU B 581 -8.99 48.42 22.00
N LEU B 582 -9.22 49.51 21.25
CA LEU B 582 -8.35 50.68 21.35
C LEU B 582 -8.43 51.33 22.73
N ASP B 583 -9.63 51.39 23.31
CA ASP B 583 -9.78 51.99 24.63
C ASP B 583 -9.09 51.18 25.72
N SER B 584 -9.01 49.86 25.54
CA SER B 584 -8.26 49.02 26.46
C SER B 584 -6.77 49.03 26.17
N PHE B 585 -6.36 49.40 24.95
CA PHE B 585 -4.95 49.53 24.65
C PHE B 585 -4.36 50.76 25.34
N ASP B 586 -5.04 51.90 25.23
CA ASP B 586 -4.53 53.12 25.85
C ASP B 586 -4.48 52.97 27.37
N LYS B 587 -5.48 52.31 27.95
CA LYS B 587 -5.49 52.05 29.39
C LYS B 587 -4.52 50.96 29.80
N HIS B 588 -3.61 50.53 28.93
CA HIS B 588 -2.76 49.46 29.42
C HIS B 588 -1.42 50.02 29.91
N PRO B 589 -0.86 49.43 30.97
CA PRO B 589 0.40 49.96 31.52
C PRO B 589 1.60 49.91 30.59
N LEU B 590 1.42 49.41 29.37
CA LEU B 590 2.52 49.33 28.41
C LEU B 590 2.22 50.03 27.10
N ARG B 591 1.13 50.82 27.03
CA ARG B 591 0.84 51.61 25.84
C ARG B 591 2.02 52.49 25.48
N CYS B 592 2.77 52.95 26.49
CA CYS B 592 3.93 53.79 26.24
C CYS B 592 5.02 53.02 25.49
N HIS B 593 5.17 51.73 25.77
CA HIS B 593 6.19 50.93 25.13
C HIS B 593 5.97 50.75 23.64
N PHE B 594 4.76 51.00 23.16
CA PHE B 594 4.38 50.75 21.78
C PHE B 594 4.30 52.06 21.00
N PRO B 595 4.35 51.99 19.66
CA PRO B 595 4.27 53.21 18.85
C PRO B 595 2.91 53.88 18.97
N PRO B 596 2.76 55.10 18.45
CA PRO B 596 1.44 55.72 18.44
C PRO B 596 0.50 55.00 17.49
N PHE B 597 -0.80 55.22 17.71
CA PHE B 597 -1.82 54.55 16.92
C PHE B 597 -1.76 54.99 15.46
N ALA B 598 -1.83 54.02 14.55
CA ALA B 598 -1.68 54.27 13.12
C ALA B 598 -3.01 54.50 12.41
N GLY B 599 -4.13 54.54 13.14
CA GLY B 599 -5.41 54.87 12.55
C GLY B 599 -6.05 53.71 11.82
N PHE B 600 -7.34 53.90 11.53
CA PHE B 600 -8.11 52.95 10.74
C PHE B 600 -7.96 53.24 9.26
N GLN B 601 -8.56 52.38 8.43
CA GLN B 601 -8.69 52.59 6.99
C GLN B 601 -9.47 51.44 6.36
N VAL B 602 -10.58 51.76 5.71
CA VAL B 602 -11.41 50.74 5.09
C VAL B 602 -10.81 50.36 3.74
N VAL B 603 -10.82 49.05 3.45
CA VAL B 603 -10.17 48.51 2.27
C VAL B 603 -11.09 47.50 1.61
N GLU B 604 -10.82 47.24 0.33
CA GLU B 604 -11.54 46.18 -0.37
C GLU B 604 -11.20 44.83 0.23
N SER B 605 -12.11 43.88 0.05
CA SER B 605 -11.86 42.52 0.52
C SER B 605 -10.77 41.86 -0.33
N ARG B 606 -10.88 41.99 -1.66
CA ARG B 606 -9.88 41.45 -2.58
C ARG B 606 -8.57 42.24 -2.56
N SER B 607 -8.40 43.08 -1.54
CA SER B 607 -7.14 43.76 -1.27
C SER B 607 -6.37 43.14 -0.12
N TYR B 608 -7.05 42.46 0.80
CA TYR B 608 -6.42 41.80 1.94
C TYR B 608 -6.56 40.28 1.90
N TYR B 609 -7.73 39.78 1.51
CA TYR B 609 -7.93 38.34 1.38
C TYR B 609 -7.67 37.80 -0.02
N GLY B 610 -7.70 38.67 -1.03
CA GLY B 610 -7.43 38.23 -2.38
C GLY B 610 -8.67 37.85 -3.14
N LYS B 611 -8.46 37.41 -4.37
CA LYS B 611 -9.55 37.11 -5.28
C LYS B 611 -10.43 36.00 -4.74
N GLY B 612 -11.73 36.10 -5.02
CA GLY B 612 -12.66 35.06 -4.65
C GLY B 612 -13.08 35.05 -3.20
N TYR B 613 -13.15 36.22 -2.56
CA TYR B 613 -13.57 36.29 -1.18
C TYR B 613 -15.04 36.68 -1.06
N GLN B 614 -15.66 36.24 0.02
CA GLN B 614 -17.03 36.58 0.37
C GLN B 614 -17.14 36.45 1.89
N ASP B 615 -18.15 37.07 2.46
CA ASP B 615 -18.19 37.14 3.92
C ASP B 615 -19.63 37.12 4.41
N VAL B 616 -19.81 36.61 5.63
CA VAL B 616 -21.09 36.68 6.32
C VAL B 616 -21.18 38.02 7.05
N ALA B 617 -22.33 38.68 6.95
CA ALA B 617 -22.48 40.00 7.53
C ALA B 617 -22.81 39.92 9.02
N HIS B 618 -23.81 39.11 9.39
CA HIS B 618 -24.20 38.96 10.76
C HIS B 618 -24.01 37.51 11.21
N ARG B 619 -23.92 37.33 12.53
CA ARG B 619 -23.68 35.99 13.09
C ARG B 619 -24.23 35.96 14.50
N LYS B 620 -25.25 35.12 14.74
CA LYS B 620 -25.85 34.97 16.06
C LYS B 620 -26.16 33.50 16.33
N PRO B 621 -25.64 32.92 17.41
CA PRO B 621 -25.84 31.49 17.67
C PRO B 621 -27.07 31.19 18.50
N SER B 622 -27.76 30.12 18.12
CA SER B 622 -28.84 29.57 18.94
C SER B 622 -28.21 28.64 19.96
N ILE B 623 -28.06 29.14 21.19
CA ILE B 623 -27.45 28.37 22.27
C ILE B 623 -28.52 27.55 22.99
N ASP B 624 -29.66 27.34 22.33
CA ASP B 624 -30.76 26.59 22.92
C ASP B 624 -30.30 25.21 23.37
N ASN B 625 -29.67 24.44 22.46
CA ASN B 625 -29.23 23.10 22.81
C ASN B 625 -28.17 23.12 23.90
N ALA B 626 -27.28 24.13 23.88
CA ALA B 626 -26.26 24.24 24.91
C ALA B 626 -26.88 24.51 26.27
N ARG B 627 -27.88 25.40 26.33
CA ARG B 627 -28.66 25.57 27.55
C ARG B 627 -29.32 24.27 27.98
N ARG B 628 -29.99 23.62 27.03
CA ARG B 628 -30.83 22.46 27.34
C ARG B 628 -30.02 21.23 27.72
N CYS B 629 -28.82 21.07 27.14
CA CYS B 629 -28.05 19.85 27.34
C CYS B 629 -26.97 19.98 28.41
N LEU B 630 -26.41 21.16 28.61
CA LEU B 630 -25.30 21.35 29.54
C LEU B 630 -25.67 22.10 30.80
N GLY B 631 -26.84 22.74 30.86
CA GLY B 631 -27.12 23.65 31.94
C GLY B 631 -26.12 24.77 31.96
N TRP B 632 -25.83 25.32 30.78
CA TRP B 632 -24.80 26.33 30.61
C TRP B 632 -25.32 27.49 29.78
N GLU B 633 -24.98 28.70 30.22
CA GLU B 633 -25.15 29.94 29.46
C GLU B 633 -23.91 30.79 29.68
N PRO B 634 -23.49 31.54 28.66
CA PRO B 634 -22.24 32.30 28.77
C PRO B 634 -22.31 33.37 29.86
N SER B 635 -21.13 33.85 30.26
CA SER B 635 -21.02 34.81 31.35
C SER B 635 -20.11 35.97 31.00
N ILE B 636 -18.83 35.67 30.77
CA ILE B 636 -17.84 36.73 30.54
C ILE B 636 -18.24 37.53 29.31
N ALA B 637 -18.36 38.85 29.48
CA ALA B 637 -18.77 39.72 28.40
C ALA B 637 -17.57 40.18 27.59
N MET B 638 -17.87 40.83 26.45
CA MET B 638 -16.85 41.26 25.49
C MET B 638 -15.67 41.97 26.14
N ARG B 639 -15.94 42.92 27.04
CA ARG B 639 -14.90 43.80 27.57
C ARG B 639 -13.78 43.01 28.23
N ASP B 640 -14.15 42.03 29.07
CA ASP B 640 -13.15 41.24 29.79
C ASP B 640 -12.26 40.47 28.82
N THR B 641 -12.83 39.95 27.73
CA THR B 641 -12.05 39.17 26.77
C THR B 641 -10.99 40.03 26.10
N VAL B 642 -11.39 41.19 25.58
CA VAL B 642 -10.45 42.07 24.90
C VAL B 642 -9.30 42.44 25.82
N GLU B 643 -9.60 42.67 27.10
CA GLU B 643 -8.55 43.05 28.05
C GLU B 643 -7.57 41.92 28.28
N GLU B 644 -8.08 40.71 28.54
CA GLU B 644 -7.18 39.57 28.80
C GLU B 644 -6.43 39.17 27.54
N THR B 645 -7.11 39.15 26.40
CA THR B 645 -6.44 38.88 25.13
C THR B 645 -5.31 39.87 24.89
N LEU B 646 -5.63 41.17 25.01
CA LEU B 646 -4.62 42.22 24.87
C LEU B 646 -3.47 41.99 25.83
N ASP B 647 -3.77 41.91 27.13
CA ASP B 647 -2.74 41.78 28.14
C ASP B 647 -1.74 40.68 27.79
N PHE B 648 -2.24 39.46 27.60
CA PHE B 648 -1.36 38.33 27.32
C PHE B 648 -0.44 38.60 26.14
N PHE B 649 -1.01 38.91 24.98
CA PHE B 649 -0.21 39.11 23.78
C PHE B 649 0.76 40.28 23.96
N LEU B 650 0.36 41.30 24.71
CA LEU B 650 1.21 42.47 24.88
C LEU B 650 2.46 42.13 25.69
N ARG B 651 2.29 41.50 26.85
CA ARG B 651 3.45 41.21 27.69
C ARG B 651 4.27 40.04 27.17
N SER B 652 3.75 39.26 26.22
CA SER B 652 4.52 38.23 25.54
C SER B 652 5.38 38.80 24.42
N VAL B 653 6.00 39.95 24.67
CA VAL B 653 6.83 40.65 23.70
C VAL B 653 8.10 41.10 24.41
N ASP B 654 9.22 41.08 23.69
CA ASP B 654 10.48 41.53 24.26
C ASP B 654 10.33 42.95 24.82
N ILE B 655 10.34 43.07 26.14
CA ILE B 655 10.10 44.33 26.80
C ILE B 655 11.25 44.67 27.74
N MET C 1 26.26 -72.70 4.01
CA MET C 1 25.46 -71.83 4.86
C MET C 1 25.12 -70.47 4.24
N LYS C 2 23.95 -69.96 4.62
CA LYS C 2 23.42 -68.71 4.11
C LYS C 2 23.78 -67.59 5.09
N ALA C 3 24.28 -66.48 4.56
CA ALA C 3 24.74 -65.37 5.38
C ALA C 3 24.17 -64.07 4.86
N VAL C 4 23.67 -63.24 5.79
CA VAL C 4 23.24 -61.88 5.50
C VAL C 4 24.22 -60.95 6.19
N ILE C 5 24.86 -60.07 5.42
CA ILE C 5 25.94 -59.24 5.92
C ILE C 5 25.51 -57.79 5.86
N PHE C 6 25.62 -57.09 7.00
CA PHE C 6 25.38 -55.66 7.07
C PHE C 6 26.74 -54.97 7.16
N ALA C 7 27.24 -54.53 6.01
CA ALA C 7 28.61 -54.07 5.88
C ALA C 7 28.65 -52.67 5.28
N TYR C 8 29.73 -51.94 5.59
CA TYR C 8 29.91 -50.58 5.09
C TYR C 8 31.35 -50.16 5.32
N HIS C 9 31.89 -49.39 4.38
CA HIS C 9 33.23 -48.79 4.46
C HIS C 9 34.33 -49.85 4.43
N ASP C 10 35.50 -49.53 5.00
CA ASP C 10 36.66 -50.40 4.89
C ASP C 10 36.46 -51.71 5.63
N MET C 11 35.94 -51.64 6.87
CA MET C 11 35.72 -52.85 7.65
C MET C 11 34.73 -53.78 6.97
N GLY C 12 33.62 -53.22 6.47
CA GLY C 12 32.67 -54.02 5.71
C GLY C 12 33.27 -54.60 4.45
N CYS C 13 34.20 -53.86 3.82
CA CYS C 13 34.87 -54.38 2.63
C CYS C 13 35.63 -55.66 2.95
N GLN C 14 36.42 -55.65 4.02
CA GLN C 14 37.21 -56.81 4.40
C GLN C 14 36.32 -57.96 4.86
N GLY C 15 35.34 -57.66 5.70
CA GLY C 15 34.53 -58.71 6.30
C GLY C 15 33.68 -59.49 5.32
N VAL C 16 33.18 -58.83 4.27
CA VAL C 16 32.34 -59.51 3.30
C VAL C 16 33.13 -60.61 2.60
N GLN C 17 34.33 -60.29 2.14
CA GLN C 17 35.16 -61.30 1.48
C GLN C 17 35.74 -62.29 2.48
N ALA C 18 35.83 -61.92 3.76
CA ALA C 18 36.22 -62.89 4.77
C ALA C 18 35.12 -63.93 4.97
N VAL C 19 33.86 -63.51 4.85
CA VAL C 19 32.75 -64.46 4.90
C VAL C 19 32.70 -65.29 3.63
N LEU C 20 32.98 -64.66 2.48
CA LEU C 20 32.89 -65.37 1.21
C LEU C 20 33.98 -66.43 1.08
N ASP C 21 35.17 -66.15 1.60
CA ASP C 21 36.26 -67.12 1.50
C ASP C 21 36.04 -68.32 2.40
N ALA C 22 35.32 -68.14 3.51
CA ALA C 22 35.06 -69.24 4.42
C ALA C 22 34.08 -70.27 3.87
N GLY C 23 33.56 -70.06 2.65
CA GLY C 23 32.67 -71.01 2.01
C GLY C 23 31.20 -70.66 2.07
N TYR C 24 30.82 -69.66 2.87
CA TYR C 24 29.43 -69.28 3.04
C TYR C 24 28.75 -68.94 1.72
N GLU C 25 27.43 -69.07 1.67
CA GLU C 25 26.63 -68.52 0.57
C GLU C 25 26.09 -67.17 1.02
N ILE C 26 26.39 -66.13 0.25
CA ILE C 26 25.88 -64.80 0.51
C ILE C 26 24.72 -64.53 -0.44
N ALA C 27 23.55 -64.25 0.11
CA ALA C 27 22.38 -63.91 -0.69
C ALA C 27 21.83 -62.53 -0.35
N ALA C 28 22.57 -61.72 0.42
CA ALA C 28 22.14 -60.37 0.79
C ALA C 28 23.25 -59.62 1.50
N ILE C 29 23.58 -58.42 1.01
CA ILE C 29 24.46 -57.49 1.70
C ILE C 29 23.77 -56.14 1.74
N PHE C 30 23.61 -55.59 2.94
CA PHE C 30 22.91 -54.32 3.14
C PHE C 30 23.91 -53.26 3.58
N THR C 31 23.78 -52.07 3.01
CA THR C 31 24.70 -50.97 3.30
C THR C 31 23.93 -49.66 3.22
N HIS C 32 24.66 -48.55 3.10
CA HIS C 32 24.07 -47.22 3.03
C HIS C 32 24.46 -46.55 1.71
N ALA C 33 23.96 -45.32 1.54
CA ALA C 33 24.35 -44.50 0.41
C ALA C 33 25.78 -44.01 0.60
N ASP C 34 26.26 -43.20 -0.34
CA ASP C 34 27.65 -42.81 -0.36
C ASP C 34 27.83 -41.31 -0.09
N GLY C 43 37.14 -47.17 -0.36
CA GLY C 43 36.56 -48.45 -0.74
C GLY C 43 35.10 -48.55 -0.33
N SER C 44 34.29 -49.15 -1.20
CA SER C 44 32.85 -49.24 -1.00
C SER C 44 32.39 -50.69 -1.02
N VAL C 45 31.32 -50.96 -0.25
CA VAL C 45 30.73 -52.29 -0.24
C VAL C 45 29.76 -52.47 -1.40
N SER C 46 29.15 -51.38 -1.86
CA SER C 46 28.18 -51.46 -2.95
C SER C 46 28.81 -52.01 -4.22
N ARG C 47 29.88 -51.37 -4.69
CA ARG C 47 30.56 -51.87 -5.89
C ARG C 47 31.21 -53.22 -5.65
N GLN C 48 31.66 -53.48 -4.42
CA GLN C 48 32.24 -54.79 -4.10
C GLN C 48 31.21 -55.89 -4.35
N ALA C 49 30.08 -55.83 -3.64
CA ALA C 49 29.03 -56.83 -3.84
C ALA C 49 28.51 -56.82 -5.28
N ALA C 50 28.51 -55.65 -5.93
CA ALA C 50 28.05 -55.57 -7.31
C ALA C 50 28.97 -56.35 -8.25
N GLU C 51 30.28 -56.18 -8.10
CA GLU C 51 31.24 -56.89 -8.94
C GLU C 51 31.43 -58.34 -8.52
N LEU C 52 30.83 -58.77 -7.41
CA LEU C 52 30.86 -60.17 -7.00
C LEU C 52 29.58 -60.91 -7.36
N GLY C 53 28.67 -60.28 -8.10
CA GLY C 53 27.40 -60.89 -8.43
C GLY C 53 26.44 -61.05 -7.27
N ILE C 54 26.75 -60.46 -6.12
CA ILE C 54 25.94 -60.56 -4.91
C ILE C 54 24.80 -59.55 -4.99
N PRO C 55 23.61 -59.88 -4.50
CA PRO C 55 22.57 -58.85 -4.35
C PRO C 55 22.91 -57.90 -3.20
N VAL C 56 22.91 -56.61 -3.50
CA VAL C 56 23.25 -55.58 -2.52
C VAL C 56 22.14 -54.54 -2.49
N TYR C 57 21.69 -54.18 -1.29
CA TYR C 57 20.57 -53.27 -1.09
C TYR C 57 20.99 -52.17 -0.12
N ALA C 58 20.32 -51.02 -0.23
CA ALA C 58 20.65 -49.85 0.59
C ALA C 58 19.38 -49.20 1.08
N PRO C 59 18.83 -49.69 2.19
CA PRO C 59 17.68 -49.03 2.81
C PRO C 59 18.09 -47.88 3.71
N ASP C 60 17.13 -47.02 4.01
CA ASP C 60 17.36 -45.94 4.97
C ASP C 60 17.36 -46.48 6.39
N ASN C 61 16.27 -47.13 6.79
CA ASN C 61 16.19 -47.88 8.04
C ASN C 61 15.74 -49.29 7.70
N VAL C 62 16.62 -50.27 7.92
CA VAL C 62 16.31 -51.64 7.54
C VAL C 62 15.08 -52.13 8.26
N ASN C 63 14.88 -51.66 9.49
CA ASN C 63 13.74 -52.06 10.32
C ASN C 63 12.44 -51.55 9.70
N HIS C 64 11.87 -52.33 8.79
CA HIS C 64 10.68 -51.99 8.03
C HIS C 64 10.15 -53.30 7.46
N PRO C 65 8.85 -53.62 7.65
CA PRO C 65 8.27 -54.84 7.07
C PRO C 65 8.63 -55.07 5.61
N ILE C 66 8.92 -53.99 4.89
CA ILE C 66 9.39 -54.12 3.51
C ILE C 66 10.71 -54.88 3.47
N TRP C 67 11.55 -54.70 4.48
CA TRP C 67 12.83 -55.40 4.55
C TRP C 67 12.81 -56.56 5.54
N VAL C 68 12.32 -56.33 6.76
CA VAL C 68 12.25 -57.41 7.75
C VAL C 68 11.47 -58.60 7.19
N ASP C 69 10.22 -58.37 6.81
CA ASP C 69 9.40 -59.43 6.21
C ASP C 69 9.90 -59.84 4.80
N ARG C 70 11.04 -59.29 4.36
CA ARG C 70 11.71 -59.77 3.16
C ARG C 70 13.19 -60.06 3.39
N ILE C 71 13.72 -59.82 4.59
CA ILE C 71 15.05 -60.33 4.94
C ILE C 71 14.94 -61.77 5.41
N ALA C 72 14.02 -62.04 6.33
CA ALA C 72 13.73 -63.41 6.71
C ALA C 72 13.21 -64.22 5.53
N GLU C 73 12.64 -63.54 4.52
CA GLU C 73 12.17 -64.21 3.32
C GLU C 73 13.30 -64.90 2.57
N LEU C 74 14.53 -64.42 2.74
CA LEU C 74 15.69 -65.06 2.14
C LEU C 74 16.10 -66.34 2.85
N ALA C 75 15.47 -66.66 3.98
CA ALA C 75 15.84 -67.76 4.86
C ALA C 75 17.30 -67.64 5.27
N PRO C 76 17.63 -66.64 6.09
CA PRO C 76 19.03 -66.48 6.51
C PRO C 76 19.40 -67.44 7.62
N ASP C 77 20.68 -67.79 7.66
CA ASP C 77 21.23 -68.64 8.71
C ASP C 77 22.05 -67.87 9.73
N ILE C 78 22.96 -67.02 9.27
CA ILE C 78 23.71 -66.15 10.17
C ILE C 78 23.63 -64.73 9.63
N ILE C 79 23.69 -63.76 10.53
CA ILE C 79 23.83 -62.36 10.18
C ILE C 79 25.13 -61.84 10.78
N PHE C 80 25.95 -61.21 9.95
CA PHE C 80 27.19 -60.59 10.40
C PHE C 80 27.13 -59.09 10.13
N SER C 81 27.58 -58.30 11.09
CA SER C 81 27.56 -56.84 10.99
C SER C 81 29.00 -56.34 11.05
N PHE C 82 29.49 -55.83 9.93
CA PHE C 82 30.86 -55.31 9.81
C PHE C 82 30.78 -53.81 9.56
N TYR C 83 30.89 -53.03 10.64
CA TYR C 83 30.86 -51.56 10.58
C TYR C 83 29.63 -51.06 9.82
N TYR C 84 28.47 -51.30 10.42
CA TYR C 84 27.21 -50.77 9.93
C TYR C 84 26.86 -49.54 10.76
N ARG C 85 26.41 -48.50 10.09
CA ARG C 85 26.18 -47.23 10.78
C ARG C 85 24.83 -47.21 11.48
N ASN C 86 23.80 -47.78 10.87
CA ASN C 86 22.50 -47.85 11.52
C ASN C 86 22.49 -48.99 12.56
N LEU C 87 21.60 -48.85 13.54
CA LEU C 87 21.44 -49.87 14.57
C LEU C 87 20.31 -50.82 14.19
N LEU C 88 20.50 -52.09 14.56
CA LEU C 88 19.56 -53.14 14.19
C LEU C 88 18.53 -53.34 15.31
N SER C 89 17.27 -53.54 14.90
CA SER C 89 16.17 -53.72 15.84
C SER C 89 16.06 -55.17 16.27
N GLU C 90 15.90 -55.39 17.58
CA GLU C 90 15.91 -56.74 18.16
C GLU C 90 14.99 -57.70 17.42
N GLU C 91 13.96 -57.18 16.75
CA GLU C 91 13.10 -58.02 15.94
C GLU C 91 13.79 -58.50 14.66
N ILE C 92 14.86 -57.82 14.23
CA ILE C 92 15.56 -58.22 13.01
C ILE C 92 16.77 -59.10 13.27
N LEU C 93 17.34 -59.07 14.48
CA LEU C 93 18.47 -59.96 14.77
C LEU C 93 18.02 -61.41 14.89
N HIS C 94 16.88 -61.65 15.53
CA HIS C 94 16.40 -63.00 15.78
C HIS C 94 15.82 -63.67 14.53
N LEU C 95 16.11 -63.17 13.33
CA LEU C 95 15.64 -63.80 12.10
C LEU C 95 16.57 -64.89 11.59
N ALA C 96 17.79 -64.95 12.10
CA ALA C 96 18.74 -65.97 11.71
C ALA C 96 18.93 -66.97 12.86
N PRO C 97 18.92 -68.27 12.58
CA PRO C 97 19.06 -69.24 13.68
C PRO C 97 20.37 -69.12 14.44
N ALA C 98 21.51 -69.11 13.74
CA ALA C 98 22.79 -68.99 14.43
C ALA C 98 22.91 -67.67 15.18
N GLY C 99 22.32 -66.61 14.65
CA GLY C 99 22.28 -65.33 15.33
C GLY C 99 23.00 -64.25 14.53
N ALA C 100 23.13 -63.09 15.15
CA ALA C 100 23.77 -61.93 14.56
C ALA C 100 24.98 -61.53 15.39
N PHE C 101 26.06 -61.17 14.72
CA PHE C 101 27.33 -60.86 15.38
C PHE C 101 27.94 -59.63 14.73
N ASN C 102 28.23 -58.62 15.54
CA ASN C 102 28.83 -57.38 15.06
C ASN C 102 30.31 -57.34 15.46
N LEU C 103 31.16 -57.04 14.48
CA LEU C 103 32.58 -56.84 14.73
C LEU C 103 32.78 -55.38 15.12
N HIS C 104 33.13 -55.15 16.38
CA HIS C 104 33.35 -53.79 16.87
C HIS C 104 34.82 -53.43 16.81
N GLY C 105 35.09 -52.13 16.66
CA GLY C 105 36.44 -51.64 16.51
C GLY C 105 37.31 -51.72 17.74
N SER C 106 36.78 -51.31 18.88
CA SER C 106 37.57 -51.28 20.10
C SER C 106 37.80 -52.68 20.65
N LEU C 107 38.69 -52.77 21.63
CA LEU C 107 38.99 -54.03 22.31
C LEU C 107 38.01 -54.18 23.47
N LEU C 108 36.82 -54.67 23.14
CA LEU C 108 35.67 -54.78 24.04
C LEU C 108 36.05 -55.52 25.32
N PRO C 109 35.39 -55.24 26.46
CA PRO C 109 34.28 -54.29 26.65
C PRO C 109 34.73 -52.84 26.86
N ALA C 110 35.92 -52.47 26.38
CA ALA C 110 36.38 -51.10 26.46
C ALA C 110 36.00 -50.34 25.19
N TYR C 111 35.71 -49.05 25.36
CA TYR C 111 35.31 -48.17 24.26
C TYR C 111 34.16 -48.78 23.46
N ARG C 112 33.15 -49.26 24.18
CA ARG C 112 32.05 -49.91 23.46
C ARG C 112 31.11 -48.91 22.77
N GLY C 113 31.54 -47.65 22.63
CA GLY C 113 30.74 -46.63 22.00
C GLY C 113 30.77 -46.64 20.49
N ARG C 114 30.76 -45.44 19.90
CA ARG C 114 30.85 -45.27 18.46
C ARG C 114 32.11 -44.49 18.12
N ALA C 115 32.67 -44.77 16.95
CA ALA C 115 33.91 -44.19 16.48
C ALA C 115 35.02 -44.32 17.55
N PRO C 116 35.43 -45.55 17.90
CA PRO C 116 36.49 -45.69 18.91
C PRO C 116 37.88 -45.61 18.30
N LEU C 117 37.96 -45.74 16.98
CA LEU C 117 39.23 -45.64 16.27
C LEU C 117 39.91 -44.29 16.50
N ASN C 118 39.14 -43.26 16.85
CA ASN C 118 39.69 -41.98 17.24
C ASN C 118 39.98 -41.92 18.74
N TRP C 119 39.04 -42.40 19.56
CA TRP C 119 39.14 -42.24 21.01
C TRP C 119 40.37 -42.94 21.57
N VAL C 120 40.79 -44.05 20.96
CA VAL C 120 41.98 -44.75 21.44
C VAL C 120 43.20 -43.83 21.40
N LEU C 121 43.34 -43.05 20.33
CA LEU C 121 44.42 -42.08 20.27
C LEU C 121 44.16 -40.91 21.21
N VAL C 122 42.91 -40.41 21.25
CA VAL C 122 42.59 -39.24 22.05
C VAL C 122 43.06 -39.41 23.49
N ASN C 123 42.68 -40.53 24.11
CA ASN C 123 43.09 -40.79 25.48
C ASN C 123 44.56 -41.16 25.57
N GLY C 124 45.11 -41.77 24.51
CA GLY C 124 46.51 -42.17 24.52
C GLY C 124 46.69 -43.65 24.83
N GLU C 125 45.78 -44.48 24.31
CA GLU C 125 45.85 -45.91 24.56
C GLU C 125 47.12 -46.51 24.00
N SER C 126 47.57 -47.60 24.61
CA SER C 126 48.77 -48.30 24.15
C SER C 126 48.48 -49.33 23.06
N GLU C 127 47.31 -49.97 23.11
CA GLU C 127 46.96 -50.96 22.10
C GLU C 127 45.44 -51.03 21.99
N THR C 128 44.96 -51.44 20.82
CA THR C 128 43.53 -51.63 20.59
C THR C 128 43.35 -52.62 19.46
N GLY C 129 42.29 -53.41 19.53
CA GLY C 129 42.10 -54.47 18.56
C GLY C 129 40.65 -54.74 18.22
N VAL C 130 40.46 -55.49 17.14
CA VAL C 130 39.13 -55.89 16.72
C VAL C 130 38.53 -56.83 17.75
N THR C 131 37.20 -56.82 17.83
CA THR C 131 36.48 -57.68 18.77
C THR C 131 35.13 -58.02 18.15
N LEU C 132 35.03 -59.23 17.61
CA LEU C 132 33.74 -59.75 17.17
C LEU C 132 32.97 -60.26 18.38
N HIS C 133 31.72 -59.82 18.52
CA HIS C 133 30.90 -60.22 19.65
C HIS C 133 29.46 -60.40 19.19
N ARG C 134 28.65 -60.97 20.09
CA ARG C 134 27.27 -61.30 19.80
C ARG C 134 26.39 -60.08 20.01
N MET C 135 25.51 -59.80 19.05
CA MET C 135 24.65 -58.64 19.16
C MET C 135 23.51 -58.92 20.15
N VAL C 136 23.29 -57.98 21.07
CA VAL C 136 22.31 -58.12 22.13
C VAL C 136 21.38 -56.91 22.12
N LYS C 137 20.49 -56.88 23.11
CA LYS C 137 19.51 -55.79 23.19
C LYS C 137 20.20 -54.45 23.40
N ARG C 138 21.22 -54.41 24.26
CA ARG C 138 21.93 -53.17 24.52
C ARG C 138 23.03 -52.97 23.49
N ALA C 139 23.61 -51.77 23.50
CA ALA C 139 24.50 -51.32 22.43
C ALA C 139 25.89 -51.90 22.65
N ASP C 140 26.31 -52.78 21.73
CA ASP C 140 27.69 -53.26 21.64
C ASP C 140 28.17 -53.87 22.96
N ALA C 141 27.28 -54.58 23.63
CA ALA C 141 27.56 -55.14 24.95
C ALA C 141 27.26 -56.63 24.99
N GLY C 142 27.59 -57.34 23.91
CA GLY C 142 27.29 -58.76 23.85
C GLY C 142 28.32 -59.65 24.51
N GLU C 143 28.65 -60.76 23.85
CA GLU C 143 29.58 -61.76 24.37
C GLU C 143 30.75 -61.88 23.41
N ILE C 144 31.97 -61.69 23.93
CA ILE C 144 33.17 -61.73 23.11
C ILE C 144 33.36 -63.13 22.55
N VAL C 145 33.76 -63.22 21.28
CA VAL C 145 33.98 -64.50 20.63
C VAL C 145 35.43 -64.52 20.16
N ALA C 146 35.98 -63.35 19.85
CA ALA C 146 37.35 -63.31 19.39
C ALA C 146 37.90 -61.90 19.52
N SER C 147 39.22 -61.83 19.73
CA SER C 147 39.90 -60.53 19.83
C SER C 147 41.38 -60.74 19.55
N GLN C 148 41.85 -60.29 18.39
CA GLN C 148 43.27 -60.25 18.06
C GLN C 148 43.72 -58.80 18.09
N ARG C 149 43.98 -58.31 19.30
CA ARG C 149 44.31 -56.90 19.52
C ARG C 149 45.59 -56.52 18.79
N VAL C 150 45.80 -55.21 18.65
CA VAL C 150 46.94 -54.66 17.93
C VAL C 150 47.52 -53.49 18.71
N ALA C 151 48.84 -53.36 18.67
CA ALA C 151 49.54 -52.34 19.45
C ALA C 151 49.59 -51.01 18.72
N ILE C 152 49.47 -49.93 19.49
CA ILE C 152 49.57 -48.57 18.98
C ILE C 152 50.98 -48.06 19.25
N ALA C 153 51.70 -47.71 18.20
CA ALA C 153 53.05 -47.21 18.35
C ALA C 153 53.03 -45.73 18.75
N GLN C 154 54.20 -45.22 19.15
CA GLN C 154 54.32 -43.82 19.54
C GLN C 154 54.15 -42.87 18.37
N ASP C 155 54.20 -43.37 17.13
CA ASP C 155 54.00 -42.55 15.94
C ASP C 155 52.65 -42.78 15.28
N ASP C 156 51.95 -43.87 15.62
CA ASP C 156 50.72 -44.24 14.93
C ASP C 156 49.67 -43.15 15.05
N VAL C 157 48.97 -42.90 13.95
CA VAL C 157 47.89 -41.93 13.91
C VAL C 157 46.60 -42.63 13.51
N ALA C 158 45.58 -41.85 13.13
CA ALA C 158 44.27 -42.43 12.86
C ALA C 158 44.30 -43.31 11.61
N LEU C 159 44.77 -42.77 10.49
CA LEU C 159 44.78 -43.53 9.25
C LEU C 159 45.66 -44.77 9.38
N THR C 160 46.85 -44.63 9.97
CA THR C 160 47.73 -45.77 10.16
C THR C 160 47.07 -46.84 11.02
N LEU C 161 46.52 -46.44 12.18
CA LEU C 161 45.85 -47.41 13.04
C LEU C 161 44.61 -47.98 12.37
N HIS C 162 43.96 -47.22 11.49
CA HIS C 162 42.82 -47.75 10.75
C HIS C 162 43.25 -48.91 9.87
N HIS C 163 44.28 -48.70 9.03
CA HIS C 163 44.81 -49.78 8.21
C HIS C 163 45.33 -50.92 9.06
N LYS C 164 45.89 -50.61 10.23
CA LYS C 164 46.43 -51.67 11.09
C LYS C 164 45.30 -52.45 11.74
N LEU C 165 44.23 -51.77 12.14
CA LEU C 165 43.09 -52.48 12.72
C LEU C 165 42.29 -53.19 11.65
N CYS C 166 42.27 -52.64 10.43
CA CYS C 166 41.59 -53.30 9.32
C CYS C 166 42.28 -54.61 8.97
N GLN C 167 43.61 -54.61 8.99
CA GLN C 167 44.35 -55.88 8.88
C GLN C 167 43.98 -56.82 10.01
N ALA C 168 43.86 -56.31 11.22
CA ALA C 168 43.50 -57.14 12.37
C ALA C 168 42.15 -57.81 12.16
N ALA C 169 41.19 -57.08 11.61
CA ALA C 169 39.87 -57.65 11.37
C ALA C 169 39.95 -58.78 10.36
N ARG C 170 40.52 -58.50 9.19
CA ARG C 170 40.66 -59.52 8.15
C ARG C 170 41.52 -60.68 8.62
N GLN C 171 42.40 -60.44 9.61
CA GLN C 171 43.27 -61.48 10.13
C GLN C 171 42.51 -62.42 11.07
N LEU C 172 41.71 -61.85 11.97
CA LEU C 172 40.94 -62.66 12.89
C LEU C 172 39.76 -63.33 12.20
N LEU C 173 39.17 -62.66 11.21
CA LEU C 173 37.97 -63.16 10.54
C LEU C 173 38.25 -64.30 9.56
N ASN C 174 39.51 -64.70 9.39
CA ASN C 174 39.82 -65.89 8.61
C ASN C 174 40.05 -67.10 9.50
N SER C 175 39.81 -66.97 10.81
CA SER C 175 39.98 -68.06 11.76
C SER C 175 38.68 -68.40 12.47
N ILE C 176 38.12 -67.47 13.23
CA ILE C 176 36.90 -67.74 13.99
C ILE C 176 35.69 -67.88 13.08
N LEU C 177 35.72 -67.26 11.91
CA LEU C 177 34.60 -67.27 10.97
C LEU C 177 34.42 -68.62 10.28
N PRO C 178 35.48 -69.28 9.79
CA PRO C 178 35.30 -70.62 9.24
C PRO C 178 34.85 -71.66 10.26
N THR C 179 35.08 -71.42 11.56
CA THR C 179 34.77 -72.40 12.60
C THR C 179 33.33 -72.34 13.07
N MET C 180 32.72 -71.15 13.06
CA MET C 180 31.32 -71.02 13.50
C MET C 180 30.33 -71.56 12.47
N LYS C 181 30.82 -72.14 11.36
CA LYS C 181 29.99 -72.65 10.28
C LYS C 181 29.17 -73.88 10.67
N CYS C 182 29.29 -74.36 11.90
CA CYS C 182 28.51 -75.52 12.33
C CYS C 182 27.53 -75.21 13.44
N GLY C 183 27.47 -73.97 13.93
CA GLY C 183 26.52 -73.62 14.97
C GLY C 183 27.09 -73.69 16.37
N ASP C 184 28.27 -73.10 16.55
CA ASP C 184 28.94 -73.09 17.84
C ASP C 184 28.69 -71.75 18.53
N ILE C 185 28.71 -71.76 19.86
CA ILE C 185 28.46 -70.56 20.65
C ILE C 185 29.57 -70.28 21.66
N PRO C 186 30.85 -70.26 21.24
CA PRO C 186 31.93 -70.02 22.21
C PRO C 186 31.91 -68.58 22.73
N SER C 187 30.89 -68.26 23.51
CA SER C 187 30.68 -66.90 24.00
C SER C 187 31.09 -66.80 25.46
N VAL C 188 31.58 -65.62 25.83
CA VAL C 188 31.80 -65.24 27.23
C VAL C 188 31.33 -63.79 27.41
N PRO C 189 30.62 -63.47 28.50
CA PRO C 189 30.10 -62.11 28.65
C PRO C 189 31.19 -61.11 29.02
N GLN C 190 30.77 -59.96 29.56
CA GLN C 190 31.62 -58.80 29.73
C GLN C 190 31.45 -58.24 31.14
N ARG C 191 32.56 -58.06 31.84
CA ARG C 191 32.51 -57.43 33.16
C ARG C 191 32.05 -55.99 32.99
N GLU C 192 30.85 -55.69 33.47
CA GLU C 192 30.20 -54.42 33.14
C GLU C 192 30.59 -53.31 34.12
N SER C 193 31.85 -53.28 34.55
CA SER C 193 32.40 -52.10 35.19
C SER C 193 33.48 -51.42 34.36
N ASP C 194 34.25 -52.20 33.60
CA ASP C 194 35.20 -51.64 32.63
C ASP C 194 34.46 -51.51 31.30
N SER C 195 33.59 -50.50 31.24
CA SER C 195 32.75 -50.24 30.08
C SER C 195 32.70 -48.74 29.83
N THR C 196 32.89 -48.34 28.58
CA THR C 196 32.90 -46.92 28.21
C THR C 196 32.21 -46.77 26.86
N TYR C 197 31.01 -46.20 26.85
CA TYR C 197 30.26 -46.00 25.61
C TYR C 197 30.46 -44.55 25.17
N TYR C 198 31.68 -44.24 24.75
CA TYR C 198 31.99 -42.88 24.30
C TYR C 198 31.30 -42.59 22.98
N GLY C 199 30.62 -41.44 22.93
CA GLY C 199 29.76 -41.10 21.82
C GLY C 199 30.49 -40.44 20.66
N ARG C 200 29.68 -39.98 19.71
CA ARG C 200 30.15 -39.45 18.43
C ARG C 200 31.12 -38.28 18.57
N ARG C 201 31.88 -38.02 17.51
CA ARG C 201 32.86 -36.95 17.46
C ARG C 201 32.19 -35.68 16.93
N ARG C 202 32.14 -34.61 17.79
CA ARG C 202 31.62 -33.34 17.31
C ARG C 202 32.77 -32.40 16.92
N PRO C 203 32.57 -31.57 15.88
CA PRO C 203 33.64 -30.66 15.44
C PRO C 203 34.20 -29.75 16.53
N GLU C 204 33.45 -29.39 17.57
CA GLU C 204 34.07 -28.56 18.61
C GLU C 204 34.77 -29.45 19.65
N ASP C 205 35.39 -30.55 19.20
CA ASP C 205 36.22 -31.37 20.07
C ASP C 205 37.67 -31.42 19.62
N GLY C 206 37.96 -31.16 18.34
CA GLY C 206 39.29 -31.00 17.82
C GLY C 206 39.99 -29.71 18.20
N LEU C 207 39.42 -28.93 19.12
CA LEU C 207 40.09 -27.72 19.59
C LEU C 207 41.16 -28.07 20.61
N ILE C 208 42.31 -27.43 20.49
CA ILE C 208 43.43 -27.68 21.39
C ILE C 208 43.39 -26.70 22.56
N ASP C 209 43.61 -27.21 23.76
CA ASP C 209 43.87 -26.39 24.93
C ASP C 209 45.24 -26.80 25.44
N TRP C 210 46.23 -25.91 25.33
CA TRP C 210 47.64 -26.23 25.55
C TRP C 210 48.04 -26.19 27.02
N HIS C 211 47.09 -26.20 27.95
CA HIS C 211 47.40 -26.19 29.37
C HIS C 211 47.63 -27.58 29.91
N LYS C 212 47.68 -28.60 29.04
CA LYS C 212 47.84 -29.99 29.42
C LYS C 212 49.12 -30.53 28.79
N PRO C 213 49.62 -31.70 29.21
CA PRO C 213 50.98 -32.09 28.80
C PRO C 213 51.10 -32.32 27.29
N VAL C 214 52.36 -32.35 26.83
CA VAL C 214 52.64 -32.62 25.43
C VAL C 214 52.11 -33.99 25.03
N SER C 215 51.94 -34.89 25.99
CA SER C 215 51.47 -36.24 25.69
C SER C 215 50.14 -36.22 24.96
N THR C 216 49.18 -35.47 25.49
CA THR C 216 47.80 -35.62 25.03
C THR C 216 47.57 -34.93 23.70
N VAL C 217 48.11 -33.73 23.50
CA VAL C 217 47.88 -33.01 22.25
C VAL C 217 48.60 -33.70 21.11
N HIS C 218 49.79 -34.25 21.38
CA HIS C 218 50.39 -35.19 20.43
C HIS C 218 49.37 -36.24 20.02
N ASN C 219 48.81 -36.94 21.02
CA ASN C 219 47.81 -37.96 20.76
C ASN C 219 46.58 -37.38 20.07
N LEU C 220 46.16 -36.17 20.45
CA LEU C 220 44.93 -35.62 19.90
C LEU C 220 45.10 -35.32 18.41
N VAL C 221 46.21 -34.69 18.05
CA VAL C 221 46.51 -34.45 16.63
C VAL C 221 46.63 -35.78 15.89
N ARG C 222 47.27 -36.76 16.52
CA ARG C 222 47.32 -38.12 15.95
C ARG C 222 45.92 -38.68 15.75
N ALA C 223 44.98 -38.35 16.65
CA ALA C 223 43.66 -38.95 16.59
C ALA C 223 42.81 -38.44 15.44
N VAL C 224 43.11 -37.25 14.93
CA VAL C 224 42.25 -36.62 13.92
C VAL C 224 43.06 -36.15 12.73
N ALA C 225 44.32 -36.58 12.64
CA ALA C 225 45.10 -36.31 11.45
C ALA C 225 44.38 -36.88 10.23
N ALA C 226 44.77 -36.35 9.07
CA ALA C 226 44.14 -36.60 7.77
C ALA C 226 43.77 -38.06 7.57
N PRO C 227 42.65 -38.37 6.90
CA PRO C 227 41.67 -37.43 6.32
C PRO C 227 40.49 -37.09 7.24
N TRP C 228 40.74 -36.80 8.51
CA TRP C 228 39.72 -36.37 9.45
C TRP C 228 39.88 -34.88 9.77
N PRO C 229 38.86 -34.23 10.35
CA PRO C 229 38.89 -32.75 10.46
C PRO C 229 40.17 -32.16 11.04
N GLY C 230 40.88 -32.88 11.90
CA GLY C 230 42.16 -32.41 12.41
C GLY C 230 42.08 -31.41 13.54
N ALA C 231 43.04 -31.50 14.46
CA ALA C 231 43.12 -30.58 15.58
C ALA C 231 43.28 -29.16 15.06
N PHE C 232 42.78 -28.19 15.83
CA PHE C 232 42.77 -26.82 15.34
C PHE C 232 42.67 -25.90 16.54
N SER C 233 42.87 -24.61 16.24
CA SER C 233 42.65 -23.51 17.18
C SER C 233 42.97 -22.23 16.45
N TYR C 234 42.69 -21.13 17.13
CA TYR C 234 42.76 -19.78 16.63
C TYR C 234 44.02 -19.11 17.14
N ASN C 235 44.80 -18.56 16.21
CA ASN C 235 45.97 -17.77 16.53
C ASN C 235 45.68 -16.29 16.78
N GLY C 236 44.47 -15.98 17.23
CA GLY C 236 44.03 -14.61 17.38
C GLY C 236 42.64 -14.41 16.83
N SER C 237 42.44 -14.72 15.55
CA SER C 237 41.14 -14.58 14.91
C SER C 237 41.04 -15.46 13.68
N GLN C 238 41.99 -16.38 13.52
CA GLN C 238 42.03 -17.25 12.34
C GLN C 238 42.24 -18.69 12.79
N LYS C 239 41.37 -19.58 12.34
CA LYS C 239 41.48 -20.99 12.67
C LYS C 239 42.64 -21.65 11.94
N PHE C 240 43.46 -22.39 12.69
CA PHE C 240 44.58 -23.12 12.13
C PHE C 240 44.51 -24.56 12.57
N THR C 241 44.54 -25.47 11.61
CA THR C 241 44.48 -26.91 11.86
C THR C 241 45.87 -27.51 11.76
N ILE C 242 46.23 -28.31 12.76
CA ILE C 242 47.50 -29.03 12.81
C ILE C 242 47.28 -30.44 12.27
N TRP C 243 48.01 -30.80 11.22
CA TRP C 243 47.84 -32.13 10.67
C TRP C 243 48.83 -33.15 11.23
N SER C 244 50.11 -32.79 11.39
CA SER C 244 51.11 -33.73 11.86
C SER C 244 51.96 -33.09 12.94
N SER C 245 52.34 -33.89 13.95
CA SER C 245 52.95 -33.36 15.16
C SER C 245 54.04 -34.31 15.65
N ARG C 246 54.94 -33.76 16.46
CA ARG C 246 55.90 -34.54 17.23
C ARG C 246 56.05 -33.89 18.60
N MET C 247 55.63 -34.60 19.65
CA MET C 247 55.68 -34.07 21.00
C MET C 247 57.14 -33.87 21.45
N CYS C 248 57.55 -32.62 21.58
CA CYS C 248 58.93 -32.27 21.92
C CYS C 248 59.01 -32.00 23.41
N PRO C 249 59.61 -32.89 24.20
CA PRO C 249 59.49 -32.79 25.65
C PRO C 249 60.37 -31.74 26.28
N ASP C 250 61.38 -31.21 25.57
CA ASP C 250 62.29 -30.25 26.16
C ASP C 250 61.50 -29.05 26.66
N ALA C 251 61.31 -28.95 27.99
CA ALA C 251 60.41 -27.94 28.58
C ALA C 251 60.91 -26.52 28.38
N GLN C 252 61.18 -26.17 27.12
CA GLN C 252 61.66 -24.88 26.68
C GLN C 252 60.93 -23.72 27.36
N GLY C 253 61.59 -23.13 28.36
CA GLY C 253 60.99 -22.16 29.27
C GLY C 253 60.04 -21.13 28.68
N ALA C 254 58.74 -21.43 28.70
CA ALA C 254 57.72 -20.50 28.24
C ALA C 254 56.40 -20.83 28.92
N LEU C 255 55.39 -20.01 28.65
CA LEU C 255 54.06 -20.27 29.17
C LEU C 255 53.33 -21.25 28.26
N PRO C 256 52.62 -22.24 28.82
CA PRO C 256 51.91 -23.21 27.96
C PRO C 256 50.86 -22.54 27.09
N GLY C 257 51.06 -22.63 25.79
CA GLY C 257 50.27 -21.90 24.81
C GLY C 257 51.04 -20.82 24.09
N SER C 258 52.30 -20.59 24.45
CA SER C 258 53.11 -19.55 23.83
C SER C 258 53.98 -20.14 22.74
N VAL C 259 54.13 -19.39 21.65
CA VAL C 259 55.03 -19.76 20.56
C VAL C 259 56.46 -19.43 20.97
N ILE C 260 57.40 -20.32 20.65
CA ILE C 260 58.77 -20.13 21.11
C ILE C 260 59.75 -20.14 19.95
N SER C 261 59.28 -20.49 18.76
CA SER C 261 60.17 -20.58 17.61
C SER C 261 59.35 -20.58 16.33
N VAL C 262 59.90 -19.92 15.29
CA VAL C 262 59.26 -19.94 13.97
C VAL C 262 59.81 -21.07 13.10
N SER C 263 61.05 -21.50 13.33
CA SER C 263 61.69 -22.52 12.49
C SER C 263 62.64 -23.34 13.37
N PRO C 264 62.25 -24.56 13.76
CA PRO C 264 60.95 -25.21 13.52
C PRO C 264 59.86 -24.56 14.37
N LEU C 265 58.60 -24.96 14.22
CA LEU C 265 57.51 -24.31 14.93
C LEU C 265 57.17 -25.12 16.17
N ARG C 266 57.44 -24.53 17.33
CA ARG C 266 57.26 -25.19 18.62
C ARG C 266 56.43 -24.27 19.51
N VAL C 267 55.36 -24.79 20.10
CA VAL C 267 54.50 -24.02 20.98
C VAL C 267 54.40 -24.77 22.31
N ALA C 268 54.46 -24.02 23.41
CA ALA C 268 54.60 -24.64 24.72
C ALA C 268 53.31 -25.31 25.17
N CYS C 269 53.47 -26.43 25.87
CA CYS C 269 52.39 -27.13 26.56
C CYS C 269 52.72 -27.14 28.05
N ALA C 270 51.94 -27.91 28.82
CA ALA C 270 52.19 -27.99 30.26
C ALA C 270 53.55 -28.60 30.55
N ASP C 271 53.97 -29.58 29.76
CA ASP C 271 55.26 -30.22 29.95
C ASP C 271 56.31 -29.55 29.08
N GLY C 272 56.56 -30.10 27.90
CA GLY C 272 57.55 -29.55 26.99
C GLY C 272 56.95 -28.63 25.94
N ALA C 273 56.94 -29.08 24.69
CA ALA C 273 56.35 -28.31 23.60
C ALA C 273 55.87 -29.25 22.51
N LEU C 274 54.87 -28.79 21.75
CA LEU C 274 54.38 -29.52 20.58
C LEU C 274 55.05 -28.95 19.34
N GLU C 275 55.60 -29.82 18.50
CA GLU C 275 56.29 -29.40 17.29
C GLU C 275 55.34 -29.55 16.11
N ILE C 276 55.01 -28.43 15.49
CA ILE C 276 54.07 -28.41 14.37
C ILE C 276 54.85 -28.65 13.09
N ILE C 277 54.63 -29.82 12.48
CA ILE C 277 55.27 -30.14 11.21
C ILE C 277 54.43 -29.65 10.03
N THR C 278 53.15 -30.01 9.99
CA THR C 278 52.29 -29.62 8.89
C THR C 278 50.99 -29.05 9.44
N GLY C 279 50.30 -28.33 8.57
CA GLY C 279 49.06 -27.68 8.96
C GLY C 279 48.61 -26.72 7.88
N GLN C 280 47.47 -26.09 8.13
CA GLN C 280 46.90 -25.16 7.17
C GLN C 280 46.10 -24.09 7.91
N ALA C 281 46.18 -22.85 7.41
CA ALA C 281 45.47 -21.73 8.00
C ALA C 281 44.18 -21.49 7.21
N GLY C 282 43.13 -22.22 7.61
CA GLY C 282 41.87 -22.20 6.90
C GLY C 282 41.84 -23.26 5.82
N ASP C 283 41.20 -22.95 4.70
CA ASP C 283 41.17 -23.88 3.58
C ASP C 283 42.40 -23.77 2.68
N ASP C 284 43.22 -22.73 2.86
CA ASP C 284 44.46 -22.64 2.11
C ASP C 284 45.32 -23.86 2.44
N ILE C 285 46.02 -24.35 1.42
CA ILE C 285 46.66 -25.67 1.39
C ILE C 285 47.52 -25.98 2.61
N THR C 286 47.71 -27.28 2.86
CA THR C 286 48.62 -27.73 3.91
C THR C 286 50.07 -27.42 3.51
N VAL C 287 50.83 -26.88 4.44
CA VAL C 287 52.17 -26.36 4.17
C VAL C 287 53.11 -26.76 5.30
N GLN C 288 54.35 -26.28 5.21
CA GLN C 288 55.36 -26.54 6.23
C GLN C 288 54.98 -25.86 7.54
N GLY C 289 55.45 -26.43 8.65
CA GLY C 289 55.21 -25.84 9.95
C GLY C 289 55.73 -24.42 10.05
N SER C 290 56.89 -24.15 9.44
CA SER C 290 57.39 -22.78 9.41
C SER C 290 56.59 -21.94 8.43
N GLN C 291 56.17 -22.53 7.31
CA GLN C 291 55.45 -21.77 6.29
C GLN C 291 54.12 -21.29 6.82
N LEU C 292 53.47 -22.07 7.67
CA LEU C 292 52.18 -21.65 8.21
C LEU C 292 52.38 -20.63 9.32
N ALA C 293 53.50 -20.71 10.04
CA ALA C 293 53.90 -19.64 10.94
C ALA C 293 54.27 -18.38 10.17
N GLN C 294 54.52 -18.50 8.87
CA GLN C 294 54.77 -17.36 8.01
C GLN C 294 53.47 -16.71 7.54
N THR C 295 52.57 -17.50 6.96
CA THR C 295 51.30 -16.97 6.47
C THR C 295 50.47 -16.41 7.61
N LEU C 296 50.63 -16.97 8.83
CA LEU C 296 50.06 -16.36 10.02
C LEU C 296 50.95 -15.28 10.61
N GLY C 297 52.26 -15.33 10.35
CA GLY C 297 53.18 -14.35 10.88
C GLY C 297 53.31 -14.41 12.38
N LEU C 298 54.08 -15.36 12.90
CA LEU C 298 54.12 -15.65 14.32
C LEU C 298 55.42 -15.17 14.97
N VAL C 299 55.30 -14.83 16.26
CA VAL C 299 56.43 -14.61 17.14
C VAL C 299 55.93 -15.00 18.53
N ALA C 300 56.53 -14.47 19.59
CA ALA C 300 56.12 -14.80 20.95
C ALA C 300 54.69 -14.32 21.21
N GLY C 301 53.71 -15.20 21.01
CA GLY C 301 52.32 -14.88 21.30
C GLY C 301 51.56 -16.08 21.86
N ALA C 302 50.26 -15.93 22.11
CA ALA C 302 49.44 -17.01 22.62
C ALA C 302 48.57 -17.58 21.51
N ARG C 303 47.92 -18.71 21.84
CA ARG C 303 47.09 -19.40 20.87
C ARG C 303 45.60 -19.27 21.20
N LEU C 304 45.14 -18.05 21.46
CA LEU C 304 43.71 -17.82 21.74
C LEU C 304 43.16 -16.74 20.82
N ARG C 314 28.53 -6.93 26.38
CA ARG C 314 27.30 -6.59 25.68
C ARG C 314 26.18 -7.56 26.07
N ARG C 315 25.03 -7.03 26.46
CA ARG C 315 23.95 -7.83 27.00
C ARG C 315 23.08 -8.41 25.88
N ILE C 316 22.08 -9.20 26.27
CA ILE C 316 21.18 -9.85 25.33
C ILE C 316 19.87 -9.07 25.28
N ARG C 317 19.40 -8.79 24.07
CA ARG C 317 18.18 -8.02 23.86
C ARG C 317 17.01 -8.97 23.68
N VAL C 318 16.04 -8.89 24.57
CA VAL C 318 14.84 -9.72 24.52
C VAL C 318 13.65 -8.83 24.20
N LEU C 319 12.85 -9.23 23.22
CA LEU C 319 11.66 -8.48 22.84
C LEU C 319 10.45 -9.24 23.34
N ILE C 320 9.59 -8.56 24.08
CA ILE C 320 8.37 -9.15 24.65
C ILE C 320 7.17 -8.42 24.05
N LEU C 321 6.50 -9.06 23.11
CA LEU C 321 5.21 -8.62 22.60
C LEU C 321 4.12 -9.04 23.57
N GLY C 322 3.64 -8.08 24.35
CA GLY C 322 2.59 -8.35 25.32
C GLY C 322 3.13 -8.37 26.74
N VAL C 323 3.95 -7.38 27.08
CA VAL C 323 4.62 -7.38 28.38
C VAL C 323 3.60 -7.22 29.51
N ASN C 324 2.64 -6.33 29.33
CA ASN C 324 1.63 -6.06 30.36
C ASN C 324 0.59 -7.18 30.33
N GLY C 325 1.02 -8.38 30.65
CA GLY C 325 0.09 -9.49 30.66
C GLY C 325 0.37 -10.59 31.67
N PHE C 326 -0.03 -11.82 31.31
CA PHE C 326 0.11 -12.96 32.20
C PHE C 326 1.54 -13.45 32.28
N ILE C 327 2.06 -14.03 31.19
CA ILE C 327 3.44 -14.53 31.18
C ILE C 327 4.41 -13.36 31.10
N GLY C 328 4.10 -12.38 30.26
CA GLY C 328 5.03 -11.29 30.00
C GLY C 328 5.45 -10.56 31.26
N ASN C 329 4.52 -10.40 32.20
CA ASN C 329 4.87 -9.75 33.47
C ASN C 329 5.92 -10.55 34.22
N HIS C 330 5.70 -11.85 34.39
CA HIS C 330 6.62 -12.66 35.20
C HIS C 330 7.91 -12.95 34.46
N LEU C 331 7.86 -13.10 33.13
CA LEU C 331 9.10 -13.26 32.37
C LEU C 331 9.93 -12.00 32.40
N THR C 332 9.29 -10.83 32.47
CA THR C 332 10.05 -9.59 32.55
C THR C 332 10.83 -9.52 33.85
N GLU C 333 10.20 -9.91 34.96
CA GLU C 333 10.89 -9.87 36.26
C GLU C 333 12.03 -10.86 36.32
N ARG C 334 11.84 -12.08 35.79
CA ARG C 334 12.90 -13.08 35.80
C ARG C 334 14.11 -12.59 35.02
N LEU C 335 13.91 -12.22 33.75
CA LEU C 335 15.01 -11.73 32.93
C LEU C 335 15.59 -10.44 33.50
N LEU C 336 14.78 -9.62 34.17
CA LEU C 336 15.29 -8.39 34.74
C LEU C 336 16.20 -8.67 35.94
N ASN C 337 15.83 -9.66 36.76
CA ASN C 337 16.69 -10.04 37.87
C ASN C 337 18.00 -10.65 37.37
N GLU C 338 17.96 -11.35 36.24
CA GLU C 338 19.18 -11.92 35.69
C GLU C 338 20.13 -10.81 35.22
N GLU C 339 21.39 -11.18 35.06
CA GLU C 339 22.46 -10.22 34.86
C GLU C 339 22.36 -9.40 33.57
N ASN C 340 22.63 -10.00 32.42
CA ASN C 340 22.84 -9.22 31.21
C ASN C 340 21.65 -9.28 30.27
N TYR C 341 20.49 -8.82 30.73
CA TYR C 341 19.28 -8.87 29.92
C TYR C 341 18.69 -7.46 29.77
N GLU C 342 18.69 -6.97 28.54
CA GLU C 342 18.03 -5.73 28.17
C GLU C 342 16.72 -6.12 27.52
N VAL C 343 15.62 -5.98 28.25
CA VAL C 343 14.31 -6.42 27.79
C VAL C 343 13.53 -5.23 27.26
N TYR C 344 12.97 -5.39 26.07
CA TYR C 344 12.09 -4.40 25.46
C TYR C 344 10.68 -4.98 25.42
N GLY C 345 9.76 -4.36 26.15
CA GLY C 345 8.40 -4.86 26.23
C GLY C 345 7.38 -3.98 25.54
N MET C 346 6.67 -4.55 24.57
CA MET C 346 5.65 -3.83 23.83
C MET C 346 4.27 -4.21 24.33
N ASP C 347 3.44 -3.20 24.60
CA ASP C 347 2.04 -3.40 24.95
C ASP C 347 1.34 -2.06 24.93
N ILE C 348 0.02 -2.10 25.07
CA ILE C 348 -0.78 -0.87 25.06
C ILE C 348 -0.87 -0.21 26.43
N GLY C 349 -0.66 -0.95 27.52
CA GLY C 349 -0.71 -0.38 28.84
C GLY C 349 0.44 -0.86 29.70
N SER C 350 0.50 -0.30 30.91
CA SER C 350 1.53 -0.63 31.90
C SER C 350 0.92 -0.81 33.28
N ASN C 351 -0.33 -1.25 33.34
CA ASN C 351 -1.09 -1.33 34.58
C ASN C 351 -0.76 -2.56 35.40
N ALA C 352 0.12 -3.44 34.90
CA ALA C 352 0.62 -4.58 35.67
C ALA C 352 2.14 -4.65 35.73
N ILE C 353 2.86 -3.89 34.90
CA ILE C 353 4.31 -3.90 34.90
C ILE C 353 4.88 -2.67 35.60
N SER C 354 4.10 -2.05 36.50
CA SER C 354 4.49 -0.77 37.09
C SER C 354 5.73 -0.85 37.96
N ARG C 355 6.06 -2.04 38.50
CA ARG C 355 7.13 -2.11 39.49
C ARG C 355 8.51 -1.85 38.88
N PHE C 356 8.72 -2.28 37.63
CA PHE C 356 10.02 -2.17 36.99
C PHE C 356 10.00 -1.28 35.74
N LEU C 357 9.01 -0.40 35.62
CA LEU C 357 8.93 0.44 34.42
C LEU C 357 10.18 1.26 34.24
N LEU C 358 10.73 1.80 35.32
CA LEU C 358 11.90 2.64 35.26
C LEU C 358 13.17 1.88 35.55
N HIS C 359 13.09 0.55 35.59
CA HIS C 359 14.28 -0.27 35.76
C HIS C 359 15.21 -0.04 34.57
N PRO C 360 16.48 0.31 34.80
CA PRO C 360 17.36 0.71 33.69
C PRO C 360 17.55 -0.37 32.62
N ARG C 361 17.36 -1.64 32.96
CA ARG C 361 17.50 -2.72 31.99
C ARG C 361 16.15 -3.17 31.41
N PHE C 362 15.11 -2.37 31.57
CA PHE C 362 13.81 -2.62 30.97
C PHE C 362 13.36 -1.38 30.23
N HIS C 363 12.95 -1.54 28.98
CA HIS C 363 12.42 -0.45 28.17
C HIS C 363 11.03 -0.82 27.71
N PHE C 364 10.05 -0.03 28.13
CA PHE C 364 8.67 -0.19 27.66
C PHE C 364 8.50 0.58 26.36
N VAL C 365 7.77 -0.02 25.42
CA VAL C 365 7.40 0.64 24.19
C VAL C 365 5.91 0.46 23.95
N GLU C 366 5.27 1.51 23.45
CA GLU C 366 3.85 1.47 23.15
C GLU C 366 3.62 0.72 21.84
N GLY C 367 2.63 -0.17 21.82
CA GLY C 367 2.38 -0.91 20.61
C GLY C 367 1.22 -1.88 20.64
N ASP C 368 0.56 -2.01 19.50
CA ASP C 368 -0.48 -3.01 19.27
C ASP C 368 -0.08 -3.80 18.04
N ILE C 369 0.10 -5.12 18.19
CA ILE C 369 0.57 -5.93 17.09
C ILE C 369 -0.43 -5.98 15.94
N SER C 370 -1.65 -5.47 16.14
CA SER C 370 -2.62 -5.38 15.06
C SER C 370 -2.40 -4.15 14.20
N ILE C 371 -1.88 -3.06 14.77
CA ILE C 371 -1.74 -1.80 14.06
C ILE C 371 -0.30 -1.61 13.60
N HIS C 372 0.61 -1.44 14.55
CA HIS C 372 2.01 -1.14 14.23
C HIS C 372 2.61 -2.20 13.32
N SER C 373 3.19 -1.75 12.21
CA SER C 373 4.06 -2.61 11.43
C SER C 373 5.52 -2.21 11.55
N GLU C 374 5.77 -0.91 11.71
CA GLU C 374 7.14 -0.42 11.69
C GLU C 374 7.80 -0.49 13.07
N TRP C 375 7.09 -0.05 14.12
CA TRP C 375 7.68 -0.10 15.45
C TRP C 375 7.97 -1.54 15.85
N ILE C 376 7.10 -2.47 15.48
CA ILE C 376 7.34 -3.87 15.80
C ILE C 376 8.49 -4.43 14.99
N GLU C 377 8.54 -4.11 13.69
CA GLU C 377 9.62 -4.60 12.84
C GLU C 377 10.96 -4.00 13.25
N TYR C 378 10.98 -2.69 13.50
CA TYR C 378 12.17 -2.03 14.04
C TYR C 378 12.72 -2.80 15.24
N HIS C 379 11.86 -3.02 16.24
CA HIS C 379 12.33 -3.61 17.49
C HIS C 379 12.80 -5.06 17.27
N VAL C 380 12.19 -5.78 16.34
CA VAL C 380 12.63 -7.15 16.06
C VAL C 380 14.06 -7.14 15.52
N LYS C 381 14.38 -6.15 14.69
CA LYS C 381 15.77 -5.98 14.25
C LYS C 381 16.68 -5.66 15.42
N LYS C 382 16.26 -4.74 16.27
CA LYS C 382 17.11 -4.26 17.37
C LYS C 382 17.39 -5.35 18.40
N CYS C 383 16.53 -6.35 18.52
CA CYS C 383 16.64 -7.36 19.56
C CYS C 383 17.23 -8.65 19.00
N ASP C 384 17.40 -9.63 19.89
CA ASP C 384 18.03 -10.91 19.56
C ASP C 384 17.04 -12.06 19.59
N VAL C 385 16.22 -12.16 20.63
CA VAL C 385 15.15 -13.14 20.71
C VAL C 385 13.83 -12.40 20.75
N VAL C 386 12.81 -12.99 20.13
CA VAL C 386 11.46 -12.42 20.08
C VAL C 386 10.50 -13.41 20.70
N LEU C 387 9.64 -12.92 21.60
CA LEU C 387 8.64 -13.74 22.28
C LEU C 387 7.28 -13.09 22.07
N PRO C 388 6.58 -13.45 21.01
CA PRO C 388 5.26 -12.85 20.71
C PRO C 388 4.15 -13.39 21.61
N LEU C 389 4.13 -12.91 22.85
CA LEU C 389 3.19 -13.37 23.86
C LEU C 389 1.80 -12.78 23.69
N VAL C 390 1.55 -12.00 22.63
CA VAL C 390 0.22 -11.44 22.39
C VAL C 390 -0.66 -12.53 21.80
N ALA C 391 -1.78 -12.82 22.45
CA ALA C 391 -2.70 -13.85 22.00
C ALA C 391 -3.97 -13.78 22.83
N ILE C 392 -5.08 -14.18 22.22
CA ILE C 392 -6.35 -14.36 22.92
C ILE C 392 -6.50 -15.84 23.23
N ALA C 393 -6.50 -16.19 24.51
CA ALA C 393 -6.48 -17.59 24.93
C ALA C 393 -7.60 -17.84 25.95
N THR C 394 -8.83 -17.56 25.54
CA THR C 394 -9.99 -17.75 26.41
C THR C 394 -11.00 -18.62 25.69
N PRO C 395 -11.36 -19.78 26.25
CA PRO C 395 -12.29 -20.68 25.56
C PRO C 395 -13.61 -20.05 25.14
N ILE C 396 -14.04 -18.99 25.82
CA ILE C 396 -15.31 -18.37 25.47
C ILE C 396 -15.16 -17.54 24.19
N GLU C 397 -13.99 -16.93 24.00
CA GLU C 397 -13.78 -16.06 22.86
C GLU C 397 -13.72 -16.83 21.54
N TYR C 398 -13.45 -18.13 21.58
CA TYR C 398 -13.35 -18.90 20.34
C TYR C 398 -14.69 -18.97 19.63
N THR C 399 -15.75 -19.23 20.37
CA THR C 399 -17.10 -19.22 19.79
C THR C 399 -17.71 -17.83 19.76
N ARG C 400 -17.36 -16.97 20.69
CA ARG C 400 -17.85 -15.60 20.72
C ARG C 400 -17.32 -14.81 19.54
N ASN C 401 -15.99 -14.58 19.51
CA ASN C 401 -15.32 -13.83 18.44
C ASN C 401 -14.34 -14.77 17.75
N PRO C 402 -14.82 -15.64 16.86
CA PRO C 402 -13.89 -16.55 16.19
C PRO C 402 -12.93 -15.85 15.26
N LEU C 403 -13.38 -14.78 14.60
CA LEU C 403 -12.55 -14.13 13.59
C LEU C 403 -11.43 -13.34 14.23
N ARG C 404 -11.74 -12.56 15.27
CA ARG C 404 -10.69 -11.81 15.97
C ARG C 404 -9.71 -12.74 16.66
N VAL C 405 -10.17 -13.91 17.11
CA VAL C 405 -9.26 -14.90 17.67
C VAL C 405 -8.27 -15.37 16.61
N PHE C 406 -8.77 -15.72 15.43
CA PHE C 406 -7.91 -16.13 14.33
C PHE C 406 -7.02 -14.97 13.86
N GLU C 407 -7.63 -13.80 13.62
CA GLU C 407 -6.88 -12.67 13.06
C GLU C 407 -5.78 -12.18 13.99
N LEU C 408 -5.88 -12.43 15.29
CA LEU C 408 -4.87 -12.01 16.24
C LEU C 408 -3.91 -13.15 16.60
N ASP C 409 -4.45 -14.30 17.02
CA ASP C 409 -3.59 -15.40 17.42
C ASP C 409 -2.77 -15.94 16.26
N PHE C 410 -3.31 -15.84 15.04
CA PHE C 410 -2.63 -16.38 13.86
C PHE C 410 -2.01 -15.29 12.99
N GLU C 411 -2.85 -14.52 12.29
CA GLU C 411 -2.36 -13.60 11.25
C GLU C 411 -1.29 -12.66 11.78
N GLU C 412 -1.63 -11.87 12.80
CA GLU C 412 -0.70 -10.84 13.26
C GLU C 412 0.56 -11.45 13.85
N ASN C 413 0.42 -12.55 14.61
CA ASN C 413 1.60 -13.22 15.15
C ASN C 413 2.50 -13.73 14.04
N LEU C 414 1.90 -14.22 12.95
CA LEU C 414 2.70 -14.74 11.85
C LEU C 414 3.48 -13.62 11.18
N ARG C 415 2.87 -12.44 11.04
CA ARG C 415 3.59 -11.26 10.57
C ARG C 415 4.87 -11.03 11.38
N ILE C 416 4.78 -11.16 12.70
CA ILE C 416 5.95 -11.00 13.56
C ILE C 416 6.96 -12.09 13.29
N ILE C 417 6.50 -13.30 12.97
CA ILE C 417 7.42 -14.40 12.74
C ILE C 417 8.15 -14.22 11.41
N ARG C 418 7.48 -13.65 10.40
CA ARG C 418 8.20 -13.33 9.17
C ARG C 418 9.18 -12.19 9.37
N TYR C 419 8.86 -11.25 10.27
CA TYR C 419 9.85 -10.26 10.68
C TYR C 419 11.11 -10.94 11.18
N CYS C 420 10.97 -12.08 11.84
CA CYS C 420 12.10 -12.75 12.46
C CYS C 420 12.92 -13.52 11.43
N VAL C 421 12.26 -14.23 10.52
CA VAL C 421 13.00 -14.95 9.50
C VAL C 421 13.73 -13.97 8.59
N LYS C 422 13.19 -12.77 8.42
CA LYS C 422 13.83 -11.79 7.54
C LYS C 422 15.07 -11.20 8.19
N TYR C 423 14.96 -10.81 9.45
CA TYR C 423 16.07 -10.19 10.15
C TYR C 423 16.89 -11.19 10.95
N ARG C 424 16.63 -12.49 10.77
CA ARG C 424 17.44 -13.57 11.33
C ARG C 424 17.53 -13.47 12.85
N LYS C 425 16.38 -13.67 13.48
CA LYS C 425 16.26 -13.66 14.92
C LYS C 425 15.63 -14.96 15.37
N ARG C 426 15.73 -15.24 16.67
CA ARG C 426 15.19 -16.45 17.26
C ARG C 426 13.83 -16.15 17.88
N VAL C 427 12.82 -16.95 17.52
CA VAL C 427 11.51 -16.87 18.14
C VAL C 427 11.42 -17.94 19.23
N VAL C 428 11.27 -17.50 20.47
CA VAL C 428 10.80 -18.39 21.55
C VAL C 428 9.29 -18.29 21.53
N PHE C 429 8.68 -19.00 20.57
CA PHE C 429 7.27 -18.80 20.30
C PHE C 429 6.42 -19.62 21.27
N PRO C 430 5.30 -19.05 21.71
CA PRO C 430 4.39 -19.80 22.59
C PRO C 430 3.35 -20.61 21.83
N SER C 431 3.56 -21.93 21.74
CA SER C 431 2.51 -22.82 21.27
C SER C 431 1.52 -23.02 22.42
N THR C 432 0.56 -23.93 22.26
CA THR C 432 -0.49 -24.09 23.25
C THR C 432 -0.72 -25.55 23.56
N SER C 433 -1.29 -25.81 24.73
CA SER C 433 -1.71 -27.18 25.05
C SER C 433 -2.88 -27.61 24.19
N GLU C 434 -3.78 -26.66 23.88
CA GLU C 434 -4.95 -26.94 23.07
C GLU C 434 -4.59 -27.50 21.69
N VAL C 435 -3.32 -27.45 21.29
CA VAL C 435 -2.93 -27.99 19.99
C VAL C 435 -3.17 -29.50 19.93
N TYR C 436 -2.98 -30.20 21.05
CA TYR C 436 -3.30 -31.61 21.10
C TYR C 436 -4.80 -31.85 21.05
N GLY C 437 -5.59 -30.87 21.51
CA GLY C 437 -7.03 -31.04 21.49
C GLY C 437 -7.44 -32.28 22.23
N MET C 438 -8.44 -32.97 21.67
CA MET C 438 -8.99 -34.19 22.27
C MET C 438 -8.08 -35.39 21.97
N CYS C 439 -6.84 -35.27 22.42
CA CYS C 439 -5.86 -36.32 22.19
C CYS C 439 -6.04 -37.45 23.20
N THR C 440 -5.85 -38.69 22.74
CA THR C 440 -6.05 -39.87 23.56
C THR C 440 -4.83 -40.24 24.40
N ASP C 441 -3.63 -39.92 23.92
CA ASP C 441 -2.39 -40.35 24.55
C ASP C 441 -2.40 -40.10 26.06
N ALA C 442 -1.83 -41.04 26.80
CA ALA C 442 -1.79 -40.95 28.26
C ALA C 442 -1.23 -39.61 28.71
N SER C 443 0.01 -39.33 28.33
CA SER C 443 0.59 -38.01 28.45
C SER C 443 0.96 -37.51 27.07
N PHE C 444 0.67 -36.24 26.79
CA PHE C 444 0.83 -35.69 25.45
C PHE C 444 2.31 -35.45 25.17
N ASP C 445 2.84 -36.15 24.17
CA ASP C 445 4.23 -35.98 23.77
C ASP C 445 4.30 -35.05 22.57
N GLU C 446 5.20 -34.07 22.65
CA GLU C 446 5.29 -33.05 21.62
C GLU C 446 5.65 -33.66 20.26
N ASP C 447 6.54 -34.66 20.26
CA ASP C 447 7.09 -35.19 19.03
C ASP C 447 6.37 -36.45 18.54
N LYS C 448 5.39 -36.96 19.28
CA LYS C 448 4.76 -38.22 18.90
C LYS C 448 3.24 -38.19 18.99
N SER C 449 2.70 -37.49 20.00
CA SER C 449 1.26 -37.52 20.23
C SER C 449 0.51 -36.90 19.06
N ASN C 450 -0.62 -37.50 18.71
CA ASN C 450 -1.45 -37.00 17.62
C ASN C 450 -2.19 -35.73 18.06
N LEU C 451 -3.00 -35.21 17.14
CA LEU C 451 -3.77 -33.98 17.39
C LEU C 451 -5.19 -34.20 16.86
N ILE C 452 -6.15 -34.33 17.77
CA ILE C 452 -7.55 -34.60 17.42
C ILE C 452 -8.39 -33.38 17.79
N VAL C 453 -9.27 -32.99 16.87
CA VAL C 453 -10.21 -31.90 17.10
C VAL C 453 -11.56 -32.28 16.51
N GLY C 454 -12.61 -31.65 17.03
CA GLY C 454 -13.95 -31.84 16.52
C GLY C 454 -14.11 -31.25 15.14
N PRO C 455 -15.27 -31.50 14.50
CA PRO C 455 -15.47 -31.01 13.13
C PRO C 455 -15.60 -29.50 13.03
N VAL C 456 -15.87 -29.00 11.82
CA VAL C 456 -15.91 -27.56 11.59
C VAL C 456 -16.97 -26.90 12.45
N ASN C 457 -18.09 -27.59 12.68
CA ASN C 457 -19.17 -27.06 13.52
C ASN C 457 -18.83 -27.08 15.00
N LYS C 458 -17.60 -26.76 15.36
CA LYS C 458 -17.16 -26.69 16.75
C LYS C 458 -16.15 -25.56 16.86
N PRO C 459 -16.61 -24.31 16.70
CA PRO C 459 -15.67 -23.18 16.62
C PRO C 459 -14.76 -23.03 17.83
N ARG C 460 -14.94 -23.83 18.87
CA ARG C 460 -13.98 -23.87 19.97
C ARG C 460 -12.58 -24.20 19.46
N TRP C 461 -12.49 -24.95 18.36
CA TRP C 461 -11.21 -25.40 17.83
C TRP C 461 -10.57 -24.42 16.87
N ILE C 462 -11.21 -23.27 16.60
CA ILE C 462 -10.57 -22.23 15.79
C ILE C 462 -9.23 -21.83 16.41
N TYR C 463 -9.14 -21.89 17.75
CA TYR C 463 -7.90 -21.54 18.43
C TYR C 463 -6.87 -22.64 18.25
N SER C 464 -7.26 -23.88 18.55
CA SER C 464 -6.35 -25.02 18.44
C SER C 464 -5.74 -25.11 17.05
N VAL C 465 -6.60 -25.12 16.03
CA VAL C 465 -6.12 -25.27 14.65
C VAL C 465 -5.27 -24.07 14.24
N SER C 466 -5.65 -22.87 14.71
CA SER C 466 -4.87 -21.68 14.37
C SER C 466 -3.45 -21.77 14.91
N LYS C 467 -3.32 -22.01 16.21
CA LYS C 467 -1.99 -22.11 16.81
C LYS C 467 -1.18 -23.24 16.17
N GLN C 468 -1.83 -24.35 15.86
CA GLN C 468 -1.11 -25.47 15.25
C GLN C 468 -0.58 -25.11 13.88
N LEU C 469 -1.43 -24.57 13.01
CA LEU C 469 -0.98 -24.21 11.68
C LEU C 469 0.16 -23.21 11.75
N LEU C 470 0.05 -22.21 12.62
CA LEU C 470 1.14 -21.28 12.81
C LEU C 470 2.38 -22.01 13.31
N ASP C 471 2.21 -22.94 14.24
CA ASP C 471 3.31 -23.80 14.66
C ASP C 471 3.96 -24.46 13.45
N ARG C 472 3.13 -25.04 12.58
CA ARG C 472 3.64 -25.78 11.43
C ARG C 472 4.37 -24.87 10.46
N VAL C 473 3.91 -23.62 10.32
CA VAL C 473 4.55 -22.69 9.40
C VAL C 473 5.92 -22.29 9.94
N ILE C 474 6.03 -22.09 11.26
CA ILE C 474 7.35 -21.90 11.88
C ILE C 474 8.25 -23.07 11.54
N TRP C 475 7.73 -24.28 11.67
CA TRP C 475 8.48 -25.50 11.36
C TRP C 475 9.09 -25.41 9.96
N ALA C 476 8.25 -25.13 8.96
CA ALA C 476 8.72 -25.04 7.59
C ALA C 476 9.75 -23.93 7.44
N TYR C 477 9.52 -22.78 8.06
CA TYR C 477 10.47 -21.68 7.98
C TYR C 477 11.82 -22.06 8.56
N GLY C 478 11.82 -22.56 9.80
CA GLY C 478 13.05 -23.03 10.42
C GLY C 478 13.72 -24.18 9.68
N GLU C 479 13.02 -24.79 8.72
CA GLU C 479 13.54 -25.91 7.95
C GLU C 479 13.91 -25.51 6.53
N LYS C 480 12.99 -24.91 5.78
CA LYS C 480 13.27 -24.49 4.42
C LYS C 480 14.01 -23.16 4.34
N GLU C 481 14.11 -22.41 5.45
CA GLU C 481 14.77 -21.11 5.41
C GLU C 481 15.62 -20.82 6.64
N GLY C 482 15.74 -21.76 7.58
CA GLY C 482 16.71 -21.63 8.66
C GLY C 482 16.35 -20.67 9.77
N LEU C 483 15.06 -20.52 10.08
CA LEU C 483 14.66 -19.66 11.20
C LEU C 483 15.02 -20.33 12.52
N ARG C 484 15.78 -19.63 13.35
CA ARG C 484 16.07 -20.12 14.69
C ARG C 484 14.81 -19.99 15.54
N PHE C 485 14.40 -21.08 16.17
CA PHE C 485 13.12 -21.05 16.88
C PHE C 485 13.11 -22.08 18.01
N THR C 486 12.13 -21.91 18.90
CA THR C 486 11.81 -22.89 19.93
C THR C 486 10.35 -22.69 20.33
N LEU C 487 9.58 -23.77 20.31
CA LEU C 487 8.15 -23.74 20.60
C LEU C 487 7.90 -24.36 21.96
N PHE C 488 7.16 -23.65 22.82
CA PHE C 488 6.76 -24.18 24.11
C PHE C 488 5.24 -24.14 24.24
N ARG C 489 4.69 -25.16 24.90
CA ARG C 489 3.25 -25.36 25.07
C ARG C 489 2.91 -25.41 26.54
N PRO C 490 2.61 -24.28 27.17
CA PRO C 490 2.22 -24.29 28.58
C PRO C 490 0.96 -25.10 28.80
N PHE C 491 0.87 -25.73 29.97
CA PHE C 491 -0.25 -26.58 30.35
C PHE C 491 -0.92 -25.97 31.59
N ASN C 492 -1.95 -25.15 31.36
CA ASN C 492 -2.75 -24.55 32.43
C ASN C 492 -1.88 -23.88 33.49
N TRP C 493 -1.08 -22.92 33.04
CA TRP C 493 -0.33 -22.09 33.97
C TRP C 493 -1.28 -21.21 34.77
N MET C 494 -0.93 -20.96 36.02
CA MET C 494 -1.71 -20.05 36.84
C MET C 494 -0.86 -19.50 37.96
N GLY C 495 -1.31 -18.39 38.53
CA GLY C 495 -0.61 -17.70 39.58
C GLY C 495 -1.11 -16.29 39.72
N PRO C 496 -0.34 -15.42 40.37
CA PRO C 496 -0.75 -14.01 40.48
C PRO C 496 -0.76 -13.33 39.13
N ARG C 497 -1.64 -12.34 38.99
CA ARG C 497 -1.85 -11.60 37.76
C ARG C 497 -2.07 -12.56 36.57
N LEU C 498 -3.24 -13.18 36.62
CA LEU C 498 -3.73 -14.03 35.53
C LEU C 498 -5.09 -13.45 35.13
N ASP C 499 -5.09 -12.63 34.08
CA ASP C 499 -6.28 -11.88 33.67
C ASP C 499 -6.75 -10.95 34.78
N SER C 500 -7.91 -10.32 34.60
CA SER C 500 -8.41 -9.34 35.55
C SER C 500 -9.84 -9.69 35.94
N LEU C 501 -10.23 -9.27 37.14
CA LEU C 501 -11.59 -9.50 37.61
C LEU C 501 -12.61 -8.80 36.74
N ASN C 502 -12.27 -7.61 36.23
CA ASN C 502 -13.19 -6.86 35.38
C ASN C 502 -13.39 -7.56 34.04
N ALA C 503 -12.39 -8.28 33.57
CA ALA C 503 -12.51 -9.11 32.37
C ALA C 503 -13.00 -10.52 32.68
N ALA C 504 -13.05 -10.91 33.94
CA ALA C 504 -13.63 -12.19 34.33
C ALA C 504 -15.15 -12.14 34.42
N ARG C 505 -15.73 -10.95 34.62
CA ARG C 505 -17.17 -10.82 34.67
C ARG C 505 -17.82 -11.03 33.32
N ILE C 506 -17.04 -10.98 32.24
CA ILE C 506 -17.57 -11.25 30.91
C ILE C 506 -17.45 -12.73 30.55
N GLY C 507 -16.55 -13.45 31.20
CA GLY C 507 -16.15 -14.78 30.80
C GLY C 507 -14.77 -14.84 30.19
N SER C 508 -14.22 -13.68 29.82
CA SER C 508 -12.90 -13.59 29.21
C SER C 508 -11.82 -13.87 30.24
N SER C 509 -11.81 -15.09 30.77
CA SER C 509 -10.91 -15.47 31.87
C SER C 509 -10.72 -16.99 31.85
N ARG C 510 -9.52 -17.42 32.22
CA ARG C 510 -9.27 -18.83 32.41
C ARG C 510 -9.99 -19.33 33.67
N ALA C 511 -9.80 -20.61 33.97
CA ALA C 511 -10.62 -21.27 34.98
C ALA C 511 -10.44 -20.67 36.36
N ILE C 512 -9.19 -20.65 36.85
CA ILE C 512 -8.95 -20.37 38.27
C ILE C 512 -9.45 -18.98 38.64
N THR C 513 -9.04 -17.95 37.88
CA THR C 513 -9.42 -16.59 38.24
C THR C 513 -10.89 -16.30 37.98
N GLN C 514 -11.58 -17.10 37.15
CA GLN C 514 -13.03 -16.99 37.07
C GLN C 514 -13.68 -17.46 38.36
N LEU C 515 -13.27 -18.64 38.85
CA LEU C 515 -13.84 -19.16 40.10
C LEU C 515 -13.49 -18.26 41.28
N ILE C 516 -12.31 -17.62 41.25
CA ILE C 516 -11.94 -16.71 42.34
C ILE C 516 -12.89 -15.53 42.40
N LEU C 517 -13.25 -14.98 41.23
CA LEU C 517 -14.23 -13.89 41.21
C LEU C 517 -15.57 -14.34 41.77
N ASN C 518 -16.00 -15.56 41.40
CA ASN C 518 -17.24 -16.10 41.96
C ASN C 518 -17.23 -16.04 43.47
N LEU C 519 -16.09 -16.35 44.09
CA LEU C 519 -15.97 -16.26 45.54
C LEU C 519 -15.97 -14.80 46.00
N VAL C 520 -15.43 -13.90 45.18
CA VAL C 520 -15.30 -12.50 45.59
C VAL C 520 -16.66 -11.81 45.64
N GLU C 521 -17.49 -12.01 44.60
CA GLU C 521 -18.78 -11.35 44.53
C GLU C 521 -19.94 -12.27 44.91
N GLY C 522 -19.66 -13.44 45.44
CA GLY C 522 -20.72 -14.33 45.90
C GLY C 522 -21.58 -14.91 44.80
N THR C 523 -20.98 -15.35 43.71
CA THR C 523 -21.62 -16.01 42.59
C THR C 523 -21.45 -17.51 42.70
N PRO C 524 -22.46 -18.30 42.33
CA PRO C 524 -22.29 -19.77 42.35
C PRO C 524 -21.12 -20.21 41.47
N ILE C 525 -20.35 -21.16 42.00
CA ILE C 525 -19.21 -21.72 41.29
C ILE C 525 -19.77 -22.70 40.25
N LYS C 526 -19.80 -22.27 38.99
CA LYS C 526 -20.38 -23.07 37.93
C LYS C 526 -19.39 -24.11 37.45
N LEU C 527 -19.86 -25.35 37.31
CA LEU C 527 -19.03 -26.49 36.91
C LEU C 527 -19.51 -26.90 35.51
N ILE C 528 -18.87 -26.32 34.48
CA ILE C 528 -19.34 -26.47 33.11
C ILE C 528 -19.38 -27.93 32.72
N ASP C 529 -20.53 -28.37 32.22
CA ASP C 529 -20.75 -29.74 31.74
C ASP C 529 -20.27 -30.78 32.76
N GLY C 530 -20.66 -30.57 34.01
CA GLY C 530 -20.36 -31.52 35.06
C GLY C 530 -19.26 -31.10 36.01
N GLY C 531 -18.21 -30.48 35.48
CA GLY C 531 -17.07 -30.14 36.30
C GLY C 531 -16.26 -31.32 36.75
N GLN C 532 -16.19 -32.37 35.93
CA GLN C 532 -15.47 -33.60 36.26
C GLN C 532 -14.25 -33.83 35.37
N GLN C 533 -13.92 -32.88 34.49
CA GLN C 533 -12.76 -33.02 33.63
C GLN C 533 -11.51 -32.59 34.37
N LYS C 534 -10.37 -33.17 33.98
CA LYS C 534 -9.12 -33.03 34.70
C LYS C 534 -8.05 -32.39 33.83
N ARG C 535 -7.24 -31.52 34.43
CA ARG C 535 -6.06 -30.95 33.78
C ARG C 535 -4.92 -30.87 34.79
N CYS C 536 -3.70 -30.81 34.26
CA CYS C 536 -2.52 -30.60 35.08
C CYS C 536 -2.27 -29.10 35.20
N PHE C 537 -2.30 -28.59 36.42
CA PHE C 537 -2.17 -27.16 36.67
C PHE C 537 -0.75 -26.84 37.10
N THR C 538 -0.13 -25.88 36.43
CA THR C 538 1.26 -25.53 36.65
C THR C 538 1.37 -24.14 37.28
N ASP C 539 2.24 -24.02 38.27
CA ASP C 539 2.49 -22.72 38.88
C ASP C 539 3.28 -21.84 37.92
N ILE C 540 3.19 -20.53 38.14
CA ILE C 540 3.89 -19.59 37.27
C ILE C 540 5.40 -19.67 37.49
N ARG C 541 5.83 -19.86 38.74
CA ARG C 541 7.26 -19.93 39.03
C ARG C 541 7.91 -21.08 38.28
N ASP C 542 7.24 -22.23 38.22
CA ASP C 542 7.75 -23.35 37.43
C ASP C 542 7.76 -23.00 35.95
N GLY C 543 6.64 -22.48 35.44
CA GLY C 543 6.56 -22.14 34.03
C GLY C 543 7.53 -21.05 33.64
N ILE C 544 7.85 -20.15 34.56
CA ILE C 544 8.71 -19.04 34.19
C ILE C 544 10.18 -19.43 34.26
N GLU C 545 10.52 -20.36 35.16
CA GLU C 545 11.88 -20.88 35.20
C GLU C 545 12.19 -21.68 33.95
N ALA C 546 11.28 -22.56 33.54
CA ALA C 546 11.51 -23.38 32.35
C ALA C 546 11.48 -22.54 31.08
N LEU C 547 10.67 -21.48 31.05
CA LEU C 547 10.69 -20.57 29.90
C LEU C 547 12.03 -19.84 29.82
N PHE C 548 12.58 -19.44 30.97
CA PHE C 548 13.90 -18.82 30.99
C PHE C 548 14.98 -19.82 30.56
N ARG C 549 14.83 -21.08 30.98
CA ARG C 549 15.76 -22.11 30.52
C ARG C 549 15.72 -22.25 29.01
N ILE C 550 14.56 -22.01 28.39
CA ILE C 550 14.48 -21.96 26.94
C ILE C 550 15.18 -20.74 26.40
N ILE C 551 15.01 -19.59 27.08
CA ILE C 551 15.67 -18.36 26.66
C ILE C 551 17.18 -18.53 26.66
N VAL C 552 17.71 -19.15 27.71
CA VAL C 552 19.16 -19.39 27.80
C VAL C 552 19.63 -20.20 26.60
N ASN C 553 18.86 -21.20 26.20
CA ASN C 553 19.22 -22.13 25.13
C ASN C 553 20.64 -22.64 25.34
N ASP C 554 20.86 -23.19 26.52
CA ASP C 554 22.20 -23.61 26.94
C ASP C 554 22.69 -24.74 26.04
N GLY C 555 23.67 -24.45 25.20
CA GLY C 555 24.22 -25.45 24.31
C GLY C 555 23.33 -25.81 23.14
N ASP C 556 22.54 -24.86 22.64
CA ASP C 556 21.69 -25.06 21.46
C ASP C 556 20.78 -26.28 21.60
N ARG C 557 20.48 -26.69 22.84
CA ARG C 557 19.66 -27.87 23.07
C ARG C 557 18.20 -27.66 22.68
N CYS C 558 17.77 -26.42 22.48
CA CYS C 558 16.37 -26.13 22.19
C CYS C 558 16.11 -25.81 20.73
N ASP C 559 17.16 -25.50 19.95
CA ASP C 559 16.99 -25.12 18.56
C ASP C 559 16.23 -26.19 17.79
N GLY C 560 15.17 -25.78 17.10
CA GLY C 560 14.34 -26.67 16.33
C GLY C 560 13.46 -27.59 17.13
N LYS C 561 13.66 -27.70 18.44
CA LYS C 561 12.90 -28.62 19.26
C LYS C 561 11.68 -27.94 19.85
N ILE C 562 10.71 -28.76 20.25
CA ILE C 562 9.42 -28.30 20.75
C ILE C 562 9.29 -28.74 22.19
N ILE C 563 9.48 -27.80 23.10
CA ILE C 563 9.50 -28.04 24.54
C ILE C 563 8.05 -27.99 25.02
N ASN C 564 7.80 -28.51 26.21
CA ASN C 564 6.44 -28.56 26.77
C ASN C 564 6.55 -28.32 28.27
N ILE C 565 6.10 -27.15 28.73
CA ILE C 565 6.19 -26.79 30.14
C ILE C 565 4.86 -27.12 30.81
N GLY C 566 4.92 -27.87 31.89
CA GLY C 566 3.74 -28.23 32.64
C GLY C 566 4.15 -29.00 33.88
N ASN C 567 3.16 -29.32 34.71
CA ASN C 567 3.39 -30.09 35.93
C ASN C 567 2.45 -31.28 35.89
N PRO C 568 2.91 -32.42 35.39
CA PRO C 568 2.04 -33.61 35.34
C PRO C 568 1.70 -34.16 36.72
N ASP C 569 2.40 -33.74 37.76
CA ASP C 569 2.11 -34.19 39.13
C ASP C 569 0.99 -33.41 39.79
N ASN C 570 0.20 -32.65 39.02
CA ASN C 570 -0.88 -31.84 39.56
C ASN C 570 -2.18 -32.10 38.81
N GLU C 571 -2.45 -33.35 38.46
CA GLU C 571 -3.69 -33.69 37.79
C GLU C 571 -4.86 -33.55 38.76
N ALA C 572 -5.77 -32.63 38.45
CA ALA C 572 -6.91 -32.36 39.30
C ALA C 572 -8.13 -32.03 38.45
N SER C 573 -9.30 -32.25 39.02
CA SER C 573 -10.56 -31.90 38.38
C SER C 573 -10.91 -30.45 38.66
N ILE C 574 -11.74 -29.88 37.79
CA ILE C 574 -12.21 -28.51 37.99
C ILE C 574 -12.91 -28.40 39.34
N GLN C 575 -13.67 -29.44 39.72
CA GLN C 575 -14.28 -29.46 41.04
C GLN C 575 -13.22 -29.55 42.13
N GLU C 576 -12.24 -30.46 41.96
CA GLU C 576 -11.17 -30.58 42.94
C GLU C 576 -10.42 -29.27 43.09
N LEU C 577 -10.15 -28.58 41.98
CA LEU C 577 -9.53 -27.26 42.07
C LEU C 577 -10.43 -26.29 42.83
N ALA C 578 -11.74 -26.35 42.58
CA ALA C 578 -12.66 -25.40 43.20
C ALA C 578 -12.80 -25.63 44.69
N THR C 579 -12.69 -26.88 45.14
CA THR C 579 -12.79 -27.15 46.57
C THR C 579 -11.51 -26.74 47.29
N LEU C 580 -10.34 -27.08 46.72
CA LEU C 580 -9.09 -26.54 47.22
C LEU C 580 -9.08 -25.02 47.16
N LEU C 581 -9.69 -24.46 46.11
CA LEU C 581 -9.94 -23.02 46.07
C LEU C 581 -10.79 -22.58 47.25
N LEU C 582 -11.89 -23.31 47.51
CA LEU C 582 -12.79 -22.95 48.61
C LEU C 582 -12.10 -23.10 49.96
N ASP C 583 -11.46 -24.24 50.21
CA ASP C 583 -10.83 -24.48 51.50
C ASP C 583 -9.72 -23.46 51.77
N SER C 584 -9.09 -22.95 50.73
CA SER C 584 -8.12 -21.87 50.91
C SER C 584 -8.80 -20.52 51.06
N PHE C 585 -10.04 -20.40 50.62
CA PHE C 585 -10.75 -19.12 50.70
C PHE C 585 -11.12 -18.75 52.12
N ASP C 586 -11.39 -19.74 52.98
CA ASP C 586 -11.89 -19.41 54.31
C ASP C 586 -10.75 -19.03 55.24
N LYS C 587 -9.69 -19.84 55.27
CA LYS C 587 -8.58 -19.52 56.16
C LYS C 587 -7.77 -18.35 55.61
N HIS C 588 -8.37 -17.56 54.73
CA HIS C 588 -7.58 -16.42 54.30
C HIS C 588 -7.90 -15.22 55.20
N PRO C 589 -6.90 -14.38 55.50
CA PRO C 589 -7.13 -13.25 56.42
C PRO C 589 -8.25 -12.30 56.03
N LEU C 590 -8.83 -12.44 54.84
CA LEU C 590 -9.86 -11.54 54.37
C LEU C 590 -11.19 -12.22 54.09
N ARG C 591 -11.31 -13.52 54.32
CA ARG C 591 -12.55 -14.27 54.18
C ARG C 591 -13.77 -13.48 54.62
N CYS C 592 -13.68 -12.86 55.80
CA CYS C 592 -14.84 -12.24 56.42
C CYS C 592 -15.36 -11.07 55.61
N HIS C 593 -14.49 -10.39 54.86
CA HIS C 593 -14.93 -9.20 54.12
C HIS C 593 -15.78 -9.56 52.90
N PHE C 594 -15.69 -10.78 52.41
CA PHE C 594 -16.42 -11.19 51.22
C PHE C 594 -17.70 -11.92 51.60
N PRO C 595 -18.69 -11.96 50.71
CA PRO C 595 -20.00 -12.51 51.07
C PRO C 595 -19.92 -14.00 51.35
N PRO C 596 -21.01 -14.61 51.82
CA PRO C 596 -20.99 -16.07 52.03
C PRO C 596 -20.96 -16.81 50.71
N PHE C 597 -20.43 -18.02 50.76
CA PHE C 597 -20.26 -18.83 49.56
C PHE C 597 -21.62 -19.20 48.98
N ALA C 598 -21.77 -18.97 47.67
CA ALA C 598 -23.07 -19.06 47.00
C ALA C 598 -23.42 -20.46 46.52
N GLY C 599 -22.64 -21.48 46.87
CA GLY C 599 -22.89 -22.82 46.42
C GLY C 599 -22.24 -23.12 45.08
N PHE C 600 -22.26 -24.40 44.72
CA PHE C 600 -21.93 -24.84 43.37
C PHE C 600 -23.16 -24.81 42.48
N GLN C 601 -22.95 -25.06 41.19
CA GLN C 601 -24.04 -25.08 40.24
C GLN C 601 -23.61 -25.69 38.90
N VAL C 602 -24.08 -26.90 38.61
CA VAL C 602 -23.74 -27.58 37.37
C VAL C 602 -24.62 -27.06 36.24
N VAL C 603 -24.00 -26.62 35.14
CA VAL C 603 -24.70 -25.99 34.02
C VAL C 603 -24.09 -26.48 32.71
N GLU C 604 -24.91 -26.50 31.66
CA GLU C 604 -24.57 -27.03 30.35
C GLU C 604 -23.29 -26.42 29.79
N SER C 605 -22.66 -27.14 28.86
CA SER C 605 -21.54 -26.59 28.12
C SER C 605 -21.96 -25.40 27.28
N ARG C 606 -22.93 -25.61 26.38
CA ARG C 606 -23.39 -24.57 25.47
C ARG C 606 -24.33 -23.58 26.15
N SER C 607 -24.16 -23.41 27.46
CA SER C 607 -24.87 -22.39 28.20
C SER C 607 -23.96 -21.30 28.75
N TYR C 608 -22.68 -21.60 28.97
CA TYR C 608 -21.69 -20.61 29.36
C TYR C 608 -20.71 -20.28 28.25
N TYR C 609 -20.45 -21.23 27.36
CA TYR C 609 -19.60 -21.01 26.21
C TYR C 609 -20.38 -20.63 24.96
N GLY C 610 -21.63 -21.03 24.86
CA GLY C 610 -22.41 -20.71 23.69
C GLY C 610 -22.39 -21.82 22.66
N LYS C 611 -22.92 -21.49 21.48
CA LYS C 611 -23.01 -22.44 20.40
C LYS C 611 -21.63 -22.94 19.97
N GLY C 612 -21.53 -24.25 19.75
CA GLY C 612 -20.36 -24.83 19.13
C GLY C 612 -19.16 -24.95 20.05
N TYR C 613 -19.35 -25.46 21.26
CA TYR C 613 -18.24 -25.69 22.17
C TYR C 613 -17.98 -27.18 22.26
N GLN C 614 -16.73 -27.51 22.59
CA GLN C 614 -16.35 -28.87 22.95
C GLN C 614 -15.10 -28.75 23.81
N ASP C 615 -14.77 -29.82 24.55
CA ASP C 615 -13.71 -29.70 25.53
C ASP C 615 -12.87 -30.96 25.56
N VAL C 616 -11.70 -30.84 26.17
CA VAL C 616 -10.79 -31.95 26.39
C VAL C 616 -11.01 -32.47 27.80
N ALA C 617 -11.12 -33.78 27.95
CA ALA C 617 -11.42 -34.35 29.26
C ALA C 617 -10.18 -34.43 30.14
N HIS C 618 -9.11 -35.01 29.61
CA HIS C 618 -7.86 -35.19 30.34
C HIS C 618 -6.73 -34.48 29.62
N ARG C 619 -5.76 -33.99 30.38
CA ARG C 619 -4.64 -33.27 29.79
C ARG C 619 -3.43 -33.43 30.69
N LYS C 620 -2.40 -34.13 30.20
CA LYS C 620 -1.18 -34.34 30.97
C LYS C 620 0.05 -34.14 30.08
N PRO C 621 0.94 -33.22 30.42
CA PRO C 621 2.11 -32.97 29.57
C PRO C 621 3.26 -33.94 29.84
N SER C 622 3.94 -34.32 28.77
CA SER C 622 5.18 -35.08 28.88
C SER C 622 6.32 -34.08 28.83
N ILE C 623 6.86 -33.74 30.00
CA ILE C 623 7.95 -32.79 30.13
C ILE C 623 9.28 -33.49 29.88
N ASP C 624 9.23 -34.63 29.19
CA ASP C 624 10.46 -35.36 28.88
C ASP C 624 11.44 -34.47 28.13
N ASN C 625 10.98 -33.83 27.05
CA ASN C 625 11.84 -32.94 26.30
C ASN C 625 12.19 -31.69 27.11
N ALA C 626 11.28 -31.22 27.96
CA ALA C 626 11.63 -30.17 28.91
C ALA C 626 12.68 -30.65 29.90
N ARG C 627 12.59 -31.92 30.31
CA ARG C 627 13.61 -32.50 31.17
C ARG C 627 14.96 -32.57 30.46
N ARG C 628 14.99 -33.16 29.27
CA ARG C 628 16.25 -33.46 28.61
C ARG C 628 16.94 -32.19 28.10
N CYS C 629 16.16 -31.22 27.61
CA CYS C 629 16.75 -30.03 27.00
C CYS C 629 17.01 -28.92 28.01
N LEU C 630 16.18 -28.81 29.05
CA LEU C 630 16.30 -27.70 29.99
C LEU C 630 16.96 -28.10 31.30
N GLY C 631 16.99 -29.39 31.63
CA GLY C 631 17.40 -29.80 32.95
C GLY C 631 16.42 -29.26 33.97
N TRP C 632 15.14 -29.47 33.71
CA TRP C 632 14.07 -28.85 34.46
C TRP C 632 12.95 -29.83 34.71
N GLU C 633 12.40 -29.78 35.93
CA GLU C 633 11.25 -30.55 36.36
C GLU C 633 10.45 -29.71 37.34
N PRO C 634 9.13 -29.90 37.39
CA PRO C 634 8.30 -29.04 38.22
C PRO C 634 8.52 -29.32 39.69
N SER C 635 8.13 -28.34 40.52
CA SER C 635 8.33 -28.47 41.96
C SER C 635 7.12 -27.97 42.72
N ILE C 636 6.68 -26.74 42.43
CA ILE C 636 5.58 -26.15 43.17
C ILE C 636 4.34 -27.02 43.01
N ALA C 637 3.83 -27.54 44.13
CA ALA C 637 2.60 -28.31 44.10
C ALA C 637 1.39 -27.39 44.02
N MET C 638 0.26 -27.96 43.60
CA MET C 638 -0.95 -27.17 43.41
C MET C 638 -1.34 -26.40 44.66
N ARG C 639 -1.15 -27.01 45.83
CA ARG C 639 -1.60 -26.41 47.10
C ARG C 639 -1.10 -24.99 47.24
N ASP C 640 0.21 -24.79 47.05
CA ASP C 640 0.79 -23.46 47.22
C ASP C 640 0.37 -22.50 46.12
N THR C 641 0.05 -23.02 44.93
CA THR C 641 -0.30 -22.15 43.81
C THR C 641 -1.67 -21.51 44.02
N VAL C 642 -2.69 -22.33 44.27
CA VAL C 642 -4.04 -21.83 44.52
C VAL C 642 -4.03 -20.80 45.65
N GLU C 643 -3.23 -21.06 46.69
CA GLU C 643 -3.11 -20.11 47.79
C GLU C 643 -2.58 -18.77 47.29
N GLU C 644 -1.39 -18.78 46.66
CA GLU C 644 -0.77 -17.53 46.24
C GLU C 644 -1.59 -16.82 45.16
N THR C 645 -2.25 -17.58 44.29
CA THR C 645 -3.16 -16.97 43.32
C THR C 645 -4.28 -16.22 44.01
N LEU C 646 -4.96 -16.88 44.95
CA LEU C 646 -6.06 -16.25 45.67
C LEU C 646 -5.57 -15.09 46.53
N ASP C 647 -4.50 -15.33 47.30
CA ASP C 647 -3.92 -14.35 48.21
C ASP C 647 -3.70 -13.02 47.50
N PHE C 648 -3.24 -13.08 46.25
CA PHE C 648 -3.00 -11.86 45.47
C PHE C 648 -4.31 -11.21 45.04
N PHE C 649 -5.17 -11.98 44.35
CA PHE C 649 -6.39 -11.40 43.79
C PHE C 649 -7.30 -10.84 44.87
N LEU C 650 -7.34 -11.49 46.04
CA LEU C 650 -8.20 -11.02 47.11
C LEU C 650 -7.76 -9.66 47.64
N ARG C 651 -6.48 -9.53 48.00
CA ARG C 651 -6.01 -8.27 48.57
C ARG C 651 -6.14 -7.13 47.56
N SER C 652 -6.08 -7.45 46.27
CA SER C 652 -6.16 -6.43 45.23
C SER C 652 -7.62 -6.12 44.92
N VAL C 653 -8.39 -5.82 45.95
CA VAL C 653 -9.79 -5.43 45.82
C VAL C 653 -10.05 -4.30 46.81
N ASP C 654 -10.31 -3.10 46.29
CA ASP C 654 -10.65 -1.98 47.16
C ASP C 654 -12.04 -2.18 47.74
N ILE C 655 -12.15 -2.02 49.07
CA ILE C 655 -13.40 -2.33 49.75
C ILE C 655 -14.19 -1.03 49.91
N ALA C 656 -14.92 -0.65 48.86
CA ALA C 656 -15.69 0.59 48.89
C ALA C 656 -17.14 0.30 49.25
N MET D 1 70.15 -26.49 -10.13
CA MET D 1 69.23 -25.61 -10.84
C MET D 1 68.01 -25.27 -9.99
N LYS D 2 67.42 -24.11 -10.25
CA LYS D 2 66.24 -23.64 -9.53
C LYS D 2 65.01 -23.85 -10.40
N ALA D 3 64.03 -24.58 -9.87
CA ALA D 3 62.81 -24.90 -10.61
C ALA D 3 61.59 -24.47 -9.81
N VAL D 4 60.64 -23.83 -10.49
CA VAL D 4 59.35 -23.46 -9.92
C VAL D 4 58.30 -24.33 -10.58
N ILE D 5 57.56 -25.09 -9.77
CA ILE D 5 56.66 -26.13 -10.26
C ILE D 5 55.22 -25.67 -10.05
N PHE D 6 54.42 -25.77 -11.11
CA PHE D 6 52.98 -25.58 -11.04
C PHE D 6 52.35 -26.97 -11.18
N ALA D 7 52.04 -27.59 -10.04
CA ALA D 7 51.65 -28.99 -10.01
C ALA D 7 50.32 -29.16 -9.29
N TYR D 8 49.52 -30.13 -9.75
CA TYR D 8 48.27 -30.48 -9.12
C TYR D 8 47.92 -31.91 -9.49
N HIS D 9 47.20 -32.58 -8.60
CA HIS D 9 46.65 -33.92 -8.84
C HIS D 9 47.74 -34.98 -8.94
N ASP D 10 47.44 -36.07 -9.66
CA ASP D 10 48.35 -37.21 -9.71
C ASP D 10 49.60 -36.92 -10.53
N MET D 11 49.43 -36.30 -11.69
CA MET D 11 50.60 -35.90 -12.48
C MET D 11 51.49 -34.96 -11.71
N GLY D 12 50.90 -34.01 -10.99
CA GLY D 12 51.70 -33.13 -10.15
C GLY D 12 52.38 -33.87 -9.02
N CYS D 13 51.72 -34.87 -8.45
CA CYS D 13 52.35 -35.69 -7.41
C CYS D 13 53.57 -36.41 -7.96
N GLN D 14 53.47 -36.96 -9.18
CA GLN D 14 54.60 -37.66 -9.78
C GLN D 14 55.66 -36.68 -10.28
N GLY D 15 55.23 -35.57 -10.87
CA GLY D 15 56.19 -34.62 -11.43
C GLY D 15 57.06 -33.95 -10.38
N VAL D 16 56.53 -33.75 -9.17
CA VAL D 16 57.32 -33.15 -8.10
C VAL D 16 58.43 -34.09 -7.66
N GLN D 17 58.11 -35.38 -7.51
CA GLN D 17 59.14 -36.34 -7.12
C GLN D 17 60.12 -36.62 -8.25
N ALA D 18 59.68 -36.46 -9.50
CA ALA D 18 60.58 -36.66 -10.63
C ALA D 18 61.57 -35.50 -10.75
N VAL D 19 61.11 -34.27 -10.53
CA VAL D 19 62.01 -33.13 -10.54
C VAL D 19 62.89 -33.12 -9.29
N LEU D 20 62.34 -33.55 -8.16
CA LEU D 20 63.11 -33.55 -6.92
C LEU D 20 64.21 -34.61 -6.95
N ASP D 21 63.91 -35.79 -7.49
CA ASP D 21 64.92 -36.83 -7.55
C ASP D 21 65.97 -36.55 -8.62
N ALA D 22 65.60 -35.83 -9.68
CA ALA D 22 66.54 -35.50 -10.74
C ALA D 22 67.59 -34.48 -10.31
N GLY D 23 67.60 -34.06 -9.05
CA GLY D 23 68.62 -33.18 -8.53
C GLY D 23 68.25 -31.71 -8.50
N TYR D 24 67.15 -31.33 -9.13
CA TYR D 24 66.75 -29.92 -9.14
C TYR D 24 66.45 -29.43 -7.73
N GLU D 25 66.67 -28.14 -7.50
CA GLU D 25 66.27 -27.50 -6.26
C GLU D 25 64.88 -26.90 -6.45
N ILE D 26 63.92 -27.38 -5.67
CA ILE D 26 62.54 -26.89 -5.74
C ILE D 26 62.37 -25.85 -4.64
N ALA D 27 62.15 -24.59 -5.05
CA ALA D 27 61.96 -23.50 -4.11
C ALA D 27 60.58 -22.88 -4.21
N ALA D 28 59.69 -23.41 -5.04
CA ALA D 28 58.35 -22.87 -5.20
C ALA D 28 57.44 -23.85 -5.92
N ILE D 29 56.40 -24.35 -5.23
CA ILE D 29 55.40 -25.20 -5.82
C ILE D 29 54.05 -24.50 -5.71
N PHE D 30 53.44 -24.19 -6.84
CA PHE D 30 52.12 -23.57 -6.87
C PHE D 30 51.07 -24.61 -7.26
N THR D 31 49.93 -24.55 -6.59
CA THR D 31 48.89 -25.55 -6.76
C THR D 31 47.54 -24.90 -6.49
N HIS D 32 46.55 -25.71 -6.12
CA HIS D 32 45.22 -25.25 -5.76
C HIS D 32 44.79 -25.89 -4.46
N ALA D 33 43.65 -25.45 -3.95
CA ALA D 33 43.05 -26.10 -2.79
C ALA D 33 42.46 -27.46 -3.21
N ASP D 34 42.07 -28.24 -2.20
CA ASP D 34 41.62 -29.60 -2.44
C ASP D 34 40.16 -29.79 -2.05
N GLY D 43 46.05 -38.30 -4.70
CA GLY D 43 47.31 -37.66 -4.39
C GLY D 43 47.26 -36.14 -4.51
N SER D 44 47.76 -35.46 -3.49
CA SER D 44 47.75 -34.00 -3.46
C SER D 44 49.16 -33.45 -3.51
N VAL D 45 49.25 -32.18 -3.92
CA VAL D 45 50.53 -31.50 -3.98
C VAL D 45 50.87 -30.82 -2.65
N SER D 46 49.85 -30.36 -1.92
CA SER D 46 50.11 -29.65 -0.67
C SER D 46 50.78 -30.54 0.36
N ARG D 47 50.16 -31.69 0.66
CA ARG D 47 50.74 -32.59 1.66
C ARG D 47 52.10 -33.11 1.21
N GLN D 48 52.25 -33.37 -0.09
CA GLN D 48 53.55 -33.75 -0.62
C GLN D 48 54.59 -32.69 -0.32
N ALA D 49 54.38 -31.47 -0.84
CA ALA D 49 55.36 -30.40 -0.64
C ALA D 49 55.50 -30.02 0.83
N ALA D 50 54.41 -30.09 1.58
CA ALA D 50 54.49 -29.78 3.02
C ALA D 50 55.38 -30.77 3.74
N GLU D 51 55.16 -32.07 3.50
CA GLU D 51 55.98 -33.09 4.12
C GLU D 51 57.37 -33.17 3.53
N LEU D 52 57.64 -32.45 2.45
CA LEU D 52 58.98 -32.30 1.90
C LEU D 52 59.65 -31.00 2.31
N GLY D 53 59.03 -30.24 3.22
CA GLY D 53 59.60 -28.99 3.69
C GLY D 53 59.74 -27.94 2.61
N ILE D 54 59.08 -28.17 1.47
CA ILE D 54 59.14 -27.25 0.33
C ILE D 54 58.07 -26.18 0.51
N PRO D 55 58.37 -24.92 0.22
CA PRO D 55 57.31 -23.89 0.26
C PRO D 55 56.32 -24.10 -0.87
N VAL D 56 55.04 -24.20 -0.52
CA VAL D 56 53.98 -24.49 -1.47
C VAL D 56 52.87 -23.46 -1.30
N TYR D 57 52.46 -22.84 -2.40
CA TYR D 57 51.40 -21.84 -2.41
C TYR D 57 50.26 -22.30 -3.30
N ALA D 58 49.08 -21.72 -3.07
CA ALA D 58 47.90 -21.96 -3.90
C ALA D 58 47.19 -20.64 -4.10
N PRO D 59 47.66 -19.82 -5.04
CA PRO D 59 47.05 -18.51 -5.27
C PRO D 59 45.87 -18.58 -6.22
N ASP D 60 45.09 -17.50 -6.22
CA ASP D 60 43.92 -17.37 -7.07
C ASP D 60 44.34 -17.34 -8.53
N ASN D 61 45.05 -16.28 -8.91
CA ASN D 61 45.64 -16.14 -10.25
C ASN D 61 47.11 -15.78 -10.06
N VAL D 62 48.00 -16.74 -10.36
CA VAL D 62 49.42 -16.49 -10.22
C VAL D 62 49.83 -15.28 -11.06
N ASN D 63 49.24 -15.16 -12.24
CA ASN D 63 49.46 -14.02 -13.12
C ASN D 63 49.01 -12.75 -12.42
N HIS D 64 49.90 -12.15 -11.63
CA HIS D 64 49.52 -11.07 -10.74
C HIS D 64 50.79 -10.33 -10.34
N PRO D 65 50.79 -8.99 -10.35
CA PRO D 65 51.98 -8.24 -9.94
C PRO D 65 52.60 -8.69 -8.62
N ILE D 66 51.77 -9.13 -7.66
CA ILE D 66 52.33 -9.54 -6.37
C ILE D 66 53.05 -10.87 -6.49
N TRP D 67 52.59 -11.75 -7.37
CA TRP D 67 53.29 -13.01 -7.59
C TRP D 67 54.40 -12.86 -8.64
N VAL D 68 54.10 -12.18 -9.74
CA VAL D 68 55.10 -11.99 -10.81
C VAL D 68 56.33 -11.29 -10.25
N ASP D 69 56.15 -10.09 -9.70
CA ASP D 69 57.26 -9.31 -9.16
C ASP D 69 57.81 -9.94 -7.83
N ARG D 70 57.36 -11.15 -7.50
CA ARG D 70 57.94 -11.92 -6.40
C ARG D 70 58.22 -13.36 -6.79
N ILE D 71 58.05 -13.72 -8.06
CA ILE D 71 58.51 -15.01 -8.58
C ILE D 71 59.87 -14.87 -9.25
N ALA D 72 60.01 -13.92 -10.18
CA ALA D 72 61.33 -13.59 -10.71
C ALA D 72 62.24 -13.04 -9.61
N GLU D 73 61.67 -12.58 -8.51
CA GLU D 73 62.45 -12.21 -7.34
C GLU D 73 63.09 -13.42 -6.68
N LEU D 74 62.60 -14.62 -6.96
CA LEU D 74 63.19 -15.85 -6.46
C LEU D 74 64.31 -16.39 -7.34
N ALA D 75 64.46 -15.85 -8.56
CA ALA D 75 65.46 -16.26 -9.54
C ALA D 75 65.24 -17.70 -9.98
N PRO D 76 64.23 -17.99 -10.79
CA PRO D 76 64.03 -19.36 -11.28
C PRO D 76 64.78 -19.63 -12.57
N ASP D 77 65.26 -20.86 -12.72
CA ASP D 77 65.91 -21.28 -13.95
C ASP D 77 64.92 -21.95 -14.91
N ILE D 78 64.21 -22.96 -14.43
CA ILE D 78 63.20 -23.66 -15.21
C ILE D 78 61.87 -23.56 -14.48
N ILE D 79 60.79 -23.63 -15.24
CA ILE D 79 59.43 -23.66 -14.70
C ILE D 79 58.72 -24.87 -15.29
N PHE D 80 58.26 -25.77 -14.43
CA PHE D 80 57.59 -26.98 -14.86
C PHE D 80 56.10 -26.90 -14.51
N SER D 81 55.26 -27.34 -15.44
CA SER D 81 53.81 -27.35 -15.26
C SER D 81 53.34 -28.79 -15.36
N PHE D 82 52.97 -29.37 -14.21
CA PHE D 82 52.50 -30.75 -14.13
C PHE D 82 51.02 -30.72 -13.74
N TYR D 83 50.15 -30.76 -14.75
CA TYR D 83 48.70 -30.70 -14.56
C TYR D 83 48.31 -29.51 -13.68
N TYR D 84 48.46 -28.33 -14.25
CA TYR D 84 47.98 -27.11 -13.63
C TYR D 84 46.67 -26.70 -14.30
N ARG D 85 45.69 -26.29 -13.49
CA ARG D 85 44.36 -26.01 -14.02
C ARG D 85 44.29 -24.63 -14.67
N ASN D 86 44.87 -23.61 -14.05
CA ASN D 86 44.88 -22.29 -14.65
C ASN D 86 45.92 -22.23 -15.76
N LEU D 87 45.73 -21.26 -16.66
CA LEU D 87 46.70 -20.99 -17.70
C LEU D 87 47.67 -19.91 -17.23
N LEU D 88 48.90 -19.98 -17.72
CA LEU D 88 49.97 -19.11 -17.27
C LEU D 88 50.16 -17.96 -18.26
N SER D 89 50.45 -16.78 -17.71
CA SER D 89 50.57 -15.57 -18.52
C SER D 89 51.94 -15.51 -19.18
N GLU D 90 51.93 -15.24 -20.49
CA GLU D 90 53.14 -15.13 -21.33
C GLU D 90 54.25 -14.36 -20.65
N GLU D 91 53.89 -13.38 -19.81
CA GLU D 91 54.89 -12.60 -19.09
C GLU D 91 55.60 -13.45 -18.03
N ILE D 92 54.89 -14.39 -17.40
CA ILE D 92 55.51 -15.20 -16.36
C ILE D 92 56.31 -16.36 -16.94
N LEU D 93 56.04 -16.77 -18.18
CA LEU D 93 56.86 -17.80 -18.82
C LEU D 93 58.28 -17.30 -19.05
N HIS D 94 58.43 -16.04 -19.45
CA HIS D 94 59.72 -15.46 -19.78
C HIS D 94 60.44 -14.91 -18.56
N LEU D 95 60.10 -15.39 -17.36
CA LEU D 95 60.83 -15.04 -16.15
C LEU D 95 61.93 -16.02 -15.81
N ALA D 96 61.92 -17.20 -16.41
CA ALA D 96 62.97 -18.20 -16.22
C ALA D 96 63.78 -18.35 -17.50
N PRO D 97 65.11 -18.25 -17.43
CA PRO D 97 65.90 -18.27 -18.67
C PRO D 97 65.77 -19.58 -19.44
N ALA D 98 65.96 -20.73 -18.77
CA ALA D 98 65.89 -22.01 -19.47
C ALA D 98 64.53 -22.21 -20.13
N GLY D 99 63.49 -21.66 -19.57
CA GLY D 99 62.16 -21.72 -20.15
C GLY D 99 61.19 -22.46 -19.25
N ALA D 100 59.99 -22.68 -19.79
CA ALA D 100 58.93 -23.34 -19.05
C ALA D 100 58.38 -24.49 -19.87
N PHE D 101 58.08 -25.60 -19.20
CA PHE D 101 57.66 -26.83 -19.86
C PHE D 101 56.46 -27.41 -19.14
N ASN D 102 55.37 -27.62 -19.88
CA ASN D 102 54.14 -28.18 -19.34
C ASN D 102 54.01 -29.63 -19.82
N LEU D 103 53.86 -30.55 -18.87
CA LEU D 103 53.55 -31.94 -19.20
C LEU D 103 52.05 -32.05 -19.46
N HIS D 104 51.69 -32.30 -20.72
CA HIS D 104 50.29 -32.40 -21.09
C HIS D 104 49.89 -33.85 -21.26
N GLY D 105 48.63 -34.15 -20.97
CA GLY D 105 48.18 -35.53 -20.92
C GLY D 105 48.05 -36.17 -22.29
N SER D 106 47.63 -35.40 -23.28
CA SER D 106 47.38 -35.98 -24.59
C SER D 106 48.68 -36.31 -25.32
N LEU D 107 48.57 -37.14 -26.35
CA LEU D 107 49.71 -37.49 -27.20
C LEU D 107 49.82 -36.46 -28.32
N LEU D 108 50.34 -35.29 -27.92
CA LEU D 108 50.42 -34.08 -28.74
C LEU D 108 51.06 -34.37 -30.09
N PRO D 109 50.69 -33.63 -31.15
CA PRO D 109 49.75 -32.51 -31.17
C PRO D 109 48.29 -32.94 -31.29
N ALA D 110 47.97 -34.19 -30.98
CA ALA D 110 46.58 -34.65 -30.99
C ALA D 110 45.96 -34.44 -29.62
N TYR D 111 44.65 -34.17 -29.62
CA TYR D 111 43.88 -33.94 -28.40
C TYR D 111 44.48 -32.83 -27.53
N ARG D 112 44.98 -31.78 -28.18
CA ARG D 112 45.68 -30.71 -27.44
C ARG D 112 44.77 -29.89 -26.51
N GLY D 113 43.51 -30.29 -26.30
CA GLY D 113 42.62 -29.55 -25.42
C GLY D 113 42.77 -29.88 -23.96
N ARG D 114 41.66 -30.14 -23.27
CA ARG D 114 41.67 -30.43 -21.85
C ARG D 114 40.92 -31.73 -21.59
N ALA D 115 41.33 -32.43 -20.53
CA ALA D 115 40.80 -33.74 -20.18
C ALA D 115 40.77 -34.69 -21.37
N PRO D 116 41.93 -35.05 -21.94
CA PRO D 116 41.93 -35.98 -23.07
C PRO D 116 42.02 -37.44 -22.64
N LEU D 117 42.44 -37.66 -21.39
CA LEU D 117 42.49 -39.00 -20.82
C LEU D 117 41.18 -39.76 -21.00
N ASN D 118 40.05 -39.06 -20.98
CA ASN D 118 38.77 -39.71 -21.25
C ASN D 118 38.44 -39.70 -22.73
N TRP D 119 38.75 -38.59 -23.43
CA TRP D 119 38.44 -38.48 -24.85
C TRP D 119 39.04 -39.62 -25.65
N VAL D 120 40.23 -40.09 -25.27
CA VAL D 120 40.91 -41.13 -26.02
C VAL D 120 40.07 -42.40 -26.06
N LEU D 121 39.40 -42.73 -24.95
CA LEU D 121 38.56 -43.91 -24.92
C LEU D 121 37.33 -43.72 -25.80
N VAL D 122 36.70 -42.55 -25.73
CA VAL D 122 35.49 -42.29 -26.50
C VAL D 122 35.74 -42.50 -27.99
N ASN D 123 36.71 -41.78 -28.54
CA ASN D 123 37.07 -41.87 -29.95
C ASN D 123 37.69 -43.20 -30.33
N GLY D 124 37.73 -44.19 -29.43
CA GLY D 124 38.30 -45.49 -29.75
C GLY D 124 39.76 -45.45 -30.12
N GLU D 125 40.53 -44.56 -29.51
CA GLU D 125 41.95 -44.43 -29.83
C GLU D 125 42.69 -45.72 -29.55
N SER D 126 43.71 -45.98 -30.37
CA SER D 126 44.55 -47.15 -30.15
C SER D 126 45.59 -46.90 -29.08
N GLU D 127 46.22 -45.73 -29.10
CA GLU D 127 47.24 -45.40 -28.11
C GLU D 127 47.22 -43.91 -27.84
N THR D 128 47.74 -43.54 -26.67
CA THR D 128 47.87 -42.16 -26.25
C THR D 128 48.91 -42.10 -25.14
N GLY D 129 49.67 -41.01 -25.09
CA GLY D 129 50.76 -40.91 -24.14
C GLY D 129 51.00 -39.48 -23.68
N VAL D 130 51.89 -39.35 -22.70
CA VAL D 130 52.26 -38.05 -22.17
C VAL D 130 53.13 -37.32 -23.18
N THR D 131 53.09 -35.99 -23.14
CA THR D 131 53.92 -35.16 -24.02
C THR D 131 54.33 -33.91 -23.25
N LEU D 132 55.57 -33.90 -22.77
CA LEU D 132 56.14 -32.67 -22.22
C LEU D 132 56.51 -31.75 -23.38
N HIS D 133 56.08 -30.48 -23.28
CA HIS D 133 56.26 -29.54 -24.36
C HIS D 133 56.62 -28.16 -23.81
N ARG D 134 57.12 -27.31 -24.70
CA ARG D 134 57.48 -25.95 -24.31
C ARG D 134 56.24 -25.08 -24.31
N MET D 135 56.07 -24.31 -23.23
CA MET D 135 54.87 -23.51 -23.02
C MET D 135 54.90 -22.24 -23.86
N VAL D 136 53.95 -22.14 -24.78
CA VAL D 136 53.85 -21.00 -25.69
C VAL D 136 52.56 -20.26 -25.38
N LYS D 137 52.30 -19.19 -26.15
CA LYS D 137 51.13 -18.35 -25.88
C LYS D 137 49.85 -19.11 -26.13
N ARG D 138 49.85 -20.05 -27.07
CA ARG D 138 48.61 -20.75 -27.36
C ARG D 138 48.56 -21.95 -26.44
N ALA D 139 47.34 -22.42 -26.16
CA ALA D 139 47.19 -23.47 -25.18
C ALA D 139 47.69 -24.80 -25.75
N ASP D 140 48.52 -25.49 -24.96
CA ASP D 140 49.18 -26.76 -25.30
C ASP D 140 49.54 -26.85 -26.77
N ALA D 141 50.27 -25.86 -27.26
CA ALA D 141 50.60 -25.76 -28.68
C ALA D 141 52.07 -25.41 -28.88
N GLY D 142 52.92 -25.94 -28.03
CA GLY D 142 54.33 -25.60 -28.04
C GLY D 142 55.16 -26.43 -28.98
N GLU D 143 56.29 -26.94 -28.49
CA GLU D 143 57.21 -27.74 -29.27
C GLU D 143 57.54 -29.00 -28.50
N ILE D 144 57.39 -30.15 -29.17
CA ILE D 144 57.60 -31.44 -28.51
C ILE D 144 59.05 -31.57 -28.06
N VAL D 145 59.23 -32.14 -26.86
CA VAL D 145 60.56 -32.40 -26.32
C VAL D 145 60.65 -33.88 -25.97
N ALA D 146 59.53 -34.46 -25.57
CA ALA D 146 59.52 -35.85 -25.13
C ALA D 146 58.11 -36.42 -25.25
N SER D 147 58.06 -37.74 -25.46
CA SER D 147 56.78 -38.45 -25.50
C SER D 147 57.05 -39.94 -25.34
N GLN D 148 56.55 -40.53 -24.26
CA GLN D 148 56.62 -41.98 -24.05
C GLN D 148 55.18 -42.48 -24.07
N ARG D 149 54.75 -42.96 -25.23
CA ARG D 149 53.35 -43.27 -25.50
C ARG D 149 52.88 -44.50 -24.71
N VAL D 150 51.57 -44.60 -24.55
CA VAL D 150 50.92 -45.69 -23.82
C VAL D 150 49.86 -46.32 -24.71
N ALA D 151 49.79 -47.64 -24.69
CA ALA D 151 48.79 -48.38 -25.45
C ALA D 151 47.53 -48.57 -24.64
N ILE D 152 46.40 -48.61 -25.35
CA ILE D 152 45.10 -48.80 -24.73
C ILE D 152 44.63 -50.22 -25.01
N ALA D 153 44.46 -51.01 -23.95
CA ALA D 153 43.97 -52.37 -24.10
C ALA D 153 42.46 -52.38 -24.30
N GLN D 154 41.93 -53.56 -24.60
CA GLN D 154 40.48 -53.70 -24.79
C GLN D 154 39.71 -53.55 -23.48
N ASP D 155 40.36 -53.75 -22.33
CA ASP D 155 39.70 -53.71 -21.04
C ASP D 155 39.92 -52.39 -20.30
N ASP D 156 40.91 -51.59 -20.70
CA ASP D 156 41.25 -50.39 -19.97
C ASP D 156 40.08 -49.42 -19.91
N VAL D 157 39.87 -48.82 -18.74
CA VAL D 157 38.88 -47.77 -18.57
C VAL D 157 39.61 -46.48 -18.23
N ALA D 158 38.86 -45.48 -17.74
CA ALA D 158 39.44 -44.17 -17.51
C ALA D 158 40.49 -44.22 -16.40
N LEU D 159 40.17 -44.87 -15.28
CA LEU D 159 41.12 -44.92 -14.17
C LEU D 159 42.37 -45.72 -14.55
N THR D 160 42.18 -46.87 -15.21
CA THR D 160 43.32 -47.68 -15.63
C THR D 160 44.27 -46.86 -16.50
N LEU D 161 43.72 -46.18 -17.51
CA LEU D 161 44.55 -45.32 -18.36
C LEU D 161 45.08 -44.11 -17.60
N HIS D 162 44.40 -43.70 -16.52
CA HIS D 162 44.93 -42.60 -15.70
C HIS D 162 46.19 -43.04 -14.96
N HIS D 163 46.10 -44.15 -14.22
CA HIS D 163 47.27 -44.68 -13.54
C HIS D 163 48.34 -45.10 -14.54
N LYS D 164 47.92 -45.53 -15.75
CA LYS D 164 48.89 -45.91 -16.76
C LYS D 164 49.56 -44.68 -17.38
N LEU D 165 48.81 -43.59 -17.54
CA LEU D 165 49.43 -42.35 -17.97
C LEU D 165 50.30 -41.74 -16.88
N CYS D 166 50.02 -42.04 -15.61
CA CYS D 166 50.91 -41.60 -14.54
C CYS D 166 52.21 -42.40 -14.55
N GLN D 167 52.13 -43.70 -14.89
CA GLN D 167 53.34 -44.49 -15.10
C GLN D 167 54.22 -43.86 -16.17
N ALA D 168 53.62 -43.50 -17.32
CA ALA D 168 54.39 -42.95 -18.42
C ALA D 168 54.98 -41.58 -18.07
N ALA D 169 54.20 -40.73 -17.41
CA ALA D 169 54.71 -39.41 -17.03
C ALA D 169 55.89 -39.54 -16.07
N ARG D 170 55.72 -40.32 -15.00
CA ARG D 170 56.81 -40.54 -14.06
C ARG D 170 57.98 -41.27 -14.72
N GLN D 171 57.71 -42.06 -15.75
CA GLN D 171 58.76 -42.81 -16.43
C GLN D 171 59.51 -41.94 -17.43
N LEU D 172 58.79 -41.07 -18.15
CA LEU D 172 59.44 -40.17 -19.09
C LEU D 172 60.25 -39.11 -18.35
N LEU D 173 59.72 -38.58 -17.25
CA LEU D 173 60.40 -37.55 -16.49
C LEU D 173 61.68 -38.03 -15.83
N ASN D 174 61.96 -39.33 -15.86
CA ASN D 174 63.23 -39.85 -15.38
C ASN D 174 64.27 -39.97 -16.49
N SER D 175 63.96 -39.50 -17.70
CA SER D 175 64.88 -39.57 -18.82
C SER D 175 65.19 -38.20 -19.39
N ILE D 176 64.18 -37.46 -19.86
CA ILE D 176 64.43 -36.17 -20.49
C ILE D 176 64.75 -35.10 -19.44
N LEU D 177 64.30 -35.29 -18.20
CA LEU D 177 64.56 -34.29 -17.15
C LEU D 177 66.04 -34.15 -16.81
N PRO D 178 66.78 -35.23 -16.54
CA PRO D 178 68.23 -35.04 -16.29
C PRO D 178 68.97 -34.44 -17.46
N THR D 179 68.45 -34.56 -18.68
CA THR D 179 69.06 -33.89 -19.82
C THR D 179 68.59 -32.46 -19.98
N MET D 180 67.47 -32.07 -19.36
CA MET D 180 67.04 -30.69 -19.40
C MET D 180 67.71 -29.83 -18.31
N LYS D 181 68.54 -30.43 -17.48
CA LYS D 181 69.22 -29.69 -16.42
C LYS D 181 70.39 -28.86 -16.95
N CYS D 182 70.84 -29.11 -18.18
CA CYS D 182 72.04 -28.45 -18.70
C CYS D 182 71.76 -27.22 -19.54
N GLY D 183 70.54 -27.07 -20.06
CA GLY D 183 70.20 -25.86 -20.78
C GLY D 183 70.30 -25.97 -22.29
N ASP D 184 69.76 -27.06 -22.84
CA ASP D 184 69.62 -27.24 -24.27
C ASP D 184 68.13 -27.36 -24.62
N ILE D 185 67.81 -27.09 -25.88
CA ILE D 185 66.42 -27.02 -26.30
C ILE D 185 66.13 -28.04 -27.41
N PRO D 186 66.30 -29.35 -27.14
CA PRO D 186 66.06 -30.35 -28.19
C PRO D 186 64.59 -30.46 -28.54
N SER D 187 64.01 -29.40 -29.08
CA SER D 187 62.58 -29.36 -29.37
C SER D 187 62.32 -29.63 -30.86
N VAL D 188 61.05 -29.83 -31.17
CA VAL D 188 60.59 -30.05 -32.54
C VAL D 188 59.18 -29.45 -32.62
N PRO D 189 58.84 -28.70 -33.67
CA PRO D 189 57.53 -28.02 -33.68
C PRO D 189 56.37 -28.99 -33.86
N GLN D 190 55.16 -28.42 -33.87
CA GLN D 190 53.93 -29.18 -34.02
C GLN D 190 53.31 -28.85 -35.37
N ARG D 191 53.00 -29.88 -36.15
CA ARG D 191 52.31 -29.69 -37.42
C ARG D 191 50.87 -29.29 -37.12
N GLU D 192 50.52 -28.04 -37.42
CA GLU D 192 49.27 -27.45 -36.94
C GLU D 192 48.05 -27.87 -37.77
N SER D 193 48.18 -28.92 -38.57
CA SER D 193 47.01 -29.56 -39.16
C SER D 193 46.59 -30.81 -38.39
N ASP D 194 47.55 -31.50 -37.77
CA ASP D 194 47.27 -32.66 -36.93
C ASP D 194 46.99 -32.22 -35.50
N SER D 195 45.97 -31.37 -35.36
CA SER D 195 45.64 -30.80 -34.08
C SER D 195 44.13 -30.72 -33.91
N THR D 196 43.69 -30.86 -32.66
CA THR D 196 42.32 -30.52 -32.25
C THR D 196 42.29 -30.32 -30.73
N TYR D 197 41.74 -29.20 -30.26
CA TYR D 197 41.84 -28.80 -28.86
C TYR D 197 40.51 -29.04 -28.13
N TYR D 198 40.19 -30.32 -27.94
CA TYR D 198 38.90 -30.71 -27.39
C TYR D 198 38.63 -30.05 -26.04
N GLY D 199 37.45 -29.43 -25.92
CA GLY D 199 37.09 -28.70 -24.72
C GLY D 199 36.48 -29.57 -23.64
N ARG D 200 36.03 -28.90 -22.58
CA ARG D 200 35.62 -29.58 -21.36
C ARG D 200 34.42 -30.50 -21.57
N ARG D 201 34.30 -31.46 -20.66
CA ARG D 201 33.14 -32.34 -20.54
C ARG D 201 32.09 -31.64 -19.69
N ARG D 202 30.96 -31.27 -20.30
CA ARG D 202 29.86 -30.95 -19.40
C ARG D 202 28.98 -32.18 -19.24
N PRO D 203 28.17 -32.28 -18.17
CA PRO D 203 27.52 -33.56 -17.87
C PRO D 203 26.50 -34.01 -18.90
N GLU D 204 26.00 -33.11 -19.75
CA GLU D 204 24.99 -33.47 -20.74
C GLU D 204 25.58 -34.38 -21.87
N ASP D 205 26.84 -34.78 -21.75
CA ASP D 205 27.51 -35.56 -22.79
C ASP D 205 27.70 -37.02 -22.40
N GLY D 206 27.72 -37.34 -21.11
CA GLY D 206 27.81 -38.73 -20.68
C GLY D 206 26.58 -39.56 -21.02
N LEU D 207 25.71 -39.01 -21.87
CA LEU D 207 24.48 -39.66 -22.28
C LEU D 207 24.74 -40.62 -23.43
N ILE D 208 23.96 -41.70 -23.47
CA ILE D 208 24.18 -42.82 -24.39
C ILE D 208 23.27 -42.67 -25.61
N ASP D 209 23.83 -42.94 -26.78
CA ASP D 209 23.07 -43.01 -28.03
C ASP D 209 23.16 -44.45 -28.54
N TRP D 210 22.03 -45.15 -28.54
CA TRP D 210 22.00 -46.57 -28.90
C TRP D 210 21.96 -46.81 -30.40
N HIS D 211 21.86 -45.75 -31.20
CA HIS D 211 21.87 -45.87 -32.65
C HIS D 211 23.27 -45.75 -33.24
N LYS D 212 24.30 -45.92 -32.42
CA LYS D 212 25.68 -46.03 -32.81
C LYS D 212 26.18 -47.42 -32.45
N PRO D 213 27.26 -47.90 -33.06
CA PRO D 213 27.64 -49.31 -32.86
C PRO D 213 27.99 -49.61 -31.41
N VAL D 214 27.95 -50.90 -31.07
CA VAL D 214 28.39 -51.35 -29.76
C VAL D 214 29.79 -50.84 -29.46
N SER D 215 30.59 -50.63 -30.50
CA SER D 215 31.93 -50.08 -30.33
C SER D 215 31.89 -48.75 -29.61
N THR D 216 31.00 -47.85 -30.04
CA THR D 216 31.03 -46.48 -29.54
C THR D 216 30.56 -46.40 -28.10
N VAL D 217 29.51 -47.14 -27.75
CA VAL D 217 28.88 -46.94 -26.45
C VAL D 217 29.73 -47.53 -25.33
N HIS D 218 30.30 -48.72 -25.54
CA HIS D 218 31.21 -49.25 -24.53
C HIS D 218 32.38 -48.31 -24.33
N ASN D 219 32.94 -47.79 -25.43
CA ASN D 219 33.93 -46.72 -25.34
C ASN D 219 33.45 -45.59 -24.44
N LEU D 220 32.18 -45.21 -24.58
CA LEU D 220 31.65 -44.11 -23.78
C LEU D 220 31.48 -44.50 -22.32
N VAL D 221 31.05 -45.73 -22.06
CA VAL D 221 30.95 -46.22 -20.68
C VAL D 221 32.34 -46.32 -20.06
N ARG D 222 33.32 -46.78 -20.82
CA ARG D 222 34.69 -46.90 -20.33
C ARG D 222 35.27 -45.54 -19.95
N ALA D 223 35.07 -44.54 -20.82
CA ALA D 223 35.80 -43.28 -20.69
C ALA D 223 35.44 -42.51 -19.42
N VAL D 224 34.27 -42.77 -18.83
CA VAL D 224 33.84 -41.98 -17.69
C VAL D 224 33.37 -42.88 -16.54
N ALA D 225 33.66 -44.17 -16.63
CA ALA D 225 33.45 -45.04 -15.47
C ALA D 225 34.22 -44.50 -14.28
N ALA D 226 33.76 -44.88 -13.08
CA ALA D 226 34.22 -44.41 -11.76
C ALA D 226 35.69 -44.01 -11.72
N PRO D 227 36.03 -42.92 -11.02
CA PRO D 227 35.15 -41.99 -10.30
C PRO D 227 34.71 -40.77 -11.11
N TRP D 228 34.55 -40.89 -12.41
CA TRP D 228 34.04 -39.85 -13.27
C TRP D 228 32.53 -40.01 -13.45
N PRO D 229 31.82 -38.98 -13.99
CA PRO D 229 30.34 -39.00 -13.96
C PRO D 229 29.69 -40.31 -14.39
N GLY D 230 30.23 -40.96 -15.40
CA GLY D 230 29.67 -42.22 -15.84
C GLY D 230 28.62 -42.09 -16.93
N ALA D 231 28.62 -43.02 -17.88
CA ALA D 231 27.57 -43.07 -18.88
C ALA D 231 26.21 -43.19 -18.20
N PHE D 232 25.16 -42.78 -18.91
CA PHE D 232 23.84 -42.90 -18.34
C PHE D 232 22.79 -42.98 -19.44
N SER D 233 21.57 -43.36 -19.03
CA SER D 233 20.50 -43.77 -19.93
C SER D 233 19.16 -43.40 -19.32
N TYR D 234 18.09 -43.68 -20.07
CA TYR D 234 16.72 -43.45 -19.64
C TYR D 234 15.91 -44.72 -19.88
N ASN D 235 15.57 -45.43 -18.81
CA ASN D 235 14.66 -46.57 -18.90
C ASN D 235 13.24 -46.06 -18.71
N GLY D 236 12.71 -45.45 -19.78
CA GLY D 236 11.44 -44.78 -19.68
C GLY D 236 11.61 -43.33 -19.26
N SER D 237 11.68 -43.09 -17.96
CA SER D 237 11.81 -41.74 -17.44
C SER D 237 12.87 -41.58 -16.35
N GLN D 238 13.44 -42.67 -15.83
CA GLN D 238 14.37 -42.60 -14.72
C GLN D 238 15.81 -42.66 -15.24
N LYS D 239 16.69 -41.92 -14.58
CA LYS D 239 18.07 -41.76 -15.01
C LYS D 239 18.92 -42.90 -14.46
N PHE D 240 19.55 -43.64 -15.36
CA PHE D 240 20.33 -44.82 -15.02
C PHE D 240 21.75 -44.73 -15.57
N THR D 241 22.74 -44.95 -14.72
CA THR D 241 24.13 -44.96 -15.12
C THR D 241 24.68 -46.39 -15.21
N ILE D 242 25.64 -46.58 -16.12
CA ILE D 242 26.27 -47.88 -16.35
C ILE D 242 27.74 -47.75 -15.98
N TRP D 243 28.18 -48.53 -14.99
CA TRP D 243 29.55 -48.41 -14.51
C TRP D 243 30.54 -49.31 -15.25
N SER D 244 30.12 -50.51 -15.65
CA SER D 244 31.01 -51.45 -16.30
C SER D 244 30.26 -52.16 -17.43
N SER D 245 30.94 -52.31 -18.56
CA SER D 245 30.34 -52.86 -19.77
C SER D 245 31.29 -53.84 -20.43
N ARG D 246 30.74 -54.72 -21.25
CA ARG D 246 31.51 -55.56 -22.16
C ARG D 246 30.75 -55.73 -23.47
N MET D 247 31.47 -55.53 -24.57
CA MET D 247 30.91 -55.59 -25.92
C MET D 247 30.41 -57.00 -26.25
N CYS D 248 29.10 -57.17 -26.31
CA CYS D 248 28.48 -58.44 -26.66
C CYS D 248 28.18 -58.46 -28.16
N PRO D 249 29.02 -59.14 -28.95
CA PRO D 249 28.92 -59.00 -30.42
C PRO D 249 27.75 -59.75 -31.04
N ASP D 250 27.10 -60.68 -30.32
CA ASP D 250 25.98 -61.42 -30.90
C ASP D 250 24.81 -60.47 -31.08
N ALA D 251 24.54 -60.08 -32.33
CA ALA D 251 23.48 -59.12 -32.64
C ALA D 251 22.13 -59.82 -32.56
N GLN D 252 21.72 -60.13 -31.34
CA GLN D 252 20.45 -60.79 -31.09
C GLN D 252 19.32 -59.95 -31.67
N GLY D 253 18.65 -60.48 -32.69
CA GLY D 253 17.67 -59.75 -33.48
C GLY D 253 16.69 -58.89 -32.72
N ALA D 254 17.06 -57.63 -32.50
CA ALA D 254 16.19 -56.65 -31.84
C ALA D 254 16.43 -55.28 -32.47
N LEU D 255 15.64 -54.32 -32.05
CA LEU D 255 15.79 -52.96 -32.55
C LEU D 255 16.78 -52.18 -31.67
N PRO D 256 17.43 -51.14 -32.20
CA PRO D 256 18.45 -50.44 -31.41
C PRO D 256 17.87 -49.79 -30.17
N GLY D 257 18.39 -50.21 -29.01
CA GLY D 257 17.88 -49.80 -27.72
C GLY D 257 17.00 -50.82 -27.03
N SER D 258 16.73 -51.95 -27.67
CA SER D 258 15.86 -52.97 -27.10
C SER D 258 16.62 -53.79 -26.06
N VAL D 259 15.93 -54.13 -24.98
CA VAL D 259 16.46 -55.09 -24.02
C VAL D 259 16.25 -56.50 -24.57
N ILE D 260 17.29 -57.32 -24.47
CA ILE D 260 17.25 -58.68 -24.98
C ILE D 260 17.18 -59.73 -23.87
N SER D 261 17.76 -59.46 -22.70
CA SER D 261 17.71 -60.42 -21.62
C SER D 261 17.89 -59.68 -20.31
N VAL D 262 17.27 -60.22 -19.25
CA VAL D 262 17.48 -59.66 -17.92
C VAL D 262 18.73 -60.24 -17.27
N SER D 263 19.09 -61.48 -17.60
CA SER D 263 20.25 -62.16 -17.01
C SER D 263 20.79 -63.12 -18.04
N PRO D 264 21.82 -62.71 -18.81
CA PRO D 264 22.57 -61.45 -18.72
C PRO D 264 21.77 -60.23 -19.16
N LEU D 265 22.20 -59.01 -18.86
CA LEU D 265 21.46 -57.82 -19.29
C LEU D 265 22.05 -57.34 -20.61
N ARG D 266 21.30 -57.52 -21.69
CA ARG D 266 21.79 -57.24 -23.03
C ARG D 266 20.84 -56.25 -23.71
N VAL D 267 21.38 -55.12 -24.15
CA VAL D 267 20.63 -54.11 -24.87
C VAL D 267 21.23 -53.96 -26.27
N ALA D 268 20.36 -53.80 -27.27
CA ALA D 268 20.80 -53.82 -28.65
C ALA D 268 21.37 -52.47 -29.08
N CYS D 269 22.42 -52.51 -29.89
CA CYS D 269 22.94 -51.31 -30.54
C CYS D 269 22.92 -51.52 -32.05
N ALA D 270 23.74 -50.75 -32.78
CA ALA D 270 23.74 -50.84 -34.24
C ALA D 270 23.99 -52.27 -34.70
N ASP D 271 25.03 -52.91 -34.16
CA ASP D 271 25.19 -54.35 -34.31
C ASP D 271 25.23 -54.93 -32.90
N GLY D 272 25.64 -56.19 -32.75
CA GLY D 272 25.87 -56.83 -31.47
C GLY D 272 24.87 -56.48 -30.38
N ALA D 273 25.38 -56.21 -29.19
CA ALA D 273 24.61 -55.73 -28.05
C ALA D 273 25.60 -55.27 -27.00
N LEU D 274 25.16 -54.35 -26.15
CA LEU D 274 25.94 -53.98 -24.99
C LEU D 274 25.42 -54.74 -23.78
N GLU D 275 26.34 -55.29 -22.98
CA GLU D 275 26.00 -56.11 -21.84
C GLU D 275 26.43 -55.39 -20.58
N ILE D 276 25.44 -55.06 -19.73
CA ILE D 276 25.70 -54.26 -18.54
C ILE D 276 26.05 -55.19 -17.39
N ILE D 277 27.26 -55.04 -16.85
CA ILE D 277 27.72 -55.85 -15.74
C ILE D 277 27.24 -55.22 -14.44
N THR D 278 27.63 -53.97 -14.21
CA THR D 278 27.27 -53.25 -13.01
C THR D 278 26.61 -51.93 -13.39
N GLY D 279 26.04 -51.27 -12.38
CA GLY D 279 25.33 -50.03 -12.62
C GLY D 279 24.52 -49.65 -11.40
N GLN D 280 23.78 -48.56 -11.55
CA GLN D 280 22.93 -48.06 -10.48
C GLN D 280 21.78 -47.26 -11.06
N ALA D 281 20.58 -47.46 -10.49
CA ALA D 281 19.37 -46.76 -10.92
C ALA D 281 19.22 -45.51 -10.06
N GLY D 282 19.65 -44.38 -10.60
CA GLY D 282 19.75 -43.16 -9.81
C GLY D 282 21.02 -43.14 -8.98
N ASP D 283 20.97 -42.47 -7.83
CA ASP D 283 22.09 -42.48 -6.91
C ASP D 283 22.02 -43.66 -5.95
N ASP D 284 21.05 -44.56 -6.11
CA ASP D 284 21.05 -45.81 -5.35
C ASP D 284 22.36 -46.53 -5.59
N ILE D 285 22.75 -47.42 -4.66
CA ILE D 285 24.05 -48.06 -4.72
C ILE D 285 24.32 -48.78 -6.05
N THR D 286 25.60 -49.04 -6.30
CA THR D 286 26.00 -49.76 -7.50
C THR D 286 25.64 -51.24 -7.36
N VAL D 287 25.26 -51.83 -8.49
CA VAL D 287 24.41 -53.02 -8.51
C VAL D 287 24.79 -53.91 -9.69
N GLN D 288 24.64 -55.23 -9.51
CA GLN D 288 24.74 -56.17 -10.63
C GLN D 288 23.79 -55.77 -11.76
N GLY D 289 24.16 -56.17 -12.98
CA GLY D 289 23.27 -55.99 -14.12
C GLY D 289 21.89 -56.61 -13.92
N SER D 290 21.83 -57.74 -13.22
CA SER D 290 20.54 -58.39 -12.97
C SER D 290 19.71 -57.59 -11.99
N GLN D 291 20.27 -57.30 -10.81
CA GLN D 291 19.54 -56.58 -9.78
C GLN D 291 19.13 -55.19 -10.22
N LEU D 292 19.88 -54.58 -11.13
CA LEU D 292 19.52 -53.23 -11.56
C LEU D 292 18.33 -53.29 -12.51
N ALA D 293 18.30 -54.28 -13.40
CA ALA D 293 17.11 -54.49 -14.23
C ALA D 293 15.94 -54.97 -13.39
N GLN D 294 16.21 -55.43 -12.16
CA GLN D 294 15.15 -55.67 -11.19
C GLN D 294 14.68 -54.36 -10.57
N THR D 295 15.62 -53.56 -10.05
CA THR D 295 15.28 -52.27 -9.45
C THR D 295 14.56 -51.37 -10.44
N LEU D 296 14.87 -51.49 -11.72
CA LEU D 296 14.18 -50.75 -12.76
C LEU D 296 13.02 -51.53 -13.38
N GLY D 297 13.03 -52.86 -13.29
CA GLY D 297 11.95 -53.67 -13.81
C GLY D 297 11.90 -53.71 -15.33
N LEU D 298 12.69 -54.60 -15.95
CA LEU D 298 12.86 -54.61 -17.39
C LEU D 298 12.50 -55.94 -18.02
N VAL D 299 12.06 -55.83 -19.28
CA VAL D 299 12.12 -56.91 -20.26
C VAL D 299 12.39 -56.16 -21.57
N ALA D 300 12.05 -56.74 -22.72
CA ALA D 300 12.28 -56.10 -24.01
C ALA D 300 11.62 -54.73 -24.10
N GLY D 301 12.38 -53.69 -23.77
CA GLY D 301 11.90 -52.32 -23.85
C GLY D 301 12.95 -51.42 -24.47
N ALA D 302 12.61 -50.13 -24.54
CA ALA D 302 13.41 -49.15 -25.24
C ALA D 302 13.93 -48.08 -24.28
N ARG D 303 14.79 -47.22 -24.81
CA ARG D 303 15.46 -46.15 -24.07
C ARG D 303 14.97 -44.81 -24.60
N LEU D 304 14.17 -44.11 -23.78
CA LEU D 304 13.69 -42.78 -24.10
C LEU D 304 12.89 -42.76 -25.39
N ARG D 314 6.03 -26.82 -26.71
CA ARG D 314 5.84 -25.46 -26.21
C ARG D 314 6.90 -24.51 -26.77
N ARG D 315 6.47 -23.33 -27.18
CA ARG D 315 7.37 -22.33 -27.74
C ARG D 315 7.90 -21.41 -26.63
N ILE D 316 8.92 -20.63 -26.98
CA ILE D 316 9.60 -19.77 -26.02
C ILE D 316 8.79 -18.49 -25.86
N ARG D 317 8.60 -18.08 -24.61
CA ARG D 317 7.81 -16.89 -24.29
C ARG D 317 8.75 -15.70 -24.15
N VAL D 318 8.60 -14.72 -25.02
CA VAL D 318 9.42 -13.51 -25.00
C VAL D 318 8.54 -12.35 -24.57
N LEU D 319 8.95 -11.65 -23.53
CA LEU D 319 8.24 -10.48 -23.04
C LEU D 319 9.03 -9.25 -23.46
N ILE D 320 8.40 -8.35 -24.22
CA ILE D 320 9.05 -7.16 -24.74
C ILE D 320 8.35 -5.95 -24.15
N LEU D 321 9.06 -5.19 -23.31
CA LEU D 321 8.53 -3.96 -22.72
C LEU D 321 8.89 -2.81 -23.66
N GLY D 322 7.88 -2.31 -24.37
CA GLY D 322 8.13 -1.30 -25.38
C GLY D 322 8.16 -1.89 -26.78
N VAL D 323 7.24 -2.83 -27.04
CA VAL D 323 7.16 -3.49 -28.35
C VAL D 323 7.01 -2.46 -29.45
N ASN D 324 6.33 -1.35 -29.18
CA ASN D 324 6.10 -0.30 -30.16
C ASN D 324 7.20 0.73 -30.00
N GLY D 325 8.28 0.55 -30.75
CA GLY D 325 9.39 1.47 -30.67
C GLY D 325 10.51 1.08 -31.61
N PHE D 326 11.67 1.67 -31.35
CA PHE D 326 12.87 1.49 -32.17
C PHE D 326 13.25 0.02 -32.31
N ILE D 327 13.71 -0.60 -31.22
CA ILE D 327 14.11 -2.00 -31.28
C ILE D 327 12.90 -2.92 -31.22
N GLY D 328 11.94 -2.59 -30.36
CA GLY D 328 10.83 -3.50 -30.11
C GLY D 328 10.09 -3.90 -31.37
N ASN D 329 9.95 -2.98 -32.32
CA ASN D 329 9.25 -3.28 -33.55
C ASN D 329 10.00 -4.31 -34.38
N HIS D 330 11.28 -4.07 -34.64
CA HIS D 330 12.04 -4.95 -35.52
C HIS D 330 12.36 -6.29 -34.85
N LEU D 331 12.52 -6.29 -33.52
CA LEU D 331 12.75 -7.55 -32.83
C LEU D 331 11.49 -8.41 -32.82
N THR D 332 10.32 -7.77 -32.65
CA THR D 332 9.07 -8.52 -32.68
C THR D 332 8.87 -9.21 -34.02
N GLU D 333 9.23 -8.54 -35.12
CA GLU D 333 9.10 -9.14 -36.44
C GLU D 333 9.99 -10.38 -36.59
N ARG D 334 11.25 -10.27 -36.16
CA ARG D 334 12.19 -11.36 -36.35
C ARG D 334 11.83 -12.57 -35.49
N LEU D 335 11.51 -12.33 -34.21
CA LEU D 335 11.02 -13.42 -33.36
C LEU D 335 9.74 -14.02 -33.92
N LEU D 336 8.90 -13.20 -34.56
CA LEU D 336 7.66 -13.70 -35.14
C LEU D 336 7.92 -14.62 -36.31
N ASN D 337 8.90 -14.28 -37.15
CA ASN D 337 9.19 -15.12 -38.32
C ASN D 337 9.68 -16.50 -37.91
N GLU D 338 10.41 -16.60 -36.81
CA GLU D 338 10.77 -17.90 -36.26
C GLU D 338 9.50 -18.63 -35.80
N GLU D 339 9.48 -19.94 -36.02
CA GLU D 339 8.26 -20.71 -35.77
C GLU D 339 7.98 -20.84 -34.28
N ASN D 340 9.02 -21.08 -33.49
CA ASN D 340 8.87 -21.46 -32.08
C ASN D 340 9.13 -20.29 -31.13
N TYR D 341 8.48 -19.14 -31.38
CA TYR D 341 8.62 -17.99 -30.48
C TYR D 341 7.26 -17.34 -30.29
N GLU D 342 6.83 -17.24 -29.04
CA GLU D 342 5.59 -16.57 -28.66
C GLU D 342 5.98 -15.27 -27.96
N VAL D 343 5.70 -14.14 -28.59
CA VAL D 343 6.10 -12.85 -28.07
C VAL D 343 4.90 -12.19 -27.39
N TYR D 344 5.16 -11.60 -26.22
CA TYR D 344 4.19 -10.79 -25.50
C TYR D 344 4.74 -9.37 -25.44
N GLY D 345 4.09 -8.45 -26.16
CA GLY D 345 4.59 -7.10 -26.24
C GLY D 345 3.71 -6.08 -25.52
N MET D 346 4.29 -5.38 -24.55
CA MET D 346 3.56 -4.37 -23.81
C MET D 346 3.97 -2.99 -24.29
N ASP D 347 3.00 -2.13 -24.52
CA ASP D 347 3.24 -0.72 -24.79
C ASP D 347 1.92 0.02 -24.65
N ILE D 348 2.00 1.35 -24.59
CA ILE D 348 0.80 2.17 -24.45
C ILE D 348 0.11 2.41 -25.78
N GLY D 349 0.76 2.11 -26.90
CA GLY D 349 0.15 2.28 -28.21
C GLY D 349 0.68 1.26 -29.19
N SER D 350 -0.11 1.04 -30.25
CA SER D 350 0.25 0.12 -31.33
C SER D 350 0.42 0.86 -32.64
N ASN D 351 0.77 2.15 -32.57
CA ASN D 351 0.82 3.02 -33.73
C ASN D 351 2.06 2.78 -34.62
N ALA D 352 2.71 1.62 -34.54
CA ALA D 352 3.82 1.30 -35.44
C ALA D 352 3.94 -0.21 -35.58
N ILE D 353 3.36 -0.95 -34.64
CA ILE D 353 3.35 -2.40 -34.70
C ILE D 353 2.07 -2.93 -35.36
N SER D 354 1.39 -2.09 -36.15
CA SER D 354 0.14 -2.49 -36.77
C SER D 354 0.30 -3.67 -37.72
N ARG D 355 1.52 -3.96 -38.18
CA ARG D 355 1.68 -5.01 -39.18
C ARG D 355 1.52 -6.41 -38.59
N PHE D 356 1.85 -6.61 -37.31
CA PHE D 356 1.68 -7.94 -36.72
C PHE D 356 0.71 -7.94 -35.55
N LEU D 357 -0.17 -6.94 -35.45
CA LEU D 357 -1.14 -6.92 -34.35
C LEU D 357 -2.01 -8.16 -34.35
N LEU D 358 -2.49 -8.56 -35.53
CA LEU D 358 -3.42 -9.67 -35.70
C LEU D 358 -2.72 -11.01 -35.81
N HIS D 359 -1.41 -11.05 -35.60
CA HIS D 359 -0.64 -12.26 -35.82
C HIS D 359 -0.94 -13.28 -34.71
N PRO D 360 -1.21 -14.54 -35.05
CA PRO D 360 -1.56 -15.52 -34.01
C PRO D 360 -0.47 -15.76 -32.98
N ARG D 361 0.80 -15.66 -33.36
CA ARG D 361 1.92 -15.87 -32.45
C ARG D 361 2.40 -14.58 -31.79
N PHE D 362 1.55 -13.55 -31.74
CA PHE D 362 1.89 -12.29 -31.11
C PHE D 362 0.73 -11.86 -30.23
N HIS D 363 1.02 -11.59 -28.95
CA HIS D 363 0.03 -11.12 -28.01
C HIS D 363 0.44 -9.74 -27.50
N PHE D 364 -0.38 -8.74 -27.83
CA PHE D 364 -0.18 -7.39 -27.34
C PHE D 364 -0.91 -7.19 -26.01
N VAL D 365 -0.32 -6.39 -25.14
CA VAL D 365 -0.96 -5.99 -23.89
C VAL D 365 -0.76 -4.50 -23.69
N GLU D 366 -1.79 -3.85 -23.16
CA GLU D 366 -1.71 -2.42 -22.83
C GLU D 366 -1.03 -2.25 -21.47
N GLY D 367 -0.02 -1.40 -21.42
CA GLY D 367 0.68 -1.16 -20.17
C GLY D 367 1.77 -0.12 -20.21
N ASP D 368 1.86 0.67 -19.14
CA ASP D 368 2.94 1.63 -18.93
C ASP D 368 3.72 1.18 -17.70
N ILE D 369 5.02 0.94 -17.88
CA ILE D 369 5.84 0.43 -16.80
C ILE D 369 5.89 1.36 -15.60
N SER D 370 5.43 2.61 -15.76
CA SER D 370 5.42 3.55 -14.66
C SER D 370 4.19 3.40 -13.78
N ILE D 371 3.08 2.90 -14.34
CA ILE D 371 1.81 2.86 -13.63
C ILE D 371 1.50 1.44 -13.20
N HIS D 372 1.26 0.55 -14.17
CA HIS D 372 0.90 -0.82 -13.86
C HIS D 372 1.98 -1.49 -13.01
N SER D 373 1.55 -2.22 -11.99
CA SER D 373 2.44 -3.05 -11.21
C SER D 373 2.10 -4.53 -11.28
N GLU D 374 0.83 -4.86 -11.47
CA GLU D 374 0.40 -6.26 -11.45
C GLU D 374 0.38 -6.89 -12.85
N TRP D 375 -0.12 -6.17 -13.86
CA TRP D 375 -0.14 -6.73 -15.20
C TRP D 375 1.26 -7.05 -15.69
N ILE D 376 2.23 -6.17 -15.38
CA ILE D 376 3.60 -6.42 -15.80
C ILE D 376 4.21 -7.57 -15.02
N GLU D 377 3.93 -7.64 -13.72
CA GLU D 377 4.48 -8.72 -12.90
C GLU D 377 3.91 -10.07 -13.29
N TYR D 378 2.60 -10.12 -13.55
CA TYR D 378 1.98 -11.35 -14.03
C TYR D 378 2.66 -11.87 -15.28
N HIS D 379 2.99 -10.98 -16.21
CA HIS D 379 3.53 -11.43 -17.49
C HIS D 379 4.97 -11.91 -17.36
N VAL D 380 5.75 -11.34 -16.44
CA VAL D 380 7.11 -11.81 -16.22
C VAL D 380 7.09 -13.25 -15.72
N LYS D 381 6.12 -13.56 -14.86
CA LYS D 381 5.88 -14.96 -14.50
C LYS D 381 5.58 -15.80 -15.73
N LYS D 382 4.66 -15.33 -16.56
CA LYS D 382 4.15 -16.12 -17.68
C LYS D 382 5.21 -16.34 -18.77
N CYS D 383 6.22 -15.49 -18.83
CA CYS D 383 7.16 -15.54 -19.95
C CYS D 383 8.46 -16.23 -19.53
N ASP D 384 9.44 -16.22 -20.43
CA ASP D 384 10.73 -16.87 -20.23
C ASP D 384 11.89 -15.89 -20.29
N VAL D 385 11.88 -14.96 -21.23
CA VAL D 385 12.90 -13.92 -21.35
C VAL D 385 12.22 -12.56 -21.33
N VAL D 386 12.88 -11.59 -20.72
CA VAL D 386 12.32 -10.26 -20.51
C VAL D 386 13.25 -9.23 -21.13
N LEU D 387 12.68 -8.34 -21.94
CA LEU D 387 13.45 -7.28 -22.59
C LEU D 387 12.84 -5.93 -22.22
N PRO D 388 13.27 -5.32 -21.12
CA PRO D 388 12.70 -4.01 -20.75
C PRO D 388 13.22 -2.88 -21.63
N LEU D 389 12.85 -2.90 -22.91
CA LEU D 389 13.33 -1.92 -23.90
C LEU D 389 12.75 -0.53 -23.69
N VAL D 390 11.98 -0.30 -22.63
CA VAL D 390 11.39 1.01 -22.36
C VAL D 390 12.45 1.88 -21.68
N ALA D 391 12.76 3.01 -22.30
CA ALA D 391 13.74 3.95 -21.75
C ALA D 391 13.67 5.25 -22.55
N ILE D 392 14.24 6.29 -21.99
CA ILE D 392 14.31 7.62 -22.62
C ILE D 392 15.76 7.83 -23.02
N ALA D 393 16.05 7.68 -24.32
CA ALA D 393 17.42 7.76 -24.80
C ALA D 393 17.64 8.94 -25.75
N THR D 394 17.45 10.16 -25.24
CA THR D 394 17.63 11.35 -26.06
C THR D 394 18.53 12.34 -25.32
N PRO D 395 19.66 12.73 -25.90
CA PRO D 395 20.62 13.57 -25.17
C PRO D 395 20.05 14.90 -24.70
N ILE D 396 19.12 15.49 -25.45
CA ILE D 396 18.56 16.77 -25.04
C ILE D 396 17.67 16.60 -23.82
N GLU D 397 17.00 15.44 -23.70
CA GLU D 397 16.15 15.17 -22.55
C GLU D 397 16.94 15.00 -21.26
N TYR D 398 18.22 14.67 -21.34
CA TYR D 398 19.01 14.47 -20.13
C TYR D 398 19.18 15.78 -19.36
N THR D 399 19.45 16.87 -20.07
CA THR D 399 19.53 18.17 -19.40
C THR D 399 18.15 18.81 -19.24
N ARG D 400 17.25 18.55 -20.17
CA ARG D 400 15.90 19.11 -20.14
C ARG D 400 15.14 18.64 -18.91
N ASN D 401 14.84 17.34 -18.84
CA ASN D 401 14.14 16.73 -17.71
C ASN D 401 14.97 15.55 -17.21
N PRO D 402 16.02 15.82 -16.43
CA PRO D 402 16.83 14.71 -15.92
C PRO D 402 16.08 13.82 -14.96
N LEU D 403 15.18 14.40 -14.16
CA LEU D 403 14.44 13.61 -13.19
C LEU D 403 13.53 12.60 -13.87
N ARG D 404 12.87 13.01 -14.95
CA ARG D 404 12.02 12.07 -15.70
C ARG D 404 12.85 10.96 -16.32
N VAL D 405 14.05 11.30 -16.79
CA VAL D 405 14.92 10.29 -17.41
C VAL D 405 15.37 9.27 -16.38
N PHE D 406 15.77 9.74 -15.19
CA PHE D 406 16.24 8.83 -14.15
C PHE D 406 15.10 7.98 -13.59
N GLU D 407 13.92 8.58 -13.41
CA GLU D 407 12.80 7.83 -12.83
C GLU D 407 12.31 6.72 -13.74
N LEU D 408 12.42 6.91 -15.06
CA LEU D 408 11.90 5.91 -15.99
C LEU D 408 12.98 4.91 -16.39
N ASP D 409 14.16 5.40 -16.79
CA ASP D 409 15.20 4.50 -17.27
C ASP D 409 15.78 3.65 -16.15
N PHE D 410 15.70 4.13 -14.90
CA PHE D 410 16.32 3.44 -13.78
C PHE D 410 15.28 2.82 -12.85
N GLU D 411 14.60 3.67 -12.07
CA GLU D 411 13.73 3.21 -10.99
C GLU D 411 12.74 2.16 -11.49
N GLU D 412 11.91 2.52 -12.47
CA GLU D 412 10.86 1.61 -12.92
C GLU D 412 11.46 0.34 -13.53
N ASN D 413 12.45 0.49 -14.41
CA ASN D 413 13.02 -0.69 -15.05
C ASN D 413 13.71 -1.61 -14.05
N LEU D 414 14.30 -1.05 -12.99
CA LEU D 414 14.85 -1.90 -11.93
C LEU D 414 13.75 -2.70 -11.24
N ARG D 415 12.59 -2.09 -11.03
CA ARG D 415 11.42 -2.84 -10.56
C ARG D 415 11.18 -4.07 -11.41
N ILE D 416 11.28 -3.92 -12.73
CA ILE D 416 11.08 -5.04 -13.65
C ILE D 416 12.14 -6.11 -13.43
N ILE D 417 13.37 -5.70 -13.15
CA ILE D 417 14.44 -6.67 -12.91
C ILE D 417 14.12 -7.48 -11.66
N ARG D 418 13.73 -6.81 -10.58
CA ARG D 418 13.43 -7.53 -9.35
C ARG D 418 12.27 -8.49 -9.56
N TYR D 419 11.32 -8.12 -10.41
CA TYR D 419 10.29 -9.07 -10.84
C TYR D 419 10.91 -10.33 -11.43
N CYS D 420 12.06 -10.18 -12.11
CA CYS D 420 12.68 -11.30 -12.78
C CYS D 420 13.57 -12.10 -11.83
N VAL D 421 14.28 -11.42 -10.93
CA VAL D 421 15.07 -12.14 -9.93
C VAL D 421 14.15 -12.90 -8.99
N LYS D 422 12.94 -12.37 -8.75
CA LYS D 422 12.01 -13.02 -7.86
C LYS D 422 11.38 -14.24 -8.51
N TYR D 423 11.06 -14.15 -9.80
CA TYR D 423 10.36 -15.21 -10.52
C TYR D 423 11.29 -16.06 -11.36
N ARG D 424 12.59 -15.88 -11.23
CA ARG D 424 13.61 -16.68 -11.91
C ARG D 424 13.41 -16.67 -13.43
N LYS D 425 13.46 -15.47 -14.00
CA LYS D 425 13.37 -15.30 -15.44
C LYS D 425 14.64 -14.64 -15.95
N ARG D 426 14.89 -14.82 -17.25
CA ARG D 426 16.11 -14.32 -17.87
C ARG D 426 15.88 -12.93 -18.42
N VAL D 427 16.74 -11.98 -18.04
CA VAL D 427 16.66 -10.61 -18.52
C VAL D 427 17.70 -10.39 -19.60
N VAL D 428 17.23 -10.16 -20.83
CA VAL D 428 18.10 -9.64 -21.90
C VAL D 428 18.03 -8.13 -21.78
N PHE D 429 18.79 -7.60 -20.82
CA PHE D 429 18.65 -6.18 -20.52
C PHE D 429 19.42 -5.34 -21.54
N PRO D 430 18.86 -4.20 -21.94
CA PRO D 430 19.59 -3.30 -22.86
C PRO D 430 20.40 -2.24 -22.13
N SER D 431 21.72 -2.44 -22.05
CA SER D 431 22.60 -1.38 -21.58
C SER D 431 22.76 -0.35 -22.70
N THR D 432 23.73 0.54 -22.57
CA THR D 432 23.91 1.60 -23.55
C THR D 432 25.38 1.80 -23.85
N SER D 433 25.66 2.34 -25.05
CA SER D 433 27.03 2.70 -25.39
C SER D 433 27.55 3.81 -24.48
N GLU D 434 26.66 4.67 -24.00
CA GLU D 434 27.02 5.80 -23.14
C GLU D 434 27.47 5.37 -21.75
N VAL D 435 27.47 4.07 -21.44
CA VAL D 435 27.97 3.63 -20.15
C VAL D 435 29.47 3.89 -20.03
N TYR D 436 30.21 3.76 -21.14
CA TYR D 436 31.64 4.07 -21.11
C TYR D 436 31.89 5.56 -21.03
N GLY D 437 30.96 6.37 -21.54
CA GLY D 437 31.13 7.81 -21.46
C GLY D 437 32.28 8.27 -22.34
N MET D 438 33.13 9.10 -21.77
CA MET D 438 34.28 9.67 -22.47
C MET D 438 35.52 8.79 -22.33
N CYS D 439 35.36 7.52 -22.68
CA CYS D 439 36.44 6.56 -22.54
C CYS D 439 37.54 6.80 -23.58
N THR D 440 38.79 6.68 -23.14
CA THR D 440 39.92 6.96 -24.03
C THR D 440 40.29 5.75 -24.88
N ASP D 441 39.99 4.54 -24.40
CA ASP D 441 40.43 3.31 -25.07
C ASP D 441 40.06 3.33 -26.54
N ALA D 442 40.93 2.73 -27.36
CA ALA D 442 40.71 2.67 -28.81
C ALA D 442 39.32 2.13 -29.12
N SER D 443 39.10 0.86 -28.84
CA SER D 443 37.78 0.25 -28.92
C SER D 443 37.29 -0.02 -27.50
N PHE D 444 36.05 0.35 -27.22
CA PHE D 444 35.52 0.21 -25.87
C PHE D 444 35.27 -1.26 -25.55
N ASP D 445 35.89 -1.75 -24.49
CA ASP D 445 35.77 -3.15 -24.08
C ASP D 445 34.79 -3.27 -22.93
N GLU D 446 33.84 -4.20 -23.08
CA GLU D 446 32.83 -4.41 -22.05
C GLU D 446 33.45 -4.86 -20.73
N ASP D 447 34.50 -5.67 -20.79
CA ASP D 447 35.07 -6.30 -19.62
C ASP D 447 36.34 -5.65 -19.12
N LYS D 448 36.83 -4.60 -19.78
CA LYS D 448 38.06 -3.96 -19.33
C LYS D 448 38.01 -2.44 -19.38
N SER D 449 37.38 -1.88 -20.42
CA SER D 449 37.44 -0.43 -20.62
C SER D 449 36.85 0.32 -19.44
N ASN D 450 37.50 1.41 -19.06
CA ASN D 450 37.04 2.23 -17.96
C ASN D 450 35.75 2.96 -18.35
N LEU D 451 35.11 3.55 -17.35
CA LEU D 451 33.88 4.32 -17.53
C LEU D 451 34.12 5.72 -16.97
N ILE D 452 34.23 6.70 -17.84
CA ILE D 452 34.54 8.08 -17.47
C ILE D 452 33.32 8.95 -17.74
N VAL D 453 33.01 9.83 -16.80
CA VAL D 453 31.91 10.78 -16.95
C VAL D 453 32.35 12.14 -16.45
N GLY D 454 31.70 13.18 -16.97
CA GLY D 454 31.92 14.53 -16.51
C GLY D 454 31.38 14.71 -15.10
N PRO D 455 31.68 15.85 -14.49
CA PRO D 455 31.24 16.06 -13.11
C PRO D 455 29.73 16.19 -12.95
N VAL D 456 29.31 16.40 -11.71
CA VAL D 456 27.90 16.53 -11.37
C VAL D 456 27.23 17.62 -12.18
N ASN D 457 27.90 18.76 -12.39
CA ASN D 457 27.32 19.86 -13.15
C ASN D 457 27.29 19.60 -14.65
N LYS D 458 26.92 18.39 -15.05
CA LYS D 458 26.81 18.02 -16.46
C LYS D 458 25.68 17.01 -16.59
N PRO D 459 24.43 17.47 -16.42
CA PRO D 459 23.30 16.53 -16.35
C PRO D 459 23.18 15.61 -17.55
N ARG D 460 23.96 15.87 -18.61
CA ARG D 460 24.03 14.94 -19.74
C ARG D 460 24.36 13.52 -19.28
N TRP D 461 25.14 13.38 -18.22
CA TRP D 461 25.57 12.08 -17.74
C TRP D 461 24.57 11.42 -16.80
N ILE D 462 23.45 12.09 -16.48
CA ILE D 462 22.42 11.46 -15.66
C ILE D 462 21.96 10.16 -16.28
N TYR D 463 22.05 10.05 -17.60
CA TYR D 463 21.67 8.81 -18.28
C TYR D 463 22.74 7.74 -18.09
N SER D 464 24.00 8.08 -18.40
CA SER D 464 25.12 7.17 -18.30
C SER D 464 25.20 6.53 -16.92
N VAL D 465 25.36 7.37 -15.90
CA VAL D 465 25.43 6.92 -14.50
C VAL D 465 24.25 6.01 -14.18
N SER D 466 23.05 6.43 -14.57
CA SER D 466 21.85 5.67 -14.25
C SER D 466 21.89 4.28 -14.87
N LYS D 467 22.03 4.23 -16.19
CA LYS D 467 22.08 2.94 -16.87
C LYS D 467 23.23 2.09 -16.38
N GLN D 468 24.33 2.73 -15.97
CA GLN D 468 25.47 1.98 -15.45
C GLN D 468 25.17 1.39 -14.09
N LEU D 469 24.64 2.20 -13.17
CA LEU D 469 24.33 1.70 -11.84
C LEU D 469 23.34 0.56 -11.91
N LEU D 470 22.27 0.73 -12.67
CA LEU D 470 21.32 -0.36 -12.86
C LEU D 470 22.00 -1.57 -13.49
N ASP D 471 22.90 -1.33 -14.45
CA ASP D 471 23.73 -2.42 -14.97
C ASP D 471 24.46 -3.12 -13.84
N ARG D 472 25.07 -2.34 -12.94
CA ARG D 472 25.81 -2.92 -11.83
C ARG D 472 24.89 -3.66 -10.87
N VAL D 473 23.65 -3.20 -10.71
CA VAL D 473 22.71 -3.88 -9.83
C VAL D 473 22.33 -5.23 -10.41
N ILE D 474 22.14 -5.31 -11.73
CA ILE D 474 21.94 -6.60 -12.38
C ILE D 474 23.11 -7.53 -12.10
N TRP D 475 24.32 -7.00 -12.21
CA TRP D 475 25.52 -7.78 -11.93
C TRP D 475 25.46 -8.40 -10.53
N ALA D 476 25.09 -7.59 -9.54
CA ALA D 476 25.01 -8.08 -8.18
C ALA D 476 23.95 -9.16 -8.05
N TYR D 477 22.77 -8.94 -8.64
CA TYR D 477 21.73 -9.96 -8.59
C TYR D 477 22.17 -11.25 -9.26
N GLY D 478 22.83 -11.15 -10.42
CA GLY D 478 23.35 -12.34 -11.07
C GLY D 478 24.49 -13.01 -10.32
N GLU D 479 25.01 -12.36 -9.28
CA GLU D 479 26.11 -12.90 -8.50
C GLU D 479 25.66 -13.37 -7.12
N LYS D 480 25.05 -12.51 -6.33
CA LYS D 480 24.67 -12.84 -4.95
C LYS D 480 23.31 -13.50 -4.84
N GLU D 481 22.58 -13.69 -5.94
CA GLU D 481 21.28 -14.33 -5.84
C GLU D 481 20.94 -15.07 -7.12
N GLY D 482 21.71 -14.85 -8.18
CA GLY D 482 21.69 -15.74 -9.33
C GLY D 482 20.68 -15.44 -10.42
N LEU D 483 20.48 -14.16 -10.73
CA LEU D 483 19.60 -13.78 -11.82
C LEU D 483 20.22 -14.17 -13.16
N ARG D 484 19.47 -14.93 -13.96
CA ARG D 484 19.90 -15.28 -15.30
C ARG D 484 19.78 -14.05 -16.19
N PHE D 485 20.92 -13.54 -16.68
CA PHE D 485 20.90 -12.27 -17.40
C PHE D 485 21.91 -12.28 -18.54
N THR D 486 21.79 -11.28 -19.41
CA THR D 486 22.78 -11.01 -20.46
C THR D 486 22.52 -9.58 -20.93
N LEU D 487 23.49 -8.70 -20.70
CA LEU D 487 23.35 -7.28 -21.01
C LEU D 487 23.98 -7.00 -22.37
N PHE D 488 23.26 -6.28 -23.23
CA PHE D 488 23.77 -5.88 -24.53
C PHE D 488 23.76 -4.36 -24.64
N ARG D 489 24.79 -3.83 -25.30
CA ARG D 489 25.04 -2.39 -25.39
C ARG D 489 25.03 -1.97 -26.85
N PRO D 490 23.87 -1.57 -27.38
CA PRO D 490 23.82 -1.14 -28.79
C PRO D 490 24.69 0.08 -29.02
N PHE D 491 25.16 0.22 -30.26
CA PHE D 491 26.04 1.32 -30.66
C PHE D 491 25.42 2.05 -31.83
N ASN D 492 24.72 3.14 -31.53
CA ASN D 492 24.11 4.04 -32.51
C ASN D 492 23.37 3.26 -33.60
N TRP D 493 22.47 2.40 -33.16
CA TRP D 493 21.63 1.68 -34.10
C TRP D 493 20.74 2.66 -34.86
N MET D 494 20.47 2.34 -36.13
CA MET D 494 19.62 3.18 -36.94
C MET D 494 19.09 2.39 -38.12
N GLY D 495 17.97 2.86 -38.66
CA GLY D 495 17.28 2.24 -39.76
C GLY D 495 15.85 2.72 -39.82
N PRO D 496 14.96 1.94 -40.44
CA PRO D 496 13.54 2.29 -40.40
C PRO D 496 12.99 2.12 -38.99
N ARG D 497 11.99 2.95 -38.67
CA ARG D 497 11.36 2.98 -37.35
C ARG D 497 12.38 3.29 -36.26
N LEU D 498 12.88 4.52 -36.31
CA LEU D 498 13.73 5.08 -35.26
C LEU D 498 13.14 6.44 -34.88
N ASP D 499 12.37 6.46 -33.79
CA ASP D 499 11.65 7.65 -33.35
C ASP D 499 10.68 8.12 -34.42
N SER D 500 10.06 9.27 -34.21
CA SER D 500 9.10 9.81 -35.15
C SER D 500 9.50 11.24 -35.53
N LEU D 501 9.20 11.61 -36.78
CA LEU D 501 9.48 12.97 -37.24
C LEU D 501 8.75 13.99 -36.38
N ASN D 502 7.53 13.67 -35.94
CA ASN D 502 6.78 14.61 -35.12
C ASN D 502 7.39 14.76 -33.73
N ALA D 503 8.15 13.77 -33.27
CA ALA D 503 8.94 13.91 -32.04
C ALA D 503 10.32 14.49 -32.29
N ALA D 504 10.76 14.53 -33.55
CA ALA D 504 12.04 15.14 -33.89
C ALA D 504 11.96 16.66 -33.96
N ARG D 505 10.76 17.22 -34.13
CA ARG D 505 10.60 18.66 -34.09
C ARG D 505 10.89 19.23 -32.70
N ILE D 506 10.84 18.38 -31.67
CA ILE D 506 11.15 18.82 -30.32
C ILE D 506 12.64 18.70 -30.02
N GLY D 507 13.32 17.79 -30.70
CA GLY D 507 14.66 17.37 -30.33
C GLY D 507 14.73 15.94 -29.83
N SER D 508 13.59 15.28 -29.62
CA SER D 508 13.53 13.92 -29.08
C SER D 508 13.80 12.93 -30.21
N SER D 509 15.09 12.80 -30.55
CA SER D 509 15.47 11.98 -31.69
C SER D 509 16.98 11.80 -31.71
N ARG D 510 17.42 10.69 -32.31
CA ARG D 510 18.84 10.42 -32.48
C ARG D 510 19.44 11.39 -33.50
N ALA D 511 20.71 11.17 -33.85
CA ALA D 511 21.39 12.05 -34.80
C ALA D 511 20.81 11.91 -36.20
N ILE D 512 20.69 10.68 -36.69
CA ILE D 512 20.24 10.43 -38.06
C ILE D 512 18.88 11.07 -38.31
N THR D 513 17.91 10.80 -37.43
CA THR D 513 16.53 11.17 -37.72
C THR D 513 16.25 12.66 -37.52
N GLN D 514 17.10 13.39 -36.79
CA GLN D 514 16.95 14.84 -36.74
C GLN D 514 17.33 15.47 -38.07
N LEU D 515 18.46 15.04 -38.63
CA LEU D 515 18.89 15.59 -39.92
C LEU D 515 17.93 15.18 -41.03
N ILE D 516 17.36 13.98 -40.94
CA ILE D 516 16.37 13.55 -41.92
C ILE D 516 15.17 14.49 -41.92
N LEU D 517 14.73 14.91 -40.73
CA LEU D 517 13.65 15.90 -40.65
C LEU D 517 14.07 17.24 -41.23
N ASN D 518 15.30 17.69 -40.92
CA ASN D 518 15.80 18.94 -41.48
C ASN D 518 15.76 18.92 -43.00
N LEU D 519 15.90 17.74 -43.60
CA LEU D 519 15.79 17.60 -45.04
C LEU D 519 14.34 17.56 -45.53
N VAL D 520 13.41 17.15 -44.67
CA VAL D 520 12.01 17.01 -45.09
C VAL D 520 11.31 18.37 -45.10
N GLU D 521 11.54 19.17 -44.07
CA GLU D 521 10.90 20.48 -43.94
C GLU D 521 11.76 21.62 -44.48
N GLY D 522 13.04 21.38 -44.77
CA GLY D 522 13.88 22.43 -45.31
C GLY D 522 14.51 23.34 -44.28
N THR D 523 14.81 22.82 -43.09
CA THR D 523 15.48 23.45 -41.96
C THR D 523 17.00 23.22 -42.07
N PRO D 524 17.79 24.25 -41.76
CA PRO D 524 19.25 24.09 -41.79
C PRO D 524 19.71 22.92 -40.93
N ILE D 525 20.57 22.09 -41.50
CA ILE D 525 21.17 20.97 -40.77
C ILE D 525 22.25 21.53 -39.85
N LYS D 526 22.05 21.38 -38.55
CA LYS D 526 22.93 21.98 -37.55
C LYS D 526 23.99 20.97 -37.13
N LEU D 527 25.25 21.34 -37.29
CA LEU D 527 26.39 20.51 -36.90
C LEU D 527 26.92 21.09 -35.58
N ILE D 528 26.42 20.56 -34.47
CA ILE D 528 26.73 21.13 -33.16
C ILE D 528 28.22 21.00 -32.88
N ASP D 529 28.84 22.11 -32.48
CA ASP D 529 30.26 22.16 -32.15
C ASP D 529 31.12 21.54 -33.26
N GLY D 530 30.81 21.94 -34.50
CA GLY D 530 31.56 21.54 -35.66
C GLY D 530 31.03 20.32 -36.39
N GLY D 531 30.39 19.40 -35.68
CA GLY D 531 30.05 18.12 -36.28
C GLY D 531 31.26 17.29 -36.60
N GLN D 532 32.34 17.48 -35.83
CA GLN D 532 33.64 16.86 -36.10
C GLN D 532 33.89 15.61 -35.27
N GLN D 533 32.94 15.22 -34.42
CA GLN D 533 33.04 14.03 -33.60
C GLN D 533 32.49 12.81 -34.35
N LYS D 534 33.10 11.65 -34.08
CA LYS D 534 32.83 10.44 -34.85
C LYS D 534 32.15 9.39 -33.98
N ARG D 535 31.27 8.60 -34.60
CA ARG D 535 30.64 7.46 -33.97
C ARG D 535 30.61 6.28 -34.94
N CYS D 536 30.40 5.10 -34.38
CA CYS D 536 30.17 3.90 -35.17
C CYS D 536 28.67 3.67 -35.31
N PHE D 537 28.19 3.63 -36.55
CA PHE D 537 26.76 3.57 -36.83
C PHE D 537 26.42 2.17 -37.32
N THR D 538 25.60 1.46 -36.54
CA THR D 538 25.28 0.07 -36.82
C THR D 538 23.92 -0.03 -37.50
N ASP D 539 23.80 -0.98 -38.44
CA ASP D 539 22.54 -1.18 -39.12
C ASP D 539 21.53 -1.85 -38.19
N ILE D 540 20.24 -1.64 -38.50
CA ILE D 540 19.18 -2.20 -37.67
C ILE D 540 19.12 -3.71 -37.84
N ARG D 541 19.38 -4.20 -39.06
CA ARG D 541 19.31 -5.63 -39.32
C ARG D 541 20.43 -6.37 -38.60
N ASP D 542 21.63 -5.80 -38.58
CA ASP D 542 22.74 -6.42 -37.87
C ASP D 542 22.48 -6.45 -36.37
N GLY D 543 21.96 -5.36 -35.82
CA GLY D 543 21.71 -5.31 -34.38
C GLY D 543 20.67 -6.32 -33.94
N ILE D 544 19.60 -6.48 -34.71
CA ILE D 544 18.56 -7.45 -34.37
C ILE D 544 19.07 -8.88 -34.53
N GLU D 545 19.90 -9.14 -35.54
CA GLU D 545 20.47 -10.46 -35.68
C GLU D 545 21.28 -10.84 -34.44
N ALA D 546 22.13 -9.91 -33.97
CA ALA D 546 22.93 -10.21 -32.79
C ALA D 546 22.07 -10.28 -31.53
N LEU D 547 21.02 -9.48 -31.44
CA LEU D 547 20.11 -9.57 -30.30
C LEU D 547 19.40 -10.91 -30.28
N PHE D 548 18.95 -11.38 -31.45
CA PHE D 548 18.34 -12.71 -31.53
C PHE D 548 19.36 -13.79 -31.18
N ARG D 549 20.60 -13.61 -31.62
CA ARG D 549 21.65 -14.55 -31.24
C ARG D 549 21.79 -14.61 -29.73
N ILE D 550 21.63 -13.49 -29.04
CA ILE D 550 21.62 -13.50 -27.58
C ILE D 550 20.38 -14.22 -27.06
N ILE D 551 19.22 -13.96 -27.66
CA ILE D 551 17.99 -14.55 -27.17
C ILE D 551 18.01 -16.07 -27.31
N VAL D 552 18.51 -16.56 -28.44
CA VAL D 552 18.69 -18.00 -28.61
C VAL D 552 19.58 -18.55 -27.50
N ASN D 553 20.63 -17.82 -27.15
CA ASN D 553 21.62 -18.23 -26.16
C ASN D 553 22.11 -19.64 -26.47
N ASP D 554 22.69 -19.79 -27.66
CA ASP D 554 23.15 -21.08 -28.15
C ASP D 554 24.15 -21.71 -27.20
N GLY D 555 23.71 -22.68 -26.40
CA GLY D 555 24.59 -23.36 -25.47
C GLY D 555 25.06 -22.53 -24.30
N ASP D 556 24.16 -21.71 -23.74
CA ASP D 556 24.46 -20.91 -22.54
C ASP D 556 25.68 -20.01 -22.75
N ARG D 557 25.96 -19.66 -24.00
CA ARG D 557 27.16 -18.88 -24.29
C ARG D 557 27.03 -17.43 -23.85
N CYS D 558 25.83 -16.95 -23.52
CA CYS D 558 25.62 -15.56 -23.17
C CYS D 558 25.39 -15.31 -21.69
N ASP D 559 25.15 -16.37 -20.91
CA ASP D 559 24.81 -16.23 -19.50
C ASP D 559 25.88 -15.45 -18.75
N GLY D 560 25.43 -14.44 -17.99
CA GLY D 560 26.31 -13.61 -17.21
C GLY D 560 27.20 -12.68 -18.01
N LYS D 561 27.33 -12.87 -19.32
CA LYS D 561 28.23 -12.08 -20.13
C LYS D 561 27.60 -10.75 -20.52
N ILE D 562 28.46 -9.79 -20.81
CA ILE D 562 28.02 -8.48 -21.27
C ILE D 562 28.43 -8.31 -22.73
N ILE D 563 27.57 -8.79 -23.62
CA ILE D 563 27.78 -8.67 -25.05
C ILE D 563 27.68 -7.21 -25.45
N ASN D 564 28.29 -6.87 -26.58
CA ASN D 564 28.27 -5.51 -27.09
C ASN D 564 28.02 -5.57 -28.58
N ILE D 565 26.90 -5.00 -29.03
CA ILE D 565 26.51 -5.07 -30.43
C ILE D 565 26.83 -3.75 -31.09
N GLY D 566 27.53 -3.80 -32.22
CA GLY D 566 27.93 -2.60 -32.93
C GLY D 566 28.71 -2.99 -34.17
N ASN D 567 29.11 -1.96 -34.91
CA ASN D 567 29.86 -2.15 -36.15
C ASN D 567 31.00 -1.13 -36.18
N PRO D 568 32.23 -1.54 -35.84
CA PRO D 568 33.36 -0.61 -35.90
C PRO D 568 33.85 -0.30 -37.30
N ASP D 569 33.30 -0.96 -38.33
CA ASP D 569 33.68 -0.72 -39.71
C ASP D 569 32.83 0.38 -40.36
N ASN D 570 32.14 1.18 -39.54
CA ASN D 570 31.29 2.27 -40.02
C ASN D 570 31.67 3.58 -39.33
N GLU D 571 32.96 3.80 -39.13
CA GLU D 571 33.45 5.00 -38.45
C GLU D 571 33.16 6.23 -39.31
N ALA D 572 32.26 7.08 -38.84
CA ALA D 572 31.92 8.32 -39.53
C ALA D 572 31.59 9.38 -38.50
N SER D 573 31.56 10.63 -38.94
CA SER D 573 31.19 11.75 -38.10
C SER D 573 29.88 12.36 -38.59
N ILE D 574 29.29 13.21 -37.74
CA ILE D 574 28.00 13.83 -38.06
C ILE D 574 28.08 14.58 -39.38
N GLN D 575 29.24 15.14 -39.72
CA GLN D 575 29.40 15.81 -41.00
C GLN D 575 29.37 14.81 -42.14
N GLU D 576 30.24 13.80 -42.11
CA GLU D 576 30.20 12.75 -43.14
C GLU D 576 28.87 12.02 -43.12
N LEU D 577 28.32 11.77 -41.93
CA LEU D 577 26.98 11.19 -41.87
C LEU D 577 26.01 12.03 -42.68
N ALA D 578 25.85 13.30 -42.29
CA ALA D 578 24.99 14.22 -43.03
C ALA D 578 25.36 14.26 -44.51
N THR D 579 26.65 14.16 -44.82
CA THR D 579 27.09 14.17 -46.23
C THR D 579 26.48 13.01 -46.99
N LEU D 580 26.62 11.79 -46.46
CA LEU D 580 26.04 10.62 -47.13
C LEU D 580 24.52 10.69 -47.14
N LEU D 581 23.91 11.17 -46.05
CA LEU D 581 22.48 11.48 -46.06
C LEU D 581 22.11 12.39 -47.22
N LEU D 582 22.84 13.51 -47.35
CA LEU D 582 22.58 14.46 -48.42
C LEU D 582 22.68 13.81 -49.79
N ASP D 583 23.70 12.97 -49.98
CA ASP D 583 23.90 12.33 -51.28
C ASP D 583 22.77 11.34 -51.55
N SER D 584 22.28 10.67 -50.50
CA SER D 584 21.18 9.74 -50.71
C SER D 584 19.87 10.47 -50.92
N PHE D 585 19.79 11.72 -50.45
CA PHE D 585 18.53 12.46 -50.52
C PHE D 585 18.16 12.81 -51.96
N ASP D 586 19.10 13.40 -52.69
CA ASP D 586 18.75 13.91 -54.02
C ASP D 586 18.62 12.81 -55.06
N LYS D 587 19.34 11.70 -54.94
CA LYS D 587 18.98 10.64 -55.88
C LYS D 587 17.78 9.83 -55.43
N HIS D 588 16.94 10.37 -54.58
CA HIS D 588 15.80 9.53 -54.23
C HIS D 588 14.57 9.99 -55.00
N PRO D 589 13.71 9.05 -55.43
CA PRO D 589 12.60 9.42 -56.33
C PRO D 589 11.64 10.48 -55.80
N LEU D 590 11.79 10.93 -54.55
CA LEU D 590 11.00 12.05 -54.03
C LEU D 590 11.84 13.27 -53.73
N ARG D 591 13.06 13.34 -54.27
CA ARG D 591 13.93 14.52 -54.15
C ARG D 591 13.15 15.80 -54.42
N CYS D 592 12.26 15.76 -55.41
CA CYS D 592 11.63 16.96 -55.92
C CYS D 592 10.45 17.41 -55.07
N HIS D 593 9.74 16.46 -54.45
CA HIS D 593 8.62 16.83 -53.59
C HIS D 593 9.05 17.58 -52.34
N PHE D 594 10.34 17.57 -52.01
CA PHE D 594 10.80 18.19 -50.77
C PHE D 594 11.55 19.48 -51.06
N PRO D 595 11.54 20.43 -50.12
CA PRO D 595 12.06 21.78 -50.38
C PRO D 595 13.55 21.76 -50.71
N PRO D 596 14.11 22.90 -51.12
CA PRO D 596 15.56 22.95 -51.34
C PRO D 596 16.32 22.72 -50.05
N PHE D 597 17.56 22.26 -50.20
CA PHE D 597 18.42 22.04 -49.04
C PHE D 597 18.84 23.39 -48.46
N ALA D 598 18.72 23.52 -47.14
CA ALA D 598 18.85 24.80 -46.45
C ALA D 598 20.29 25.12 -46.02
N GLY D 599 21.26 24.31 -46.43
CA GLY D 599 22.64 24.55 -46.06
C GLY D 599 23.00 23.96 -44.70
N PHE D 600 24.30 23.82 -44.47
CA PHE D 600 24.80 23.47 -43.16
C PHE D 600 24.89 24.71 -42.28
N GLN D 601 25.10 24.48 -40.99
CA GLN D 601 25.25 25.58 -40.03
C GLN D 601 25.83 25.07 -38.72
N VAL D 602 27.04 25.53 -38.37
CA VAL D 602 27.65 25.18 -37.09
C VAL D 602 27.09 26.08 -36.01
N VAL D 603 26.73 25.47 -34.88
CA VAL D 603 26.23 26.19 -33.71
C VAL D 603 26.78 25.51 -32.47
N GLU D 604 27.08 26.30 -31.44
CA GLU D 604 27.61 25.79 -30.18
C GLU D 604 26.63 24.84 -29.50
N SER D 605 27.17 24.07 -28.54
CA SER D 605 26.39 23.03 -27.87
C SER D 605 25.32 23.65 -26.96
N ARG D 606 25.71 24.60 -26.12
CA ARG D 606 24.75 25.23 -25.21
C ARG D 606 23.65 26.04 -25.92
N SER D 607 23.53 25.89 -27.23
CA SER D 607 22.46 26.50 -28.01
C SER D 607 21.43 25.51 -28.52
N TYR D 608 21.79 24.23 -28.64
CA TYR D 608 20.87 23.19 -29.06
C TYR D 608 20.51 22.22 -27.95
N TYR D 609 21.44 21.93 -27.05
CA TYR D 609 21.18 21.07 -25.89
C TYR D 609 20.93 21.85 -24.60
N GLY D 610 21.39 23.09 -24.51
CA GLY D 610 21.16 23.88 -23.32
C GLY D 610 22.21 23.67 -22.26
N LYS D 611 21.86 24.12 -21.06
CA LYS D 611 22.79 24.12 -19.94
C LYS D 611 23.24 22.71 -19.57
N GLY D 612 24.55 22.55 -19.37
CA GLY D 612 25.09 21.36 -18.74
C GLY D 612 25.27 20.15 -19.64
N TYR D 613 25.59 20.36 -20.91
CA TYR D 613 25.77 19.25 -21.84
C TYR D 613 27.25 18.94 -21.98
N GLN D 614 27.55 17.71 -22.38
CA GLN D 614 28.88 17.30 -22.78
C GLN D 614 28.72 16.13 -23.73
N ASP D 615 29.80 15.78 -24.44
CA ASP D 615 29.67 14.82 -25.52
C ASP D 615 30.87 13.88 -25.54
N VAL D 616 30.66 12.74 -26.17
CA VAL D 616 31.72 11.78 -26.47
C VAL D 616 32.33 12.12 -27.82
N ALA D 617 33.67 12.10 -27.90
CA ALA D 617 34.33 12.44 -29.15
C ALA D 617 34.31 11.28 -30.14
N HIS D 618 34.78 10.12 -29.72
CA HIS D 618 34.85 8.93 -30.56
C HIS D 618 34.15 7.77 -29.86
N ARG D 619 33.58 6.87 -30.65
CA ARG D 619 32.87 5.72 -30.09
C ARG D 619 33.08 4.52 -31.01
N LYS D 620 33.72 3.48 -30.47
CA LYS D 620 34.03 2.28 -31.24
C LYS D 620 33.89 1.03 -30.37
N PRO D 621 33.04 0.08 -30.76
CA PRO D 621 32.84 -1.11 -29.93
C PRO D 621 33.73 -2.27 -30.35
N SER D 622 34.28 -2.98 -29.36
CA SER D 622 35.02 -4.20 -29.61
C SER D 622 34.04 -5.36 -29.58
N ILE D 623 33.76 -5.94 -30.75
CA ILE D 623 32.69 -6.92 -30.92
C ILE D 623 33.21 -8.32 -30.67
N ASP D 624 34.31 -8.44 -29.92
CA ASP D 624 34.90 -9.74 -29.64
C ASP D 624 33.91 -10.65 -28.90
N ASN D 625 33.29 -10.14 -27.83
CA ASN D 625 32.33 -10.94 -27.08
C ASN D 625 31.14 -11.34 -27.95
N ALA D 626 30.67 -10.42 -28.79
CA ALA D 626 29.64 -10.77 -29.75
C ALA D 626 30.12 -11.90 -30.66
N ARG D 627 31.28 -11.72 -31.29
CA ARG D 627 31.88 -12.75 -32.11
C ARG D 627 31.99 -14.08 -31.37
N ARG D 628 32.71 -14.09 -30.25
CA ARG D 628 33.01 -15.34 -29.57
C ARG D 628 31.76 -16.00 -28.99
N CYS D 629 30.78 -15.22 -28.54
CA CYS D 629 29.58 -15.78 -27.92
C CYS D 629 28.42 -15.94 -28.88
N LEU D 630 28.33 -15.11 -29.91
CA LEU D 630 27.21 -15.20 -30.84
C LEU D 630 27.59 -15.86 -32.15
N GLY D 631 28.86 -15.89 -32.51
CA GLY D 631 29.24 -16.20 -33.88
C GLY D 631 28.74 -15.13 -34.84
N TRP D 632 28.86 -13.86 -34.45
CA TRP D 632 28.24 -12.74 -35.15
C TRP D 632 29.27 -11.66 -35.44
N GLU D 633 29.24 -11.16 -36.67
CA GLU D 633 29.95 -9.96 -37.07
C GLU D 633 29.07 -9.18 -38.02
N PRO D 634 29.18 -7.86 -38.04
CA PRO D 634 28.28 -7.05 -38.87
C PRO D 634 28.57 -7.25 -40.35
N SER D 635 27.60 -6.82 -41.17
CA SER D 635 27.68 -7.03 -42.61
C SER D 635 27.24 -5.79 -43.38
N ILE D 636 25.96 -5.42 -43.25
CA ILE D 636 25.42 -4.30 -44.02
C ILE D 636 26.19 -3.03 -43.67
N ALA D 637 26.83 -2.43 -44.67
CA ALA D 637 27.59 -1.21 -44.45
C ALA D 637 26.68 0.00 -44.29
N MET D 638 27.30 1.14 -44.02
CA MET D 638 26.55 2.35 -43.70
C MET D 638 25.70 2.80 -44.88
N ARG D 639 26.26 2.75 -46.10
CA ARG D 639 25.59 3.32 -47.27
C ARG D 639 24.16 2.81 -47.41
N ASP D 640 23.98 1.49 -47.33
CA ASP D 640 22.65 0.91 -47.44
C ASP D 640 21.76 1.31 -46.27
N THR D 641 22.34 1.47 -45.08
CA THR D 641 21.56 1.85 -43.91
C THR D 641 21.02 3.27 -44.06
N VAL D 642 21.89 4.21 -44.42
CA VAL D 642 21.46 5.59 -44.67
C VAL D 642 20.32 5.62 -45.68
N GLU D 643 20.47 4.85 -46.76
CA GLU D 643 19.46 4.87 -47.82
C GLU D 643 18.14 4.31 -47.31
N GLU D 644 18.18 3.15 -46.64
CA GLU D 644 16.93 2.53 -46.18
C GLU D 644 16.28 3.35 -45.07
N THR D 645 17.09 3.94 -44.19
CA THR D 645 16.55 4.87 -43.20
C THR D 645 15.82 6.02 -43.87
N LEU D 646 16.45 6.61 -44.89
CA LEU D 646 15.85 7.74 -45.60
C LEU D 646 14.62 7.30 -46.37
N ASP D 647 14.72 6.19 -47.12
CA ASP D 647 13.61 5.72 -47.94
C ASP D 647 12.33 5.56 -47.12
N PHE D 648 12.44 4.98 -45.92
CA PHE D 648 11.27 4.83 -45.07
C PHE D 648 10.69 6.18 -44.66
N PHE D 649 11.54 7.07 -44.16
CA PHE D 649 11.03 8.32 -43.62
C PHE D 649 10.52 9.26 -44.71
N LEU D 650 11.14 9.19 -45.91
CA LEU D 650 10.70 10.05 -47.00
C LEU D 650 9.30 9.64 -47.47
N ARG D 651 9.09 8.34 -47.71
CA ARG D 651 7.76 7.87 -48.07
C ARG D 651 6.78 8.02 -46.91
N SER D 652 7.28 7.98 -45.68
CA SER D 652 6.41 8.14 -44.51
C SER D 652 5.65 9.45 -44.57
N VAL D 653 6.30 10.51 -45.04
CA VAL D 653 5.67 11.80 -45.26
C VAL D 653 4.40 11.60 -46.08
N ASP D 654 3.23 11.75 -45.45
CA ASP D 654 1.95 11.56 -46.11
C ASP D 654 1.61 12.83 -46.89
N ILE D 655 2.25 12.95 -48.07
CA ILE D 655 2.21 14.18 -48.88
C ILE D 655 0.78 14.69 -49.04
N MET E 1 -13.94 73.87 -12.24
CA MET E 1 -14.71 72.62 -12.22
C MET E 1 -13.92 71.46 -11.65
N LYS E 2 -14.61 70.55 -10.97
CA LYS E 2 -14.01 69.33 -10.45
C LYS E 2 -14.21 68.21 -11.45
N ALA E 3 -13.13 67.51 -11.78
CA ALA E 3 -13.18 66.43 -12.76
C ALA E 3 -12.51 65.18 -12.20
N VAL E 4 -13.16 64.04 -12.39
CA VAL E 4 -12.63 62.73 -12.01
C VAL E 4 -12.28 62.00 -13.29
N ILE E 5 -10.99 61.72 -13.48
CA ILE E 5 -10.47 61.14 -14.72
C ILE E 5 -10.11 59.68 -14.48
N PHE E 6 -10.53 58.82 -15.38
CA PHE E 6 -10.13 57.41 -15.38
C PHE E 6 -9.16 57.25 -16.56
N ALA E 7 -7.87 57.37 -16.27
CA ALA E 7 -6.84 57.45 -17.30
C ALA E 7 -5.77 56.39 -17.10
N TYR E 8 -5.22 55.91 -18.20
CA TYR E 8 -4.15 54.92 -18.18
C TYR E 8 -3.45 55.01 -19.52
N HIS E 9 -2.14 54.77 -19.51
CA HIS E 9 -1.30 54.73 -20.71
C HIS E 9 -1.17 56.11 -21.36
N ASP E 10 -0.58 56.17 -22.56
CA ASP E 10 -0.25 57.46 -23.20
C ASP E 10 -1.48 58.32 -23.44
N MET E 11 -2.53 57.73 -24.02
CA MET E 11 -3.79 58.46 -24.20
C MET E 11 -4.26 59.08 -22.88
N GLY E 12 -4.29 58.28 -21.82
CA GLY E 12 -4.54 58.81 -20.50
C GLY E 12 -3.48 59.81 -20.07
N CYS E 13 -2.21 59.53 -20.39
CA CYS E 13 -1.13 60.45 -20.03
C CYS E 13 -1.36 61.82 -20.65
N GLN E 14 -1.78 61.86 -21.92
CA GLN E 14 -2.10 63.14 -22.55
C GLN E 14 -3.39 63.71 -21.99
N GLY E 15 -4.41 62.88 -21.82
CA GLY E 15 -5.73 63.38 -21.47
C GLY E 15 -5.78 64.09 -20.14
N VAL E 16 -4.93 63.71 -19.19
CA VAL E 16 -4.96 64.37 -17.89
C VAL E 16 -4.43 65.79 -18.01
N GLN E 17 -3.38 65.99 -18.80
CA GLN E 17 -2.86 67.34 -19.00
C GLN E 17 -3.78 68.18 -19.88
N ALA E 18 -4.58 67.53 -20.74
CA ALA E 18 -5.56 68.28 -21.52
C ALA E 18 -6.69 68.79 -20.63
N VAL E 19 -7.14 67.97 -19.68
CA VAL E 19 -8.13 68.43 -18.71
C VAL E 19 -7.51 69.44 -17.76
N LEU E 20 -6.23 69.26 -17.42
CA LEU E 20 -5.57 70.18 -16.49
C LEU E 20 -5.39 71.56 -17.12
N ASP E 21 -4.99 71.62 -18.39
CA ASP E 21 -4.76 72.90 -19.04
C ASP E 21 -6.07 73.59 -19.41
N ALA E 22 -7.12 72.81 -19.67
CA ALA E 22 -8.43 73.40 -19.92
C ALA E 22 -9.02 74.10 -18.69
N GLY E 23 -8.34 74.14 -17.55
CA GLY E 23 -8.82 74.86 -16.38
C GLY E 23 -9.44 74.00 -15.30
N TYR E 24 -9.85 72.78 -15.62
CA TYR E 24 -10.52 71.92 -14.65
C TYR E 24 -9.60 71.64 -13.47
N GLU E 25 -10.21 71.49 -12.30
CA GLU E 25 -9.50 71.02 -11.12
C GLU E 25 -9.65 69.49 -11.05
N ILE E 26 -8.53 68.80 -11.02
CA ILE E 26 -8.50 67.34 -10.97
C ILE E 26 -8.33 66.92 -9.52
N ALA E 27 -9.34 66.26 -8.96
CA ALA E 27 -9.31 65.80 -7.58
C ALA E 27 -9.34 64.29 -7.46
N ALA E 28 -9.23 63.56 -8.58
CA ALA E 28 -9.24 62.10 -8.57
C ALA E 28 -8.85 61.53 -9.92
N ILE E 29 -7.75 60.78 -9.97
CA ILE E 29 -7.33 60.05 -11.17
C ILE E 29 -7.23 58.58 -10.81
N PHE E 30 -7.92 57.75 -11.58
CA PHE E 30 -7.93 56.30 -11.36
C PHE E 30 -7.21 55.64 -12.53
N THR E 31 -6.33 54.70 -12.21
CA THR E 31 -5.48 54.08 -13.23
C THR E 31 -5.23 52.63 -12.85
N HIS E 32 -4.23 52.02 -13.48
CA HIS E 32 -3.83 50.64 -13.22
C HIS E 32 -2.32 50.62 -12.95
N ALA E 33 -1.81 49.42 -12.67
CA ALA E 33 -0.40 49.24 -12.39
C ALA E 33 0.43 49.33 -13.67
N ASP E 34 1.74 49.35 -13.49
CA ASP E 34 2.67 49.50 -14.61
C ASP E 34 3.55 48.26 -14.76
N GLY E 43 4.96 56.47 -21.11
CA GLY E 43 4.43 57.41 -20.15
C GLY E 43 3.33 56.80 -19.29
N SER E 44 3.39 57.07 -17.99
CA SER E 44 2.46 56.50 -17.03
C SER E 44 1.64 57.59 -16.36
N VAL E 45 0.43 57.24 -15.95
CA VAL E 45 -0.44 58.17 -15.23
C VAL E 45 -0.11 58.21 -13.74
N SER E 46 0.47 57.13 -13.20
CA SER E 46 0.80 57.10 -11.77
C SER E 46 1.87 58.12 -11.43
N ARG E 47 3.06 57.99 -12.04
CA ARG E 47 4.12 58.96 -11.78
C ARG E 47 3.72 60.36 -12.22
N GLN E 48 2.90 60.47 -13.26
CA GLN E 48 2.47 61.78 -13.72
C GLN E 48 1.53 62.44 -12.71
N ALA E 49 0.46 61.73 -12.33
CA ALA E 49 -0.48 62.29 -11.35
C ALA E 49 0.21 62.55 -10.02
N ALA E 50 1.19 61.71 -9.66
CA ALA E 50 1.96 61.94 -8.44
C ALA E 50 2.77 63.22 -8.54
N GLU E 51 3.53 63.38 -9.64
CA GLU E 51 4.35 64.56 -9.82
C GLU E 51 3.54 65.84 -9.99
N LEU E 52 2.23 65.74 -10.19
CA LEU E 52 1.34 66.89 -10.21
C LEU E 52 0.60 67.08 -8.89
N GLY E 53 0.98 66.33 -7.86
CA GLY E 53 0.38 66.49 -6.54
C GLY E 53 -1.06 66.04 -6.51
N ILE E 54 -1.52 65.43 -7.60
CA ILE E 54 -2.89 64.97 -7.71
C ILE E 54 -3.04 63.64 -6.98
N PRO E 55 -4.08 63.45 -6.19
CA PRO E 55 -4.31 62.13 -5.58
C PRO E 55 -4.67 61.11 -6.65
N VAL E 56 -3.91 60.02 -6.70
CA VAL E 56 -4.06 59.01 -7.73
C VAL E 56 -4.36 57.67 -7.06
N TYR E 57 -5.42 57.01 -7.52
CA TYR E 57 -5.84 55.72 -7.00
C TYR E 57 -5.82 54.69 -8.11
N ALA E 58 -5.60 53.42 -7.74
CA ALA E 58 -5.60 52.32 -8.69
C ALA E 58 -6.27 51.12 -8.05
N PRO E 59 -7.60 51.10 -8.02
CA PRO E 59 -8.31 49.93 -7.48
C PRO E 59 -8.37 48.80 -8.49
N ASP E 60 -8.58 47.59 -7.96
CA ASP E 60 -8.72 46.42 -8.83
C ASP E 60 -9.99 46.53 -9.66
N ASN E 61 -11.14 46.74 -8.99
CA ASN E 61 -12.40 47.02 -9.66
C ASN E 61 -13.00 48.26 -9.01
N VAL E 62 -13.02 49.37 -9.75
CA VAL E 62 -13.55 50.61 -9.21
C VAL E 62 -14.99 50.44 -8.78
N ASN E 63 -15.78 49.73 -9.58
CA ASN E 63 -17.18 49.48 -9.28
C ASN E 63 -17.30 48.71 -7.96
N HIS E 64 -17.26 49.44 -6.84
CA HIS E 64 -17.22 48.84 -5.52
C HIS E 64 -17.66 49.86 -4.48
N PRO E 65 -18.59 49.50 -3.59
CA PRO E 65 -19.03 50.45 -2.55
C PRO E 65 -17.89 51.16 -1.82
N ILE E 66 -16.71 50.54 -1.70
CA ILE E 66 -15.59 51.22 -1.06
C ILE E 66 -15.18 52.47 -1.84
N TRP E 67 -15.30 52.42 -3.16
CA TRP E 67 -14.95 53.57 -4.00
C TRP E 67 -16.16 54.38 -4.43
N VAL E 68 -17.21 53.72 -4.93
CA VAL E 68 -18.40 54.43 -5.40
C VAL E 68 -18.96 55.31 -4.30
N ASP E 69 -19.35 54.70 -3.17
CA ASP E 69 -19.88 55.45 -2.05
C ASP E 69 -18.85 56.39 -1.39
N ARG E 70 -17.66 56.51 -2.00
CA ARG E 70 -16.70 57.55 -1.64
C ARG E 70 -16.20 58.29 -2.88
N ILE E 71 -16.77 58.02 -4.06
CA ILE E 71 -16.51 58.82 -5.25
C ILE E 71 -17.55 59.92 -5.33
N ALA E 72 -18.83 59.55 -5.37
CA ALA E 72 -19.90 60.54 -5.36
C ALA E 72 -19.87 61.39 -4.10
N GLU E 73 -19.20 60.92 -3.05
CA GLU E 73 -18.99 61.75 -1.86
C GLU E 73 -18.05 62.91 -2.15
N LEU E 74 -17.16 62.75 -3.13
CA LEU E 74 -16.29 63.85 -3.55
C LEU E 74 -16.99 64.86 -4.44
N ALA E 75 -18.22 64.58 -4.87
CA ALA E 75 -19.00 65.45 -5.74
C ALA E 75 -18.25 65.75 -7.04
N PRO E 76 -18.24 64.81 -7.98
CA PRO E 76 -17.62 65.10 -9.29
C PRO E 76 -18.62 65.78 -10.21
N ASP E 77 -18.10 66.70 -11.02
CA ASP E 77 -18.94 67.35 -12.03
C ASP E 77 -18.92 66.58 -13.36
N ILE E 78 -17.73 66.30 -13.88
CA ILE E 78 -17.57 65.56 -15.12
C ILE E 78 -16.62 64.39 -14.86
N ILE E 79 -16.85 63.30 -15.58
CA ILE E 79 -15.94 62.15 -15.58
C ILE E 79 -15.41 61.97 -16.99
N PHE E 80 -14.09 61.83 -17.10
CA PHE E 80 -13.42 61.60 -18.37
C PHE E 80 -12.69 60.26 -18.31
N SER E 81 -12.74 59.52 -19.42
CA SER E 81 -12.13 58.20 -19.51
C SER E 81 -11.16 58.21 -20.69
N PHE E 82 -9.86 58.21 -20.38
CA PHE E 82 -8.79 58.28 -21.37
C PHE E 82 -8.04 56.95 -21.38
N TYR E 83 -8.43 56.06 -22.29
CA TYR E 83 -7.85 54.72 -22.40
C TYR E 83 -7.78 54.02 -21.04
N TYR E 84 -8.96 53.80 -20.46
CA TYR E 84 -9.10 52.99 -19.27
C TYR E 84 -9.34 51.55 -19.69
N ARG E 85 -8.83 50.61 -18.90
CA ARG E 85 -8.91 49.21 -19.30
C ARG E 85 -10.13 48.51 -18.70
N ASN E 86 -10.46 48.78 -17.45
CA ASN E 86 -11.68 48.21 -16.89
C ASN E 86 -12.91 48.92 -17.44
N LEU E 87 -14.06 48.28 -17.26
CA LEU E 87 -15.34 48.88 -17.62
C LEU E 87 -15.95 49.52 -16.39
N LEU E 88 -16.66 50.63 -16.60
CA LEU E 88 -17.28 51.37 -15.52
C LEU E 88 -18.74 50.95 -15.38
N SER E 89 -19.20 50.83 -14.14
CA SER E 89 -20.56 50.38 -13.88
C SER E 89 -21.54 51.54 -13.97
N GLU E 90 -22.69 51.28 -14.60
CA GLU E 90 -23.77 52.25 -14.78
C GLU E 90 -24.06 53.04 -13.52
N GLU E 91 -23.92 52.40 -12.36
CA GLU E 91 -24.16 53.08 -11.10
C GLU E 91 -23.07 54.11 -10.78
N ILE E 92 -21.88 53.94 -11.34
CA ILE E 92 -20.80 54.89 -11.12
C ILE E 92 -20.81 56.03 -12.13
N LEU E 93 -21.43 55.85 -13.30
CA LEU E 93 -21.49 56.93 -14.27
C LEU E 93 -22.45 58.03 -13.81
N HIS E 94 -23.54 57.65 -13.16
CA HIS E 94 -24.57 58.61 -12.74
C HIS E 94 -24.16 59.37 -11.49
N LEU E 95 -22.87 59.41 -11.19
CA LEU E 95 -22.40 60.13 -10.01
C LEU E 95 -21.98 61.56 -10.31
N ALA E 96 -21.77 61.90 -11.58
CA ALA E 96 -21.43 63.25 -11.98
C ALA E 96 -22.56 63.85 -12.80
N PRO E 97 -23.00 65.08 -12.49
CA PRO E 97 -24.15 65.64 -13.23
C PRO E 97 -23.90 65.77 -14.71
N ALA E 98 -22.77 66.35 -15.12
CA ALA E 98 -22.51 66.56 -16.54
C ALA E 98 -22.44 65.24 -17.30
N GLY E 99 -21.96 64.19 -16.65
CA GLY E 99 -21.87 62.87 -17.26
C GLY E 99 -20.44 62.42 -17.39
N ALA E 100 -20.29 61.25 -18.03
CA ALA E 100 -18.98 60.63 -18.23
C ALA E 100 -18.75 60.44 -19.73
N PHE E 101 -17.55 60.81 -20.18
CA PHE E 101 -17.19 60.73 -21.58
C PHE E 101 -15.90 59.92 -21.74
N ASN E 102 -15.92 58.94 -22.63
CA ASN E 102 -14.76 58.12 -22.92
C ASN E 102 -14.17 58.55 -24.25
N LEU E 103 -12.85 58.74 -24.28
CA LEU E 103 -12.13 59.03 -25.52
C LEU E 103 -11.71 57.71 -26.15
N HIS E 104 -12.34 57.37 -27.28
CA HIS E 104 -12.11 56.10 -27.93
C HIS E 104 -11.22 56.28 -29.15
N GLY E 105 -10.51 55.21 -29.51
CA GLY E 105 -9.49 55.28 -30.54
C GLY E 105 -10.00 55.30 -31.97
N SER E 106 -11.03 54.50 -32.26
CA SER E 106 -11.52 54.40 -33.63
C SER E 106 -12.42 55.59 -33.96
N LEU E 107 -12.74 55.72 -35.24
CA LEU E 107 -13.59 56.80 -35.74
C LEU E 107 -15.04 56.34 -35.64
N LEU E 108 -15.58 56.40 -34.42
CA LEU E 108 -16.85 55.85 -34.00
C LEU E 108 -18.00 56.26 -34.93
N PRO E 109 -19.05 55.42 -35.06
CA PRO E 109 -19.25 54.13 -34.38
C PRO E 109 -18.59 52.96 -35.12
N ALA E 110 -17.55 53.20 -35.90
CA ALA E 110 -16.83 52.14 -36.58
C ALA E 110 -15.71 51.61 -35.69
N TYR E 111 -15.44 50.32 -35.82
CA TYR E 111 -14.40 49.63 -35.04
C TYR E 111 -14.59 49.88 -33.54
N ARG E 112 -15.83 49.76 -33.09
CA ARG E 112 -16.20 50.10 -31.72
C ARG E 112 -15.65 49.11 -30.67
N GLY E 113 -15.05 48.00 -31.10
CA GLY E 113 -14.52 47.01 -30.18
C GLY E 113 -13.38 47.46 -29.29
N ARG E 114 -12.41 46.58 -29.07
CA ARG E 114 -11.26 46.89 -28.23
C ARG E 114 -9.98 46.69 -29.03
N ALA E 115 -8.95 47.44 -28.64
CA ALA E 115 -7.68 47.51 -29.36
C ALA E 115 -7.89 47.72 -30.87
N PRO E 116 -8.53 48.83 -31.27
CA PRO E 116 -8.78 49.06 -32.70
C PRO E 116 -7.59 49.71 -33.40
N LEU E 117 -6.67 50.29 -32.61
CA LEU E 117 -5.48 50.91 -33.17
C LEU E 117 -4.71 49.94 -34.05
N ASN E 118 -4.83 48.64 -33.77
CA ASN E 118 -4.23 47.64 -34.64
C ASN E 118 -5.18 47.21 -35.76
N TRP E 119 -6.46 47.05 -35.45
CA TRP E 119 -7.41 46.54 -36.42
C TRP E 119 -7.49 47.43 -37.66
N VAL E 120 -7.33 48.74 -37.48
CA VAL E 120 -7.34 49.65 -38.63
C VAL E 120 -6.28 49.24 -39.64
N LEU E 121 -5.05 49.02 -39.16
CA LEU E 121 -3.98 48.59 -40.05
C LEU E 121 -4.27 47.21 -40.61
N VAL E 122 -4.81 46.31 -39.77
CA VAL E 122 -5.09 44.93 -40.21
C VAL E 122 -5.96 44.94 -41.46
N ASN E 123 -7.05 45.70 -41.42
CA ASN E 123 -7.91 45.81 -42.58
C ASN E 123 -7.26 46.63 -43.69
N GLY E 124 -6.38 47.56 -43.34
CA GLY E 124 -5.83 48.49 -44.30
C GLY E 124 -6.68 49.73 -44.49
N GLU E 125 -7.33 50.21 -43.44
CA GLU E 125 -8.20 51.38 -43.56
C GLU E 125 -7.42 52.59 -44.04
N SER E 126 -8.13 53.50 -44.71
CA SER E 126 -7.51 54.73 -45.21
C SER E 126 -7.46 55.83 -44.16
N GLU E 127 -8.43 55.89 -43.25
CA GLU E 127 -8.44 56.92 -42.23
C GLU E 127 -9.08 56.39 -40.95
N THR E 128 -8.67 56.96 -39.83
CA THR E 128 -9.26 56.70 -38.52
C THR E 128 -8.75 57.76 -37.55
N GLY E 129 -9.62 58.17 -36.63
CA GLY E 129 -9.26 59.21 -35.69
C GLY E 129 -9.93 58.98 -34.34
N VAL E 130 -9.50 59.77 -33.37
CA VAL E 130 -10.08 59.67 -32.02
C VAL E 130 -11.51 60.18 -32.05
N THR E 131 -12.32 59.66 -31.12
CA THR E 131 -13.72 60.05 -31.01
C THR E 131 -14.09 60.12 -29.52
N LEU E 132 -14.18 61.34 -29.00
CA LEU E 132 -14.74 61.53 -27.68
C LEU E 132 -16.25 61.33 -27.74
N HIS E 133 -16.78 60.48 -26.87
CA HIS E 133 -18.21 60.19 -26.86
C HIS E 133 -18.66 59.98 -25.42
N ARG E 134 -19.98 59.97 -25.24
CA ARG E 134 -20.59 59.83 -23.92
C ARG E 134 -20.54 58.36 -23.49
N MET E 135 -19.98 58.09 -22.32
CA MET E 135 -19.90 56.72 -21.82
C MET E 135 -21.28 56.25 -21.40
N VAL E 136 -21.77 55.19 -22.05
CA VAL E 136 -23.13 54.71 -21.82
C VAL E 136 -23.13 53.23 -21.45
N LYS E 137 -24.31 52.61 -21.51
CA LYS E 137 -24.48 51.25 -21.02
C LYS E 137 -23.70 50.24 -21.86
N ARG E 138 -23.79 50.34 -23.18
CA ARG E 138 -23.11 49.40 -24.06
C ARG E 138 -21.69 49.88 -24.34
N ALA E 139 -20.83 48.93 -24.72
CA ALA E 139 -19.42 49.19 -24.90
C ALA E 139 -19.19 50.14 -26.07
N ASP E 140 -18.60 51.31 -25.76
CA ASP E 140 -18.18 52.28 -26.78
C ASP E 140 -19.32 52.67 -27.71
N ALA E 141 -20.52 52.76 -27.15
CA ALA E 141 -21.74 52.93 -27.92
C ALA E 141 -22.50 54.17 -27.49
N GLY E 142 -21.80 55.26 -27.19
CA GLY E 142 -22.44 56.45 -26.69
C GLY E 142 -22.96 57.41 -27.75
N GLU E 143 -22.72 58.70 -27.53
CA GLU E 143 -23.12 59.74 -28.46
C GLU E 143 -21.92 60.61 -28.79
N ILE E 144 -21.71 60.84 -30.08
CA ILE E 144 -20.51 61.54 -30.54
C ILE E 144 -20.55 63.00 -30.11
N VAL E 145 -19.40 63.52 -29.69
CA VAL E 145 -19.29 64.92 -29.27
C VAL E 145 -18.16 65.59 -30.06
N ALA E 146 -17.13 64.81 -30.41
CA ALA E 146 -15.98 65.38 -31.10
C ALA E 146 -15.25 64.29 -31.87
N SER E 147 -14.53 64.73 -32.91
CA SER E 147 -13.68 63.85 -33.71
C SER E 147 -12.68 64.64 -34.55
N GLN E 148 -11.40 64.57 -34.21
CA GLN E 148 -10.33 65.18 -35.00
C GLN E 148 -9.59 64.04 -35.69
N ARG E 149 -10.19 63.58 -36.79
CA ARG E 149 -9.76 62.36 -37.47
C ARG E 149 -8.33 62.48 -37.99
N VAL E 150 -7.75 61.33 -38.33
CA VAL E 150 -6.37 61.20 -38.76
C VAL E 150 -6.31 60.30 -39.98
N ALA E 151 -5.42 60.62 -40.92
CA ALA E 151 -5.21 59.82 -42.11
C ALA E 151 -4.06 58.84 -41.90
N ILE E 152 -4.21 57.65 -42.45
CA ILE E 152 -3.21 56.58 -42.33
C ILE E 152 -2.35 56.60 -43.59
N ALA E 153 -1.04 56.82 -43.42
CA ALA E 153 -0.14 56.88 -44.55
C ALA E 153 0.21 55.47 -45.04
N GLN E 154 0.90 55.42 -46.19
CA GLN E 154 1.38 54.14 -46.71
C GLN E 154 2.53 53.58 -45.90
N ASP E 155 3.23 54.42 -45.13
CA ASP E 155 4.35 53.99 -44.32
C ASP E 155 4.02 53.91 -42.83
N ASP E 156 2.88 54.45 -42.41
CA ASP E 156 2.51 54.41 -41.00
C ASP E 156 2.42 52.97 -40.51
N VAL E 157 2.95 52.73 -39.32
CA VAL E 157 2.83 51.44 -38.67
C VAL E 157 2.09 51.60 -37.35
N ALA E 158 2.22 50.62 -36.45
CA ALA E 158 1.42 50.60 -35.25
C ALA E 158 1.81 51.73 -34.30
N LEU E 159 3.11 51.89 -34.04
CA LEU E 159 3.55 52.93 -33.11
C LEU E 159 3.35 54.32 -33.71
N THR E 160 3.68 54.49 -34.99
CA THR E 160 3.53 55.79 -35.64
C THR E 160 2.09 56.28 -35.55
N LEU E 161 1.13 55.43 -35.94
CA LEU E 161 -0.27 55.80 -35.83
C LEU E 161 -0.71 55.94 -34.37
N HIS E 162 -0.03 55.28 -33.44
CA HIS E 162 -0.31 55.51 -32.03
C HIS E 162 0.05 56.95 -31.63
N HIS E 163 1.30 57.35 -31.90
CA HIS E 163 1.68 58.74 -31.65
C HIS E 163 0.84 59.71 -32.46
N LYS E 164 0.42 59.32 -33.66
CA LYS E 164 -0.45 60.16 -34.46
C LYS E 164 -1.87 60.20 -33.88
N LEU E 165 -2.31 59.11 -33.26
CA LEU E 165 -3.60 59.14 -32.57
C LEU E 165 -3.49 59.87 -31.24
N CYS E 166 -2.29 59.90 -30.63
CA CYS E 166 -2.07 60.78 -29.48
C CYS E 166 -2.10 62.23 -29.90
N GLN E 167 -1.59 62.53 -31.10
CA GLN E 167 -1.76 63.87 -31.68
C GLN E 167 -3.23 64.24 -31.75
N ALA E 168 -4.04 63.37 -32.34
CA ALA E 168 -5.47 63.65 -32.48
C ALA E 168 -6.14 63.85 -31.12
N ALA E 169 -5.74 63.05 -30.14
CA ALA E 169 -6.35 63.15 -28.81
C ALA E 169 -5.99 64.47 -28.15
N ARG E 170 -4.70 64.76 -28.03
CA ARG E 170 -4.25 66.00 -27.39
C ARG E 170 -4.71 67.23 -28.15
N GLN E 171 -5.00 67.09 -29.45
CA GLN E 171 -5.46 68.20 -30.28
C GLN E 171 -6.97 68.41 -30.16
N LEU E 172 -7.74 67.32 -30.13
CA LEU E 172 -9.18 67.44 -29.95
C LEU E 172 -9.54 67.97 -28.58
N LEU E 173 -8.81 67.52 -27.55
CA LEU E 173 -9.10 67.90 -26.18
C LEU E 173 -8.70 69.34 -25.85
N ASN E 174 -8.04 70.03 -26.77
CA ASN E 174 -7.73 71.45 -26.59
C ASN E 174 -8.84 72.36 -27.06
N SER E 175 -9.89 71.81 -27.66
CA SER E 175 -10.98 72.61 -28.22
C SER E 175 -12.33 72.25 -27.61
N ILE E 176 -12.75 70.99 -27.69
CA ILE E 176 -14.06 70.60 -27.18
C ILE E 176 -14.08 70.60 -25.66
N LEU E 177 -12.92 70.47 -25.02
CA LEU E 177 -12.88 70.45 -23.56
C LEU E 177 -13.26 71.80 -22.95
N PRO E 178 -12.71 72.94 -23.39
CA PRO E 178 -13.19 74.21 -22.85
C PRO E 178 -14.64 74.52 -23.19
N THR E 179 -15.20 73.87 -24.21
CA THR E 179 -16.60 74.07 -24.55
C THR E 179 -17.54 73.19 -23.74
N MET E 180 -17.04 72.08 -23.21
CA MET E 180 -17.82 71.20 -22.34
C MET E 180 -17.83 71.65 -20.88
N LYS E 181 -17.08 72.71 -20.54
CA LYS E 181 -16.92 73.08 -19.14
C LYS E 181 -18.16 73.75 -18.57
N CYS E 182 -19.06 74.24 -19.43
CA CYS E 182 -20.22 74.98 -18.96
C CYS E 182 -21.48 74.13 -18.85
N GLY E 183 -21.43 72.85 -19.24
CA GLY E 183 -22.54 71.95 -19.01
C GLY E 183 -23.54 71.83 -20.15
N ASP E 184 -23.02 71.70 -21.36
CA ASP E 184 -23.84 71.44 -22.55
C ASP E 184 -23.68 70.00 -23.01
N ILE E 185 -24.65 69.53 -23.79
CA ILE E 185 -24.62 68.16 -24.30
C ILE E 185 -24.76 68.11 -25.82
N PRO E 186 -23.96 68.89 -26.58
CA PRO E 186 -24.11 68.85 -28.04
C PRO E 186 -23.69 67.52 -28.62
N SER E 187 -24.48 66.48 -28.34
CA SER E 187 -24.15 65.12 -28.74
C SER E 187 -24.92 64.71 -29.98
N VAL E 188 -24.46 63.63 -30.61
CA VAL E 188 -25.12 63.03 -31.76
C VAL E 188 -25.07 61.51 -31.61
N PRO E 189 -26.23 60.81 -31.68
CA PRO E 189 -26.21 59.35 -31.52
C PRO E 189 -25.44 58.61 -32.60
N GLN E 190 -25.46 57.28 -32.54
CA GLN E 190 -24.68 56.43 -33.40
C GLN E 190 -25.57 55.61 -34.32
N ARG E 191 -25.11 55.40 -35.54
CA ARG E 191 -25.79 54.49 -36.47
C ARG E 191 -25.59 53.06 -35.98
N GLU E 192 -26.60 52.53 -35.28
CA GLU E 192 -26.53 51.16 -34.75
C GLU E 192 -26.52 50.10 -35.83
N SER E 193 -26.34 50.48 -37.09
CA SER E 193 -26.00 49.56 -38.17
C SER E 193 -24.57 49.72 -38.66
N ASP E 194 -24.02 50.93 -38.56
CA ASP E 194 -22.63 51.18 -38.92
C ASP E 194 -21.75 51.01 -37.69
N SER E 195 -21.69 49.76 -37.21
CA SER E 195 -20.96 49.43 -36.00
C SER E 195 -20.28 48.08 -36.14
N THR E 196 -19.05 48.00 -35.61
CA THR E 196 -18.28 46.76 -35.63
C THR E 196 -17.53 46.65 -34.31
N TYR E 197 -17.79 45.59 -33.55
CA TYR E 197 -17.19 45.43 -32.23
C TYR E 197 -16.06 44.39 -32.31
N TYR E 198 -14.95 44.81 -32.93
CA TYR E 198 -13.79 43.93 -33.06
C TYR E 198 -13.17 43.68 -31.68
N GLY E 199 -13.17 42.42 -31.27
CA GLY E 199 -12.70 42.06 -29.96
C GLY E 199 -11.19 42.03 -29.85
N ARG E 200 -10.73 41.56 -28.70
CA ARG E 200 -9.31 41.45 -28.42
C ARG E 200 -8.61 40.58 -29.46
N ARG E 201 -7.37 40.90 -29.77
CA ARG E 201 -6.55 40.09 -30.68
C ARG E 201 -5.71 39.14 -29.85
N ARG E 202 -5.83 37.85 -30.14
CA ARG E 202 -5.04 36.81 -29.51
C ARG E 202 -3.70 36.68 -30.23
N PRO E 203 -2.65 36.27 -29.53
CA PRO E 203 -1.33 36.19 -30.18
C PRO E 203 -1.33 35.27 -31.40
N GLU E 204 -2.31 34.38 -31.53
CA GLU E 204 -2.37 33.41 -32.62
C GLU E 204 -2.93 34.10 -33.86
N ASP E 205 -3.05 35.42 -33.78
CA ASP E 205 -3.59 36.19 -34.89
C ASP E 205 -2.51 36.85 -35.73
N GLY E 206 -1.33 37.12 -35.16
CA GLY E 206 -0.29 37.77 -35.93
C GLY E 206 0.41 36.85 -36.92
N LEU E 207 -0.21 35.74 -37.27
CA LEU E 207 0.37 34.80 -38.21
C LEU E 207 0.04 35.19 -39.64
N ILE E 208 1.02 35.05 -40.53
CA ILE E 208 0.91 35.48 -41.91
C ILE E 208 0.34 34.35 -42.76
N ASP E 209 -0.62 34.68 -43.61
CA ASP E 209 -1.10 33.77 -44.65
C ASP E 209 -0.64 34.36 -45.99
N TRP E 210 0.25 33.65 -46.67
CA TRP E 210 0.88 34.21 -47.85
C TRP E 210 0.06 34.02 -49.13
N HIS E 211 -1.18 33.54 -49.03
CA HIS E 211 -2.02 33.35 -50.20
C HIS E 211 -2.98 34.51 -50.44
N LYS E 212 -2.75 35.64 -49.79
CA LYS E 212 -3.53 36.86 -49.93
C LYS E 212 -2.65 37.95 -50.51
N PRO E 213 -3.22 39.04 -51.03
CA PRO E 213 -2.39 40.00 -51.76
C PRO E 213 -1.31 40.63 -50.89
N VAL E 214 -0.29 41.18 -51.56
CA VAL E 214 0.78 41.89 -50.87
C VAL E 214 0.21 42.99 -50.00
N SER E 215 -0.97 43.51 -50.36
CA SER E 215 -1.64 44.52 -49.58
C SER E 215 -1.82 44.09 -48.14
N THR E 216 -2.39 42.90 -47.95
CA THR E 216 -2.87 42.52 -46.62
C THR E 216 -1.71 42.16 -45.70
N VAL E 217 -0.69 41.47 -46.21
CA VAL E 217 0.35 40.97 -45.33
C VAL E 217 1.20 42.11 -44.81
N HIS E 218 1.55 43.07 -45.68
CA HIS E 218 2.24 44.25 -45.21
C HIS E 218 1.39 44.99 -44.18
N ASN E 219 0.08 45.14 -44.47
CA ASN E 219 -0.84 45.68 -43.47
C ASN E 219 -0.71 44.96 -42.14
N LEU E 220 -0.59 43.63 -42.17
CA LEU E 220 -0.46 42.86 -40.94
C LEU E 220 0.85 43.18 -40.24
N VAL E 221 1.97 43.14 -40.98
CA VAL E 221 3.26 43.49 -40.40
C VAL E 221 3.24 44.91 -39.85
N ARG E 222 2.62 45.83 -40.59
CA ARG E 222 2.41 47.19 -40.09
C ARG E 222 1.57 47.18 -38.83
N ALA E 223 0.53 46.33 -38.79
CA ALA E 223 -0.42 46.37 -37.69
C ALA E 223 0.20 45.93 -36.36
N VAL E 224 1.27 45.15 -36.39
CA VAL E 224 1.79 44.57 -35.17
C VAL E 224 3.31 44.72 -35.08
N ALA E 225 3.90 45.55 -35.92
CA ALA E 225 5.30 45.87 -35.76
C ALA E 225 5.56 46.46 -34.37
N ALA E 226 6.83 46.48 -33.97
CA ALA E 226 7.30 46.89 -32.64
C ALA E 226 6.55 48.12 -32.12
N PRO E 227 6.25 48.18 -30.82
CA PRO E 227 6.56 47.20 -29.77
C PRO E 227 5.43 46.17 -29.56
N TRP E 228 4.77 45.76 -30.63
CA TRP E 228 3.75 44.71 -30.57
C TRP E 228 4.30 43.42 -31.18
N PRO E 229 3.65 42.27 -30.91
CA PRO E 229 4.30 40.96 -31.20
C PRO E 229 4.89 40.80 -32.59
N GLY E 230 4.32 41.44 -33.61
CA GLY E 230 4.88 41.30 -34.95
C GLY E 230 4.32 40.12 -35.72
N ALA E 231 4.14 40.29 -37.03
CA ALA E 231 3.67 39.20 -37.86
C ALA E 231 4.74 38.12 -37.97
N PHE E 232 4.31 36.88 -38.24
CA PHE E 232 5.25 35.78 -38.30
C PHE E 232 4.70 34.65 -39.17
N SER E 233 5.61 33.77 -39.58
CA SER E 233 5.30 32.56 -40.32
C SER E 233 6.36 31.51 -39.96
N TYR E 234 6.39 30.41 -40.71
CA TYR E 234 7.19 29.25 -40.34
C TYR E 234 8.14 28.85 -41.46
N ASN E 235 9.42 28.71 -41.10
CA ASN E 235 10.45 28.14 -41.97
C ASN E 235 10.42 26.62 -41.85
N GLY E 236 9.31 26.04 -42.29
CA GLY E 236 9.06 24.64 -42.03
C GLY E 236 8.43 24.48 -40.66
N SER E 237 9.21 24.67 -39.60
CA SER E 237 8.68 24.59 -38.25
C SER E 237 9.21 25.66 -37.30
N GLN E 238 10.15 26.51 -37.72
CA GLN E 238 10.69 27.53 -36.83
C GLN E 238 9.91 28.83 -36.98
N LYS E 239 9.48 29.38 -35.85
CA LYS E 239 8.70 30.62 -35.82
C LYS E 239 9.63 31.81 -36.01
N PHE E 240 9.45 32.55 -37.11
CA PHE E 240 10.21 33.76 -37.35
C PHE E 240 9.25 34.91 -37.60
N THR E 241 9.53 36.05 -37.00
CA THR E 241 8.69 37.23 -37.12
C THR E 241 9.28 38.22 -38.13
N ILE E 242 8.40 39.05 -38.69
CA ILE E 242 8.79 40.09 -39.63
C ILE E 242 8.44 41.42 -38.99
N TRP E 243 9.46 42.22 -38.68
CA TRP E 243 9.21 43.50 -38.01
C TRP E 243 8.91 44.62 -39.00
N SER E 244 9.53 44.62 -40.17
CA SER E 244 9.33 45.67 -41.16
C SER E 244 9.22 45.06 -42.54
N SER E 245 8.40 45.68 -43.38
CA SER E 245 7.99 45.11 -44.66
C SER E 245 7.97 46.19 -45.74
N ARG E 246 8.10 45.76 -46.98
CA ARG E 246 7.96 46.63 -48.14
C ARG E 246 7.07 45.95 -49.18
N MET E 247 5.94 46.60 -49.49
CA MET E 247 5.04 46.12 -50.52
C MET E 247 5.71 46.17 -51.89
N CYS E 248 6.31 45.05 -52.31
CA CYS E 248 7.03 44.98 -53.57
C CYS E 248 6.14 44.38 -54.64
N PRO E 249 5.51 45.20 -55.50
CA PRO E 249 4.59 44.64 -56.51
C PRO E 249 5.30 43.89 -57.62
N ASP E 250 6.64 43.85 -57.62
CA ASP E 250 7.40 43.05 -58.57
C ASP E 250 6.92 41.61 -58.53
N ALA E 251 5.79 41.33 -59.19
CA ALA E 251 5.15 40.03 -59.10
C ALA E 251 5.97 38.96 -59.82
N GLN E 252 7.25 38.85 -59.46
CA GLN E 252 8.12 37.86 -60.07
C GLN E 252 7.54 36.47 -59.88
N GLY E 253 7.20 35.82 -60.98
CA GLY E 253 6.41 34.61 -60.99
C GLY E 253 6.87 33.46 -60.10
N ALA E 254 6.23 33.32 -58.95
CA ALA E 254 6.40 32.17 -58.07
C ALA E 254 5.05 31.83 -57.45
N LEU E 255 5.03 30.76 -56.67
CA LEU E 255 3.79 30.32 -56.04
C LEU E 255 3.64 31.03 -54.70
N PRO E 256 2.43 31.40 -54.27
CA PRO E 256 2.29 32.20 -53.03
C PRO E 256 2.88 31.49 -51.81
N GLY E 257 3.83 32.17 -51.18
CA GLY E 257 4.60 31.60 -50.08
C GLY E 257 6.02 31.23 -50.45
N SER E 258 6.37 31.29 -51.73
CA SER E 258 7.72 30.93 -52.16
C SER E 258 8.66 32.12 -52.01
N VAL E 259 9.91 31.82 -51.64
CA VAL E 259 10.96 32.82 -51.52
C VAL E 259 11.59 33.02 -52.90
N ILE E 260 11.86 34.28 -53.23
CA ILE E 260 12.37 34.62 -54.55
C ILE E 260 13.83 35.06 -54.53
N SER E 261 14.32 35.63 -53.44
CA SER E 261 15.72 36.02 -53.35
C SER E 261 16.13 36.08 -51.89
N VAL E 262 17.42 35.83 -51.64
CA VAL E 262 17.95 35.92 -50.28
C VAL E 262 18.32 37.37 -49.94
N SER E 263 18.72 38.16 -50.93
CA SER E 263 19.23 39.52 -50.72
C SER E 263 18.76 40.42 -51.86
N PRO E 264 17.75 41.27 -51.63
CA PRO E 264 16.93 41.37 -50.41
C PRO E 264 16.02 40.16 -50.28
N LEU E 265 15.51 39.85 -49.09
CA LEU E 265 14.70 38.65 -48.94
C LEU E 265 13.28 38.93 -49.39
N ARG E 266 12.85 38.23 -50.44
CA ARG E 266 11.55 38.44 -51.05
C ARG E 266 10.80 37.12 -51.10
N VAL E 267 9.56 37.13 -50.61
CA VAL E 267 8.70 35.95 -50.59
C VAL E 267 7.36 36.32 -51.20
N ALA E 268 6.76 35.36 -51.91
CA ALA E 268 5.62 35.62 -52.79
C ALA E 268 4.31 35.62 -52.00
N CYS E 269 3.47 36.61 -52.27
CA CYS E 269 2.09 36.65 -51.81
C CYS E 269 1.20 36.13 -52.96
N ALA E 270 -0.10 36.43 -52.88
CA ALA E 270 -1.00 36.00 -53.95
C ALA E 270 -0.74 36.75 -55.25
N ASP E 271 -0.12 37.93 -55.17
CA ASP E 271 0.06 38.80 -56.34
C ASP E 271 1.22 39.78 -56.10
N GLY E 272 2.44 39.29 -56.27
CA GLY E 272 3.62 40.06 -56.01
C GLY E 272 4.43 39.50 -54.87
N ALA E 273 5.30 40.34 -54.31
CA ALA E 273 6.22 39.90 -53.29
C ALA E 273 6.21 40.86 -52.11
N LEU E 274 6.43 40.29 -50.93
CA LEU E 274 6.76 41.07 -49.75
C LEU E 274 8.28 41.09 -49.60
N GLU E 275 8.81 42.26 -49.25
CA GLU E 275 10.25 42.43 -49.07
C GLU E 275 10.53 42.61 -47.58
N ILE E 276 11.22 41.64 -46.99
CA ILE E 276 11.47 41.60 -45.56
C ILE E 276 12.71 42.45 -45.28
N ILE E 277 12.51 43.60 -44.63
CA ILE E 277 13.63 44.47 -44.31
C ILE E 277 14.32 44.01 -43.02
N THR E 278 13.55 43.92 -41.95
CA THR E 278 14.05 43.46 -40.66
C THR E 278 13.22 42.29 -40.17
N GLY E 279 13.64 41.72 -39.05
CA GLY E 279 12.99 40.55 -38.51
C GLY E 279 13.93 39.82 -37.58
N GLN E 280 13.38 38.80 -36.92
CA GLN E 280 14.17 37.97 -36.02
C GLN E 280 13.73 36.52 -36.15
N ALA E 281 14.72 35.63 -36.06
CA ALA E 281 14.49 34.19 -36.20
C ALA E 281 14.28 33.60 -34.81
N GLY E 282 13.02 33.35 -34.46
CA GLY E 282 12.74 32.81 -33.14
C GLY E 282 12.91 33.90 -32.08
N ASP E 283 13.64 33.56 -31.02
CA ASP E 283 13.92 34.51 -29.95
C ASP E 283 15.19 35.32 -30.19
N ASP E 284 15.96 35.01 -31.23
CA ASP E 284 17.19 35.72 -31.49
C ASP E 284 16.92 37.21 -31.76
N ILE E 285 18.01 37.97 -31.75
CA ILE E 285 17.93 39.41 -31.97
C ILE E 285 17.36 39.73 -33.35
N THR E 286 16.80 40.94 -33.46
CA THR E 286 16.35 41.43 -34.76
C THR E 286 17.54 41.73 -35.63
N VAL E 287 17.52 41.25 -36.88
CA VAL E 287 18.65 41.34 -37.78
C VAL E 287 18.15 41.83 -39.15
N GLN E 288 19.10 42.04 -40.05
CA GLN E 288 18.79 42.39 -41.43
C GLN E 288 17.94 41.29 -42.07
N GLY E 289 17.09 41.69 -43.02
CA GLY E 289 16.29 40.71 -43.73
C GLY E 289 17.12 39.65 -44.42
N SER E 290 18.30 40.02 -44.93
CA SER E 290 19.19 39.04 -45.52
C SER E 290 19.91 38.22 -44.44
N GLN E 291 20.35 38.89 -43.36
CA GLN E 291 20.89 38.14 -42.23
C GLN E 291 19.83 37.22 -41.63
N LEU E 292 18.57 37.65 -41.65
CA LEU E 292 17.48 36.78 -41.24
C LEU E 292 17.46 35.54 -42.11
N ALA E 293 17.63 35.71 -43.42
CA ALA E 293 17.54 34.58 -44.33
C ALA E 293 18.74 33.65 -44.21
N GLN E 294 19.81 34.10 -43.56
CA GLN E 294 20.94 33.20 -43.31
C GLN E 294 20.78 32.41 -42.01
N THR E 295 20.46 33.10 -40.91
CA THR E 295 20.20 32.38 -39.67
C THR E 295 19.08 31.36 -39.85
N LEU E 296 18.05 31.72 -40.61
CA LEU E 296 17.01 30.77 -40.96
C LEU E 296 17.48 29.73 -41.96
N GLY E 297 18.46 30.07 -42.79
CA GLY E 297 18.91 29.12 -43.81
C GLY E 297 17.89 28.97 -44.90
N LEU E 298 17.76 29.98 -45.75
CA LEU E 298 16.79 30.01 -46.84
C LEU E 298 17.52 30.05 -48.18
N VAL E 299 16.81 29.62 -49.22
CA VAL E 299 17.42 29.59 -50.56
C VAL E 299 16.41 30.04 -51.59
N ALA E 300 15.45 29.16 -51.88
CA ALA E 300 14.40 29.48 -52.82
C ALA E 300 13.20 28.56 -52.64
N GLY E 301 12.91 28.18 -51.38
CA GLY E 301 11.79 27.33 -51.06
C GLY E 301 10.58 28.13 -50.65
N ALA E 302 9.61 27.41 -50.13
CA ALA E 302 8.31 27.92 -49.77
C ALA E 302 8.25 28.05 -48.24
N ARG E 303 7.05 28.22 -47.70
CA ARG E 303 6.81 28.41 -46.29
C ARG E 303 5.60 27.58 -45.90
N LEU E 304 5.30 27.61 -44.62
CA LEU E 304 4.21 26.85 -44.00
C LEU E 304 4.01 25.45 -44.56
N ARG E 314 -4.09 12.13 -36.38
CA ARG E 314 -4.52 11.57 -35.11
C ARG E 314 -5.82 12.21 -34.63
N ARG E 315 -6.71 11.40 -34.07
CA ARG E 315 -7.99 11.86 -33.56
C ARG E 315 -7.93 12.07 -32.05
N ILE E 316 -9.01 12.63 -31.51
CA ILE E 316 -9.09 12.96 -30.10
C ILE E 316 -9.60 11.75 -29.32
N ARG E 317 -8.98 11.49 -28.18
CA ARG E 317 -9.32 10.36 -27.32
C ARG E 317 -10.24 10.85 -26.21
N VAL E 318 -11.49 10.39 -26.23
CA VAL E 318 -12.51 10.76 -25.25
C VAL E 318 -12.75 9.58 -24.33
N LEU E 319 -12.46 9.76 -23.04
CA LEU E 319 -12.64 8.71 -22.05
C LEU E 319 -13.96 8.92 -21.33
N ILE E 320 -14.79 7.88 -21.29
CA ILE E 320 -16.10 7.94 -20.66
C ILE E 320 -16.15 6.89 -19.56
N LEU E 321 -16.08 7.32 -18.31
CA LEU E 321 -16.23 6.44 -17.15
C LEU E 321 -17.72 6.31 -16.82
N GLY E 322 -18.26 5.12 -17.03
CA GLY E 322 -19.69 4.90 -16.89
C GLY E 322 -20.36 4.95 -18.25
N VAL E 323 -19.72 4.33 -19.24
CA VAL E 323 -20.21 4.42 -20.62
C VAL E 323 -21.59 3.81 -20.74
N ASN E 324 -21.85 2.73 -20.02
CA ASN E 324 -23.17 2.09 -20.01
C ASN E 324 -23.97 2.73 -18.89
N GLY E 325 -24.65 3.82 -19.21
CA GLY E 325 -25.40 4.54 -18.20
C GLY E 325 -26.32 5.56 -18.83
N PHE E 326 -26.80 6.47 -17.98
CA PHE E 326 -27.79 7.47 -18.38
C PHE E 326 -27.26 8.37 -19.51
N ILE E 327 -26.21 9.16 -19.25
CA ILE E 327 -25.59 9.99 -20.29
C ILE E 327 -24.64 9.17 -21.16
N GLY E 328 -23.83 8.31 -20.54
CA GLY E 328 -22.74 7.67 -21.26
C GLY E 328 -23.18 6.95 -22.52
N ASN E 329 -24.38 6.36 -22.48
CA ASN E 329 -24.89 5.66 -23.66
C ASN E 329 -25.07 6.61 -24.84
N HIS E 330 -25.81 7.70 -24.62
CA HIS E 330 -26.08 8.65 -25.70
C HIS E 330 -24.89 9.52 -26.03
N LEU E 331 -23.95 9.69 -25.10
CA LEU E 331 -22.75 10.45 -25.41
C LEU E 331 -21.80 9.65 -26.30
N THR E 332 -21.74 8.33 -26.11
CA THR E 332 -20.93 7.50 -26.99
C THR E 332 -21.48 7.48 -28.41
N GLU E 333 -22.81 7.45 -28.54
CA GLU E 333 -23.41 7.42 -29.87
C GLU E 333 -23.11 8.68 -30.65
N ARG E 334 -23.36 9.85 -30.04
CA ARG E 334 -23.14 11.11 -30.73
C ARG E 334 -21.67 11.30 -31.06
N LEU E 335 -20.78 11.03 -30.10
CA LEU E 335 -19.36 11.12 -30.37
C LEU E 335 -18.92 10.12 -31.43
N LEU E 336 -19.59 8.96 -31.50
CA LEU E 336 -19.20 7.94 -32.46
C LEU E 336 -19.55 8.31 -33.89
N ASN E 337 -20.60 9.12 -34.08
CA ASN E 337 -21.03 9.47 -35.43
C ASN E 337 -19.92 10.19 -36.18
N GLU E 338 -19.33 11.22 -35.56
CA GLU E 338 -18.16 11.87 -36.13
C GLU E 338 -16.97 10.92 -36.07
N GLU E 339 -16.10 10.99 -37.08
CA GLU E 339 -14.98 10.05 -37.13
C GLU E 339 -13.81 10.51 -36.27
N ASN E 340 -13.65 11.82 -36.08
CA ASN E 340 -12.45 12.32 -35.43
C ASN E 340 -12.50 12.16 -33.91
N TYR E 341 -13.22 11.16 -33.41
CA TYR E 341 -13.31 10.90 -31.98
C TYR E 341 -13.18 9.41 -31.71
N GLU E 342 -12.21 9.06 -30.86
CA GLU E 342 -11.99 7.70 -30.40
C GLU E 342 -12.43 7.64 -28.95
N VAL E 343 -13.57 6.99 -28.70
CA VAL E 343 -14.17 6.96 -27.37
C VAL E 343 -13.74 5.68 -26.66
N TYR E 344 -13.16 5.84 -25.47
CA TYR E 344 -12.80 4.73 -24.60
C TYR E 344 -13.77 4.75 -23.42
N GLY E 345 -14.59 3.72 -23.30
CA GLY E 345 -15.61 3.69 -22.28
C GLY E 345 -15.44 2.59 -21.25
N MET E 346 -15.28 2.97 -19.99
CA MET E 346 -15.13 2.01 -18.91
C MET E 346 -16.44 1.82 -18.17
N ASP E 347 -16.77 0.57 -17.87
CA ASP E 347 -18.00 0.25 -17.15
C ASP E 347 -17.92 -1.17 -16.63
N ILE E 348 -18.76 -1.47 -15.64
CA ILE E 348 -18.87 -2.82 -15.10
C ILE E 348 -19.57 -3.75 -16.07
N GLY E 349 -20.42 -3.22 -16.95
CA GLY E 349 -21.13 -4.04 -17.91
C GLY E 349 -21.48 -3.25 -19.14
N SER E 350 -21.63 -3.96 -20.27
CA SER E 350 -22.02 -3.37 -21.54
C SER E 350 -23.48 -3.63 -21.88
N ASN E 351 -24.29 -3.96 -20.87
CA ASN E 351 -25.62 -4.52 -21.07
C ASN E 351 -26.58 -3.57 -21.78
N ALA E 352 -26.14 -2.36 -22.10
CA ALA E 352 -27.00 -1.43 -22.82
C ALA E 352 -26.28 -0.62 -23.89
N ILE E 353 -24.96 -0.69 -24.00
CA ILE E 353 -24.24 -0.07 -25.11
C ILE E 353 -23.84 -1.10 -26.16
N SER E 354 -24.52 -2.24 -26.21
CA SER E 354 -24.10 -3.36 -27.03
C SER E 354 -24.21 -3.08 -28.52
N ARG E 355 -24.93 -2.03 -28.92
CA ARG E 355 -25.17 -1.81 -30.34
C ARG E 355 -23.92 -1.31 -31.07
N PHE E 356 -23.04 -0.60 -30.37
CA PHE E 356 -21.81 -0.12 -31.01
C PHE E 356 -20.57 -0.64 -30.29
N LEU E 357 -20.67 -1.79 -29.63
CA LEU E 357 -19.48 -2.43 -29.07
C LEU E 357 -18.45 -2.70 -30.16
N LEU E 358 -18.90 -3.26 -31.27
CA LEU E 358 -18.02 -3.64 -32.37
C LEU E 358 -17.71 -2.48 -33.31
N HIS E 359 -18.02 -1.26 -32.90
CA HIS E 359 -17.72 -0.09 -33.70
C HIS E 359 -16.22 0.17 -33.69
N PRO E 360 -15.59 0.41 -34.84
CA PRO E 360 -14.12 0.55 -34.86
C PRO E 360 -13.60 1.71 -34.05
N ARG E 361 -14.37 2.79 -33.92
CA ARG E 361 -13.92 3.97 -33.20
C ARG E 361 -14.33 3.96 -31.74
N PHE E 362 -14.81 2.83 -31.24
CA PHE E 362 -15.19 2.67 -29.85
C PHE E 362 -14.48 1.45 -29.29
N HIS E 363 -13.77 1.64 -28.18
CA HIS E 363 -13.17 0.55 -27.43
C HIS E 363 -13.78 0.50 -26.05
N PHE E 364 -14.41 -0.61 -25.72
CA PHE E 364 -14.94 -0.83 -24.39
C PHE E 364 -13.88 -1.43 -23.49
N VAL E 365 -13.93 -1.06 -22.23
CA VAL E 365 -12.98 -1.54 -21.23
C VAL E 365 -13.71 -1.86 -19.94
N GLU E 366 -13.48 -3.07 -19.43
CA GLU E 366 -14.05 -3.45 -18.15
C GLU E 366 -13.41 -2.64 -17.03
N GLY E 367 -14.23 -2.24 -16.06
CA GLY E 367 -13.71 -1.48 -14.93
C GLY E 367 -14.74 -0.88 -14.00
N ASP E 368 -14.39 -0.82 -12.72
CA ASP E 368 -15.18 -0.19 -11.68
C ASP E 368 -14.26 0.79 -10.98
N ILE E 369 -14.70 2.04 -10.87
CA ILE E 369 -13.79 3.06 -10.32
C ILE E 369 -13.76 2.86 -8.82
N SER E 370 -14.57 1.93 -8.31
CA SER E 370 -14.52 1.61 -6.89
C SER E 370 -13.44 0.57 -6.57
N ILE E 371 -13.13 -0.32 -7.52
CA ILE E 371 -12.11 -1.34 -7.31
C ILE E 371 -10.80 -0.92 -7.96
N HIS E 372 -10.78 -0.90 -9.29
CA HIS E 372 -9.55 -0.65 -10.02
C HIS E 372 -8.93 0.69 -9.65
N SER E 373 -7.62 0.68 -9.45
CA SER E 373 -6.85 1.91 -9.26
C SER E 373 -5.88 2.19 -10.40
N GLU E 374 -5.34 1.14 -11.03
CA GLU E 374 -4.32 1.31 -12.05
C GLU E 374 -4.91 1.38 -13.46
N TRP E 375 -5.98 0.64 -13.74
CA TRP E 375 -6.54 0.64 -15.09
C TRP E 375 -7.07 2.03 -15.44
N ILE E 376 -7.81 2.66 -14.52
CA ILE E 376 -8.31 4.01 -14.77
C ILE E 376 -7.16 4.99 -14.94
N GLU E 377 -6.11 4.85 -14.11
CA GLU E 377 -4.97 5.77 -14.20
C GLU E 377 -4.29 5.67 -15.56
N TYR E 378 -4.01 4.45 -16.01
CA TYR E 378 -3.49 4.24 -17.36
C TYR E 378 -4.37 4.92 -18.40
N HIS E 379 -5.68 4.65 -18.35
CA HIS E 379 -6.57 5.16 -19.37
C HIS E 379 -6.60 6.68 -19.39
N VAL E 380 -6.56 7.31 -18.21
CA VAL E 380 -6.56 8.77 -18.14
C VAL E 380 -5.32 9.33 -18.84
N LYS E 381 -4.18 8.68 -18.64
CA LYS E 381 -2.98 9.04 -19.40
C LYS E 381 -3.21 8.86 -20.89
N LYS E 382 -3.83 7.75 -21.28
CA LYS E 382 -3.98 7.39 -22.69
C LYS E 382 -4.86 8.35 -23.47
N CYS E 383 -5.71 9.12 -22.79
CA CYS E 383 -6.78 9.86 -23.45
C CYS E 383 -6.54 11.37 -23.36
N ASP E 384 -7.48 12.11 -23.93
CA ASP E 384 -7.40 13.57 -24.03
C ASP E 384 -8.40 14.29 -23.13
N VAL E 385 -9.66 13.85 -23.12
CA VAL E 385 -10.66 14.37 -22.20
C VAL E 385 -11.24 13.19 -21.41
N VAL E 386 -11.49 13.43 -20.12
CA VAL E 386 -12.00 12.40 -19.23
C VAL E 386 -13.36 12.85 -18.71
N LEU E 387 -14.34 11.96 -18.79
CA LEU E 387 -15.70 12.26 -18.33
C LEU E 387 -16.11 11.23 -17.28
N PRO E 388 -15.95 11.54 -16.00
CA PRO E 388 -16.32 10.61 -14.92
C PRO E 388 -17.83 10.62 -14.65
N LEU E 389 -18.57 9.99 -15.55
CA LEU E 389 -20.02 9.92 -15.47
C LEU E 389 -20.51 8.91 -14.44
N VAL E 390 -19.63 8.37 -13.61
CA VAL E 390 -20.05 7.43 -12.56
C VAL E 390 -20.48 8.25 -11.35
N ALA E 391 -21.70 8.01 -10.89
CA ALA E 391 -22.28 8.64 -9.71
C ALA E 391 -23.64 8.01 -9.47
N ILE E 392 -23.91 7.65 -8.22
CA ILE E 392 -25.23 7.16 -7.83
C ILE E 392 -26.04 8.38 -7.38
N ALA E 393 -27.05 8.74 -8.18
CA ALA E 393 -27.76 10.01 -8.02
C ALA E 393 -29.26 9.79 -8.08
N THR E 394 -29.78 9.06 -7.09
CA THR E 394 -31.21 8.90 -6.91
C THR E 394 -31.61 9.41 -5.53
N PRO E 395 -32.58 10.31 -5.43
CA PRO E 395 -32.89 10.95 -4.14
C PRO E 395 -33.16 9.99 -3.00
N ILE E 396 -33.70 8.80 -3.28
CA ILE E 396 -33.94 7.84 -2.20
C ILE E 396 -32.62 7.36 -1.61
N GLU E 397 -31.61 7.18 -2.47
CA GLU E 397 -30.33 6.67 -2.00
C GLU E 397 -29.57 7.68 -1.15
N TYR E 398 -29.87 8.98 -1.29
CA TYR E 398 -29.17 9.97 -0.48
C TYR E 398 -29.50 9.80 1.00
N THR E 399 -30.71 9.37 1.32
CA THR E 399 -31.10 9.11 2.69
C THR E 399 -30.86 7.66 3.10
N ARG E 400 -30.95 6.73 2.15
CA ARG E 400 -30.85 5.30 2.43
C ARG E 400 -29.44 4.90 2.80
N ASN E 401 -28.51 5.00 1.85
CA ASN E 401 -27.10 4.67 2.07
C ASN E 401 -26.27 5.93 1.84
N PRO E 402 -26.26 6.85 2.79
CA PRO E 402 -25.50 8.10 2.58
C PRO E 402 -24.00 7.87 2.55
N LEU E 403 -23.51 6.83 3.23
CA LEU E 403 -22.08 6.54 3.19
C LEU E 403 -21.66 6.03 1.82
N ARG E 404 -22.49 5.19 1.20
CA ARG E 404 -22.22 4.74 -0.16
C ARG E 404 -22.21 5.90 -1.14
N VAL E 405 -23.12 6.86 -0.96
CA VAL E 405 -23.21 7.99 -1.89
C VAL E 405 -21.97 8.86 -1.78
N PHE E 406 -21.55 9.18 -0.56
CA PHE E 406 -20.35 9.98 -0.37
C PHE E 406 -19.12 9.29 -0.98
N GLU E 407 -18.89 8.04 -0.59
CA GLU E 407 -17.66 7.35 -1.00
C GLU E 407 -17.58 7.18 -2.51
N LEU E 408 -18.71 7.09 -3.20
CA LEU E 408 -18.68 6.89 -4.64
C LEU E 408 -18.70 8.21 -5.39
N ASP E 409 -19.73 9.04 -5.15
CA ASP E 409 -19.87 10.27 -5.90
C ASP E 409 -18.74 11.26 -5.60
N PHE E 410 -18.21 11.24 -4.38
CA PHE E 410 -17.16 12.19 -4.01
C PHE E 410 -15.77 11.56 -4.07
N GLU E 411 -15.52 10.58 -3.19
CA GLU E 411 -14.15 10.06 -3.03
C GLU E 411 -13.61 9.49 -4.33
N GLU E 412 -14.29 8.48 -4.87
CA GLU E 412 -13.75 7.78 -6.04
C GLU E 412 -13.62 8.71 -7.23
N ASN E 413 -14.64 9.52 -7.50
CA ASN E 413 -14.57 10.45 -8.62
C ASN E 413 -13.46 11.48 -8.43
N LEU E 414 -13.19 11.89 -7.18
CA LEU E 414 -12.10 12.82 -6.93
C LEU E 414 -10.75 12.19 -7.28
N ARG E 415 -10.57 10.91 -6.94
CA ARG E 415 -9.33 10.23 -7.29
C ARG E 415 -9.11 10.25 -8.80
N ILE E 416 -10.19 10.17 -9.57
CA ILE E 416 -10.08 10.33 -11.03
C ILE E 416 -9.58 11.72 -11.37
N ILE E 417 -10.01 12.73 -10.61
CA ILE E 417 -9.64 14.11 -10.94
C ILE E 417 -8.19 14.37 -10.59
N ARG E 418 -7.68 13.76 -9.52
CA ARG E 418 -6.25 13.85 -9.25
C ARG E 418 -5.44 13.13 -10.31
N TYR E 419 -5.98 12.02 -10.85
CA TYR E 419 -5.35 11.41 -12.02
C TYR E 419 -5.23 12.40 -13.16
N CYS E 420 -6.24 13.26 -13.34
CA CYS E 420 -6.27 14.14 -14.49
C CYS E 420 -5.32 15.31 -14.32
N VAL E 421 -5.27 15.92 -13.13
CA VAL E 421 -4.33 17.00 -12.89
C VAL E 421 -2.89 16.48 -13.00
N LYS E 422 -2.67 15.23 -12.61
CA LYS E 422 -1.31 14.69 -12.64
C LYS E 422 -0.84 14.42 -14.06
N TYR E 423 -1.74 13.93 -14.92
CA TYR E 423 -1.39 13.59 -16.29
C TYR E 423 -1.83 14.66 -17.27
N ARG E 424 -2.25 15.82 -16.77
CA ARG E 424 -2.54 17.01 -17.58
C ARG E 424 -3.56 16.70 -18.67
N LYS E 425 -4.76 16.35 -18.24
CA LYS E 425 -5.89 16.11 -19.11
C LYS E 425 -7.00 17.10 -18.78
N ARG E 426 -8.06 17.07 -19.59
CA ARG E 426 -9.22 17.93 -19.36
C ARG E 426 -10.35 17.10 -18.78
N VAL E 427 -11.02 17.65 -17.76
CA VAL E 427 -12.18 17.02 -17.16
C VAL E 427 -13.42 17.81 -17.57
N VAL E 428 -14.26 17.19 -18.38
CA VAL E 428 -15.64 17.67 -18.59
C VAL E 428 -16.44 17.04 -17.46
N PHE E 429 -16.44 17.72 -16.30
CA PHE E 429 -16.94 17.01 -15.12
C PHE E 429 -18.43 17.27 -14.93
N PRO E 430 -19.18 16.24 -14.53
CA PRO E 430 -20.63 16.42 -14.31
C PRO E 430 -20.99 16.93 -12.93
N SER E 431 -21.20 18.24 -12.80
CA SER E 431 -21.83 18.80 -11.62
C SER E 431 -23.32 18.47 -11.69
N THR E 432 -24.12 19.11 -10.85
CA THR E 432 -25.54 18.80 -10.79
C THR E 432 -26.35 20.08 -10.57
N SER E 433 -27.64 19.99 -10.89
CA SER E 433 -28.55 21.08 -10.55
C SER E 433 -28.74 21.19 -9.04
N GLU E 434 -28.55 20.08 -8.32
CA GLU E 434 -28.72 20.05 -6.87
C GLU E 434 -27.61 20.81 -6.13
N VAL E 435 -26.60 21.30 -6.84
CA VAL E 435 -25.55 22.08 -6.18
C VAL E 435 -26.12 23.40 -5.67
N TYR E 436 -27.05 24.01 -6.41
CA TYR E 436 -27.72 25.20 -5.90
C TYR E 436 -28.59 24.88 -4.71
N GLY E 437 -29.09 23.65 -4.62
CA GLY E 437 -29.96 23.30 -3.53
C GLY E 437 -31.26 24.08 -3.60
N MET E 438 -31.62 24.69 -2.48
CA MET E 438 -32.88 25.44 -2.38
C MET E 438 -32.59 26.93 -2.48
N CYS E 439 -32.22 27.35 -3.69
CA CYS E 439 -31.85 28.73 -3.95
C CYS E 439 -33.09 29.54 -4.35
N THR E 440 -33.19 30.76 -3.81
CA THR E 440 -34.36 31.59 -4.06
C THR E 440 -34.36 32.17 -5.46
N ASP E 441 -33.16 32.38 -6.04
CA ASP E 441 -33.04 33.08 -7.32
C ASP E 441 -33.98 32.52 -8.36
N ALA E 442 -34.54 33.42 -9.18
CA ALA E 442 -35.51 33.02 -10.20
C ALA E 442 -34.91 31.98 -11.14
N SER E 443 -33.83 32.33 -11.81
CA SER E 443 -33.04 31.40 -12.60
C SER E 443 -31.69 31.24 -11.95
N PHE E 444 -31.24 29.99 -11.79
CA PHE E 444 -30.01 29.70 -11.07
C PHE E 444 -28.82 30.05 -11.94
N ASP E 445 -28.03 31.03 -11.50
CA ASP E 445 -26.82 31.45 -12.20
C ASP E 445 -25.62 30.74 -11.57
N GLU E 446 -24.88 29.99 -12.40
CA GLU E 446 -23.74 29.23 -11.88
C GLU E 446 -22.70 30.15 -11.25
N ASP E 447 -22.59 31.39 -11.73
CA ASP E 447 -21.56 32.31 -11.29
C ASP E 447 -22.04 33.32 -10.26
N LYS E 448 -23.34 33.35 -9.97
CA LYS E 448 -23.88 34.29 -8.99
C LYS E 448 -24.79 33.64 -7.96
N SER E 449 -25.63 32.70 -8.37
CA SER E 449 -26.63 32.14 -7.47
C SER E 449 -25.96 31.43 -6.29
N ASN E 450 -26.54 31.60 -5.11
CA ASN E 450 -26.04 30.98 -3.90
C ASN E 450 -26.42 29.51 -3.86
N LEU E 451 -25.99 28.83 -2.80
CA LEU E 451 -26.18 27.38 -2.64
C LEU E 451 -26.73 27.13 -1.24
N ILE E 452 -27.99 26.71 -1.16
CA ILE E 452 -28.71 26.58 0.10
C ILE E 452 -29.14 25.14 0.28
N VAL E 453 -28.84 24.57 1.45
CA VAL E 453 -29.29 23.23 1.83
C VAL E 453 -29.68 23.25 3.30
N GLY E 454 -30.51 22.28 3.68
CA GLY E 454 -30.98 22.17 5.03
C GLY E 454 -29.87 21.75 5.99
N PRO E 455 -30.22 21.68 7.28
CA PRO E 455 -29.20 21.36 8.30
C PRO E 455 -28.74 19.90 8.22
N VAL E 456 -27.79 19.54 9.08
CA VAL E 456 -27.15 18.22 8.99
C VAL E 456 -28.16 17.10 9.15
N ASN E 457 -29.13 17.28 10.04
CA ASN E 457 -30.19 16.27 10.20
C ASN E 457 -31.14 16.29 9.01
N LYS E 458 -30.57 16.39 7.81
CA LYS E 458 -31.32 16.21 6.57
C LYS E 458 -30.39 15.54 5.56
N PRO E 459 -30.18 14.23 5.70
CA PRO E 459 -29.18 13.55 4.87
C PRO E 459 -29.51 13.52 3.38
N ARG E 460 -30.59 14.17 2.96
CA ARG E 460 -30.85 14.31 1.54
C ARG E 460 -29.72 15.08 0.86
N TRP E 461 -29.16 16.07 1.56
CA TRP E 461 -28.15 16.94 0.97
C TRP E 461 -26.75 16.35 1.04
N ILE E 462 -26.58 15.12 1.55
CA ILE E 462 -25.27 14.47 1.47
C ILE E 462 -24.80 14.42 0.03
N TYR E 463 -25.74 14.34 -0.92
CA TYR E 463 -25.37 14.34 -2.33
C TYR E 463 -24.95 15.72 -2.78
N SER E 464 -25.83 16.71 -2.58
CA SER E 464 -25.57 18.07 -3.06
C SER E 464 -24.26 18.61 -2.52
N VAL E 465 -24.06 18.53 -1.20
CA VAL E 465 -22.83 19.02 -0.59
C VAL E 465 -21.62 18.28 -1.14
N SER E 466 -21.76 16.97 -1.37
CA SER E 466 -20.64 16.20 -1.90
C SER E 466 -20.24 16.69 -3.29
N LYS E 467 -21.22 16.77 -4.20
CA LYS E 467 -20.92 17.20 -5.56
C LYS E 467 -20.40 18.64 -5.58
N GLN E 468 -20.79 19.45 -4.59
CA GLN E 468 -20.33 20.83 -4.55
C GLN E 468 -18.89 20.95 -4.07
N LEU E 469 -18.56 20.33 -2.95
CA LEU E 469 -17.18 20.36 -2.47
C LEU E 469 -16.24 19.83 -3.55
N LEU E 470 -16.65 18.75 -4.22
CA LEU E 470 -15.88 18.26 -5.35
C LEU E 470 -15.76 19.33 -6.42
N ASP E 471 -16.88 19.99 -6.75
CA ASP E 471 -16.86 21.12 -7.67
C ASP E 471 -15.80 22.13 -7.27
N ARG E 472 -15.78 22.50 -5.99
CA ARG E 472 -14.86 23.52 -5.51
C ARG E 472 -13.42 23.06 -5.54
N VAL E 473 -13.18 21.76 -5.32
CA VAL E 473 -11.81 21.24 -5.40
C VAL E 473 -11.30 21.30 -6.83
N ILE E 474 -12.15 20.95 -7.81
CA ILE E 474 -11.78 21.13 -9.21
C ILE E 474 -11.41 22.58 -9.47
N TRP E 475 -12.26 23.50 -9.02
CA TRP E 475 -11.99 24.93 -9.18
C TRP E 475 -10.63 25.30 -8.61
N ALA E 476 -10.31 24.78 -7.42
CA ALA E 476 -9.03 25.07 -6.79
C ALA E 476 -7.87 24.56 -7.64
N TYR E 477 -7.94 23.30 -8.07
CA TYR E 477 -6.91 22.75 -8.94
C TYR E 477 -6.74 23.59 -10.19
N GLY E 478 -7.84 23.89 -10.87
CA GLY E 478 -7.80 24.65 -12.11
C GLY E 478 -7.13 26.00 -12.01
N GLU E 479 -7.01 26.52 -10.78
CA GLU E 479 -6.34 27.80 -10.57
C GLU E 479 -5.04 27.68 -9.78
N LYS E 480 -4.93 26.74 -8.85
CA LYS E 480 -3.70 26.53 -8.10
C LYS E 480 -2.78 25.49 -8.73
N GLU E 481 -3.15 24.93 -9.88
CA GLU E 481 -2.33 23.91 -10.52
C GLU E 481 -2.57 23.91 -12.03
N GLY E 482 -3.62 24.59 -12.47
CA GLY E 482 -3.88 24.69 -13.89
C GLY E 482 -4.60 23.51 -14.50
N LEU E 483 -5.48 22.86 -13.74
CA LEU E 483 -6.30 21.78 -14.29
C LEU E 483 -7.24 22.32 -15.34
N ARG E 484 -7.18 21.74 -16.54
CA ARG E 484 -8.10 22.08 -17.60
C ARG E 484 -9.44 21.42 -17.32
N PHE E 485 -10.50 22.21 -17.15
CA PHE E 485 -11.77 21.65 -16.72
C PHE E 485 -12.92 22.47 -17.27
N THR E 486 -14.10 21.86 -17.21
CA THR E 486 -15.37 22.52 -17.49
C THR E 486 -16.46 21.77 -16.75
N LEU E 487 -17.28 22.50 -16.00
CA LEU E 487 -18.33 21.90 -15.19
C LEU E 487 -19.68 22.14 -15.86
N PHE E 488 -20.43 21.07 -16.08
CA PHE E 488 -21.78 21.14 -16.64
C PHE E 488 -22.77 20.54 -15.68
N ARG E 489 -23.85 21.27 -15.42
CA ARG E 489 -24.87 20.91 -14.44
C ARG E 489 -26.16 20.57 -15.15
N PRO E 490 -26.43 19.30 -15.44
CA PRO E 490 -27.69 18.93 -16.09
C PRO E 490 -28.88 19.29 -15.21
N PHE E 491 -30.01 19.58 -15.85
CA PHE E 491 -31.24 19.98 -15.16
C PHE E 491 -32.35 19.03 -15.57
N ASN E 492 -32.50 17.96 -14.78
CA ASN E 492 -33.57 16.97 -14.96
C ASN E 492 -33.67 16.51 -16.41
N TRP E 493 -32.55 16.07 -16.95
CA TRP E 493 -32.56 15.44 -18.27
C TRP E 493 -33.40 14.17 -18.23
N MET E 494 -34.01 13.85 -19.36
CA MET E 494 -34.75 12.60 -19.46
C MET E 494 -34.94 12.24 -20.92
N GLY E 495 -35.21 10.96 -21.15
CA GLY E 495 -35.33 10.39 -22.47
C GLY E 495 -35.20 8.89 -22.39
N PRO E 496 -34.95 8.24 -23.53
CA PRO E 496 -34.73 6.79 -23.51
C PRO E 496 -33.51 6.43 -22.67
N ARG E 497 -33.55 5.23 -22.09
CA ARG E 497 -32.48 4.71 -21.23
C ARG E 497 -32.15 5.68 -20.10
N LEU E 498 -33.10 5.81 -19.19
CA LEU E 498 -32.93 6.58 -17.97
C LEU E 498 -33.36 5.67 -16.82
N ASP E 499 -32.38 5.10 -16.13
CA ASP E 499 -32.59 4.02 -15.16
C ASP E 499 -33.23 2.82 -15.83
N SER E 500 -33.56 1.80 -15.05
CA SER E 500 -34.22 0.62 -15.57
C SER E 500 -35.54 0.39 -14.83
N LEU E 501 -36.49 -0.24 -15.53
CA LEU E 501 -37.75 -0.60 -14.88
C LEU E 501 -37.52 -1.54 -13.71
N ASN E 502 -36.49 -2.39 -13.79
CA ASN E 502 -36.20 -3.32 -12.71
C ASN E 502 -35.55 -2.63 -11.52
N ALA E 503 -34.78 -1.57 -11.75
CA ALA E 503 -34.23 -0.79 -10.65
C ALA E 503 -35.19 0.29 -10.16
N ALA E 504 -36.29 0.52 -10.87
CA ALA E 504 -37.28 1.49 -10.42
C ALA E 504 -38.13 0.95 -9.29
N ARG E 505 -38.33 -0.38 -9.24
CA ARG E 505 -39.16 -0.98 -8.21
C ARG E 505 -38.52 -0.90 -6.83
N ILE E 506 -37.22 -0.63 -6.75
CA ILE E 506 -36.55 -0.45 -5.47
C ILE E 506 -36.64 0.99 -4.99
N GLY E 507 -36.82 1.95 -5.90
CA GLY E 507 -36.72 3.36 -5.62
C GLY E 507 -35.56 4.02 -6.33
N SER E 508 -34.52 3.24 -6.65
CA SER E 508 -33.35 3.74 -7.37
C SER E 508 -33.74 4.14 -8.79
N SER E 509 -34.51 5.22 -8.90
CA SER E 509 -35.07 5.65 -10.17
C SER E 509 -35.46 7.12 -10.07
N ARG E 510 -35.25 7.85 -11.16
CA ARG E 510 -35.67 9.23 -11.23
C ARG E 510 -37.17 9.31 -11.51
N ALA E 511 -37.73 10.51 -11.34
CA ALA E 511 -39.19 10.66 -11.28
C ALA E 511 -39.87 10.10 -12.52
N ILE E 512 -39.40 10.48 -13.70
CA ILE E 512 -40.09 10.15 -14.94
C ILE E 512 -40.24 8.64 -15.10
N THR E 513 -39.13 7.91 -15.05
CA THR E 513 -39.19 6.46 -15.28
C THR E 513 -39.84 5.72 -14.11
N GLN E 514 -39.87 6.33 -12.92
CA GLN E 514 -40.62 5.73 -11.82
C GLN E 514 -42.12 5.75 -12.11
N LEU E 515 -42.63 6.89 -12.59
CA LEU E 515 -44.04 6.97 -12.94
C LEU E 515 -44.34 6.07 -14.13
N ILE E 516 -43.43 6.00 -15.10
CA ILE E 516 -43.60 5.07 -16.22
C ILE E 516 -43.74 3.64 -15.72
N LEU E 517 -42.97 3.29 -14.69
CA LEU E 517 -43.14 1.97 -14.06
C LEU E 517 -44.54 1.83 -13.47
N ASN E 518 -45.01 2.88 -12.78
CA ASN E 518 -46.33 2.83 -12.16
C ASN E 518 -47.42 2.55 -13.20
N LEU E 519 -47.34 3.22 -14.34
CA LEU E 519 -48.29 2.97 -15.43
C LEU E 519 -48.07 1.62 -16.11
N VAL E 520 -46.94 0.96 -15.83
CA VAL E 520 -46.64 -0.31 -16.48
C VAL E 520 -47.17 -1.49 -15.68
N GLU E 521 -47.19 -1.40 -14.35
CA GLU E 521 -47.54 -2.52 -13.49
C GLU E 521 -48.78 -2.25 -12.64
N GLY E 522 -49.72 -1.46 -13.14
CA GLY E 522 -50.96 -1.22 -12.41
C GLY E 522 -50.76 -0.70 -11.01
N THR E 523 -49.77 0.18 -10.82
CA THR E 523 -49.39 0.70 -9.52
C THR E 523 -49.68 2.21 -9.48
N PRO E 524 -50.25 2.72 -8.39
CA PRO E 524 -50.63 4.13 -8.35
C PRO E 524 -49.44 5.07 -8.56
N ILE E 525 -49.72 6.18 -9.23
CA ILE E 525 -48.73 7.22 -9.47
C ILE E 525 -48.72 8.12 -8.23
N LYS E 526 -47.72 7.93 -7.38
CA LYS E 526 -47.65 8.68 -6.13
C LYS E 526 -47.09 10.07 -6.40
N LEU E 527 -47.74 11.09 -5.85
CA LEU E 527 -47.30 12.48 -5.96
C LEU E 527 -46.82 12.91 -4.59
N ILE E 528 -45.52 12.71 -4.33
CA ILE E 528 -44.96 12.94 -3.00
C ILE E 528 -45.19 14.38 -2.56
N ASP E 529 -45.77 14.55 -1.38
CA ASP E 529 -46.02 15.86 -0.79
C ASP E 529 -46.76 16.78 -1.76
N GLY E 530 -47.89 16.29 -2.27
CA GLY E 530 -48.72 17.01 -3.19
C GLY E 530 -48.31 16.87 -4.64
N GLY E 531 -47.03 16.64 -4.91
CA GLY E 531 -46.57 16.59 -6.30
C GLY E 531 -46.75 17.89 -7.04
N GLN E 532 -46.65 19.02 -6.34
CA GLN E 532 -46.96 20.32 -6.90
C GLN E 532 -45.71 21.18 -7.10
N GLN E 533 -44.53 20.63 -6.85
CA GLN E 533 -43.29 21.37 -7.08
C GLN E 533 -42.88 21.28 -8.55
N LYS E 534 -42.18 22.32 -9.01
CA LYS E 534 -41.89 22.50 -10.42
C LYS E 534 -40.40 22.39 -10.70
N ARG E 535 -40.05 21.80 -11.84
CA ARG E 535 -38.67 21.72 -12.31
C ARG E 535 -38.66 21.91 -13.82
N CYS E 536 -37.53 22.38 -14.34
CA CYS E 536 -37.33 22.52 -15.77
C CYS E 536 -36.77 21.21 -16.31
N PHE E 537 -37.47 20.61 -17.26
CA PHE E 537 -37.14 19.30 -17.79
C PHE E 537 -36.46 19.47 -19.15
N THR E 538 -35.25 18.94 -19.28
CA THR E 538 -34.47 19.08 -20.51
C THR E 538 -34.47 17.76 -21.27
N ASP E 539 -34.63 17.86 -22.58
CA ASP E 539 -34.65 16.67 -23.43
C ASP E 539 -33.23 16.11 -23.58
N ILE E 540 -33.16 14.79 -23.83
CA ILE E 540 -31.87 14.12 -23.92
C ILE E 540 -31.05 14.67 -25.08
N ARG E 541 -31.72 14.91 -26.23
CA ARG E 541 -31.03 15.40 -27.42
C ARG E 541 -30.38 16.75 -27.17
N ASP E 542 -31.14 17.68 -26.58
CA ASP E 542 -30.61 19.02 -26.33
C ASP E 542 -29.47 18.98 -25.32
N GLY E 543 -29.65 18.24 -24.22
CA GLY E 543 -28.60 18.14 -23.22
C GLY E 543 -27.33 17.53 -23.78
N ILE E 544 -27.46 16.46 -24.58
CA ILE E 544 -26.30 15.84 -25.20
C ILE E 544 -25.63 16.79 -26.18
N GLU E 545 -26.44 17.53 -26.95
CA GLU E 545 -25.88 18.51 -27.89
C GLU E 545 -25.06 19.55 -27.14
N ALA E 546 -25.59 20.08 -26.04
CA ALA E 546 -24.85 21.06 -25.26
C ALA E 546 -23.55 20.46 -24.71
N LEU E 547 -23.62 19.23 -24.21
CA LEU E 547 -22.42 18.57 -23.70
C LEU E 547 -21.41 18.33 -24.81
N PHE E 548 -21.88 17.89 -25.98
CA PHE E 548 -21.00 17.73 -27.14
C PHE E 548 -20.29 19.02 -27.47
N ARG E 549 -21.03 20.14 -27.45
CA ARG E 549 -20.40 21.44 -27.68
C ARG E 549 -19.36 21.75 -26.61
N ILE E 550 -19.59 21.30 -25.38
CA ILE E 550 -18.60 21.48 -24.32
C ILE E 550 -17.34 20.67 -24.64
N ILE E 551 -17.52 19.42 -25.08
CA ILE E 551 -16.37 18.57 -25.39
C ILE E 551 -15.57 19.16 -26.54
N VAL E 552 -16.27 19.67 -27.56
CA VAL E 552 -15.60 20.32 -28.69
C VAL E 552 -14.80 21.53 -28.19
N ASN E 553 -15.37 22.29 -27.25
CA ASN E 553 -14.73 23.47 -26.67
C ASN E 553 -14.18 24.38 -27.77
N ASP E 554 -15.09 24.88 -28.59
CA ASP E 554 -14.71 25.76 -29.69
C ASP E 554 -14.07 27.03 -29.16
N GLY E 555 -12.76 27.17 -29.36
CA GLY E 555 -12.07 28.38 -28.97
C GLY E 555 -11.90 28.56 -27.47
N ASP E 556 -11.76 27.46 -26.72
CA ASP E 556 -11.46 27.48 -25.30
C ASP E 556 -12.47 28.28 -24.49
N ARG E 557 -13.67 28.50 -25.02
CA ARG E 557 -14.67 29.27 -24.30
C ARG E 557 -15.17 28.55 -23.05
N CYS E 558 -14.97 27.23 -22.96
CA CYS E 558 -15.48 26.45 -21.84
C CYS E 558 -14.48 26.35 -20.69
N ASP E 559 -13.21 26.66 -20.93
CA ASP E 559 -12.19 26.52 -19.89
C ASP E 559 -12.52 27.36 -18.68
N GLY E 560 -12.43 26.75 -17.50
CA GLY E 560 -12.62 27.44 -16.25
C GLY E 560 -14.03 27.88 -15.95
N LYS E 561 -14.95 27.76 -16.90
CA LYS E 561 -16.32 28.23 -16.71
C LYS E 561 -17.22 27.07 -16.31
N ILE E 562 -18.28 27.40 -15.58
CA ILE E 562 -19.23 26.42 -15.09
C ILE E 562 -20.46 26.53 -15.99
N ILE E 563 -20.51 25.67 -17.01
CA ILE E 563 -21.64 25.66 -17.93
C ILE E 563 -22.83 25.00 -17.24
N ASN E 564 -24.04 25.40 -17.65
CA ASN E 564 -25.27 24.86 -17.08
C ASN E 564 -26.19 24.49 -18.22
N ILE E 565 -26.58 23.22 -18.30
CA ILE E 565 -27.39 22.71 -19.41
C ILE E 565 -28.81 22.53 -18.90
N GLY E 566 -29.76 23.18 -19.57
CA GLY E 566 -31.16 23.05 -19.16
C GLY E 566 -32.07 23.67 -20.19
N ASN E 567 -33.37 23.50 -19.96
CA ASN E 567 -34.40 24.04 -20.84
C ASN E 567 -35.41 24.79 -19.98
N PRO E 568 -35.29 26.11 -19.86
CA PRO E 568 -36.26 26.87 -19.05
C PRO E 568 -37.65 26.94 -19.67
N ASP E 569 -37.79 26.58 -20.94
CA ASP E 569 -39.07 26.61 -21.62
C ASP E 569 -39.93 25.38 -21.33
N ASN E 570 -39.49 24.51 -20.43
CA ASN E 570 -40.19 23.27 -20.11
C ASN E 570 -40.44 23.15 -18.61
N GLU E 571 -40.80 24.25 -17.97
CA GLU E 571 -41.13 24.19 -16.55
C GLU E 571 -42.48 23.50 -16.35
N ALA E 572 -42.50 22.48 -15.51
CA ALA E 572 -43.71 21.73 -15.24
C ALA E 572 -43.66 21.19 -13.82
N SER E 573 -44.81 20.70 -13.37
CA SER E 573 -44.94 20.08 -12.06
C SER E 573 -45.08 18.58 -12.22
N ILE E 574 -44.70 17.84 -11.18
CA ILE E 574 -44.85 16.39 -11.21
C ILE E 574 -46.30 16.01 -11.44
N GLN E 575 -47.23 16.77 -10.84
CA GLN E 575 -48.64 16.65 -11.19
C GLN E 575 -48.84 16.84 -12.68
N GLU E 576 -48.32 17.95 -13.23
CA GLU E 576 -48.49 18.20 -14.66
C GLU E 576 -47.70 17.20 -15.49
N LEU E 577 -46.53 16.79 -15.01
CA LEU E 577 -45.79 15.73 -15.70
C LEU E 577 -46.63 14.47 -15.80
N ALA E 578 -47.07 13.94 -14.65
CA ALA E 578 -47.82 12.69 -14.62
C ALA E 578 -49.04 12.73 -15.52
N THR E 579 -49.68 13.89 -15.64
CA THR E 579 -50.85 14.01 -16.51
C THR E 579 -50.44 13.94 -17.98
N LEU E 580 -49.44 14.74 -18.38
CA LEU E 580 -48.88 14.61 -19.72
C LEU E 580 -48.35 13.22 -19.98
N LEU E 581 -47.79 12.58 -18.95
CA LEU E 581 -47.43 11.16 -19.03
C LEU E 581 -48.65 10.32 -19.39
N LEU E 582 -49.65 10.33 -18.52
CA LEU E 582 -50.87 9.56 -18.75
C LEU E 582 -51.46 9.87 -20.13
N ASP E 583 -51.48 11.15 -20.51
CA ASP E 583 -52.07 11.53 -21.78
C ASP E 583 -51.37 10.86 -22.94
N SER E 584 -50.05 10.71 -22.86
CA SER E 584 -49.31 10.00 -23.90
C SER E 584 -49.47 8.50 -23.79
N PHE E 585 -49.83 7.99 -22.60
CA PHE E 585 -49.95 6.55 -22.42
C PHE E 585 -51.12 5.98 -23.21
N ASP E 586 -52.30 6.62 -23.10
CA ASP E 586 -53.49 6.05 -23.71
C ASP E 586 -53.51 6.25 -25.22
N LYS E 587 -52.92 7.32 -25.74
CA LYS E 587 -52.87 7.37 -27.20
C LYS E 587 -51.64 6.64 -27.72
N HIS E 588 -51.16 5.68 -26.96
CA HIS E 588 -50.04 4.92 -27.51
C HIS E 588 -50.56 3.61 -28.08
N PRO E 589 -50.01 3.16 -29.23
CA PRO E 589 -50.55 1.96 -29.88
C PRO E 589 -50.49 0.69 -29.04
N LEU E 590 -49.94 0.78 -27.82
CA LEU E 590 -49.92 -0.35 -26.91
C LEU E 590 -50.63 -0.04 -25.59
N ARG E 591 -51.48 0.99 -25.57
CA ARG E 591 -52.38 1.25 -24.44
C ARG E 591 -53.07 -0.02 -23.96
N CYS E 592 -53.42 -0.90 -24.89
CA CYS E 592 -54.32 -2.01 -24.61
C CYS E 592 -53.62 -3.10 -23.81
N HIS E 593 -52.36 -3.37 -24.09
CA HIS E 593 -51.70 -4.53 -23.49
C HIS E 593 -51.37 -4.34 -22.01
N PHE E 594 -51.35 -3.12 -21.52
CA PHE E 594 -50.97 -2.89 -20.14
C PHE E 594 -52.21 -2.71 -19.27
N PRO E 595 -52.10 -2.99 -17.97
CA PRO E 595 -53.30 -3.02 -17.11
C PRO E 595 -53.90 -1.63 -16.95
N PRO E 596 -55.07 -1.53 -16.31
CA PRO E 596 -55.70 -0.23 -16.12
C PRO E 596 -54.86 0.70 -15.26
N PHE E 597 -55.07 1.99 -15.45
CA PHE E 597 -54.42 3.01 -14.63
C PHE E 597 -54.93 2.94 -13.20
N ALA E 598 -53.99 2.92 -12.25
CA ALA E 598 -54.31 2.63 -10.86
C ALA E 598 -54.63 3.87 -10.03
N GLY E 599 -54.72 5.04 -10.65
CA GLY E 599 -55.00 6.24 -9.91
C GLY E 599 -53.76 6.98 -9.42
N PHE E 600 -54.01 8.22 -8.99
CA PHE E 600 -53.00 9.06 -8.34
C PHE E 600 -53.27 9.05 -6.85
N GLN E 601 -52.21 9.24 -6.06
CA GLN E 601 -52.39 9.31 -4.61
C GLN E 601 -51.25 10.11 -4.00
N VAL E 602 -51.60 11.10 -3.22
CA VAL E 602 -50.63 11.93 -2.52
C VAL E 602 -50.09 11.18 -1.31
N VAL E 603 -48.80 11.37 -1.07
CA VAL E 603 -48.06 10.62 -0.06
C VAL E 603 -47.08 11.57 0.59
N GLU E 604 -46.90 11.37 1.90
CA GLU E 604 -45.94 12.12 2.70
C GLU E 604 -44.54 11.93 2.16
N SER E 605 -43.65 12.87 2.46
CA SER E 605 -42.26 12.70 2.07
C SER E 605 -41.64 11.51 2.81
N ARG E 606 -41.74 11.52 4.14
CA ARG E 606 -41.10 10.49 4.96
C ARG E 606 -41.91 9.21 4.97
N SER E 607 -42.73 9.02 3.94
CA SER E 607 -43.35 7.74 3.70
C SER E 607 -42.80 7.02 2.48
N TYR E 608 -42.18 7.76 1.56
CA TYR E 608 -41.54 7.20 0.39
C TYR E 608 -40.03 7.34 0.40
N TYR E 609 -39.53 8.46 0.92
CA TYR E 609 -38.08 8.68 1.06
C TYR E 609 -37.55 8.33 2.44
N GLY E 610 -38.35 8.50 3.48
CA GLY E 610 -37.93 8.10 4.81
C GLY E 610 -37.36 9.27 5.60
N LYS E 611 -36.67 8.91 6.68
CA LYS E 611 -36.19 9.90 7.64
C LYS E 611 -35.20 10.86 7.01
N GLY E 612 -35.42 12.16 7.24
CA GLY E 612 -34.41 13.15 6.91
C GLY E 612 -34.42 13.66 5.50
N TYR E 613 -35.57 13.66 4.84
CA TYR E 613 -35.66 14.13 3.46
C TYR E 613 -36.10 15.59 3.41
N GLN E 614 -35.71 16.26 2.34
CA GLN E 614 -36.19 17.60 2.01
C GLN E 614 -36.12 17.75 0.50
N ASP E 615 -36.78 18.76 -0.04
CA ASP E 615 -36.89 18.87 -1.49
C ASP E 615 -36.75 20.33 -1.93
N VAL E 616 -36.34 20.50 -3.18
CA VAL E 616 -36.30 21.80 -3.84
C VAL E 616 -37.62 22.01 -4.55
N ALA E 617 -38.25 23.17 -4.33
CA ALA E 617 -39.58 23.42 -4.88
C ALA E 617 -39.51 23.76 -6.37
N HIS E 618 -38.79 24.83 -6.72
CA HIS E 618 -38.65 25.27 -8.09
C HIS E 618 -37.20 25.13 -8.54
N ARG E 619 -37.02 24.90 -9.84
CA ARG E 619 -35.69 24.72 -10.41
C ARG E 619 -35.72 25.17 -11.87
N LYS E 620 -34.98 26.24 -12.17
CA LYS E 620 -34.87 26.76 -13.53
C LYS E 620 -33.43 27.16 -13.82
N PRO E 621 -32.86 26.72 -14.94
CA PRO E 621 -31.45 27.00 -15.24
C PRO E 621 -31.25 28.32 -15.97
N SER E 622 -30.18 29.01 -15.60
CA SER E 622 -29.67 30.09 -16.43
C SER E 622 -28.81 29.47 -17.53
N ILE E 623 -29.37 29.39 -18.74
CA ILE E 623 -28.67 28.78 -19.86
C ILE E 623 -27.83 29.80 -20.62
N ASP E 624 -27.45 30.90 -19.96
CA ASP E 624 -26.65 31.93 -20.63
C ASP E 624 -25.29 31.38 -21.02
N ASN E 625 -24.54 30.88 -20.03
CA ASN E 625 -23.21 30.34 -20.28
C ASN E 625 -23.23 29.25 -21.34
N ALA E 626 -24.28 28.43 -21.35
CA ALA E 626 -24.45 27.47 -22.44
C ALA E 626 -24.61 28.20 -23.77
N ARG E 627 -25.59 29.11 -23.85
CA ARG E 627 -25.77 29.91 -25.05
C ARG E 627 -24.49 30.64 -25.42
N ARG E 628 -23.92 31.37 -24.47
CA ARG E 628 -22.75 32.20 -24.75
C ARG E 628 -21.57 31.37 -25.24
N CYS E 629 -21.29 30.26 -24.56
CA CYS E 629 -20.11 29.47 -24.88
C CYS E 629 -20.37 28.42 -25.95
N LEU E 630 -21.60 27.90 -26.04
CA LEU E 630 -21.86 26.78 -26.92
C LEU E 630 -22.58 27.18 -28.20
N GLY E 631 -23.15 28.39 -28.24
CA GLY E 631 -24.05 28.75 -29.32
C GLY E 631 -25.24 27.81 -29.32
N TRP E 632 -25.79 27.57 -28.13
CA TRP E 632 -26.75 26.51 -27.89
C TRP E 632 -27.94 27.01 -27.09
N GLU E 633 -29.14 26.66 -27.55
CA GLU E 633 -30.37 26.82 -26.80
C GLU E 633 -31.23 25.59 -27.03
N PRO E 634 -32.07 25.24 -26.07
CA PRO E 634 -32.88 24.02 -26.21
C PRO E 634 -33.91 24.16 -27.32
N SER E 635 -34.41 23.01 -27.76
CA SER E 635 -35.32 22.98 -28.90
C SER E 635 -36.49 22.04 -28.65
N ILE E 636 -36.20 20.76 -28.45
CA ILE E 636 -37.25 19.77 -28.29
C ILE E 636 -38.09 20.09 -27.07
N ALA E 637 -39.41 20.21 -27.27
CA ALA E 637 -40.35 20.50 -26.21
C ALA E 637 -40.70 19.25 -25.41
N MET E 638 -41.36 19.47 -24.27
CA MET E 638 -41.56 18.40 -23.30
C MET E 638 -42.31 17.22 -23.89
N ARG E 639 -43.38 17.48 -24.64
CA ARG E 639 -44.25 16.40 -25.11
C ARG E 639 -43.46 15.34 -25.86
N ASP E 640 -42.57 15.78 -26.76
CA ASP E 640 -41.73 14.82 -27.48
C ASP E 640 -40.87 14.01 -26.52
N THR E 641 -40.33 14.66 -25.48
CA THR E 641 -39.52 13.96 -24.49
C THR E 641 -40.36 12.91 -23.76
N VAL E 642 -41.52 13.34 -23.25
CA VAL E 642 -42.47 12.42 -22.60
C VAL E 642 -42.79 11.25 -23.51
N GLU E 643 -43.14 11.53 -24.76
CA GLU E 643 -43.64 10.48 -25.65
C GLU E 643 -42.55 9.49 -26.02
N GLU E 644 -41.33 9.97 -26.26
CA GLU E 644 -40.24 9.07 -26.65
C GLU E 644 -39.75 8.26 -25.47
N THR E 645 -39.67 8.88 -24.28
CA THR E 645 -39.28 8.15 -23.09
C THR E 645 -40.22 6.99 -22.81
N LEU E 646 -41.53 7.26 -22.80
CA LEU E 646 -42.52 6.21 -22.62
C LEU E 646 -42.40 5.14 -23.69
N ASP E 647 -42.47 5.55 -24.96
CA ASP E 647 -42.42 4.63 -26.09
C ASP E 647 -41.28 3.61 -25.94
N PHE E 648 -40.08 4.10 -25.64
CA PHE E 648 -38.93 3.20 -25.50
C PHE E 648 -39.14 2.22 -24.35
N PHE E 649 -39.45 2.74 -23.16
CA PHE E 649 -39.60 1.88 -21.99
C PHE E 649 -40.75 0.89 -22.17
N LEU E 650 -41.79 1.28 -22.91
CA LEU E 650 -42.95 0.42 -23.07
C LEU E 650 -42.61 -0.82 -23.91
N ARG E 651 -42.11 -0.62 -25.13
CA ARG E 651 -41.73 -1.72 -26.01
C ARG E 651 -40.47 -2.44 -25.55
N SER E 652 -39.72 -1.87 -24.62
CA SER E 652 -38.60 -2.56 -23.99
C SER E 652 -39.05 -3.60 -22.96
N VAL E 653 -40.32 -4.01 -22.99
CA VAL E 653 -40.89 -4.98 -22.06
C VAL E 653 -41.34 -6.19 -22.86
N ASP E 654 -41.13 -7.39 -22.31
CA ASP E 654 -41.70 -8.58 -22.94
C ASP E 654 -43.21 -8.45 -23.05
N ILE E 655 -43.78 -9.02 -24.10
CA ILE E 655 -45.21 -8.90 -24.35
C ILE E 655 -45.93 -10.15 -23.85
N MET F 1 -48.62 -40.36 42.79
CA MET F 1 -47.66 -40.52 41.70
C MET F 1 -46.85 -39.25 41.47
N LYS F 2 -45.65 -39.42 40.93
CA LYS F 2 -44.80 -38.30 40.54
C LYS F 2 -44.87 -38.11 39.03
N ALA F 3 -44.99 -36.85 38.61
CA ALA F 3 -45.13 -36.53 37.19
C ALA F 3 -44.16 -35.42 36.82
N VAL F 4 -43.42 -35.64 35.73
CA VAL F 4 -42.57 -34.63 35.13
C VAL F 4 -43.22 -34.21 33.82
N ILE F 5 -43.50 -32.92 33.67
CA ILE F 5 -44.30 -32.41 32.56
C ILE F 5 -43.41 -31.59 31.64
N PHE F 6 -43.43 -31.93 30.35
CA PHE F 6 -42.79 -31.13 29.31
C PHE F 6 -43.90 -30.36 28.60
N ALA F 7 -44.09 -29.10 28.97
CA ALA F 7 -45.28 -28.35 28.58
C ALA F 7 -44.92 -26.93 28.16
N TYR F 8 -45.64 -26.42 27.16
CA TYR F 8 -45.43 -25.08 26.66
C TYR F 8 -46.72 -24.59 26.01
N HIS F 9 -46.85 -23.26 25.93
CA HIS F 9 -47.93 -22.61 25.20
C HIS F 9 -49.29 -22.84 25.86
N ASP F 10 -50.35 -22.79 25.07
CA ASP F 10 -51.70 -23.00 25.61
C ASP F 10 -51.91 -24.45 26.02
N MET F 11 -51.59 -25.39 25.13
CA MET F 11 -51.72 -26.81 25.44
C MET F 11 -51.01 -27.15 26.74
N GLY F 12 -49.74 -26.75 26.85
CA GLY F 12 -49.00 -26.98 28.08
C GLY F 12 -49.65 -26.31 29.28
N CYS F 13 -50.15 -25.09 29.08
CA CYS F 13 -50.84 -24.39 30.15
C CYS F 13 -52.06 -25.18 30.63
N GLN F 14 -52.78 -25.80 29.72
CA GLN F 14 -53.95 -26.60 30.09
C GLN F 14 -53.54 -27.96 30.63
N GLY F 15 -52.64 -28.65 29.92
CA GLY F 15 -52.25 -29.99 30.32
C GLY F 15 -51.63 -30.04 31.71
N VAL F 16 -50.92 -28.99 32.11
CA VAL F 16 -50.31 -28.96 33.43
C VAL F 16 -51.39 -28.97 34.51
N GLN F 17 -52.44 -28.18 34.34
CA GLN F 17 -53.52 -28.16 35.34
C GLN F 17 -54.39 -29.41 35.26
N ALA F 18 -54.39 -30.10 34.12
CA ALA F 18 -55.08 -31.39 34.06
C ALA F 18 -54.36 -32.42 34.92
N VAL F 19 -53.03 -32.48 34.82
CA VAL F 19 -52.24 -33.36 35.68
C VAL F 19 -52.38 -32.95 37.13
N LEU F 20 -52.44 -31.65 37.39
CA LEU F 20 -52.52 -31.15 38.76
C LEU F 20 -53.85 -31.51 39.40
N ASP F 21 -54.94 -31.38 38.65
CA ASP F 21 -56.27 -31.69 39.19
C ASP F 21 -56.50 -33.19 39.31
N ALA F 22 -55.90 -34.00 38.43
CA ALA F 22 -56.05 -35.44 38.52
C ALA F 22 -55.43 -36.03 39.78
N GLY F 23 -54.67 -35.24 40.54
CA GLY F 23 -54.07 -35.69 41.78
C GLY F 23 -52.59 -35.97 41.73
N TYR F 24 -51.99 -36.00 40.53
CA TYR F 24 -50.56 -36.28 40.41
C TYR F 24 -49.75 -35.24 41.17
N GLU F 25 -48.55 -35.65 41.58
CA GLU F 25 -47.57 -34.71 42.13
C GLU F 25 -46.66 -34.26 41.00
N ILE F 26 -46.64 -32.96 40.73
CA ILE F 26 -45.74 -32.39 39.73
C ILE F 26 -44.48 -31.93 40.45
N ALA F 27 -43.34 -32.53 40.07
CA ALA F 27 -42.07 -32.20 40.70
C ALA F 27 -41.07 -31.63 39.71
N ALA F 28 -41.48 -31.42 38.45
CA ALA F 28 -40.60 -30.85 37.43
C ALA F 28 -41.38 -30.53 36.17
N ILE F 29 -41.34 -29.28 35.73
CA ILE F 29 -41.92 -28.87 34.46
C ILE F 29 -40.80 -28.29 33.60
N PHE F 30 -40.60 -28.84 32.42
CA PHE F 30 -39.58 -28.37 31.49
C PHE F 30 -40.26 -27.70 30.31
N THR F 31 -39.82 -26.49 29.98
CA THR F 31 -40.46 -25.69 28.95
C THR F 31 -39.37 -24.92 28.21
N HIS F 32 -39.78 -23.84 27.53
CA HIS F 32 -38.87 -22.96 26.81
C HIS F 32 -39.08 -21.54 27.27
N ALA F 33 -38.26 -20.63 26.74
CA ALA F 33 -38.45 -19.21 27.01
C ALA F 33 -39.65 -18.69 26.21
N ASP F 34 -39.93 -17.40 26.36
CA ASP F 34 -41.07 -16.79 25.70
C ASP F 34 -40.64 -15.68 24.75
N GLY F 43 -50.97 -17.28 27.66
CA GLY F 43 -50.70 -18.08 28.84
C GLY F 43 -49.41 -18.85 28.75
N SER F 44 -48.56 -18.71 29.76
CA SER F 44 -47.25 -19.33 29.78
C SER F 44 -47.19 -20.41 30.87
N VAL F 45 -46.36 -21.42 30.62
CA VAL F 45 -46.11 -22.44 31.62
C VAL F 45 -45.16 -21.91 32.70
N SER F 46 -44.26 -21.02 32.31
CA SER F 46 -43.26 -20.51 33.25
C SER F 46 -43.92 -19.76 34.40
N ARG F 47 -44.73 -18.75 34.08
CA ARG F 47 -45.41 -18.00 35.13
C ARG F 47 -46.42 -18.88 35.88
N GLN F 48 -47.04 -19.84 35.19
CA GLN F 48 -47.99 -20.73 35.85
C GLN F 48 -47.31 -21.52 36.96
N ALA F 49 -46.32 -22.35 36.60
CA ALA F 49 -45.62 -23.13 37.60
C ALA F 49 -44.98 -22.26 38.67
N ALA F 50 -44.54 -21.05 38.29
CA ALA F 50 -43.98 -20.12 39.27
C ALA F 50 -45.01 -19.77 40.33
N GLU F 51 -46.22 -19.40 39.90
CA GLU F 51 -47.28 -19.03 40.84
C GLU F 51 -47.94 -20.25 41.47
N LEU F 52 -47.61 -21.47 41.03
CA LEU F 52 -48.09 -22.68 41.66
C LEU F 52 -47.06 -23.32 42.58
N GLY F 53 -45.91 -22.68 42.80
CA GLY F 53 -44.87 -23.29 43.59
C GLY F 53 -44.22 -24.52 43.00
N ILE F 54 -44.45 -24.80 41.71
CA ILE F 54 -43.85 -25.95 41.03
C ILE F 54 -42.47 -25.54 40.52
N PRO F 55 -41.46 -26.43 40.58
CA PRO F 55 -40.18 -26.12 39.94
C PRO F 55 -40.29 -26.25 38.43
N VAL F 56 -39.96 -25.18 37.71
CA VAL F 56 -40.04 -25.15 36.26
C VAL F 56 -38.66 -24.76 35.71
N TYR F 57 -38.16 -25.54 34.76
CA TYR F 57 -36.87 -25.33 34.14
C TYR F 57 -37.04 -25.22 32.64
N ALA F 58 -36.14 -24.47 32.00
CA ALA F 58 -36.16 -24.27 30.56
C ALA F 58 -34.75 -24.44 30.01
N PRO F 59 -34.29 -25.68 29.87
CA PRO F 59 -32.99 -25.91 29.25
C PRO F 59 -33.06 -25.79 27.74
N ASP F 60 -31.89 -25.56 27.13
CA ASP F 60 -31.81 -25.51 25.68
C ASP F 60 -32.13 -26.88 25.08
N ASN F 61 -31.43 -27.91 25.54
CA ASN F 61 -31.69 -29.30 25.15
C ASN F 61 -31.69 -30.15 26.40
N VAL F 62 -32.87 -30.64 26.80
CA VAL F 62 -32.96 -31.47 27.99
C VAL F 62 -32.14 -32.75 27.81
N ASN F 63 -32.12 -33.30 26.60
CA ASN F 63 -31.30 -34.45 26.28
C ASN F 63 -29.82 -34.10 26.47
N HIS F 64 -29.37 -34.12 27.72
CA HIS F 64 -28.05 -33.67 28.12
C HIS F 64 -27.78 -34.39 29.43
N PRO F 65 -26.59 -34.96 29.60
CA PRO F 65 -26.28 -35.64 30.85
C PRO F 65 -26.62 -34.85 32.10
N ILE F 66 -26.58 -33.52 32.03
CA ILE F 66 -26.82 -32.70 33.21
C ILE F 66 -28.28 -32.77 33.63
N TRP F 67 -29.20 -32.95 32.67
CA TRP F 67 -30.61 -33.06 33.00
C TRP F 67 -31.09 -34.51 33.07
N VAL F 68 -30.63 -35.37 32.16
CA VAL F 68 -31.00 -36.78 32.23
C VAL F 68 -30.54 -37.38 33.55
N ASP F 69 -29.23 -37.28 33.83
CA ASP F 69 -28.69 -37.78 35.10
C ASP F 69 -29.15 -36.96 36.31
N ARG F 70 -30.05 -36.00 36.13
CA ARG F 70 -30.67 -35.30 37.25
C ARG F 70 -32.19 -35.25 37.15
N ILE F 71 -32.78 -35.88 36.14
CA ILE F 71 -34.22 -36.12 36.12
C ILE F 71 -34.57 -37.45 36.77
N ALA F 72 -33.84 -38.51 36.40
CA ALA F 72 -34.00 -39.79 37.08
C ALA F 72 -33.65 -39.70 38.56
N GLU F 73 -32.92 -38.66 38.96
CA GLU F 73 -32.72 -38.40 40.39
C GLU F 73 -34.02 -37.99 41.06
N LEU F 74 -34.90 -37.31 40.33
CA LEU F 74 -36.20 -36.90 40.85
C LEU F 74 -37.20 -38.05 40.93
N ALA F 75 -36.81 -39.25 40.48
CA ALA F 75 -37.65 -40.45 40.51
C ALA F 75 -39.00 -40.19 39.85
N PRO F 76 -39.05 -40.01 38.53
CA PRO F 76 -40.33 -39.73 37.88
C PRO F 76 -41.12 -41.01 37.66
N ASP F 77 -42.44 -40.89 37.75
CA ASP F 77 -43.35 -42.01 37.46
C ASP F 77 -43.99 -41.90 36.09
N ILE F 78 -44.43 -40.70 35.70
CA ILE F 78 -44.98 -40.46 34.37
C ILE F 78 -44.37 -39.17 33.84
N ILE F 79 -44.13 -39.13 32.53
CA ILE F 79 -43.76 -37.92 31.83
C ILE F 79 -44.89 -37.54 30.88
N PHE F 80 -45.32 -36.28 30.94
CA PHE F 80 -46.34 -35.75 30.05
C PHE F 80 -45.75 -34.67 29.16
N SER F 81 -46.05 -34.75 27.87
CA SER F 81 -45.57 -33.78 26.88
C SER F 81 -46.78 -33.08 26.27
N PHE F 82 -47.00 -31.82 26.64
CA PHE F 82 -48.11 -31.02 26.15
C PHE F 82 -47.55 -29.88 25.29
N TYR F 83 -47.51 -30.10 23.98
CA TYR F 83 -46.97 -29.15 23.01
C TYR F 83 -45.57 -28.69 23.43
N TYR F 84 -44.64 -29.63 23.38
CA TYR F 84 -43.23 -29.35 23.63
C TYR F 84 -42.51 -29.23 22.29
N ARG F 85 -41.74 -28.15 22.14
CA ARG F 85 -41.14 -27.86 20.84
C ARG F 85 -39.97 -28.78 20.52
N ASN F 86 -39.08 -29.01 21.47
CA ASN F 86 -37.91 -29.85 21.21
C ASN F 86 -38.30 -31.32 21.23
N LEU F 87 -37.44 -32.14 20.64
CA LEU F 87 -37.68 -33.59 20.57
C LEU F 87 -36.97 -34.27 21.73
N LEU F 88 -37.65 -35.26 22.31
CA LEU F 88 -37.15 -35.94 23.51
C LEU F 88 -36.37 -37.18 23.12
N SER F 89 -35.26 -37.41 23.82
CA SER F 89 -34.41 -38.57 23.54
C SER F 89 -34.95 -39.81 24.24
N GLU F 90 -34.81 -40.96 23.57
CA GLU F 90 -35.23 -42.24 24.13
C GLU F 90 -34.62 -42.47 25.52
N GLU F 91 -33.41 -41.98 25.74
CA GLU F 91 -32.77 -42.14 27.05
C GLU F 91 -33.58 -41.49 28.15
N ILE F 92 -34.15 -40.31 27.86
CA ILE F 92 -34.99 -39.63 28.85
C ILE F 92 -36.40 -40.22 28.90
N LEU F 93 -36.81 -40.90 27.83
CA LEU F 93 -38.18 -41.40 27.78
C LEU F 93 -38.34 -42.59 28.71
N HIS F 94 -37.34 -43.46 28.73
CA HIS F 94 -37.22 -44.67 29.56
C HIS F 94 -36.96 -44.37 31.03
N LEU F 95 -37.07 -43.11 31.46
CA LEU F 95 -36.88 -42.75 32.86
C LEU F 95 -38.16 -42.86 33.68
N ALA F 96 -39.32 -42.96 33.04
CA ALA F 96 -40.59 -43.09 33.73
C ALA F 96 -41.13 -44.50 33.58
N PRO F 97 -41.50 -45.17 34.68
CA PRO F 97 -42.01 -46.55 34.59
C PRO F 97 -43.27 -46.67 33.76
N ALA F 98 -44.30 -45.91 34.11
CA ALA F 98 -45.53 -45.94 33.31
C ALA F 98 -45.25 -45.52 31.88
N GLY F 99 -44.27 -44.65 31.67
CA GLY F 99 -43.90 -44.20 30.34
C GLY F 99 -44.06 -42.70 30.19
N ALA F 100 -44.07 -42.23 28.94
CA ALA F 100 -44.26 -40.82 28.66
C ALA F 100 -45.21 -40.67 27.48
N PHE F 101 -46.05 -39.65 27.55
CA PHE F 101 -47.18 -39.51 26.64
C PHE F 101 -47.24 -38.07 26.13
N ASN F 102 -47.05 -37.91 24.83
CA ASN F 102 -47.12 -36.60 24.19
C ASN F 102 -48.55 -36.37 23.68
N LEU F 103 -49.13 -35.24 24.07
CA LEU F 103 -50.41 -34.82 23.53
C LEU F 103 -50.16 -34.10 22.21
N HIS F 104 -50.56 -34.72 21.11
CA HIS F 104 -50.38 -34.14 19.79
C HIS F 104 -51.69 -33.56 19.29
N GLY F 105 -51.58 -32.47 18.52
CA GLY F 105 -52.77 -31.74 18.12
C GLY F 105 -53.59 -32.48 17.07
N SER F 106 -52.92 -33.17 16.15
CA SER F 106 -53.63 -33.82 15.06
C SER F 106 -54.38 -35.06 15.55
N LEU F 107 -55.39 -35.45 14.78
CA LEU F 107 -56.18 -36.64 15.08
C LEU F 107 -55.41 -37.85 14.59
N LEU F 108 -54.46 -38.30 15.42
CA LEU F 108 -53.53 -39.34 15.04
C LEU F 108 -54.28 -40.62 14.65
N PRO F 109 -53.73 -41.42 13.73
CA PRO F 109 -52.41 -41.31 13.10
C PRO F 109 -52.35 -40.33 11.93
N ALA F 110 -53.31 -39.42 11.79
CA ALA F 110 -53.29 -38.47 10.68
C ALA F 110 -52.55 -37.20 11.08
N TYR F 111 -51.97 -36.54 10.07
CA TYR F 111 -51.23 -35.29 10.24
C TYR F 111 -50.19 -35.39 11.35
N ARG F 112 -49.44 -36.49 11.38
CA ARG F 112 -48.54 -36.68 12.52
C ARG F 112 -47.33 -35.73 12.49
N GLY F 113 -47.27 -34.74 11.61
CA GLY F 113 -46.14 -33.84 11.55
C GLY F 113 -46.15 -32.78 12.64
N ARG F 114 -45.75 -31.57 12.29
CA ARG F 114 -45.70 -30.46 13.23
C ARG F 114 -46.61 -29.34 12.75
N ALA F 115 -47.07 -28.54 13.69
CA ALA F 115 -48.05 -27.49 13.45
C ALA F 115 -49.22 -27.98 12.60
N PRO F 116 -49.97 -28.99 13.08
CA PRO F 116 -51.11 -29.48 12.30
C PRO F 116 -52.35 -28.60 12.43
N LEU F 117 -52.41 -27.77 13.47
CA LEU F 117 -53.53 -26.84 13.64
C LEU F 117 -53.73 -25.96 12.41
N ASN F 118 -52.66 -25.72 11.65
CA ASN F 118 -52.78 -24.97 10.41
C ASN F 118 -53.06 -25.87 9.22
N TRP F 119 -52.39 -27.03 9.13
CA TRP F 119 -52.57 -27.90 7.98
C TRP F 119 -53.98 -28.47 7.89
N VAL F 120 -54.63 -28.68 9.03
CA VAL F 120 -56.02 -29.16 9.02
C VAL F 120 -56.91 -28.19 8.25
N LEU F 121 -56.60 -26.89 8.32
CA LEU F 121 -57.36 -25.89 7.60
C LEU F 121 -56.87 -25.72 6.17
N VAL F 122 -55.55 -25.71 5.96
CA VAL F 122 -54.99 -25.52 4.62
C VAL F 122 -55.61 -26.52 3.65
N ASN F 123 -55.64 -27.78 4.03
CA ASN F 123 -56.25 -28.80 3.19
C ASN F 123 -57.77 -28.68 3.14
N GLY F 124 -58.38 -28.10 4.16
CA GLY F 124 -59.82 -28.04 4.24
C GLY F 124 -60.46 -29.23 4.91
N GLU F 125 -59.80 -29.80 5.92
CA GLU F 125 -60.32 -30.97 6.61
C GLU F 125 -61.61 -30.64 7.33
N SER F 126 -62.46 -31.66 7.49
CA SER F 126 -63.73 -31.46 8.17
C SER F 126 -63.60 -31.59 9.68
N GLU F 127 -62.70 -32.46 10.15
CA GLU F 127 -62.56 -32.70 11.58
C GLU F 127 -61.10 -33.01 11.90
N THR F 128 -60.73 -32.72 13.14
CA THR F 128 -59.41 -32.99 13.69
C THR F 128 -59.47 -32.80 15.19
N GLY F 129 -58.78 -33.67 15.93
CA GLY F 129 -58.88 -33.65 17.38
C GLY F 129 -57.59 -34.05 18.07
N VAL F 130 -57.58 -33.83 19.38
CA VAL F 130 -56.39 -34.14 20.18
C VAL F 130 -56.21 -35.65 20.28
N THR F 131 -54.94 -36.07 20.35
CA THR F 131 -54.61 -37.49 20.52
C THR F 131 -53.43 -37.60 21.46
N LEU F 132 -53.68 -38.07 22.67
CA LEU F 132 -52.61 -38.43 23.59
C LEU F 132 -52.07 -39.81 23.22
N HIS F 133 -50.76 -39.89 23.01
CA HIS F 133 -50.13 -41.13 22.56
C HIS F 133 -48.85 -41.36 23.33
N ARG F 134 -48.40 -42.61 23.35
CA ARG F 134 -47.14 -42.97 23.99
C ARG F 134 -45.97 -42.49 23.14
N MET F 135 -45.06 -41.72 23.75
CA MET F 135 -43.93 -41.20 23.01
C MET F 135 -42.96 -42.33 22.65
N VAL F 136 -42.67 -42.47 21.36
CA VAL F 136 -41.76 -43.51 20.88
C VAL F 136 -40.64 -42.87 20.05
N LYS F 137 -39.84 -43.69 19.39
CA LYS F 137 -38.66 -43.17 18.70
C LYS F 137 -39.06 -42.38 17.44
N ARG F 138 -40.01 -42.89 16.67
CA ARG F 138 -40.47 -42.16 15.49
C ARG F 138 -41.37 -41.01 15.90
N ALA F 139 -41.34 -39.94 15.11
CA ALA F 139 -41.90 -38.66 15.53
C ALA F 139 -43.43 -38.72 15.58
N ASP F 140 -43.98 -38.47 16.78
CA ASP F 140 -45.43 -38.35 16.98
C ASP F 140 -46.17 -39.56 16.41
N ALA F 141 -45.57 -40.74 16.59
CA ALA F 141 -46.06 -41.97 15.98
C ALA F 141 -46.16 -43.08 17.00
N GLY F 142 -46.67 -42.76 18.19
CA GLY F 142 -46.73 -43.76 19.24
C GLY F 142 -47.93 -44.67 19.16
N GLU F 143 -48.53 -44.95 20.31
CA GLU F 143 -49.73 -45.77 20.41
C GLU F 143 -50.84 -44.96 21.04
N ILE F 144 -51.99 -44.93 20.36
CA ILE F 144 -53.09 -44.07 20.79
C ILE F 144 -53.64 -44.58 22.12
N VAL F 145 -54.02 -43.63 22.99
CA VAL F 145 -54.63 -43.96 24.27
C VAL F 145 -56.00 -43.29 24.37
N ALA F 146 -56.14 -42.12 23.76
CA ALA F 146 -57.38 -41.37 23.85
C ALA F 146 -57.49 -40.40 22.68
N SER F 147 -58.73 -40.12 22.27
CA SER F 147 -58.97 -39.21 21.15
C SER F 147 -60.38 -38.65 21.28
N GLN F 148 -60.48 -37.41 21.78
CA GLN F 148 -61.75 -36.67 21.76
C GLN F 148 -61.64 -35.65 20.64
N ARG F 149 -62.15 -36.03 19.46
CA ARG F 149 -61.98 -35.29 18.24
C ARG F 149 -62.86 -34.03 18.24
N VAL F 150 -62.54 -33.12 17.32
CA VAL F 150 -63.22 -31.84 17.18
C VAL F 150 -63.52 -31.59 15.71
N ALA F 151 -64.68 -31.00 15.44
CA ALA F 151 -65.12 -30.68 14.08
C ALA F 151 -64.78 -29.24 13.74
N ILE F 152 -64.48 -29.01 12.46
CA ILE F 152 -64.16 -27.68 11.94
C ILE F 152 -65.41 -27.13 11.28
N ALA F 153 -65.95 -26.05 11.84
CA ALA F 153 -67.15 -25.43 11.29
C ALA F 153 -66.81 -24.64 10.03
N GLN F 154 -67.84 -24.10 9.39
CA GLN F 154 -67.62 -23.29 8.19
C GLN F 154 -66.95 -21.97 8.51
N ASP F 155 -67.14 -21.45 9.73
CA ASP F 155 -66.55 -20.19 10.16
C ASP F 155 -65.22 -20.36 10.87
N ASP F 156 -64.85 -21.59 11.26
CA ASP F 156 -63.64 -21.81 12.03
C ASP F 156 -62.41 -21.37 11.26
N VAL F 157 -61.53 -20.62 11.94
CA VAL F 157 -60.30 -20.13 11.34
C VAL F 157 -59.13 -20.71 12.13
N ALA F 158 -57.94 -20.11 11.96
CA ALA F 158 -56.74 -20.62 12.62
C ALA F 158 -56.89 -20.56 14.14
N LEU F 159 -57.20 -19.37 14.66
CA LEU F 159 -57.25 -19.21 16.12
C LEU F 159 -58.47 -19.90 16.70
N THR F 160 -59.60 -19.87 15.99
CA THR F 160 -60.81 -20.51 16.48
C THR F 160 -60.60 -22.01 16.69
N LEU F 161 -59.98 -22.67 15.71
CA LEU F 161 -59.73 -24.09 15.88
C LEU F 161 -58.71 -24.34 16.97
N HIS F 162 -57.79 -23.40 17.21
CA HIS F 162 -56.85 -23.56 18.31
C HIS F 162 -57.57 -23.60 19.64
N HIS F 163 -58.46 -22.63 19.88
CA HIS F 163 -59.24 -22.62 21.12
C HIS F 163 -60.13 -23.85 21.21
N LYS F 164 -60.67 -24.31 20.08
CA LYS F 164 -61.53 -25.48 20.09
C LYS F 164 -60.71 -26.76 20.30
N LEU F 165 -59.51 -26.83 19.72
CA LEU F 165 -58.61 -27.93 20.02
C LEU F 165 -58.06 -27.84 21.44
N CYS F 166 -58.04 -26.65 22.02
CA CYS F 166 -57.59 -26.50 23.40
C CYS F 166 -58.65 -27.01 24.37
N GLN F 167 -59.93 -26.79 24.04
CA GLN F 167 -61.00 -27.43 24.81
C GLN F 167 -60.89 -28.94 24.75
N ALA F 168 -60.66 -29.49 23.55
CA ALA F 168 -60.58 -30.94 23.39
C ALA F 168 -59.49 -31.54 24.28
N ALA F 169 -58.33 -30.88 24.35
CA ALA F 169 -57.25 -31.36 25.19
C ALA F 169 -57.67 -31.37 26.65
N ARG F 170 -58.04 -30.20 27.17
CA ARG F 170 -58.45 -30.11 28.58
C ARG F 170 -59.64 -31.01 28.88
N GLN F 171 -60.48 -31.27 27.87
CA GLN F 171 -61.64 -32.14 28.08
C GLN F 171 -61.24 -33.60 28.11
N LEU F 172 -60.37 -34.03 27.20
CA LEU F 172 -59.91 -35.42 27.20
C LEU F 172 -59.03 -35.70 28.41
N LEU F 173 -58.14 -34.77 28.74
CA LEU F 173 -57.21 -34.95 29.85
C LEU F 173 -57.90 -35.01 31.21
N ASN F 174 -59.20 -34.76 31.27
CA ASN F 174 -59.93 -34.85 32.53
C ASN F 174 -60.54 -36.22 32.76
N SER F 175 -60.51 -37.12 31.76
CA SER F 175 -61.12 -38.44 31.88
C SER F 175 -60.09 -39.55 31.88
N ILE F 176 -59.24 -39.62 30.85
CA ILE F 176 -58.26 -40.70 30.76
C ILE F 176 -57.16 -40.52 31.81
N LEU F 177 -56.95 -39.31 32.31
CA LEU F 177 -55.87 -39.08 33.26
C LEU F 177 -56.09 -39.77 34.60
N PRO F 178 -57.26 -39.68 35.25
CA PRO F 178 -57.45 -40.42 36.51
C PRO F 178 -57.30 -41.92 36.36
N THR F 179 -57.51 -42.48 35.16
CA THR F 179 -57.24 -43.88 34.94
C THR F 179 -55.77 -44.14 34.64
N MET F 180 -55.07 -43.14 34.10
CA MET F 180 -53.61 -43.23 33.94
C MET F 180 -52.89 -43.16 35.28
N LYS F 181 -53.59 -42.89 36.37
CA LYS F 181 -52.96 -42.65 37.66
C LYS F 181 -52.47 -43.93 38.33
N CYS F 182 -52.94 -45.09 37.91
CA CYS F 182 -52.53 -46.32 38.57
C CYS F 182 -51.91 -47.29 37.57
N GLY F 183 -50.98 -46.79 36.76
CA GLY F 183 -50.14 -47.61 35.91
C GLY F 183 -50.80 -48.72 35.11
N ASP F 184 -51.37 -48.36 33.96
CA ASP F 184 -51.93 -49.34 33.03
C ASP F 184 -51.56 -48.94 31.60
N ILE F 185 -51.65 -49.91 30.69
CA ILE F 185 -51.17 -49.73 29.33
C ILE F 185 -52.25 -49.87 28.26
N PRO F 186 -53.47 -49.35 28.46
CA PRO F 186 -54.49 -49.54 27.42
C PRO F 186 -54.20 -48.70 26.17
N SER F 187 -53.15 -49.08 25.44
CA SER F 187 -52.78 -48.40 24.22
C SER F 187 -53.28 -49.17 23.01
N VAL F 188 -53.27 -48.50 21.86
CA VAL F 188 -53.64 -49.13 20.58
C VAL F 188 -52.65 -48.70 19.51
N PRO F 189 -52.05 -49.64 18.77
CA PRO F 189 -51.12 -49.26 17.69
C PRO F 189 -51.77 -48.44 16.59
N GLN F 190 -51.00 -48.10 15.57
CA GLN F 190 -51.44 -47.16 14.53
C GLN F 190 -51.32 -47.79 13.15
N ARG F 191 -52.29 -47.46 12.30
CA ARG F 191 -52.29 -47.83 10.89
C ARG F 191 -51.17 -47.06 10.21
N GLU F 192 -50.01 -47.70 10.01
CA GLU F 192 -48.87 -46.96 9.48
C GLU F 192 -48.96 -46.92 7.97
N SER F 193 -50.19 -46.94 7.46
CA SER F 193 -50.46 -46.42 6.13
C SER F 193 -51.28 -45.14 6.17
N ASP F 194 -52.08 -44.97 7.22
CA ASP F 194 -52.82 -43.72 7.47
C ASP F 194 -51.90 -42.75 8.22
N SER F 195 -50.94 -42.22 7.47
CA SER F 195 -49.90 -41.36 8.05
C SER F 195 -49.55 -40.24 7.08
N THR F 196 -49.42 -39.04 7.63
CA THR F 196 -48.99 -37.87 6.87
C THR F 196 -48.11 -37.03 7.78
N TYR F 197 -46.83 -36.89 7.44
CA TYR F 197 -45.88 -36.17 8.28
C TYR F 197 -45.58 -34.82 7.63
N TYR F 198 -46.56 -33.92 7.70
CA TYR F 198 -46.37 -32.58 7.14
C TYR F 198 -45.35 -31.81 7.98
N GLY F 199 -44.22 -31.47 7.35
CA GLY F 199 -43.18 -30.73 8.03
C GLY F 199 -43.56 -29.28 8.26
N ARG F 200 -42.61 -28.54 8.84
CA ARG F 200 -42.82 -27.13 9.10
C ARG F 200 -43.16 -26.39 7.82
N ARG F 201 -44.12 -25.47 7.91
CA ARG F 201 -44.48 -24.63 6.78
C ARG F 201 -43.65 -23.36 6.83
N ARG F 202 -43.12 -22.97 5.69
CA ARG F 202 -42.28 -21.79 5.59
C ARG F 202 -43.10 -20.63 5.05
N PRO F 203 -42.67 -19.39 5.30
CA PRO F 203 -43.53 -18.25 4.94
C PRO F 203 -43.73 -18.10 3.44
N GLU F 204 -42.94 -18.79 2.61
CA GLU F 204 -43.15 -18.75 1.16
C GLU F 204 -44.42 -19.62 0.73
N ASP F 205 -45.17 -20.11 1.72
CA ASP F 205 -46.38 -20.87 1.45
C ASP F 205 -47.66 -20.09 1.72
N GLY F 206 -47.63 -19.06 2.57
CA GLY F 206 -48.78 -18.20 2.73
C GLY F 206 -49.22 -17.45 1.50
N LEU F 207 -48.51 -17.61 0.38
CA LEU F 207 -48.86 -16.89 -0.84
C LEU F 207 -49.99 -17.60 -1.58
N ILE F 208 -50.86 -16.83 -2.20
CA ILE F 208 -52.09 -17.34 -2.81
C ILE F 208 -51.85 -17.66 -4.27
N ASP F 209 -52.39 -18.81 -4.70
CA ASP F 209 -52.41 -19.20 -6.10
C ASP F 209 -53.85 -19.06 -6.59
N TRP F 210 -54.12 -18.04 -7.39
CA TRP F 210 -55.47 -17.75 -7.84
C TRP F 210 -55.94 -18.67 -8.97
N HIS F 211 -55.10 -19.60 -9.42
CA HIS F 211 -55.51 -20.60 -10.41
C HIS F 211 -55.98 -21.90 -9.78
N LYS F 212 -56.34 -21.86 -8.50
CA LYS F 212 -56.95 -22.97 -7.80
C LYS F 212 -58.33 -22.53 -7.32
N PRO F 213 -59.24 -23.46 -7.04
CA PRO F 213 -60.63 -23.06 -6.76
C PRO F 213 -60.74 -22.17 -5.52
N VAL F 214 -61.90 -21.53 -5.40
CA VAL F 214 -62.19 -20.69 -4.23
C VAL F 214 -62.03 -21.47 -2.94
N SER F 215 -62.30 -22.79 -3.00
CA SER F 215 -62.12 -23.64 -1.82
C SER F 215 -60.70 -23.50 -1.26
N THR F 216 -59.71 -23.56 -2.14
CA THR F 216 -58.32 -23.61 -1.72
C THR F 216 -57.93 -22.36 -0.93
N VAL F 217 -58.25 -21.18 -1.46
CA VAL F 217 -57.67 -19.96 -0.92
C VAL F 217 -58.39 -19.50 0.35
N HIS F 218 -59.73 -19.59 0.37
CA HIS F 218 -60.44 -19.28 1.61
C HIS F 218 -59.96 -20.15 2.75
N ASN F 219 -59.69 -21.43 2.46
CA ASN F 219 -59.08 -22.29 3.46
C ASN F 219 -57.74 -21.73 3.92
N LEU F 220 -56.94 -21.22 2.98
CA LEU F 220 -55.63 -20.69 3.32
C LEU F 220 -55.75 -19.44 4.19
N VAL F 221 -56.64 -18.51 3.80
CA VAL F 221 -56.78 -17.26 4.54
C VAL F 221 -57.16 -17.53 5.98
N ARG F 222 -58.06 -18.48 6.22
CA ARG F 222 -58.42 -18.83 7.59
C ARG F 222 -57.27 -19.56 8.28
N ALA F 223 -56.55 -20.40 7.54
CA ALA F 223 -55.54 -21.27 8.13
C ALA F 223 -54.40 -20.50 8.78
N VAL F 224 -54.19 -19.25 8.37
CA VAL F 224 -53.08 -18.45 8.90
C VAL F 224 -53.56 -17.05 9.27
N ALA F 225 -54.86 -16.90 9.51
CA ALA F 225 -55.38 -15.63 9.99
C ALA F 225 -54.79 -15.30 11.36
N ALA F 226 -54.96 -14.05 11.77
CA ALA F 226 -54.38 -13.45 12.97
C ALA F 226 -54.43 -14.38 14.18
N PRO F 227 -53.39 -14.38 15.03
CA PRO F 227 -52.14 -13.63 14.92
C PRO F 227 -51.08 -14.36 14.11
N TRP F 228 -51.51 -15.20 13.17
CA TRP F 228 -50.60 -15.96 12.33
C TRP F 228 -50.18 -15.11 11.14
N PRO F 229 -49.14 -15.53 10.40
CA PRO F 229 -48.60 -14.67 9.33
C PRO F 229 -49.63 -14.15 8.33
N GLY F 230 -50.64 -14.94 7.99
CA GLY F 230 -51.66 -14.46 7.07
C GLY F 230 -51.31 -14.71 5.62
N ALA F 231 -52.32 -15.03 4.81
CA ALA F 231 -52.12 -15.19 3.38
C ALA F 231 -51.75 -13.84 2.76
N PHE F 232 -51.26 -13.89 1.53
CA PHE F 232 -50.83 -12.67 0.85
C PHE F 232 -50.63 -12.94 -0.64
N SER F 233 -50.53 -11.85 -1.40
CA SER F 233 -50.20 -11.90 -2.82
C SER F 233 -49.62 -10.53 -3.20
N TYR F 234 -49.49 -10.28 -4.50
CA TYR F 234 -48.79 -9.11 -5.01
C TYR F 234 -49.73 -8.25 -5.84
N ASN F 235 -49.79 -6.95 -5.52
CA ASN F 235 -50.47 -5.97 -6.35
C ASN F 235 -49.45 -5.40 -7.34
N GLY F 236 -49.14 -6.21 -8.34
CA GLY F 236 -48.01 -5.90 -9.18
C GLY F 236 -46.73 -6.20 -8.43
N SER F 237 -46.34 -5.32 -7.50
CA SER F 237 -45.10 -5.50 -6.77
C SER F 237 -45.18 -5.20 -5.29
N GLN F 238 -46.33 -4.79 -4.76
CA GLN F 238 -46.45 -4.50 -3.34
C GLN F 238 -47.14 -5.66 -2.62
N LYS F 239 -46.63 -5.99 -1.45
CA LYS F 239 -47.05 -7.16 -0.69
C LYS F 239 -48.25 -6.79 0.18
N PHE F 240 -49.40 -7.41 -0.08
CA PHE F 240 -50.61 -7.17 0.70
C PHE F 240 -51.13 -8.50 1.23
N THR F 241 -51.71 -8.45 2.44
CA THR F 241 -52.20 -9.64 3.12
C THR F 241 -53.71 -9.62 3.24
N ILE F 242 -54.29 -10.80 3.38
CA ILE F 242 -55.74 -10.97 3.46
C ILE F 242 -56.03 -11.63 4.81
N TRP F 243 -56.63 -10.87 5.73
CA TRP F 243 -56.85 -11.40 7.08
C TRP F 243 -58.16 -12.17 7.20
N SER F 244 -59.22 -11.69 6.57
CA SER F 244 -60.53 -12.34 6.63
C SER F 244 -61.17 -12.30 5.25
N SER F 245 -61.99 -13.30 4.97
CA SER F 245 -62.48 -13.49 3.61
C SER F 245 -63.82 -14.21 3.61
N ARG F 246 -64.41 -14.27 2.41
CA ARG F 246 -65.69 -14.96 2.18
C ARG F 246 -65.61 -15.57 0.79
N MET F 247 -65.43 -16.89 0.71
CA MET F 247 -65.45 -17.54 -0.59
C MET F 247 -66.80 -17.34 -1.27
N CYS F 248 -66.80 -16.67 -2.41
CA CYS F 248 -68.02 -16.15 -3.00
C CYS F 248 -68.35 -16.94 -4.26
N PRO F 249 -69.30 -17.88 -4.19
CA PRO F 249 -69.49 -18.81 -5.32
C PRO F 249 -70.01 -18.19 -6.59
N ASP F 250 -70.65 -17.02 -6.54
CA ASP F 250 -71.15 -16.42 -7.76
C ASP F 250 -70.02 -16.19 -8.78
N ALA F 251 -69.72 -17.23 -9.56
CA ALA F 251 -68.58 -17.20 -10.46
C ALA F 251 -68.66 -16.02 -11.43
N GLN F 252 -68.54 -14.80 -10.91
CA GLN F 252 -68.66 -13.64 -11.78
C GLN F 252 -67.49 -13.60 -12.76
N GLY F 253 -67.82 -13.54 -14.04
CA GLY F 253 -66.91 -13.87 -15.10
C GLY F 253 -65.70 -13.00 -15.32
N ALA F 254 -64.55 -13.44 -14.81
CA ALA F 254 -63.29 -12.77 -15.08
C ALA F 254 -62.20 -13.83 -15.07
N LEU F 255 -61.00 -13.38 -15.41
CA LEU F 255 -59.86 -14.25 -15.32
C LEU F 255 -59.60 -14.59 -13.86
N PRO F 256 -59.27 -15.85 -13.53
CA PRO F 256 -58.86 -16.15 -12.15
C PRO F 256 -57.71 -15.26 -11.72
N GLY F 257 -57.97 -14.40 -10.74
CA GLY F 257 -57.01 -13.39 -10.31
C GLY F 257 -57.42 -11.98 -10.62
N SER F 258 -58.51 -11.78 -11.36
CA SER F 258 -58.95 -10.44 -11.72
C SER F 258 -59.80 -9.84 -10.61
N VAL F 259 -59.65 -8.54 -10.40
CA VAL F 259 -60.48 -7.80 -9.45
C VAL F 259 -61.87 -7.61 -10.04
N ILE F 260 -62.89 -7.84 -9.22
CA ILE F 260 -64.28 -7.76 -9.67
C ILE F 260 -64.91 -6.42 -9.31
N SER F 261 -64.65 -5.92 -8.11
CA SER F 261 -65.09 -4.58 -7.71
C SER F 261 -64.29 -4.17 -6.48
N VAL F 262 -64.61 -2.99 -5.95
CA VAL F 262 -63.89 -2.40 -4.83
C VAL F 262 -64.62 -2.61 -3.51
N SER F 263 -65.91 -2.30 -3.47
CA SER F 263 -66.72 -2.46 -2.28
C SER F 263 -68.00 -3.21 -2.64
N PRO F 264 -68.04 -4.54 -2.42
CA PRO F 264 -66.98 -5.42 -1.88
C PRO F 264 -65.80 -5.61 -2.82
N LEU F 265 -64.61 -5.84 -2.26
CA LEU F 265 -63.44 -6.21 -3.05
C LEU F 265 -63.48 -7.71 -3.34
N ARG F 266 -63.59 -8.06 -4.62
CA ARG F 266 -63.71 -9.44 -5.05
C ARG F 266 -62.65 -9.75 -6.10
N VAL F 267 -62.07 -10.95 -6.01
CA VAL F 267 -61.08 -11.41 -6.96
C VAL F 267 -61.42 -12.85 -7.35
N ALA F 268 -61.34 -13.13 -8.65
CA ALA F 268 -61.88 -14.37 -9.19
C ALA F 268 -60.93 -15.54 -9.02
N CYS F 269 -61.50 -16.71 -8.75
CA CYS F 269 -60.78 -17.96 -8.73
C CYS F 269 -61.35 -18.88 -9.81
N ALA F 270 -60.96 -20.15 -9.77
CA ALA F 270 -61.39 -21.09 -10.80
C ALA F 270 -62.90 -21.34 -10.73
N ASP F 271 -63.46 -21.40 -9.53
CA ASP F 271 -64.88 -21.69 -9.33
C ASP F 271 -65.50 -20.59 -8.46
N GLY F 272 -65.63 -19.40 -9.02
CA GLY F 272 -66.18 -18.30 -8.27
C GLY F 272 -65.19 -17.19 -8.03
N ALA F 273 -65.25 -16.60 -6.83
CA ALA F 273 -64.35 -15.51 -6.49
C ALA F 273 -64.15 -15.47 -4.99
N LEU F 274 -63.03 -14.88 -4.57
CA LEU F 274 -62.76 -14.62 -3.17
C LEU F 274 -63.15 -13.18 -2.85
N GLU F 275 -63.73 -12.98 -1.68
CA GLU F 275 -64.19 -11.66 -1.26
C GLU F 275 -63.35 -11.19 -0.08
N ILE F 276 -62.82 -9.97 -0.19
CA ILE F 276 -61.89 -9.45 0.81
C ILE F 276 -62.68 -8.67 1.85
N ILE F 277 -62.80 -9.24 3.05
CA ILE F 277 -63.45 -8.54 4.14
C ILE F 277 -62.50 -7.50 4.75
N THR F 278 -61.32 -7.93 5.18
CA THR F 278 -60.34 -7.04 5.78
C THR F 278 -58.95 -7.40 5.25
N GLY F 279 -57.97 -6.59 5.62
CA GLY F 279 -56.61 -6.81 5.17
C GLY F 279 -55.76 -5.57 5.39
N GLN F 280 -54.51 -5.67 4.97
CA GLN F 280 -53.56 -4.59 5.10
C GLN F 280 -52.54 -4.67 3.96
N ALA F 281 -52.17 -3.50 3.44
CA ALA F 281 -51.21 -3.39 2.34
C ALA F 281 -49.86 -2.95 2.90
N GLY F 282 -48.83 -3.76 2.70
CA GLY F 282 -47.58 -3.48 3.38
C GLY F 282 -47.74 -3.77 4.86
N ASP F 283 -47.22 -2.87 5.69
CA ASP F 283 -47.36 -3.05 7.14
C ASP F 283 -48.19 -1.94 7.75
N ASP F 284 -48.71 -1.01 6.95
CA ASP F 284 -49.66 -0.08 7.54
C ASP F 284 -50.90 -0.86 7.99
N ILE F 285 -51.62 -0.27 8.94
CA ILE F 285 -52.62 -0.98 9.73
C ILE F 285 -53.67 -1.71 8.89
N THR F 286 -54.34 -2.67 9.50
CA THR F 286 -55.36 -3.48 8.84
C THR F 286 -56.64 -2.66 8.69
N VAL F 287 -57.29 -2.79 7.52
CA VAL F 287 -58.46 -1.98 7.19
C VAL F 287 -59.56 -2.83 6.58
N GLN F 288 -60.63 -2.18 6.12
CA GLN F 288 -61.65 -2.84 5.33
C GLN F 288 -61.10 -3.25 3.97
N GLY F 289 -61.72 -4.27 3.36
CA GLY F 289 -61.33 -4.67 2.02
C GLY F 289 -61.45 -3.55 1.00
N SER F 290 -62.42 -2.65 1.19
CA SER F 290 -62.55 -1.51 0.30
C SER F 290 -61.37 -0.55 0.47
N GLN F 291 -61.07 -0.18 1.71
CA GLN F 291 -59.93 0.70 1.97
C GLN F 291 -58.62 0.05 1.52
N LEU F 292 -58.53 -1.28 1.59
CA LEU F 292 -57.33 -1.95 1.12
C LEU F 292 -57.14 -1.74 -0.38
N ALA F 293 -58.22 -1.89 -1.15
CA ALA F 293 -58.15 -1.71 -2.59
C ALA F 293 -58.00 -0.26 -2.98
N GLN F 294 -58.20 0.69 -2.06
CA GLN F 294 -57.92 2.09 -2.35
C GLN F 294 -56.47 2.46 -2.03
N THR F 295 -56.01 2.12 -0.82
CA THR F 295 -54.59 2.28 -0.51
C THR F 295 -53.73 1.62 -1.57
N LEU F 296 -54.21 0.52 -2.14
CA LEU F 296 -53.59 -0.07 -3.31
C LEU F 296 -54.02 0.60 -4.60
N GLY F 297 -55.26 1.09 -4.67
CA GLY F 297 -55.76 1.74 -5.87
C GLY F 297 -56.10 0.75 -6.97
N LEU F 298 -57.20 0.02 -6.81
CA LEU F 298 -57.56 -1.07 -7.71
C LEU F 298 -58.83 -0.78 -8.49
N VAL F 299 -58.86 -1.28 -9.72
CA VAL F 299 -60.07 -1.44 -10.54
C VAL F 299 -59.90 -2.84 -11.12
N ALA F 300 -60.79 -3.26 -12.03
CA ALA F 300 -60.67 -4.56 -12.68
C ALA F 300 -59.29 -4.77 -13.28
N GLY F 301 -58.35 -5.28 -12.48
CA GLY F 301 -57.01 -5.64 -12.92
C GLY F 301 -56.64 -7.02 -12.43
N ALA F 302 -55.40 -7.44 -12.64
CA ALA F 302 -54.98 -8.79 -12.30
C ALA F 302 -53.90 -8.77 -11.25
N ARG F 303 -53.99 -9.70 -10.29
CA ARG F 303 -52.99 -9.87 -9.25
C ARG F 303 -51.74 -10.48 -9.86
N LEU F 304 -50.65 -9.70 -9.86
CA LEU F 304 -49.38 -10.02 -10.53
C LEU F 304 -49.48 -9.77 -12.02
N ARG F 314 -31.88 -12.60 -17.33
CA ARG F 314 -30.46 -12.67 -16.95
C ARG F 314 -30.09 -14.07 -16.45
N ARG F 315 -28.93 -14.55 -16.89
CA ARG F 315 -28.41 -15.83 -16.45
C ARG F 315 -27.39 -15.64 -15.32
N ILE F 316 -27.00 -16.76 -14.72
CA ILE F 316 -26.20 -16.74 -13.50
C ILE F 316 -24.73 -16.65 -13.87
N ARG F 317 -24.02 -15.75 -13.19
CA ARG F 317 -22.59 -15.56 -13.41
C ARG F 317 -21.81 -16.47 -12.49
N VAL F 318 -21.10 -17.44 -13.06
CA VAL F 318 -20.27 -18.36 -12.30
C VAL F 318 -18.81 -18.01 -12.55
N LEU F 319 -18.08 -17.68 -11.48
CA LEU F 319 -16.67 -17.35 -11.58
C LEU F 319 -15.88 -18.56 -11.10
N ILE F 320 -14.97 -19.04 -11.94
CA ILE F 320 -14.22 -20.27 -11.65
C ILE F 320 -12.73 -19.92 -11.71
N LEU F 321 -12.12 -19.74 -10.54
CA LEU F 321 -10.67 -19.63 -10.40
C LEU F 321 -10.05 -21.02 -10.49
N GLY F 322 -9.19 -21.21 -11.49
CA GLY F 322 -8.69 -22.54 -11.79
C GLY F 322 -9.53 -23.26 -12.83
N VAL F 323 -10.08 -22.52 -13.79
CA VAL F 323 -10.99 -23.11 -14.76
C VAL F 323 -10.29 -24.18 -15.59
N ASN F 324 -9.02 -23.94 -15.92
CA ASN F 324 -8.22 -24.90 -16.67
C ASN F 324 -7.55 -25.83 -15.67
N GLY F 325 -8.22 -26.93 -15.37
CA GLY F 325 -7.67 -27.87 -14.42
C GLY F 325 -8.58 -29.05 -14.23
N PHE F 326 -8.36 -29.74 -13.11
CA PHE F 326 -9.01 -30.98 -12.77
C PHE F 326 -10.52 -30.86 -12.76
N ILE F 327 -11.10 -30.13 -11.80
CA ILE F 327 -12.55 -29.95 -11.81
C ILE F 327 -12.99 -29.07 -12.98
N GLY F 328 -12.47 -27.85 -13.03
CA GLY F 328 -12.91 -26.80 -13.95
C GLY F 328 -13.32 -27.21 -15.34
N ASN F 329 -12.44 -27.93 -16.05
CA ASN F 329 -12.72 -28.33 -17.42
C ASN F 329 -14.03 -29.12 -17.53
N HIS F 330 -14.33 -29.93 -16.52
CA HIS F 330 -15.56 -30.72 -16.55
C HIS F 330 -16.76 -29.91 -16.06
N LEU F 331 -16.57 -29.07 -15.05
CA LEU F 331 -17.66 -28.23 -14.56
C LEU F 331 -18.06 -27.20 -15.59
N THR F 332 -17.08 -26.54 -16.21
CA THR F 332 -17.37 -25.57 -17.25
C THR F 332 -18.22 -26.20 -18.35
N GLU F 333 -17.96 -27.47 -18.68
CA GLU F 333 -18.77 -28.13 -19.70
C GLU F 333 -20.20 -28.36 -19.22
N ARG F 334 -20.37 -28.76 -17.96
CA ARG F 334 -21.71 -29.01 -17.45
C ARG F 334 -22.53 -27.73 -17.34
N LEU F 335 -21.96 -26.70 -16.70
CA LEU F 335 -22.65 -25.42 -16.59
C LEU F 335 -22.89 -24.79 -17.96
N LEU F 336 -21.99 -25.05 -18.91
CA LEU F 336 -22.14 -24.47 -20.25
C LEU F 336 -23.31 -25.13 -20.99
N ASN F 337 -23.43 -26.45 -20.88
CA ASN F 337 -24.49 -27.18 -21.57
C ASN F 337 -25.87 -26.74 -21.09
N GLU F 338 -25.98 -26.34 -19.83
CA GLU F 338 -27.22 -25.76 -19.34
C GLU F 338 -27.47 -24.41 -20.03
N GLU F 339 -28.75 -24.07 -20.19
CA GLU F 339 -29.09 -22.92 -21.02
C GLU F 339 -28.67 -21.61 -20.37
N ASN F 340 -28.74 -21.52 -19.03
CA ASN F 340 -28.74 -20.24 -18.36
C ASN F 340 -27.54 -20.02 -17.46
N TYR F 341 -26.32 -20.25 -17.95
CA TYR F 341 -25.14 -20.05 -17.15
C TYR F 341 -24.06 -19.34 -17.97
N GLU F 342 -23.60 -18.21 -17.45
CA GLU F 342 -22.53 -17.42 -18.03
C GLU F 342 -21.30 -17.61 -17.15
N VAL F 343 -20.37 -18.45 -17.59
CA VAL F 343 -19.21 -18.83 -16.79
C VAL F 343 -18.03 -17.95 -17.16
N TYR F 344 -17.45 -17.31 -16.15
CA TYR F 344 -16.20 -16.57 -16.28
C TYR F 344 -15.08 -17.40 -15.66
N GLY F 345 -14.09 -17.77 -16.47
CA GLY F 345 -13.03 -18.62 -15.98
C GLY F 345 -11.66 -17.99 -15.96
N MET F 346 -11.10 -17.81 -14.76
CA MET F 346 -9.77 -17.24 -14.60
C MET F 346 -8.74 -18.36 -14.46
N ASP F 347 -7.60 -18.19 -15.13
CA ASP F 347 -6.51 -19.15 -15.05
C ASP F 347 -5.27 -18.55 -15.70
N ILE F 348 -4.14 -19.19 -15.48
CA ILE F 348 -2.88 -18.77 -16.09
C ILE F 348 -2.85 -19.16 -17.57
N GLY F 349 -3.48 -20.28 -17.93
CA GLY F 349 -3.49 -20.74 -19.30
C GLY F 349 -4.77 -21.49 -19.63
N SER F 350 -4.96 -21.75 -20.92
CA SER F 350 -6.17 -22.40 -21.42
C SER F 350 -5.85 -23.72 -22.12
N ASN F 351 -4.67 -24.27 -21.90
CA ASN F 351 -4.15 -25.38 -22.71
C ASN F 351 -4.95 -26.67 -22.57
N ALA F 352 -6.01 -26.66 -21.75
CA ALA F 352 -6.90 -27.82 -21.67
C ALA F 352 -8.37 -27.47 -21.72
N ILE F 353 -8.75 -26.20 -21.67
CA ILE F 353 -10.14 -25.80 -21.90
C ILE F 353 -10.25 -25.17 -23.28
N SER F 354 -9.32 -25.52 -24.17
CA SER F 354 -9.28 -24.91 -25.50
C SER F 354 -10.58 -25.10 -26.25
N ARG F 355 -11.35 -26.12 -25.92
CA ARG F 355 -12.60 -26.43 -26.62
C ARG F 355 -13.73 -25.44 -26.31
N PHE F 356 -13.57 -24.57 -25.32
CA PHE F 356 -14.61 -23.64 -24.93
C PHE F 356 -14.26 -22.17 -25.14
N LEU F 357 -13.09 -21.86 -25.72
CA LEU F 357 -12.66 -20.47 -25.79
C LEU F 357 -13.65 -19.59 -26.55
N LEU F 358 -14.01 -20.00 -27.76
CA LEU F 358 -14.92 -19.20 -28.57
C LEU F 358 -16.38 -19.51 -28.28
N HIS F 359 -16.66 -20.31 -27.25
CA HIS F 359 -18.04 -20.57 -26.87
C HIS F 359 -18.70 -19.27 -26.42
N PRO F 360 -19.92 -18.97 -26.89
CA PRO F 360 -20.55 -17.69 -26.51
C PRO F 360 -20.82 -17.55 -25.02
N ARG F 361 -21.09 -18.65 -24.33
CA ARG F 361 -21.44 -18.64 -22.92
C ARG F 361 -20.23 -18.77 -21.99
N PHE F 362 -19.02 -18.60 -22.51
CA PHE F 362 -17.79 -18.75 -21.74
C PHE F 362 -16.87 -17.58 -22.03
N HIS F 363 -16.40 -16.92 -20.99
CA HIS F 363 -15.40 -15.87 -21.11
C HIS F 363 -14.18 -16.24 -20.26
N PHE F 364 -13.06 -16.48 -20.92
CA PHE F 364 -11.80 -16.73 -20.24
C PHE F 364 -11.17 -15.40 -19.83
N VAL F 365 -10.49 -15.41 -18.69
CA VAL F 365 -9.76 -14.23 -18.23
C VAL F 365 -8.41 -14.69 -17.68
N GLU F 366 -7.36 -13.92 -18.00
CA GLU F 366 -6.02 -14.23 -17.53
C GLU F 366 -5.89 -13.89 -16.05
N GLY F 367 -5.23 -14.77 -15.30
CA GLY F 367 -5.06 -14.48 -13.89
C GLY F 367 -4.32 -15.51 -13.06
N ASP F 368 -3.49 -15.03 -12.14
CA ASP F 368 -2.86 -15.85 -11.11
C ASP F 368 -3.24 -15.25 -9.76
N ILE F 369 -3.95 -16.03 -8.95
CA ILE F 369 -4.56 -15.51 -7.73
C ILE F 369 -3.55 -15.02 -6.71
N SER F 370 -2.27 -15.31 -6.92
CA SER F 370 -1.23 -14.83 -6.02
C SER F 370 -0.75 -13.42 -6.34
N ILE F 371 -0.95 -12.95 -7.57
CA ILE F 371 -0.48 -11.63 -7.96
C ILE F 371 -1.66 -10.65 -8.01
N HIS F 372 -2.61 -10.91 -8.91
CA HIS F 372 -3.76 -10.02 -9.08
C HIS F 372 -4.49 -9.80 -7.77
N SER F 373 -4.62 -8.53 -7.38
CA SER F 373 -5.42 -8.15 -6.24
C SER F 373 -6.69 -7.41 -6.62
N GLU F 374 -6.67 -6.65 -7.72
CA GLU F 374 -7.82 -5.87 -8.14
C GLU F 374 -8.66 -6.60 -9.20
N TRP F 375 -8.01 -7.31 -10.13
CA TRP F 375 -8.75 -7.99 -11.18
C TRP F 375 -9.64 -9.08 -10.61
N ILE F 376 -9.14 -9.83 -9.62
CA ILE F 376 -9.95 -10.88 -9.00
C ILE F 376 -11.09 -10.27 -8.20
N GLU F 377 -10.81 -9.19 -7.46
CA GLU F 377 -11.85 -8.52 -6.69
C GLU F 377 -12.96 -8.00 -7.60
N TYR F 378 -12.58 -7.31 -8.67
CA TYR F 378 -13.55 -6.86 -9.67
C TYR F 378 -14.41 -8.01 -10.17
N HIS F 379 -13.77 -9.12 -10.54
CA HIS F 379 -14.52 -10.22 -11.13
C HIS F 379 -15.47 -10.85 -10.12
N VAL F 380 -15.05 -10.96 -8.85
CA VAL F 380 -15.93 -11.52 -7.84
C VAL F 380 -17.15 -10.65 -7.65
N LYS F 381 -16.97 -9.32 -7.71
CA LYS F 381 -18.11 -8.41 -7.68
C LYS F 381 -19.03 -8.66 -8.86
N LYS F 382 -18.47 -8.80 -10.07
CA LYS F 382 -19.27 -8.93 -11.28
C LYS F 382 -20.08 -10.22 -11.32
N CYS F 383 -19.73 -11.21 -10.51
CA CYS F 383 -20.33 -12.54 -10.60
C CYS F 383 -21.20 -12.83 -9.38
N ASP F 384 -21.85 -14.00 -9.43
CA ASP F 384 -22.82 -14.42 -8.43
C ASP F 384 -22.29 -15.53 -7.53
N VAL F 385 -21.72 -16.58 -8.11
CA VAL F 385 -21.12 -17.67 -7.35
C VAL F 385 -19.65 -17.78 -7.75
N VAL F 386 -18.80 -17.99 -6.75
CA VAL F 386 -17.35 -18.09 -6.94
C VAL F 386 -16.92 -19.50 -6.55
N LEU F 387 -16.08 -20.11 -7.40
CA LEU F 387 -15.53 -21.44 -7.13
C LEU F 387 -14.01 -21.35 -7.23
N PRO F 388 -13.35 -20.89 -6.16
CA PRO F 388 -11.89 -20.82 -6.18
C PRO F 388 -11.25 -22.19 -6.13
N LEU F 389 -11.26 -22.89 -7.26
CA LEU F 389 -10.66 -24.22 -7.35
C LEU F 389 -9.14 -24.18 -7.43
N VAL F 390 -8.54 -23.00 -7.30
CA VAL F 390 -7.09 -22.90 -7.26
C VAL F 390 -6.58 -23.51 -5.97
N ALA F 391 -5.77 -24.56 -6.10
CA ALA F 391 -5.15 -25.21 -4.94
C ALA F 391 -4.09 -26.19 -5.41
N ILE F 392 -2.90 -26.15 -4.81
CA ILE F 392 -1.87 -27.16 -5.07
C ILE F 392 -2.06 -28.30 -4.06
N ALA F 393 -2.44 -29.47 -4.56
CA ALA F 393 -2.91 -30.54 -3.69
C ALA F 393 -2.26 -31.87 -4.05
N THR F 394 -0.94 -31.92 -4.00
CA THR F 394 -0.21 -33.14 -4.29
C THR F 394 0.52 -33.63 -3.04
N PRO F 395 0.37 -34.91 -2.69
CA PRO F 395 0.98 -35.41 -1.44
C PRO F 395 2.47 -35.12 -1.31
N ILE F 396 3.20 -35.15 -2.42
CA ILE F 396 4.65 -34.93 -2.33
C ILE F 396 4.95 -33.46 -2.07
N GLU F 397 4.12 -32.54 -2.60
CA GLU F 397 4.39 -31.12 -2.44
C GLU F 397 4.26 -30.65 -1.01
N TYR F 398 3.54 -31.40 -0.16
CA TYR F 398 3.35 -30.97 1.22
C TYR F 398 4.66 -30.99 2.00
N THR F 399 5.42 -32.08 1.87
CA THR F 399 6.72 -32.15 2.53
C THR F 399 7.81 -31.46 1.73
N ARG F 400 7.69 -31.45 0.41
CA ARG F 400 8.67 -30.80 -0.46
C ARG F 400 8.71 -29.29 -0.24
N ASN F 401 7.62 -28.60 -0.57
CA ASN F 401 7.50 -27.15 -0.45
C ASN F 401 6.27 -26.85 0.40
N PRO F 402 6.40 -26.94 1.73
CA PRO F 402 5.23 -26.67 2.58
C PRO F 402 4.81 -25.21 2.57
N LEU F 403 5.76 -24.29 2.59
CA LEU F 403 5.42 -22.87 2.69
C LEU F 403 4.66 -22.41 1.45
N ARG F 404 5.00 -22.95 0.27
CA ARG F 404 4.27 -22.59 -0.93
C ARG F 404 2.86 -23.19 -0.92
N VAL F 405 2.71 -24.39 -0.37
CA VAL F 405 1.40 -25.01 -0.28
C VAL F 405 0.47 -24.16 0.57
N PHE F 406 0.94 -23.74 1.74
CA PHE F 406 0.12 -22.92 2.63
C PHE F 406 -0.20 -21.58 2.01
N GLU F 407 0.80 -20.92 1.43
CA GLU F 407 0.59 -19.58 0.87
C GLU F 407 -0.46 -19.58 -0.23
N LEU F 408 -0.50 -20.65 -1.02
CA LEU F 408 -1.48 -20.72 -2.11
C LEU F 408 -2.80 -21.31 -1.64
N ASP F 409 -2.76 -22.46 -0.97
CA ASP F 409 -4.00 -23.10 -0.52
C ASP F 409 -4.73 -22.28 0.53
N PHE F 410 -4.00 -21.58 1.40
CA PHE F 410 -4.65 -20.86 2.49
C PHE F 410 -4.73 -19.36 2.22
N GLU F 411 -3.59 -18.67 2.26
CA GLU F 411 -3.59 -17.20 2.28
C GLU F 411 -4.32 -16.63 1.06
N GLU F 412 -3.87 -17.00 -0.14
CA GLU F 412 -4.46 -16.41 -1.34
C GLU F 412 -5.93 -16.79 -1.47
N ASN F 413 -6.28 -18.04 -1.17
CA ASN F 413 -7.67 -18.45 -1.23
C ASN F 413 -8.51 -17.74 -0.18
N LEU F 414 -7.93 -17.48 0.99
CA LEU F 414 -8.63 -16.71 2.01
C LEU F 414 -8.94 -15.29 1.52
N ARG F 415 -7.98 -14.68 0.82
CA ARG F 415 -8.20 -13.38 0.21
C ARG F 415 -9.44 -13.39 -0.69
N ILE F 416 -9.55 -14.41 -1.54
CA ILE F 416 -10.70 -14.51 -2.44
C ILE F 416 -11.99 -14.64 -1.64
N ILE F 417 -11.93 -15.32 -0.50
CA ILE F 417 -13.14 -15.51 0.29
C ILE F 417 -13.53 -14.22 1.01
N ARG F 418 -12.53 -13.44 1.44
CA ARG F 418 -12.84 -12.10 1.97
C ARG F 418 -13.39 -11.21 0.87
N TYR F 419 -12.91 -11.38 -0.37
CA TYR F 419 -13.51 -10.68 -1.50
C TYR F 419 -14.98 -10.99 -1.63
N CYS F 420 -15.39 -12.19 -1.21
CA CYS F 420 -16.78 -12.60 -1.37
C CYS F 420 -17.63 -12.10 -0.22
N VAL F 421 -17.10 -12.10 1.00
CA VAL F 421 -17.87 -11.56 2.12
C VAL F 421 -18.09 -10.07 1.96
N LYS F 422 -17.10 -9.38 1.38
CA LYS F 422 -17.23 -7.93 1.18
C LYS F 422 -18.34 -7.62 0.17
N TYR F 423 -18.40 -8.38 -0.91
CA TYR F 423 -19.38 -8.15 -1.97
C TYR F 423 -20.56 -9.09 -1.88
N ARG F 424 -20.69 -9.82 -0.77
CA ARG F 424 -21.85 -10.66 -0.46
C ARG F 424 -22.22 -11.57 -1.64
N LYS F 425 -21.31 -12.51 -1.89
CA LYS F 425 -21.50 -13.49 -2.96
C LYS F 425 -21.37 -14.89 -2.37
N ARG F 426 -21.91 -15.86 -3.11
CA ARG F 426 -21.91 -17.25 -2.67
C ARG F 426 -20.65 -17.95 -3.14
N VAL F 427 -19.98 -18.64 -2.22
CA VAL F 427 -18.83 -19.47 -2.56
C VAL F 427 -19.20 -20.92 -2.39
N VAL F 428 -19.01 -21.71 -3.44
CA VAL F 428 -19.01 -23.16 -3.33
C VAL F 428 -17.53 -23.54 -3.31
N PHE F 429 -16.94 -23.51 -2.11
CA PHE F 429 -15.51 -23.67 -1.87
C PHE F 429 -15.15 -25.14 -1.70
N PRO F 430 -14.01 -25.56 -2.25
CA PRO F 430 -13.59 -26.95 -2.12
C PRO F 430 -12.75 -27.23 -0.88
N SER F 431 -13.34 -27.87 0.11
CA SER F 431 -12.55 -28.49 1.17
C SER F 431 -11.92 -29.76 0.60
N THR F 432 -11.45 -30.66 1.46
CA THR F 432 -10.80 -31.86 0.97
C THR F 432 -11.10 -33.02 1.90
N SER F 433 -10.94 -34.24 1.37
CA SER F 433 -11.10 -35.42 2.20
C SER F 433 -10.04 -35.47 3.28
N GLU F 434 -8.86 -34.92 3.01
CA GLU F 434 -7.77 -34.92 3.96
C GLU F 434 -8.06 -34.06 5.19
N VAL F 435 -9.08 -33.20 5.13
CA VAL F 435 -9.42 -32.36 6.28
C VAL F 435 -9.74 -33.22 7.49
N TYR F 436 -10.31 -34.42 7.26
CA TYR F 436 -10.49 -35.37 8.34
C TYR F 436 -9.15 -35.95 8.78
N GLY F 437 -8.24 -36.14 7.85
CA GLY F 437 -6.98 -36.77 8.18
C GLY F 437 -7.21 -38.23 8.53
N MET F 438 -6.70 -38.63 9.69
CA MET F 438 -6.73 -40.03 10.11
C MET F 438 -7.93 -40.27 11.04
N CYS F 439 -9.12 -40.14 10.47
CA CYS F 439 -10.35 -40.36 11.23
C CYS F 439 -10.63 -41.84 11.35
N THR F 440 -11.06 -42.25 12.55
CA THR F 440 -11.34 -43.66 12.80
C THR F 440 -12.70 -44.09 12.27
N ASP F 441 -13.66 -43.17 12.19
CA ASP F 441 -15.02 -43.49 11.79
C ASP F 441 -15.03 -44.27 10.49
N ALA F 442 -15.90 -45.30 10.43
CA ALA F 442 -16.02 -46.11 9.23
C ALA F 442 -16.26 -45.24 8.00
N SER F 443 -17.36 -44.49 8.01
CA SER F 443 -17.62 -43.46 7.01
C SER F 443 -17.46 -42.09 7.66
N PHE F 444 -16.74 -41.21 6.99
CA PHE F 444 -16.37 -39.91 7.55
C PHE F 444 -17.58 -38.99 7.47
N ASP F 445 -18.06 -38.52 8.62
CA ASP F 445 -19.25 -37.67 8.69
C ASP F 445 -18.82 -36.21 8.80
N GLU F 446 -19.37 -35.37 7.92
CA GLU F 446 -18.96 -33.97 7.86
C GLU F 446 -19.31 -33.23 9.14
N ASP F 447 -20.43 -33.58 9.77
CA ASP F 447 -20.90 -32.88 10.95
C ASP F 447 -20.52 -33.57 12.26
N LYS F 448 -19.92 -34.75 12.21
CA LYS F 448 -19.60 -35.48 13.43
C LYS F 448 -18.17 -35.99 13.49
N SER F 449 -17.63 -36.50 12.38
CA SER F 449 -16.34 -37.16 12.40
C SER F 449 -15.25 -36.21 12.86
N ASN F 450 -14.37 -36.72 13.73
CA ASN F 450 -13.28 -35.93 14.27
C ASN F 450 -12.20 -35.72 13.22
N LEU F 451 -11.23 -34.87 13.55
CA LEU F 451 -10.14 -34.50 12.65
C LEU F 451 -8.82 -34.79 13.35
N ILE F 452 -8.09 -35.79 12.86
CA ILE F 452 -6.86 -36.26 13.48
C ILE F 452 -5.71 -36.10 12.49
N VAL F 453 -4.64 -35.45 12.94
CA VAL F 453 -3.43 -35.30 12.14
C VAL F 453 -2.24 -35.63 13.01
N GLY F 454 -1.14 -36.04 12.37
CA GLY F 454 0.10 -36.30 13.06
C GLY F 454 0.71 -35.02 13.57
N PRO F 455 1.77 -35.12 14.36
CA PRO F 455 2.40 -33.92 14.94
C PRO F 455 3.03 -33.02 13.89
N VAL F 456 3.56 -31.87 14.32
CA VAL F 456 4.07 -30.87 13.39
C VAL F 456 5.24 -31.42 12.60
N ASN F 457 6.01 -32.35 13.19
CA ASN F 457 7.13 -32.96 12.49
C ASN F 457 6.60 -34.03 11.55
N LYS F 458 5.46 -33.72 10.92
CA LYS F 458 4.89 -34.52 9.83
C LYS F 458 4.28 -33.54 8.82
N PRO F 459 5.14 -32.80 8.09
CA PRO F 459 4.65 -31.69 7.26
C PRO F 459 3.67 -32.11 6.18
N ARG F 460 3.40 -33.41 6.05
CA ARG F 460 2.31 -33.87 5.20
C ARG F 460 1.00 -33.18 5.54
N TRP F 461 0.82 -32.82 6.81
CA TRP F 461 -0.43 -32.23 7.27
C TRP F 461 -0.49 -30.72 7.10
N ILE F 462 0.60 -30.09 6.64
CA ILE F 462 0.57 -28.66 6.34
C ILE F 462 -0.60 -28.33 5.43
N TYR F 463 -1.01 -29.28 4.60
CA TYR F 463 -2.14 -29.10 3.70
C TYR F 463 -3.46 -29.24 4.45
N SER F 464 -3.64 -30.36 5.15
CA SER F 464 -4.91 -30.65 5.80
C SER F 464 -5.29 -29.58 6.80
N VAL F 465 -4.36 -29.23 7.70
CA VAL F 465 -4.62 -28.21 8.70
C VAL F 465 -5.00 -26.89 8.04
N SER F 466 -4.35 -26.57 6.92
CA SER F 466 -4.63 -25.32 6.23
C SER F 466 -6.03 -25.31 5.64
N LYS F 467 -6.38 -26.35 4.87
CA LYS F 467 -7.72 -26.44 4.32
C LYS F 467 -8.77 -26.51 5.42
N GLN F 468 -8.38 -26.96 6.62
CA GLN F 468 -9.31 -27.02 7.74
C GLN F 468 -9.51 -25.65 8.38
N LEU F 469 -8.41 -24.96 8.68
CA LEU F 469 -8.52 -23.63 9.29
C LEU F 469 -9.35 -22.71 8.41
N LEU F 470 -9.05 -22.70 7.11
CA LEU F 470 -9.81 -21.88 6.18
C LEU F 470 -11.27 -22.31 6.15
N ASP F 471 -11.53 -23.62 6.24
CA ASP F 471 -12.89 -24.11 6.39
C ASP F 471 -13.59 -23.42 7.54
N ARG F 472 -12.94 -23.39 8.71
CA ARG F 472 -13.54 -22.79 9.90
C ARG F 472 -13.76 -21.30 9.70
N VAL F 473 -12.84 -20.62 9.01
CA VAL F 473 -12.97 -19.18 8.80
C VAL F 473 -14.20 -18.87 7.97
N ILE F 474 -14.45 -19.65 6.91
CA ILE F 474 -15.68 -19.52 6.15
C ILE F 474 -16.88 -19.72 7.07
N TRP F 475 -16.82 -20.76 7.90
CA TRP F 475 -17.88 -21.03 8.87
C TRP F 475 -18.12 -19.81 9.77
N ALA F 476 -17.03 -19.18 10.23
CA ALA F 476 -17.16 -18.03 11.11
C ALA F 476 -17.82 -16.86 10.38
N TYR F 477 -17.39 -16.59 9.14
CA TYR F 477 -18.00 -15.53 8.37
C TYR F 477 -19.49 -15.81 8.12
N GLY F 478 -19.81 -17.03 7.72
CA GLY F 478 -21.20 -17.39 7.52
C GLY F 478 -22.01 -17.43 8.80
N GLU F 479 -21.36 -17.45 9.95
CA GLU F 479 -22.04 -17.47 11.24
C GLU F 479 -22.07 -16.12 11.92
N LYS F 480 -21.20 -15.18 11.53
CA LYS F 480 -21.15 -13.86 12.14
C LYS F 480 -21.34 -12.71 11.17
N GLU F 481 -21.06 -12.90 9.88
CA GLU F 481 -21.16 -11.82 8.90
C GLU F 481 -22.08 -12.19 7.73
N GLY F 482 -22.82 -13.29 7.83
CA GLY F 482 -23.77 -13.65 6.81
C GLY F 482 -23.15 -14.00 5.47
N LEU F 483 -22.18 -14.91 5.47
CA LEU F 483 -21.54 -15.37 4.24
C LEU F 483 -22.34 -16.56 3.70
N ARG F 484 -22.98 -16.38 2.56
CA ARG F 484 -23.65 -17.49 1.88
C ARG F 484 -22.60 -18.37 1.24
N PHE F 485 -22.55 -19.64 1.64
CA PHE F 485 -21.50 -20.53 1.16
C PHE F 485 -21.99 -21.97 1.19
N THR F 486 -21.15 -22.85 0.63
CA THR F 486 -21.30 -24.29 0.80
C THR F 486 -19.93 -24.90 0.58
N LEU F 487 -19.51 -25.75 1.50
CA LEU F 487 -18.23 -26.43 1.41
C LEU F 487 -18.44 -27.86 0.93
N PHE F 488 -17.58 -28.31 0.02
CA PHE F 488 -17.64 -29.66 -0.49
C PHE F 488 -16.27 -30.31 -0.45
N ARG F 489 -16.25 -31.60 -0.08
CA ARG F 489 -15.03 -32.38 0.10
C ARG F 489 -15.04 -33.56 -0.85
N PRO F 490 -14.48 -33.42 -2.06
CA PRO F 490 -14.40 -34.55 -2.98
C PRO F 490 -13.53 -35.67 -2.41
N PHE F 491 -13.90 -36.90 -2.75
CA PHE F 491 -13.24 -38.09 -2.22
C PHE F 491 -12.62 -38.86 -3.38
N ASN F 492 -11.36 -38.54 -3.69
CA ASN F 492 -10.58 -39.25 -4.70
C ASN F 492 -11.33 -39.33 -6.04
N TRP F 493 -11.75 -38.17 -6.54
CA TRP F 493 -12.33 -38.11 -7.87
C TRP F 493 -11.30 -38.52 -8.91
N MET F 494 -11.78 -39.06 -10.03
CA MET F 494 -10.90 -39.46 -11.11
C MET F 494 -11.68 -39.63 -12.40
N GLY F 495 -10.96 -39.47 -13.51
CA GLY F 495 -11.52 -39.54 -14.84
C GLY F 495 -10.58 -38.86 -15.82
N PRO F 496 -11.08 -38.50 -17.00
CA PRO F 496 -10.28 -37.68 -17.91
C PRO F 496 -10.01 -36.31 -17.32
N ARG F 497 -8.97 -35.65 -17.85
CA ARG F 497 -8.55 -34.33 -17.39
C ARG F 497 -8.20 -34.35 -15.90
N LEU F 498 -7.14 -35.10 -15.59
CA LEU F 498 -6.63 -35.21 -14.22
C LEU F 498 -5.12 -35.00 -14.24
N ASP F 499 -4.69 -33.80 -13.87
CA ASP F 499 -3.28 -33.43 -13.84
C ASP F 499 -2.63 -33.62 -15.21
N SER F 500 -1.30 -33.63 -15.26
CA SER F 500 -0.57 -33.73 -16.51
C SER F 500 0.41 -34.88 -16.45
N LEU F 501 0.52 -35.63 -17.55
CA LEU F 501 1.49 -36.71 -17.63
C LEU F 501 2.92 -36.16 -17.61
N ASN F 502 3.14 -35.01 -18.24
CA ASN F 502 4.46 -34.38 -18.20
C ASN F 502 4.72 -33.73 -16.85
N ALA F 503 3.67 -33.39 -16.09
CA ALA F 503 3.81 -32.95 -14.71
C ALA F 503 3.62 -34.08 -13.71
N ALA F 504 3.30 -35.29 -14.19
CA ALA F 504 3.27 -36.46 -13.32
C ALA F 504 4.66 -37.04 -13.10
N ARG F 505 5.55 -36.88 -14.08
CA ARG F 505 6.92 -37.37 -13.94
C ARG F 505 7.67 -36.63 -12.85
N ILE F 506 7.23 -35.44 -12.47
CA ILE F 506 7.89 -34.69 -11.41
C ILE F 506 7.40 -35.16 -10.04
N GLY F 507 6.23 -35.79 -9.99
CA GLY F 507 5.54 -36.10 -8.74
C GLY F 507 4.25 -35.35 -8.55
N SER F 508 4.00 -34.27 -9.29
CA SER F 508 2.77 -33.47 -9.16
C SER F 508 1.62 -34.17 -9.87
N SER F 509 1.12 -35.24 -9.25
CA SER F 509 0.04 -36.01 -9.83
C SER F 509 -0.62 -36.85 -8.75
N ARG F 510 -1.92 -37.06 -8.89
CA ARG F 510 -2.68 -37.86 -7.96
C ARG F 510 -2.39 -39.35 -8.20
N ALA F 511 -3.07 -40.21 -7.43
CA ALA F 511 -2.74 -41.63 -7.43
C ALA F 511 -2.96 -42.25 -8.80
N ILE F 512 -4.13 -42.04 -9.39
CA ILE F 512 -4.51 -42.79 -10.59
C ILE F 512 -3.61 -42.44 -11.77
N THR F 513 -3.50 -41.15 -12.09
CA THR F 513 -2.76 -40.77 -13.30
C THR F 513 -1.28 -41.12 -13.24
N GLN F 514 -0.72 -41.28 -12.04
CA GLN F 514 0.65 -41.73 -11.93
C GLN F 514 0.80 -43.18 -12.39
N LEU F 515 -0.16 -44.03 -12.02
CA LEU F 515 -0.13 -45.42 -12.48
C LEU F 515 -0.32 -45.50 -13.99
N ILE F 516 -1.17 -44.63 -14.54
CA ILE F 516 -1.38 -44.61 -15.99
C ILE F 516 -0.08 -44.23 -16.69
N LEU F 517 0.65 -43.26 -16.14
CA LEU F 517 1.97 -42.92 -16.69
C LEU F 517 2.91 -44.11 -16.62
N ASN F 518 2.89 -44.85 -15.51
CA ASN F 518 3.78 -46.00 -15.35
C ASN F 518 3.52 -47.04 -16.44
N LEU F 519 2.27 -47.19 -16.85
CA LEU F 519 1.95 -48.16 -17.90
C LEU F 519 2.42 -47.67 -19.27
N VAL F 520 2.49 -46.36 -19.46
CA VAL F 520 2.82 -45.81 -20.77
C VAL F 520 4.31 -45.91 -21.04
N GLU F 521 5.13 -45.44 -20.11
CA GLU F 521 6.57 -45.39 -20.30
C GLU F 521 7.30 -46.61 -19.74
N GLY F 522 6.57 -47.60 -19.23
CA GLY F 522 7.18 -48.84 -18.77
C GLY F 522 8.07 -48.69 -17.56
N THR F 523 7.60 -47.98 -16.55
CA THR F 523 8.14 -47.76 -15.23
C THR F 523 7.39 -48.63 -14.22
N PRO F 524 8.06 -49.17 -13.20
CA PRO F 524 7.36 -50.02 -12.24
C PRO F 524 6.20 -49.32 -11.57
N ILE F 525 5.14 -50.07 -11.30
CA ILE F 525 4.00 -49.60 -10.53
C ILE F 525 4.37 -49.71 -9.06
N LYS F 526 4.72 -48.59 -8.44
CA LYS F 526 5.16 -48.59 -7.06
C LYS F 526 3.96 -48.65 -6.12
N LEU F 527 4.00 -49.59 -5.18
CA LEU F 527 2.96 -49.75 -4.17
C LEU F 527 3.54 -49.25 -2.84
N ILE F 528 3.40 -47.94 -2.61
CA ILE F 528 4.06 -47.28 -1.50
C ILE F 528 3.67 -47.94 -0.19
N ASP F 529 4.68 -48.32 0.60
CA ASP F 529 4.51 -48.92 1.92
C ASP F 529 3.50 -50.08 1.87
N GLY F 530 3.69 -50.95 0.88
CA GLY F 530 2.87 -52.15 0.78
C GLY F 530 1.79 -52.07 -0.26
N GLY F 531 1.11 -50.92 -0.33
CA GLY F 531 0.01 -50.78 -1.27
C GLY F 531 -1.26 -51.48 -0.83
N GLN F 532 -1.54 -51.47 0.47
CA GLN F 532 -2.70 -52.14 1.02
C GLN F 532 -3.72 -51.19 1.62
N GLN F 533 -3.59 -49.89 1.38
CA GLN F 533 -4.52 -48.90 1.90
C GLN F 533 -5.66 -48.68 0.92
N LYS F 534 -6.85 -48.42 1.46
CA LYS F 534 -8.08 -48.34 0.68
C LYS F 534 -8.57 -46.90 0.59
N ARG F 535 -9.06 -46.54 -0.60
CA ARG F 535 -9.73 -45.26 -0.82
C ARG F 535 -11.05 -45.50 -1.52
N CYS F 536 -11.99 -44.57 -1.34
CA CYS F 536 -13.22 -44.57 -2.10
C CYS F 536 -13.01 -43.70 -3.33
N PHE F 537 -13.05 -44.32 -4.51
CA PHE F 537 -12.73 -43.65 -5.76
C PHE F 537 -14.04 -43.28 -6.46
N THR F 538 -14.26 -41.99 -6.66
CA THR F 538 -15.48 -41.48 -7.27
C THR F 538 -15.22 -41.11 -8.71
N ASP F 539 -16.20 -41.38 -9.58
CA ASP F 539 -16.09 -40.98 -10.97
C ASP F 539 -16.33 -39.49 -11.10
N ILE F 540 -15.73 -38.89 -12.14
CA ILE F 540 -15.86 -37.45 -12.33
C ILE F 540 -17.28 -37.08 -12.70
N ARG F 541 -17.97 -37.93 -13.47
CA ARG F 541 -19.31 -37.60 -13.93
C ARG F 541 -20.28 -37.47 -12.76
N ASP F 542 -20.21 -38.38 -11.79
CA ASP F 542 -21.10 -38.29 -10.64
C ASP F 542 -20.68 -37.16 -9.71
N GLY F 543 -19.38 -37.02 -9.46
CA GLY F 543 -18.91 -35.94 -8.62
C GLY F 543 -19.23 -34.58 -9.20
N ILE F 544 -19.27 -34.46 -10.51
CA ILE F 544 -19.54 -33.16 -11.12
C ILE F 544 -21.04 -32.91 -11.17
N GLU F 545 -21.84 -33.97 -11.25
CA GLU F 545 -23.28 -33.82 -11.14
C GLU F 545 -23.66 -33.31 -9.75
N ALA F 546 -23.03 -33.86 -8.71
CA ALA F 546 -23.31 -33.41 -7.35
C ALA F 546 -22.82 -31.99 -7.12
N LEU F 547 -21.66 -31.64 -7.69
CA LEU F 547 -21.16 -30.27 -7.59
C LEU F 547 -22.12 -29.30 -8.27
N PHE F 548 -22.63 -29.67 -9.45
CA PHE F 548 -23.66 -28.87 -10.09
C PHE F 548 -24.90 -28.77 -9.21
N ARG F 549 -25.32 -29.89 -8.62
CA ARG F 549 -26.46 -29.86 -7.71
C ARG F 549 -26.23 -28.90 -6.56
N ILE F 550 -24.99 -28.78 -6.08
CA ILE F 550 -24.66 -27.76 -5.09
C ILE F 550 -24.82 -26.37 -5.69
N ILE F 551 -24.38 -26.20 -6.94
CA ILE F 551 -24.44 -24.89 -7.59
C ILE F 551 -25.88 -24.46 -7.78
N VAL F 552 -26.73 -25.39 -8.23
CA VAL F 552 -28.16 -25.10 -8.37
C VAL F 552 -28.72 -24.57 -7.06
N ASN F 553 -28.24 -25.09 -5.94
CA ASN F 553 -28.70 -24.72 -4.61
C ASN F 553 -30.22 -24.76 -4.54
N ASP F 554 -30.76 -25.93 -4.90
CA ASP F 554 -32.21 -26.11 -4.98
C ASP F 554 -32.87 -25.92 -3.63
N GLY F 555 -33.64 -24.84 -3.48
CA GLY F 555 -34.31 -24.56 -2.22
C GLY F 555 -33.41 -24.16 -1.09
N ASP F 556 -32.27 -23.53 -1.38
CA ASP F 556 -31.30 -23.09 -0.37
C ASP F 556 -30.93 -24.23 0.58
N ARG F 557 -31.02 -25.46 0.10
CA ARG F 557 -30.75 -26.62 0.93
C ARG F 557 -29.26 -26.78 1.24
N CYS F 558 -28.40 -26.08 0.51
CA CYS F 558 -26.96 -26.21 0.68
C CYS F 558 -26.34 -25.06 1.47
N ASP F 559 -27.10 -24.00 1.74
CA ASP F 559 -26.57 -22.85 2.47
C ASP F 559 -26.07 -23.27 3.85
N GLY F 560 -24.83 -22.89 4.15
CA GLY F 560 -24.17 -23.28 5.38
C GLY F 560 -23.80 -24.73 5.48
N LYS F 561 -24.28 -25.58 4.58
CA LYS F 561 -24.04 -27.01 4.66
C LYS F 561 -22.64 -27.36 4.17
N ILE F 562 -22.07 -28.40 4.76
CA ILE F 562 -20.80 -28.94 4.31
C ILE F 562 -21.05 -30.26 3.60
N ILE F 563 -21.24 -30.20 2.29
CA ILE F 563 -21.57 -31.38 1.51
C ILE F 563 -20.31 -32.21 1.26
N ASN F 564 -20.48 -33.52 1.09
CA ASN F 564 -19.37 -34.44 0.90
C ASN F 564 -19.71 -35.33 -0.30
N ILE F 565 -18.95 -35.19 -1.38
CA ILE F 565 -19.21 -35.92 -2.61
C ILE F 565 -18.23 -37.08 -2.71
N GLY F 566 -18.77 -38.27 -2.94
CA GLY F 566 -17.95 -39.47 -3.06
C GLY F 566 -18.82 -40.66 -3.38
N ASN F 567 -18.18 -41.79 -3.62
CA ASN F 567 -18.87 -43.04 -3.90
C ASN F 567 -18.32 -44.11 -2.97
N PRO F 568 -19.02 -44.43 -1.87
CA PRO F 568 -18.51 -45.46 -0.95
C PRO F 568 -18.60 -46.87 -1.49
N ASP F 569 -19.42 -47.12 -2.52
CA ASP F 569 -19.53 -48.43 -3.14
C ASP F 569 -18.34 -48.74 -4.03
N ASN F 570 -17.29 -47.91 -4.01
CA ASN F 570 -16.12 -48.10 -4.84
C ASN F 570 -14.87 -48.21 -3.97
N GLU F 571 -15.01 -48.84 -2.81
CA GLU F 571 -13.88 -49.03 -1.90
C GLU F 571 -12.87 -49.97 -2.53
N ALA F 572 -11.62 -49.52 -2.66
CA ALA F 572 -10.57 -50.33 -3.27
C ALA F 572 -9.22 -49.82 -2.81
N SER F 573 -8.22 -50.68 -2.94
CA SER F 573 -6.85 -50.36 -2.57
C SER F 573 -6.01 -50.06 -3.80
N ILE F 574 -4.88 -49.38 -3.58
CA ILE F 574 -3.94 -49.12 -4.66
C ILE F 574 -3.55 -50.41 -5.35
N GLN F 575 -3.46 -51.50 -4.57
CA GLN F 575 -3.27 -52.82 -5.14
C GLN F 575 -4.43 -53.19 -6.06
N GLU F 576 -5.65 -53.14 -5.53
CA GLU F 576 -6.82 -53.48 -6.32
C GLU F 576 -6.99 -52.50 -7.48
N LEU F 577 -6.75 -51.21 -7.24
CA LEU F 577 -6.88 -50.22 -8.29
C LEU F 577 -5.92 -50.52 -9.43
N ALA F 578 -4.63 -50.63 -9.12
CA ALA F 578 -3.63 -50.93 -10.15
C ALA F 578 -3.97 -52.21 -10.89
N THR F 579 -4.49 -53.21 -10.18
CA THR F 579 -4.84 -54.47 -10.83
C THR F 579 -5.94 -54.28 -11.85
N LEU F 580 -6.97 -53.50 -11.50
CA LEU F 580 -8.05 -53.25 -12.44
C LEU F 580 -7.57 -52.39 -13.60
N LEU F 581 -6.65 -51.45 -13.33
CA LEU F 581 -6.02 -50.71 -14.43
C LEU F 581 -5.23 -51.65 -15.34
N LEU F 582 -4.44 -52.55 -14.75
CA LEU F 582 -3.63 -53.47 -15.53
C LEU F 582 -4.48 -54.28 -16.49
N ASP F 583 -5.50 -54.95 -15.97
CA ASP F 583 -6.38 -55.77 -16.80
C ASP F 583 -7.25 -54.93 -17.73
N SER F 584 -7.49 -53.66 -17.39
CA SER F 584 -8.13 -52.75 -18.33
C SER F 584 -7.14 -52.26 -19.38
N PHE F 585 -5.86 -52.20 -19.03
CA PHE F 585 -4.83 -51.84 -20.00
C PHE F 585 -4.61 -52.95 -21.02
N ASP F 586 -4.66 -54.20 -20.56
CA ASP F 586 -4.34 -55.33 -21.44
C ASP F 586 -5.31 -55.41 -22.62
N LYS F 587 -6.60 -55.34 -22.35
CA LYS F 587 -7.61 -55.48 -23.41
C LYS F 587 -8.06 -54.16 -24.00
N HIS F 588 -7.15 -53.21 -24.23
CA HIS F 588 -7.52 -52.00 -24.94
C HIS F 588 -6.92 -52.04 -26.34
N PRO F 589 -7.70 -51.75 -27.40
CA PRO F 589 -7.17 -51.85 -28.77
C PRO F 589 -5.91 -51.02 -29.07
N LEU F 590 -5.32 -50.38 -28.07
CA LEU F 590 -4.02 -49.72 -28.23
C LEU F 590 -2.96 -50.35 -27.33
N ARG F 591 -3.21 -51.55 -26.82
CA ARG F 591 -2.33 -52.21 -25.86
C ARG F 591 -0.89 -52.34 -26.36
N CYS F 592 -0.71 -52.47 -27.67
CA CYS F 592 0.56 -52.93 -28.20
C CYS F 592 1.55 -51.82 -28.51
N HIS F 593 1.06 -50.61 -28.84
CA HIS F 593 1.97 -49.55 -29.26
C HIS F 593 2.91 -49.10 -28.15
N PHE F 594 2.64 -49.48 -26.91
CA PHE F 594 3.44 -49.09 -25.76
C PHE F 594 4.32 -50.24 -25.30
N PRO F 595 5.34 -49.96 -24.50
CA PRO F 595 6.25 -51.02 -24.04
C PRO F 595 5.53 -52.04 -23.17
N PRO F 596 6.16 -53.19 -22.92
CA PRO F 596 5.56 -54.18 -22.02
C PRO F 596 5.48 -53.65 -20.59
N PHE F 597 4.62 -54.31 -19.80
CA PHE F 597 4.41 -53.92 -18.42
C PHE F 597 5.66 -54.20 -17.60
N ALA F 598 6.09 -53.21 -16.81
CA ALA F 598 7.37 -53.25 -16.13
C ALA F 598 7.30 -53.80 -14.72
N GLY F 599 6.19 -54.41 -14.33
CA GLY F 599 6.09 -55.05 -13.03
C GLY F 599 5.68 -54.09 -11.93
N PHE F 600 5.32 -54.68 -10.79
CA PHE F 600 5.11 -53.93 -9.57
C PHE F 600 6.43 -53.78 -8.82
N GLN F 601 6.40 -53.00 -7.73
CA GLN F 601 7.58 -52.84 -6.89
C GLN F 601 7.22 -52.16 -5.56
N VAL F 602 7.44 -52.85 -4.45
CA VAL F 602 7.13 -52.33 -3.13
C VAL F 602 8.32 -51.54 -2.61
N VAL F 603 8.09 -50.29 -2.20
CA VAL F 603 9.15 -49.40 -1.74
C VAL F 603 8.62 -48.60 -0.55
N GLU F 604 9.56 -48.23 0.34
CA GLU F 604 9.30 -47.52 1.59
C GLU F 604 8.40 -46.30 1.46
N SER F 605 7.85 -45.84 2.58
CA SER F 605 7.13 -44.57 2.61
C SER F 605 8.07 -43.40 2.34
N ARG F 606 9.13 -43.28 3.15
CA ARG F 606 10.08 -42.19 3.05
C ARG F 606 10.85 -42.18 1.74
N SER F 607 10.71 -43.21 0.90
CA SER F 607 11.53 -43.31 -0.30
C SER F 607 10.89 -42.69 -1.53
N TYR F 608 9.57 -42.45 -1.49
CA TYR F 608 8.87 -41.81 -2.60
C TYR F 608 8.38 -40.42 -2.26
N TYR F 609 7.87 -40.22 -1.05
CA TYR F 609 7.39 -38.93 -0.57
C TYR F 609 8.43 -38.13 0.18
N GLY F 610 9.36 -38.78 0.86
CA GLY F 610 10.41 -38.07 1.54
C GLY F 610 10.13 -37.86 3.01
N LYS F 611 10.94 -36.97 3.59
CA LYS F 611 10.91 -36.74 5.02
C LYS F 611 9.55 -36.25 5.50
N GLY F 612 9.10 -36.82 6.61
CA GLY F 612 7.94 -36.32 7.30
C GLY F 612 6.61 -36.64 6.64
N TYR F 613 6.44 -37.84 6.12
CA TYR F 613 5.20 -38.22 5.48
C TYR F 613 4.38 -39.11 6.41
N GLN F 614 3.06 -39.11 6.18
CA GLN F 614 2.12 -39.95 6.89
C GLN F 614 0.87 -40.04 6.02
N ASP F 615 0.11 -41.13 6.16
CA ASP F 615 -0.98 -41.36 5.23
C ASP F 615 -2.23 -41.81 5.97
N VAL F 616 -3.36 -41.60 5.32
CA VAL F 616 -4.65 -42.08 5.79
C VAL F 616 -4.84 -43.51 5.28
N ALA F 617 -5.26 -44.41 6.17
CA ALA F 617 -5.38 -45.83 5.81
C ALA F 617 -6.69 -46.10 5.07
N HIS F 618 -7.81 -45.79 5.71
CA HIS F 618 -9.13 -45.99 5.14
C HIS F 618 -9.79 -44.63 4.91
N ARG F 619 -10.66 -44.58 3.91
CA ARG F 619 -11.35 -43.33 3.61
C ARG F 619 -12.68 -43.65 2.93
N LYS F 620 -13.78 -43.35 3.61
CA LYS F 620 -15.12 -43.55 3.07
C LYS F 620 -16.02 -42.34 3.37
N PRO F 621 -16.61 -41.72 2.36
CA PRO F 621 -17.41 -40.52 2.62
C PRO F 621 -18.84 -40.83 3.02
N SER F 622 -19.30 -40.23 4.11
CA SER F 622 -20.73 -40.29 4.42
C SER F 622 -21.46 -39.32 3.49
N ILE F 623 -21.98 -39.86 2.39
CA ILE F 623 -22.71 -39.06 1.41
C ILE F 623 -24.14 -38.84 1.90
N ASP F 624 -24.36 -39.07 3.19
CA ASP F 624 -25.68 -38.89 3.79
C ASP F 624 -26.22 -37.50 3.49
N ASN F 625 -25.42 -36.46 3.73
CA ASN F 625 -25.85 -35.10 3.45
C ASN F 625 -26.05 -34.89 1.96
N ALA F 626 -25.12 -35.40 1.14
CA ALA F 626 -25.26 -35.29 -0.31
C ALA F 626 -26.60 -35.87 -0.78
N ARG F 627 -26.95 -37.05 -0.27
CA ARG F 627 -28.30 -37.57 -0.46
C ARG F 627 -29.34 -36.56 0.00
N ARG F 628 -29.27 -36.19 1.27
CA ARG F 628 -30.25 -35.30 1.88
C ARG F 628 -30.45 -34.02 1.10
N CYS F 629 -29.35 -33.33 0.78
CA CYS F 629 -29.46 -31.98 0.25
C CYS F 629 -29.54 -31.93 -1.27
N LEU F 630 -28.94 -32.89 -1.96
CA LEU F 630 -28.85 -32.80 -3.41
C LEU F 630 -29.80 -33.71 -4.16
N GLY F 631 -30.42 -34.68 -3.49
CA GLY F 631 -31.09 -35.74 -4.22
C GLY F 631 -30.13 -36.53 -5.09
N TRP F 632 -28.95 -36.82 -4.57
CA TRP F 632 -27.85 -37.40 -5.33
C TRP F 632 -27.26 -38.60 -4.62
N GLU F 633 -27.03 -39.67 -5.37
CA GLU F 633 -26.28 -40.84 -4.94
C GLU F 633 -25.44 -41.25 -6.13
N PRO F 634 -24.22 -41.70 -5.89
CA PRO F 634 -23.33 -42.04 -7.01
C PRO F 634 -23.84 -43.28 -7.75
N SER F 635 -23.42 -43.37 -9.01
CA SER F 635 -23.90 -44.45 -9.87
C SER F 635 -22.72 -45.17 -10.53
N ILE F 636 -21.82 -44.42 -11.15
CA ILE F 636 -20.75 -45.01 -11.94
C ILE F 636 -19.84 -45.83 -11.04
N ALA F 637 -19.73 -47.13 -11.32
CA ALA F 637 -18.83 -48.00 -10.59
C ALA F 637 -17.40 -47.86 -11.10
N MET F 638 -16.46 -48.35 -10.30
CA MET F 638 -15.05 -48.11 -10.57
C MET F 638 -14.63 -48.66 -11.92
N ARG F 639 -15.14 -49.85 -12.28
CA ARG F 639 -14.69 -50.52 -13.51
C ARG F 639 -14.77 -49.58 -14.71
N ASP F 640 -15.92 -48.93 -14.90
CA ASP F 640 -16.07 -48.00 -16.01
C ASP F 640 -15.20 -46.75 -15.82
N THR F 641 -14.99 -46.33 -14.57
CA THR F 641 -14.18 -45.15 -14.31
C THR F 641 -12.74 -45.38 -14.73
N VAL F 642 -12.17 -46.52 -14.32
CA VAL F 642 -10.84 -46.91 -14.77
C VAL F 642 -10.76 -46.95 -16.29
N GLU F 643 -11.76 -47.57 -16.93
CA GLU F 643 -11.68 -47.80 -18.37
C GLU F 643 -11.69 -46.49 -19.14
N GLU F 644 -12.57 -45.56 -18.77
CA GLU F 644 -12.65 -44.30 -19.50
C GLU F 644 -11.47 -43.40 -19.18
N THR F 645 -10.99 -43.42 -17.93
CA THR F 645 -9.79 -42.67 -17.58
C THR F 645 -8.61 -43.11 -18.45
N LEU F 646 -8.43 -44.43 -18.58
CA LEU F 646 -7.35 -44.95 -19.40
C LEU F 646 -7.57 -44.63 -20.87
N ASP F 647 -8.76 -44.95 -21.39
CA ASP F 647 -9.12 -44.77 -22.80
C ASP F 647 -8.75 -43.39 -23.31
N PHE F 648 -9.02 -42.35 -22.51
CA PHE F 648 -8.64 -41.00 -22.90
C PHE F 648 -7.13 -40.83 -22.87
N PHE F 649 -6.50 -41.11 -21.72
CA PHE F 649 -5.09 -40.78 -21.53
C PHE F 649 -4.20 -41.47 -22.56
N LEU F 650 -4.57 -42.67 -23.01
CA LEU F 650 -3.70 -43.40 -23.91
C LEU F 650 -3.65 -42.76 -25.29
N ARG F 651 -4.81 -42.58 -25.93
CA ARG F 651 -4.84 -42.09 -27.31
C ARG F 651 -4.35 -40.66 -27.44
N SER F 652 -4.42 -39.86 -26.38
CA SER F 652 -3.93 -38.48 -26.43
C SER F 652 -2.41 -38.44 -26.28
N VAL F 653 -1.71 -39.26 -27.06
CA VAL F 653 -0.24 -39.33 -27.04
C VAL F 653 0.22 -39.50 -28.48
N ASP F 654 0.87 -38.48 -29.03
CA ASP F 654 1.36 -38.55 -30.40
C ASP F 654 2.61 -39.44 -30.47
N ILE F 655 2.63 -40.35 -31.43
CA ILE F 655 3.74 -41.28 -31.60
C ILE F 655 4.70 -40.71 -32.64
N ALA F 656 5.44 -39.67 -32.24
CA ALA F 656 6.39 -39.03 -33.16
C ALA F 656 7.79 -39.63 -33.02
#